data_5JB1
#
_entry.id   5JB1
#
_cell.length_a   1
_cell.length_b   1
_cell.length_c   1
_cell.angle_alpha   90.00
_cell.angle_beta   90.00
_cell.angle_gamma   90.00
#
_symmetry.space_group_name_H-M   'P 1'
#
_entity_poly.entity_id   1
_entity_poly.type   'polypeptide(L)'
_entity_poly.pdbx_seq_one_letter_code
;MKVYLPPPSVAKVVSTDEYVTRTSIFYHAGSSRLLTVGHPYFKVPKGGNGRQDVPKVSAYQYRVFRVKLPDPNKFGLPDN
TVYDPNSQRLVWACVGVEIGRGQPLGVGLSGHPLYNKLDDTENSHVASAVDTKDTRDNVSVDYKQTQLCIIGCVPAIGEH
WTKGTACKPTTVVQGDCPPLELINTPIEDGDMVDTGYGAMDFKLLQDNKSEVPLDICQSICKYPDYLQMSADAYGDSMFF
CLRREQVFARHFWNRSGTMGDQLPESLYIKGTDIRANPGSYLYSPSPSGSVVTSDSQLFNKPYWLHKAQGLNNGICWHNQ
LFLTVVDTTRSTNLSVCASTTSSIPNVYTPTSFKEYARHVEEFDLQFIFQLCKITLTTEVMSYIHNMNTTILEDWNFGVT
PPPTASLVDTYRFVQSAAVTCQKDTAPPVKQDPYDKLKFWPVDLKERFSADLDQFPLGRKFLLQLGARPKPTIGPRKRAA
PAPTSTPSPKRVKRRKSSRK
;
_entity_poly.pdbx_strand_id   A,B,C,D,E,F
#
# COMPACT_ATOMS: atom_id res chain seq x y z
N VAL A 10 -18.19 43.17 6.93
CA VAL A 10 -17.75 41.78 7.22
C VAL A 10 -16.48 41.39 6.58
N ALA A 11 -15.80 40.40 7.14
CA ALA A 11 -14.65 39.83 6.52
C ALA A 11 -15.09 39.04 5.33
N LYS A 12 -16.22 38.34 5.51
CA LYS A 12 -16.91 37.52 4.57
C LYS A 12 -16.25 37.12 3.30
N VAL A 13 -15.80 35.89 3.26
CA VAL A 13 -15.16 35.40 2.09
C VAL A 13 -15.95 35.48 0.86
N VAL A 14 -15.23 36.00 -0.10
CA VAL A 14 -15.63 36.28 -1.40
C VAL A 14 -15.90 35.00 -2.12
N SER A 15 -15.02 34.02 -2.04
CA SER A 15 -15.18 32.70 -2.59
C SER A 15 -15.16 32.72 -4.07
N THR A 16 -14.09 32.15 -4.59
CA THR A 16 -13.58 32.30 -5.94
C THR A 16 -14.59 32.69 -6.93
N ASP A 17 -15.36 31.73 -7.08
CA ASP A 17 -16.31 31.50 -8.04
C ASP A 17 -17.36 32.49 -8.00
N GLU A 18 -17.33 33.35 -7.04
CA GLU A 18 -18.39 34.23 -6.91
C GLU A 18 -18.07 35.39 -7.71
N TYR A 19 -17.00 35.29 -8.50
CA TYR A 19 -16.59 36.36 -9.34
C TYR A 19 -15.56 35.88 -10.27
N VAL A 20 -14.99 34.72 -10.04
CA VAL A 20 -14.08 34.23 -11.01
C VAL A 20 -14.87 33.70 -12.12
N THR A 21 -14.66 34.21 -13.31
CA THR A 21 -15.46 33.77 -14.38
C THR A 21 -14.86 32.56 -14.84
N ARG A 22 -15.60 31.48 -14.68
CA ARG A 22 -15.06 30.28 -15.13
C ARG A 22 -15.26 30.10 -16.55
N THR A 23 -14.44 29.24 -17.11
CA THR A 23 -14.26 29.22 -18.52
C THR A 23 -14.44 27.88 -19.14
N SER A 24 -14.19 27.88 -20.41
CA SER A 24 -14.02 26.72 -21.19
C SER A 24 -12.56 26.46 -21.34
N ILE A 25 -11.71 27.08 -20.56
CA ILE A 25 -10.33 26.98 -20.88
C ILE A 25 -9.86 25.75 -20.36
N PHE A 26 -9.25 24.87 -21.15
CA PHE A 26 -8.64 23.75 -20.52
C PHE A 26 -7.30 23.42 -21.02
N TYR A 27 -6.43 23.02 -20.09
CA TYR A 27 -5.02 22.84 -20.27
C TYR A 27 -4.40 21.61 -19.63
N HIS A 28 -3.25 21.15 -20.13
CA HIS A 28 -2.44 20.09 -19.58
C HIS A 28 -1.14 20.62 -19.16
N ALA A 29 -0.64 20.04 -18.09
CA ALA A 29 0.70 20.24 -17.77
C ALA A 29 1.19 19.02 -17.11
N GLY A 30 2.46 18.72 -17.15
CA GLY A 30 2.95 17.57 -16.45
C GLY A 30 4.44 17.50 -16.47
N SER A 31 5.10 17.21 -15.34
CA SER A 31 6.54 17.11 -15.17
C SER A 31 7.35 15.88 -15.47
N SER A 32 8.15 15.84 -16.52
CA SER A 32 8.91 14.66 -16.93
C SER A 32 9.70 13.73 -16.03
N ARG A 33 10.43 14.17 -15.05
CA ARG A 33 11.01 13.28 -14.11
C ARG A 33 11.71 14.16 -13.22
N LEU A 34 11.65 13.99 -11.95
CA LEU A 34 12.52 14.80 -11.15
C LEU A 34 13.47 13.87 -10.57
N LEU A 35 14.80 14.12 -10.47
CA LEU A 35 15.57 13.10 -9.81
C LEU A 35 16.67 13.60 -8.92
N THR A 36 16.91 13.01 -7.75
CA THR A 36 18.03 13.40 -6.91
C THR A 36 18.51 12.39 -5.91
N VAL A 37 19.80 12.31 -5.62
CA VAL A 37 20.38 11.35 -4.68
C VAL A 37 21.35 11.96 -3.70
N GLY A 38 21.53 11.36 -2.52
CA GLY A 38 22.37 11.84 -1.48
C GLY A 38 22.16 10.90 -0.39
N HIS A 39 22.61 11.25 0.79
CA HIS A 39 22.75 10.33 1.86
C HIS A 39 21.69 10.34 2.90
N PRO A 40 21.56 9.29 3.64
CA PRO A 40 20.48 9.13 4.54
C PRO A 40 20.53 10.08 5.65
N TYR A 41 21.65 10.70 5.93
CA TYR A 41 21.64 11.70 6.97
C TYR A 41 22.07 12.87 6.23
N PHE A 42 23.00 13.58 6.77
CA PHE A 42 23.66 14.74 6.29
C PHE A 42 24.07 14.87 4.87
N LYS A 43 24.80 15.94 4.68
CA LYS A 43 25.59 16.16 3.56
C LYS A 43 26.95 15.80 3.97
N VAL A 44 27.59 15.06 3.14
CA VAL A 44 28.90 14.65 3.34
C VAL A 44 29.59 15.64 2.50
N PRO A 45 30.25 16.57 3.00
CA PRO A 45 30.82 17.57 2.18
C PRO A 45 32.10 17.10 1.65
N LYS A 46 32.46 17.63 0.51
CA LYS A 46 33.71 17.35 -0.10
C LYS A 46 34.31 18.68 -0.36
N GLY A 47 34.29 19.49 0.69
CA GLY A 47 34.84 20.81 0.67
C GLY A 47 34.01 21.80 -0.05
N GLY A 48 32.89 21.38 -0.66
CA GLY A 48 32.11 22.34 -1.38
C GLY A 48 32.81 22.69 -2.67
N ASN A 49 32.39 23.64 -3.45
CA ASN A 49 31.24 24.44 -3.23
C ASN A 49 30.26 24.22 -4.27
N GLY A 50 30.72 24.07 -5.50
CA GLY A 50 29.89 23.79 -6.63
C GLY A 50 30.22 22.43 -7.09
N ARG A 51 29.77 21.41 -6.45
CA ARG A 51 28.93 21.30 -5.34
C ARG A 51 29.85 20.75 -4.36
N GLN A 52 30.23 19.51 -4.56
CA GLN A 52 31.35 18.86 -3.96
C GLN A 52 31.07 18.61 -2.57
N ASP A 53 30.01 17.88 -2.46
CA ASP A 53 29.44 17.53 -1.27
C ASP A 53 28.55 16.49 -1.75
N VAL A 54 28.08 15.65 -0.91
CA VAL A 54 27.14 14.67 -1.23
C VAL A 54 26.12 15.11 -0.32
N PRO A 55 24.92 15.41 -0.62
CA PRO A 55 24.05 15.91 0.37
C PRO A 55 23.49 14.80 1.12
N LYS A 56 22.49 15.19 1.81
CA LYS A 56 21.55 14.30 2.28
C LYS A 56 20.64 14.01 1.13
N VAL A 57 20.10 12.82 1.08
CA VAL A 57 18.93 12.55 0.34
C VAL A 57 18.35 11.47 1.13
N SER A 58 17.17 11.76 1.63
CA SER A 58 16.45 10.93 2.56
C SER A 58 15.18 11.69 2.84
N ALA A 59 14.24 11.38 1.99
CA ALA A 59 12.97 11.98 1.77
C ALA A 59 12.00 12.08 2.88
N TYR A 60 12.40 11.96 4.12
CA TYR A 60 11.43 11.94 5.19
C TYR A 60 11.37 13.32 5.64
N GLN A 61 11.04 14.07 4.67
CA GLN A 61 10.98 15.41 4.76
C GLN A 61 9.85 15.75 3.96
N TYR A 62 9.22 16.78 4.38
CA TYR A 62 8.11 17.39 3.82
C TYR A 62 8.54 17.91 2.48
N ARG A 63 7.71 17.63 1.47
CA ARG A 63 8.05 17.88 0.11
C ARG A 63 7.33 18.97 -0.52
N VAL A 64 8.00 20.10 -0.74
CA VAL A 64 7.45 21.28 -1.32
C VAL A 64 7.99 21.74 -2.61
N PHE A 65 7.16 21.55 -3.57
CA PHE A 65 7.34 21.93 -4.90
C PHE A 65 6.76 23.26 -5.00
N ARG A 66 7.56 24.26 -5.30
CA ARG A 66 7.01 25.54 -5.57
C ARG A 66 6.68 25.59 -7.01
N VAL A 67 5.41 25.42 -7.30
CA VAL A 67 4.99 25.09 -8.61
C VAL A 67 4.50 26.21 -9.37
N LYS A 68 5.33 26.61 -10.28
CA LYS A 68 5.15 27.66 -11.18
C LYS A 68 4.54 27.40 -12.52
N LEU A 69 3.60 28.26 -12.89
CA LEU A 69 2.91 28.26 -14.13
C LEU A 69 3.08 29.64 -14.73
N PRO A 70 2.64 29.95 -15.90
CA PRO A 70 2.95 31.17 -16.59
C PRO A 70 1.87 32.09 -16.39
N ASP A 71 2.10 33.35 -16.73
CA ASP A 71 1.05 34.29 -16.66
C ASP A 71 0.09 34.09 -17.77
N PRO A 72 -1.13 33.80 -17.47
CA PRO A 72 -2.10 33.65 -18.49
C PRO A 72 -2.47 35.02 -18.86
N ASN A 73 -2.43 35.91 -17.88
CA ASN A 73 -2.62 37.26 -18.13
C ASN A 73 -1.39 37.62 -18.86
N LYS A 74 -1.56 38.34 -19.93
CA LYS A 74 -0.47 38.47 -20.84
C LYS A 74 0.09 37.21 -21.38
N PHE A 75 -0.75 36.45 -22.05
CA PHE A 75 -0.29 35.37 -22.87
C PHE A 75 0.42 35.94 -24.07
N GLY A 76 -0.21 36.95 -24.66
CA GLY A 76 0.23 37.66 -25.82
C GLY A 76 -0.72 37.45 -26.96
N LEU A 77 -0.87 38.51 -27.77
CA LEU A 77 -1.83 38.76 -28.82
C LEU A 77 -3.10 39.09 -28.17
N PRO A 78 -3.79 40.06 -28.58
CA PRO A 78 -5.06 40.18 -28.00
C PRO A 78 -5.92 40.65 -29.06
N ASP A 79 -6.63 39.69 -29.61
CA ASP A 79 -7.84 40.10 -30.23
C ASP A 79 -8.79 40.28 -29.05
N ASN A 80 -8.46 39.55 -27.94
CA ASN A 80 -9.06 39.54 -26.63
C ASN A 80 -10.50 39.14 -26.81
N THR A 81 -10.76 38.44 -27.91
CA THR A 81 -12.08 38.07 -28.38
C THR A 81 -12.86 37.37 -27.38
N VAL A 82 -12.16 36.47 -26.77
CA VAL A 82 -12.65 35.78 -25.66
C VAL A 82 -12.85 36.71 -24.52
N TYR A 83 -11.88 37.58 -24.31
CA TYR A 83 -11.95 38.38 -23.14
C TYR A 83 -11.13 39.65 -23.12
N ASP A 84 -11.64 40.66 -22.43
CA ASP A 84 -10.95 41.87 -22.24
C ASP A 84 -10.18 41.82 -20.99
N PRO A 85 -8.93 41.59 -20.89
CA PRO A 85 -8.21 41.54 -19.63
C PRO A 85 -8.36 42.71 -18.84
N ASN A 86 -8.67 43.77 -19.51
CA ASN A 86 -8.72 45.07 -19.02
C ASN A 86 -9.80 45.11 -18.02
N SER A 87 -10.80 44.31 -18.29
CA SER A 87 -11.77 43.97 -17.31
C SER A 87 -11.50 42.63 -16.72
N GLN A 88 -11.52 41.61 -17.53
CA GLN A 88 -11.38 40.29 -17.05
C GLN A 88 -9.99 39.84 -17.10
N ARG A 89 -9.24 40.12 -16.06
CA ARG A 89 -7.89 39.64 -15.97
C ARG A 89 -7.82 38.13 -15.85
N LEU A 90 -6.69 37.51 -16.18
CA LEU A 90 -6.62 36.07 -16.34
C LEU A 90 -5.93 35.25 -15.28
N VAL A 91 -6.44 34.03 -14.93
CA VAL A 91 -5.84 33.18 -13.91
C VAL A 91 -5.95 31.74 -14.06
N TRP A 92 -4.95 31.03 -13.67
CA TRP A 92 -5.11 29.63 -13.64
C TRP A 92 -5.80 29.09 -12.47
N ALA A 93 -6.56 28.06 -12.85
CA ALA A 93 -6.98 27.07 -11.94
C ALA A 93 -6.62 25.73 -12.55
N CYS A 94 -5.97 24.86 -11.81
CA CYS A 94 -5.83 23.47 -12.15
C CYS A 94 -7.03 22.79 -11.65
N VAL A 95 -7.44 21.73 -12.27
CA VAL A 95 -8.66 21.08 -11.95
C VAL A 95 -8.41 19.66 -11.58
N GLY A 96 -7.56 19.06 -12.38
CA GLY A 96 -7.34 17.67 -12.36
C GLY A 96 -5.91 17.49 -12.30
N VAL A 97 -5.53 16.48 -11.54
CA VAL A 97 -4.18 16.17 -11.32
C VAL A 97 -4.01 14.72 -11.24
N GLU A 98 -2.97 14.27 -11.90
CA GLU A 98 -2.41 13.03 -11.62
C GLU A 98 -0.97 13.25 -11.56
N ILE A 99 -0.41 13.16 -10.41
CA ILE A 99 1.00 13.19 -10.25
C ILE A 99 1.53 11.83 -10.54
N GLY A 100 2.36 11.65 -11.53
CA GLY A 100 2.98 10.39 -11.77
C GLY A 100 4.12 10.22 -10.80
N ARG A 101 4.06 9.12 -10.08
CA ARG A 101 5.03 8.79 -9.10
C ARG A 101 6.06 7.78 -9.55
N GLY A 102 7.35 8.15 -9.43
CA GLY A 102 8.49 7.27 -9.64
C GLY A 102 8.71 6.00 -8.83
N GLN A 103 9.77 5.26 -9.15
CA GLN A 103 10.26 4.05 -8.48
C GLN A 103 9.40 2.85 -8.22
N PRO A 104 9.98 1.69 -7.93
CA PRO A 104 9.32 0.57 -7.26
C PRO A 104 8.90 1.02 -5.93
N LEU A 105 8.37 0.16 -5.09
CA LEU A 105 8.23 0.55 -3.71
C LEU A 105 9.46 0.09 -3.01
N GLY A 106 9.76 0.66 -1.84
CA GLY A 106 11.02 0.43 -1.19
C GLY A 106 10.95 0.86 0.20
N VAL A 107 11.93 0.42 0.96
CA VAL A 107 11.88 0.51 2.37
C VAL A 107 13.29 0.47 2.88
N GLY A 108 13.56 0.70 4.20
CA GLY A 108 14.91 0.74 4.78
C GLY A 108 14.95 0.77 6.31
N LEU A 109 16.07 1.22 6.95
CA LEU A 109 16.24 1.21 8.42
C LEU A 109 17.03 2.39 8.94
N SER A 110 16.77 2.91 10.14
CA SER A 110 17.68 3.92 10.72
C SER A 110 17.95 3.65 12.15
N GLY A 111 19.15 3.97 12.67
CA GLY A 111 19.54 3.58 13.99
C GLY A 111 20.50 4.47 14.64
N HIS A 112 21.01 4.01 15.77
CA HIS A 112 21.80 4.83 16.58
C HIS A 112 22.66 3.97 17.39
N PRO A 113 23.95 4.04 17.35
CA PRO A 113 24.80 3.18 18.10
C PRO A 113 24.84 3.49 19.52
N LEU A 114 24.47 4.69 19.83
CA LEU A 114 24.60 5.18 21.15
C LEU A 114 23.26 5.51 21.55
N TYR A 115 22.33 4.70 21.06
CA TYR A 115 20.97 4.76 21.45
C TYR A 115 20.96 4.18 22.83
N ASN A 116 20.52 4.94 23.81
CA ASN A 116 20.43 4.43 25.15
C ASN A 116 19.45 3.34 25.29
N LYS A 117 19.26 2.88 26.49
CA LYS A 117 18.30 1.90 26.76
C LYS A 117 18.55 1.62 28.15
N LEU A 118 17.50 1.36 28.91
CA LEU A 118 17.72 0.86 30.21
C LEU A 118 17.60 -0.57 29.91
N ASP A 119 16.42 -0.96 29.49
CA ASP A 119 16.30 -2.30 29.18
C ASP A 119 15.10 -2.40 28.39
N ASP A 120 14.98 -3.53 27.78
CA ASP A 120 14.06 -4.06 26.85
C ASP A 120 12.85 -4.55 27.58
N THR A 121 12.37 -3.73 28.51
CA THR A 121 11.33 -4.04 29.50
C THR A 121 10.04 -4.58 29.04
N GLU A 122 9.92 -4.80 27.74
CA GLU A 122 8.83 -5.44 27.13
C GLU A 122 8.54 -6.73 27.77
N ASN A 123 9.51 -7.61 27.77
CA ASN A 123 9.26 -8.91 28.30
C ASN A 123 10.58 -9.53 28.31
N SER A 124 11.58 -8.83 28.87
CA SER A 124 12.94 -9.36 28.83
C SER A 124 13.02 -10.77 29.31
N HIS A 125 13.85 -11.52 28.62
CA HIS A 125 14.16 -12.86 28.97
C HIS A 125 14.72 -13.00 30.36
N VAL A 126 15.45 -11.98 30.85
CA VAL A 126 16.10 -12.14 32.11
C VAL A 126 15.93 -11.03 33.12
N ALA A 127 15.72 -9.78 32.70
CA ALA A 127 15.57 -8.65 33.61
C ALA A 127 16.77 -8.35 34.52
N SER A 128 17.99 -8.24 33.96
CA SER A 128 19.24 -8.00 34.70
C SER A 128 19.49 -6.63 35.32
N ALA A 129 19.32 -5.55 34.53
CA ALA A 129 19.51 -4.18 34.95
C ALA A 129 20.79 -3.77 35.69
N VAL A 130 21.91 -3.70 34.98
CA VAL A 130 23.15 -3.15 35.50
C VAL A 130 23.00 -1.64 35.70
N ASP A 131 23.72 -0.98 36.61
CA ASP A 131 23.51 0.44 36.86
C ASP A 131 24.64 1.28 36.32
N THR A 132 25.35 0.77 35.31
CA THR A 132 26.45 1.46 34.68
C THR A 132 26.01 2.25 33.51
N LYS A 133 26.56 3.44 33.38
CA LYS A 133 26.25 4.24 32.25
C LYS A 133 26.68 3.69 30.94
N ASP A 134 26.36 4.41 29.87
CA ASP A 134 26.88 4.21 28.55
C ASP A 134 26.87 2.77 28.10
N THR A 135 25.68 2.25 27.98
CA THR A 135 25.42 0.90 27.56
C THR A 135 24.52 1.01 26.36
N ARG A 136 24.35 2.26 25.92
CA ARG A 136 23.62 2.69 24.79
C ARG A 136 24.15 2.17 23.51
N ASP A 137 23.40 1.27 22.89
CA ASP A 137 23.90 0.49 21.82
C ASP A 137 23.27 0.77 20.50
N ASN A 138 23.65 -0.05 19.50
CA ASN A 138 23.25 0.13 18.14
C ASN A 138 22.06 -0.59 17.67
N VAL A 139 21.03 0.18 17.49
CA VAL A 139 19.74 -0.30 17.18
C VAL A 139 19.24 0.46 16.03
N SER A 140 18.62 -0.16 15.02
CA SER A 140 17.91 0.53 13.95
C SER A 140 16.42 0.18 13.79
N VAL A 141 15.59 1.03 13.13
CA VAL A 141 14.13 1.03 13.03
C VAL A 141 13.48 1.90 11.94
N ASP A 142 12.18 1.66 11.63
CA ASP A 142 11.27 2.40 10.75
C ASP A 142 10.21 3.26 11.47
N TYR A 143 9.08 3.55 10.78
CA TYR A 143 8.01 4.42 11.19
C TYR A 143 6.70 4.09 10.52
N LYS A 144 5.64 4.77 10.98
CA LYS A 144 4.29 4.89 10.48
C LYS A 144 4.10 4.97 9.00
N GLN A 145 3.50 3.97 8.38
CA GLN A 145 3.30 3.95 6.96
C GLN A 145 2.30 4.97 6.51
N THR A 146 2.79 5.92 5.73
CA THR A 146 2.14 7.16 5.48
C THR A 146 2.26 7.81 4.15
N GLN A 147 1.14 8.20 3.57
CA GLN A 147 1.02 8.92 2.36
C GLN A 147 0.23 10.19 2.54
N LEU A 148 0.77 11.39 2.41
CA LEU A 148 -0.11 12.53 2.41
C LEU A 148 0.27 13.54 1.41
N CYS A 149 -0.67 14.34 0.93
CA CYS A 149 -0.42 15.40 0.02
C CYS A 149 -1.28 16.53 0.36
N ILE A 150 -0.75 17.69 0.15
CA ILE A 150 -1.33 18.91 0.37
C ILE A 150 -0.98 19.72 -0.81
N ILE A 151 -2.02 20.34 -1.29
CA ILE A 151 -2.12 21.10 -2.45
C ILE A 151 -2.58 22.44 -2.05
N GLY A 152 -1.90 23.48 -2.51
CA GLY A 152 -2.40 24.78 -2.22
C GLY A 152 -1.81 25.86 -3.01
N CYS A 153 -2.45 27.01 -2.92
CA CYS A 153 -1.95 28.21 -3.51
C CYS A 153 -0.79 28.76 -2.83
N VAL A 154 -0.52 28.29 -1.65
CA VAL A 154 0.43 28.89 -0.84
C VAL A 154 1.03 27.77 -0.13
N PRO A 155 2.09 27.97 0.54
CA PRO A 155 2.72 26.97 1.36
C PRO A 155 1.89 26.46 2.50
N ALA A 156 2.56 25.86 3.49
CA ALA A 156 1.87 25.29 4.60
C ALA A 156 2.68 25.49 5.79
N ILE A 157 2.04 25.34 6.91
CA ILE A 157 2.37 25.43 8.28
C ILE A 157 2.29 24.14 8.93
N GLY A 158 3.31 23.82 9.69
CA GLY A 158 3.42 22.69 10.52
C GLY A 158 3.46 23.28 11.86
N GLU A 159 3.41 22.46 12.86
CA GLU A 159 3.43 22.92 14.19
C GLU A 159 4.32 21.97 14.86
N HIS A 160 5.00 22.42 15.88
CA HIS A 160 5.97 21.67 16.54
C HIS A 160 6.31 22.35 17.78
N TRP A 161 6.90 21.70 18.69
CA TRP A 161 7.28 22.18 19.95
C TRP A 161 8.64 22.69 20.14
N THR A 162 8.86 23.13 21.38
CA THR A 162 10.16 23.48 21.89
C THR A 162 10.06 23.49 23.36
N LYS A 163 11.24 23.33 24.01
CA LYS A 163 11.51 23.70 25.37
C LYS A 163 11.12 25.12 25.44
N GLY A 164 10.02 25.40 26.05
CA GLY A 164 9.51 26.69 26.00
C GLY A 164 10.01 27.48 27.11
N THR A 165 9.63 28.73 27.09
CA THR A 165 10.03 29.69 28.06
C THR A 165 9.74 29.37 29.46
N ALA A 166 10.77 29.35 30.30
CA ALA A 166 10.65 29.27 31.73
C ALA A 166 10.25 30.61 32.29
N CYS A 167 9.15 31.13 31.74
CA CYS A 167 8.47 32.33 32.06
C CYS A 167 7.65 32.11 33.28
N LYS A 168 8.48 32.07 34.27
CA LYS A 168 8.30 32.17 35.63
C LYS A 168 9.29 33.30 35.75
N PRO A 169 9.30 34.11 36.75
CA PRO A 169 10.24 35.21 36.78
C PRO A 169 11.64 34.71 36.88
N THR A 170 11.85 33.80 37.81
CA THR A 170 13.13 33.21 38.00
C THR A 170 13.56 32.38 36.87
N THR A 171 14.73 31.85 37.03
CA THR A 171 15.41 31.00 36.13
C THR A 171 15.66 29.81 37.00
N VAL A 172 16.29 28.73 36.54
CA VAL A 172 16.37 27.58 37.40
C VAL A 172 17.46 26.65 37.01
N VAL A 173 17.67 25.67 37.86
CA VAL A 173 18.50 24.53 37.75
C VAL A 173 18.93 24.03 36.41
N GLN A 174 20.22 23.75 36.32
CA GLN A 174 20.85 23.06 35.25
C GLN A 174 20.28 21.69 35.07
N GLY A 175 19.71 21.44 33.90
CA GLY A 175 19.08 20.18 33.68
C GLY A 175 17.73 20.13 34.22
N ASP A 176 17.18 21.24 34.67
CA ASP A 176 15.82 21.17 35.08
C ASP A 176 14.86 21.25 33.93
N CYS A 177 13.70 20.62 34.05
CA CYS A 177 12.73 20.59 33.01
C CYS A 177 12.15 21.93 32.67
N PRO A 178 12.27 22.47 31.52
CA PRO A 178 11.59 23.69 31.20
C PRO A 178 10.14 23.43 30.98
N PRO A 179 9.40 24.47 30.79
CA PRO A 179 8.05 24.39 30.37
C PRO A 179 8.18 24.40 28.92
N LEU A 180 7.25 23.82 28.27
CA LEU A 180 7.40 23.41 26.94
C LEU A 180 6.46 24.19 26.17
N GLU A 181 6.84 24.89 25.12
CA GLU A 181 6.03 25.74 24.35
C GLU A 181 5.87 25.23 22.92
N LEU A 182 4.65 25.31 22.40
CA LEU A 182 4.24 24.80 21.12
C LEU A 182 4.26 25.85 20.08
N ILE A 183 4.87 25.55 18.97
CA ILE A 183 5.20 26.41 17.91
C ILE A 183 4.65 26.05 16.55
N ASN A 184 4.04 26.97 15.83
CA ASN A 184 3.68 26.87 14.44
C ASN A 184 4.64 27.39 13.49
N THR A 185 4.99 26.68 12.45
CA THR A 185 5.90 27.20 11.47
C THR A 185 5.50 26.80 10.11
N PRO A 186 5.72 27.53 9.09
CA PRO A 186 5.53 27.06 7.77
C PRO A 186 6.42 25.95 7.46
N ILE A 187 5.85 24.93 6.92
CA ILE A 187 6.50 23.82 6.34
C ILE A 187 7.11 24.31 5.10
N GLU A 188 8.27 23.79 4.74
CA GLU A 188 9.07 24.12 3.58
C GLU A 188 9.60 22.87 2.92
N ASP A 189 10.07 23.00 1.67
CA ASP A 189 10.56 21.86 1.00
C ASP A 189 11.72 21.31 1.70
N GLY A 190 11.70 20.02 1.91
CA GLY A 190 12.79 19.32 2.49
C GLY A 190 12.68 19.42 3.93
N ASP A 191 11.64 20.05 4.47
CA ASP A 191 11.49 20.16 5.90
C ASP A 191 11.42 18.83 6.51
N MET A 192 12.00 18.55 7.65
CA MET A 192 11.96 17.19 8.05
C MET A 192 10.68 16.82 8.62
N VAL A 193 10.28 15.62 8.25
CA VAL A 193 9.02 15.19 8.67
C VAL A 193 9.07 14.86 10.08
N ASP A 194 7.96 15.01 10.77
CA ASP A 194 7.89 14.26 11.96
C ASP A 194 7.39 12.93 11.43
N THR A 195 7.83 11.86 12.05
CA THR A 195 7.80 10.46 11.69
C THR A 195 7.10 9.59 12.68
N GLY A 196 6.69 10.18 13.80
CA GLY A 196 6.18 9.38 14.88
C GLY A 196 6.76 9.82 16.15
N TYR A 197 7.59 10.85 16.16
CA TYR A 197 8.32 11.15 17.35
C TYR A 197 8.58 12.59 17.67
N GLY A 198 8.52 13.55 16.75
CA GLY A 198 8.85 14.88 17.20
C GLY A 198 8.68 16.07 16.32
N ALA A 199 7.45 16.56 16.34
CA ALA A 199 7.13 17.88 15.91
C ALA A 199 7.59 18.78 17.01
N MET A 200 8.88 18.97 17.08
CA MET A 200 9.51 19.59 18.15
C MET A 200 10.94 19.61 17.78
N ASP A 201 11.79 20.10 18.66
CA ASP A 201 13.20 20.05 18.48
C ASP A 201 13.87 18.99 19.26
N PHE A 202 14.06 17.88 18.65
CA PHE A 202 14.75 16.74 19.15
C PHE A 202 16.05 17.08 19.72
N LYS A 203 16.77 17.81 18.90
CA LYS A 203 18.08 18.19 19.22
C LYS A 203 18.13 18.99 20.46
N LEU A 204 17.19 19.87 20.64
CA LEU A 204 17.11 20.61 21.83
C LEU A 204 16.78 19.70 22.94
N LEU A 205 15.78 18.89 22.70
CA LEU A 205 15.19 18.09 23.69
C LEU A 205 16.05 17.15 24.39
N GLN A 206 16.96 16.60 23.63
CA GLN A 206 17.86 15.68 24.20
C GLN A 206 19.17 16.26 24.26
N ASP A 207 19.51 16.64 25.49
CA ASP A 207 20.82 17.06 25.85
C ASP A 207 21.80 15.99 25.53
N ASN A 208 21.41 14.76 25.78
CA ASN A 208 22.23 13.63 25.51
C ASN A 208 22.64 13.34 24.09
N LYS A 209 21.83 13.61 23.05
CA LYS A 209 22.07 13.05 21.74
C LYS A 209 22.32 11.56 21.76
N SER A 210 21.56 10.80 22.52
CA SER A 210 22.02 9.46 22.79
C SER A 210 20.92 8.54 22.59
N GLU A 211 19.91 8.99 21.86
CA GLU A 211 18.70 8.24 21.91
C GLU A 211 18.30 7.69 20.66
N VAL A 212 17.45 8.43 20.01
CA VAL A 212 16.74 8.07 18.87
C VAL A 212 17.64 7.93 17.67
N PRO A 213 17.09 7.52 16.57
CA PRO A 213 17.81 7.38 15.34
C PRO A 213 18.53 8.59 14.96
N LEU A 214 19.71 8.41 14.49
CA LEU A 214 20.63 9.49 14.37
C LEU A 214 20.15 10.67 13.59
N ASP A 215 19.38 10.39 12.57
CA ASP A 215 18.80 11.22 11.57
C ASP A 215 17.99 12.30 12.19
N ILE A 216 17.38 12.05 13.32
CA ILE A 216 16.59 13.03 13.94
C ILE A 216 17.26 13.64 15.09
N CYS A 217 18.43 13.14 15.47
CA CYS A 217 19.12 13.60 16.67
C CYS A 217 19.33 15.07 16.64
N GLN A 218 19.81 15.49 15.50
CA GLN A 218 20.13 16.83 15.32
C GLN A 218 19.01 17.33 14.53
N SER A 219 17.79 17.24 15.08
CA SER A 219 16.68 17.67 14.30
C SER A 219 15.65 18.33 15.09
N ILE A 220 14.68 18.82 14.29
CA ILE A 220 13.45 19.50 14.56
C ILE A 220 12.54 19.16 13.45
N CYS A 221 11.27 18.93 13.74
CA CYS A 221 10.29 18.71 12.74
C CYS A 221 9.05 19.31 13.24
N LYS A 222 8.01 19.17 12.44
CA LYS A 222 6.72 19.66 12.70
C LYS A 222 5.84 18.58 12.31
N TYR A 223 4.58 18.80 12.56
CA TYR A 223 3.54 18.06 12.03
C TYR A 223 2.72 19.08 11.34
N PRO A 224 2.19 18.84 10.21
CA PRO A 224 1.45 19.83 9.47
C PRO A 224 0.21 20.35 10.09
N ASP A 225 0.00 21.63 10.17
CA ASP A 225 -1.13 22.25 10.79
C ASP A 225 -2.37 22.24 9.96
N TYR A 226 -2.85 21.09 9.54
CA TYR A 226 -4.04 21.08 8.73
C TYR A 226 -5.15 21.73 9.39
N LEU A 227 -5.29 21.56 10.65
CA LEU A 227 -6.40 22.12 11.27
C LEU A 227 -6.47 23.60 11.24
N GLN A 228 -5.38 24.31 11.40
CA GLN A 228 -5.43 25.71 11.28
C GLN A 228 -5.52 25.97 9.86
N MET A 229 -4.77 25.22 9.09
CA MET A 229 -4.74 25.39 7.69
C MET A 229 -6.07 25.11 7.06
N SER A 230 -6.94 24.43 7.75
CA SER A 230 -8.28 24.16 7.34
C SER A 230 -9.11 25.30 7.76
N ALA A 231 -8.71 25.87 8.85
CA ALA A 231 -9.31 27.05 9.32
C ALA A 231 -8.92 28.23 8.46
N ASP A 232 -8.12 28.06 7.39
CA ASP A 232 -7.81 29.02 6.36
C ASP A 232 -8.74 30.20 6.14
N ALA A 233 -8.16 31.39 6.01
CA ALA A 233 -8.79 32.64 5.77
C ALA A 233 -9.74 32.69 4.64
N TYR A 234 -9.51 32.01 3.53
CA TYR A 234 -10.49 32.08 2.49
C TYR A 234 -10.46 30.79 1.73
N GLY A 235 -9.82 29.80 2.32
CA GLY A 235 -9.76 28.46 1.80
C GLY A 235 -8.92 28.43 0.59
N ASP A 236 -7.66 28.70 0.86
CA ASP A 236 -6.67 29.05 -0.07
C ASP A 236 -5.52 28.13 0.00
N SER A 237 -4.70 28.51 0.97
CA SER A 237 -3.36 28.20 1.30
C SER A 237 -2.95 26.94 0.77
N MET A 238 -3.67 25.99 1.31
CA MET A 238 -3.94 24.67 0.98
C MET A 238 -5.34 24.78 0.63
N PHE A 239 -5.68 24.44 -0.59
CA PHE A 239 -7.06 24.26 -0.85
C PHE A 239 -7.25 22.86 -1.16
N PHE A 240 -6.21 22.04 -1.22
CA PHE A 240 -6.52 20.66 -1.18
C PHE A 240 -5.58 19.78 -0.43
N CYS A 241 -6.08 18.74 0.22
CA CYS A 241 -5.28 17.96 1.13
C CYS A 241 -5.73 16.54 1.21
N LEU A 242 -4.81 15.59 1.21
CA LEU A 242 -5.04 14.17 1.09
C LEU A 242 -4.07 13.45 1.96
N ARG A 243 -4.52 12.48 2.74
CA ARG A 243 -3.73 12.03 3.86
C ARG A 243 -3.95 10.61 4.20
N ARG A 244 -2.92 9.84 4.52
CA ARG A 244 -3.11 8.45 4.81
C ARG A 244 -2.03 7.88 5.71
N GLU A 245 -2.25 7.47 6.97
CA GLU A 245 -1.19 7.02 7.89
C GLU A 245 -1.41 5.76 8.80
N GLN A 246 -0.46 4.83 8.99
CA GLN A 246 -0.61 3.66 9.83
C GLN A 246 0.57 3.18 10.55
N VAL A 247 0.40 2.56 11.71
CA VAL A 247 1.54 2.11 12.44
C VAL A 247 1.14 1.12 13.49
N PHE A 248 2.14 0.47 14.09
CA PHE A 248 2.10 -0.29 15.29
C PHE A 248 3.44 -0.18 16.01
N ALA A 249 3.49 -0.62 17.24
CA ALA A 249 4.64 -0.72 18.10
C ALA A 249 5.46 -2.00 17.96
N ARG A 250 6.70 -1.98 17.49
CA ARG A 250 7.43 -3.21 17.42
C ARG A 250 7.92 -3.86 18.72
N HIS A 251 8.78 -3.21 19.52
CA HIS A 251 9.40 -3.69 20.77
C HIS A 251 9.53 -2.71 21.90
N PHE A 252 9.47 -3.10 23.17
CA PHE A 252 9.53 -2.28 24.35
C PHE A 252 10.75 -2.27 25.19
N TRP A 253 11.07 -1.08 25.67
CA TRP A 253 12.15 -0.77 26.54
C TRP A 253 11.68 0.09 27.64
N ASN A 254 12.63 0.42 28.48
CA ASN A 254 12.62 1.47 29.40
C ASN A 254 13.93 2.09 29.00
N ARG A 255 14.05 3.41 29.01
CA ARG A 255 15.26 4.07 28.64
C ARG A 255 16.16 4.07 29.80
N SER A 256 17.44 4.28 29.59
CA SER A 256 18.28 4.58 30.71
C SER A 256 18.36 6.07 30.79
N GLY A 257 18.70 6.67 31.95
CA GLY A 257 18.74 8.11 32.13
C GLY A 257 18.38 8.47 33.53
N THR A 258 18.74 9.66 34.01
CA THR A 258 18.35 9.96 35.36
C THR A 258 16.93 10.31 35.36
N MET A 259 16.11 9.81 36.25
CA MET A 259 14.78 10.35 36.32
C MET A 259 14.91 11.74 36.84
N GLY A 260 14.56 12.74 36.03
CA GLY A 260 14.76 14.13 36.33
C GLY A 260 13.76 14.60 37.30
N ASP A 261 12.84 13.70 37.61
CA ASP A 261 11.85 13.82 38.61
C ASP A 261 11.92 12.58 39.40
N GLN A 262 11.02 12.46 40.37
CA GLN A 262 10.94 11.25 41.10
C GLN A 262 9.58 10.66 41.16
N LEU A 263 9.61 9.35 41.16
CA LEU A 263 8.52 8.51 41.40
C LEU A 263 7.94 8.65 42.79
N PRO A 264 6.66 8.59 42.91
CA PRO A 264 6.03 8.49 44.19
C PRO A 264 6.27 7.15 44.73
N GLU A 265 6.46 7.03 46.01
CA GLU A 265 6.65 5.75 46.63
C GLU A 265 5.45 4.90 46.54
N SER A 266 4.40 5.68 46.67
CA SER A 266 3.05 5.42 47.03
C SER A 266 2.36 4.52 46.10
N LEU A 267 3.14 3.90 45.28
CA LEU A 267 2.74 3.09 44.25
C LEU A 267 3.10 1.72 44.64
N TYR A 268 3.88 1.54 45.70
CA TYR A 268 4.30 0.20 45.93
C TYR A 268 4.76 -0.07 47.30
N ILE A 269 4.66 -1.33 47.62
CA ILE A 269 5.28 -1.95 48.72
C ILE A 269 6.59 -2.25 48.23
N LYS A 270 7.55 -1.82 48.99
CA LYS A 270 8.88 -1.86 48.58
C LYS A 270 9.36 -3.22 48.76
N GLY A 271 10.54 -3.46 48.30
CA GLY A 271 11.14 -4.74 48.38
C GLY A 271 12.40 -4.54 49.10
N THR A 272 13.36 -5.33 48.74
CA THR A 272 14.70 -5.28 49.18
C THR A 272 15.46 -4.62 48.14
N ASP A 273 16.55 -3.98 48.46
CA ASP A 273 17.45 -3.45 47.47
C ASP A 273 16.89 -2.75 46.26
N ILE A 274 17.08 -3.34 45.11
CA ILE A 274 16.64 -2.85 43.85
C ILE A 274 15.16 -2.90 43.77
N ARG A 275 14.57 -3.63 44.69
CA ARG A 275 13.18 -3.83 44.79
C ARG A 275 12.68 -2.95 45.89
N ALA A 276 13.54 -2.61 46.85
CA ALA A 276 13.27 -1.60 47.80
C ALA A 276 13.17 -0.30 47.10
N ASN A 277 14.15 -0.17 46.22
CA ASN A 277 14.34 1.00 45.44
C ASN A 277 14.16 0.67 44.04
N PRO A 278 13.01 0.90 43.53
CA PRO A 278 12.76 0.51 42.17
C PRO A 278 13.50 1.39 41.21
N GLY A 279 13.87 0.84 40.06
CA GLY A 279 14.64 1.50 39.02
C GLY A 279 13.82 2.46 38.23
N SER A 280 14.28 2.81 37.03
CA SER A 280 13.63 3.78 36.15
C SER A 280 12.17 3.53 35.87
N TYR A 281 11.45 4.61 35.65
CA TYR A 281 10.08 4.53 35.26
C TYR A 281 9.91 4.99 33.85
N LEU A 282 10.99 5.20 33.14
CA LEU A 282 10.83 5.65 31.79
C LEU A 282 10.72 4.56 30.80
N TYR A 283 9.52 4.24 30.44
CA TYR A 283 9.22 3.17 29.54
C TYR A 283 9.12 3.68 28.13
N SER A 284 9.81 3.03 27.18
CA SER A 284 9.97 3.45 25.81
C SER A 284 9.82 2.38 24.71
N PRO A 285 8.91 2.44 23.76
CA PRO A 285 8.77 1.46 22.71
C PRO A 285 9.59 1.82 21.51
N SER A 286 9.75 0.86 20.62
CA SER A 286 10.19 0.92 19.26
C SER A 286 9.08 0.87 18.23
N PRO A 287 9.01 1.69 17.23
CA PRO A 287 7.94 1.75 16.25
C PRO A 287 8.01 0.74 15.17
N SER A 288 6.92 0.76 14.41
CA SER A 288 6.94 0.32 13.04
C SER A 288 5.66 0.60 12.29
N GLY A 289 5.75 1.08 11.05
CA GLY A 289 4.61 1.34 10.19
C GLY A 289 3.68 0.26 9.81
N SER A 290 4.16 -1.01 9.79
CA SER A 290 3.47 -2.21 9.28
C SER A 290 3.70 -2.51 7.81
N VAL A 291 3.28 -3.70 7.33
CA VAL A 291 3.32 -4.20 5.96
C VAL A 291 2.82 -3.23 4.95
N VAL A 292 3.28 -3.36 3.73
CA VAL A 292 2.77 -2.61 2.68
C VAL A 292 2.26 -3.48 1.63
N THR A 293 1.16 -3.04 1.08
CA THR A 293 0.72 -3.54 -0.16
C THR A 293 0.67 -2.36 -0.98
N SER A 294 0.83 -2.58 -2.25
CA SER A 294 0.77 -1.56 -3.23
C SER A 294 -0.58 -0.97 -3.31
N ASP A 295 -1.53 -1.75 -2.91
CA ASP A 295 -2.88 -1.38 -3.00
C ASP A 295 -3.18 -0.12 -2.30
N SER A 296 -2.47 0.17 -1.27
CA SER A 296 -2.84 1.32 -0.56
C SER A 296 -2.15 2.52 -1.05
N GLN A 297 -1.35 2.41 -2.09
CA GLN A 297 -0.82 3.62 -2.61
C GLN A 297 -1.80 4.45 -3.35
N LEU A 298 -1.93 5.68 -2.92
CA LEU A 298 -2.77 6.67 -3.47
C LEU A 298 -2.37 7.00 -4.85
N PHE A 299 -1.09 7.11 -5.02
CA PHE A 299 -0.56 7.70 -6.17
C PHE A 299 -0.86 7.08 -7.46
N ASN A 300 -1.02 7.97 -8.43
CA ASN A 300 -1.18 7.76 -9.82
C ASN A 300 -2.58 7.59 -10.28
N LYS A 301 -3.49 8.54 -10.05
CA LYS A 301 -4.84 8.44 -10.52
C LYS A 301 -5.31 9.85 -10.71
N PRO A 302 -6.42 10.13 -11.25
CA PRO A 302 -6.81 11.49 -11.44
C PRO A 302 -7.49 11.92 -10.27
N TYR A 303 -7.15 13.07 -9.84
CA TYR A 303 -7.92 13.53 -8.78
C TYR A 303 -8.41 14.65 -9.50
N TRP A 304 -9.65 14.51 -9.83
CA TRP A 304 -10.33 15.55 -10.49
C TRP A 304 -10.84 16.29 -9.34
N LEU A 305 -10.88 17.58 -9.35
CA LEU A 305 -11.44 18.21 -8.22
C LEU A 305 -12.58 18.96 -8.72
N HIS A 306 -13.49 19.27 -7.83
CA HIS A 306 -14.70 19.90 -8.17
C HIS A 306 -14.75 20.88 -7.12
N LYS A 307 -15.78 20.80 -6.32
CA LYS A 307 -15.80 21.51 -5.11
C LYS A 307 -14.71 21.05 -4.24
N ALA A 308 -14.28 21.98 -3.45
CA ALA A 308 -13.22 21.76 -2.57
C ALA A 308 -13.58 22.58 -1.38
N GLN A 309 -12.91 22.26 -0.31
CA GLN A 309 -12.90 22.87 0.99
C GLN A 309 -12.64 24.35 0.93
N GLY A 310 -11.67 24.67 0.05
CA GLY A 310 -11.15 25.96 -0.20
C GLY A 310 -12.20 26.81 -0.75
N LEU A 311 -12.27 28.05 -0.34
CA LEU A 311 -13.28 28.89 -0.85
C LEU A 311 -12.69 29.68 -1.94
N ASN A 312 -11.39 29.46 -2.08
CA ASN A 312 -10.76 29.46 -3.34
C ASN A 312 -10.87 28.08 -3.74
N ASN A 313 -11.60 27.93 -4.79
CA ASN A 313 -11.64 26.72 -5.45
C ASN A 313 -10.48 26.64 -6.42
N GLY A 314 -9.30 26.36 -5.91
CA GLY A 314 -8.16 25.92 -6.70
C GLY A 314 -7.44 26.81 -7.64
N ILE A 315 -7.15 28.04 -7.31
CA ILE A 315 -6.51 28.94 -8.24
C ILE A 315 -5.19 29.36 -7.77
N CYS A 316 -4.26 29.70 -8.68
CA CYS A 316 -3.04 30.32 -8.22
C CYS A 316 -2.67 31.53 -8.96
N TRP A 317 -2.82 32.61 -8.23
CA TRP A 317 -2.10 33.80 -8.46
C TRP A 317 -0.67 33.56 -8.24
N HIS A 318 0.09 34.27 -9.03
CA HIS A 318 1.50 34.16 -9.13
C HIS A 318 1.86 32.86 -9.56
N ASN A 319 0.91 32.15 -10.09
CA ASN A 319 1.16 30.90 -10.62
C ASN A 319 1.84 29.98 -9.69
N GLN A 320 1.61 30.07 -8.38
CA GLN A 320 2.24 29.10 -7.54
C GLN A 320 1.37 28.31 -6.73
N LEU A 321 1.54 27.05 -6.93
CA LEU A 321 0.92 26.05 -6.21
C LEU A 321 2.00 25.42 -5.49
N PHE A 322 1.69 25.05 -4.30
CA PHE A 322 2.60 24.61 -3.34
C PHE A 322 2.22 23.20 -3.17
N LEU A 323 2.98 22.33 -3.82
CA LEU A 323 2.68 20.96 -3.73
C LEU A 323 3.47 20.28 -2.73
N THR A 324 2.72 19.89 -1.76
CA THR A 324 3.20 19.38 -0.55
C THR A 324 2.94 17.94 -0.36
N VAL A 325 3.95 17.08 -0.14
CA VAL A 325 3.75 15.63 -0.11
C VAL A 325 4.60 14.76 0.82
N VAL A 326 4.04 13.60 1.22
CA VAL A 326 4.50 12.48 2.01
C VAL A 326 4.18 11.14 1.42
N ASP A 327 5.17 10.20 1.38
CA ASP A 327 5.10 8.80 0.94
C ASP A 327 6.01 7.89 1.73
N THR A 328 5.52 6.96 2.47
CA THR A 328 6.44 6.04 3.08
C THR A 328 6.80 4.86 2.21
N THR A 329 6.36 4.75 1.00
CA THR A 329 6.56 3.50 0.30
C THR A 329 7.84 3.31 -0.34
N ARG A 330 8.83 4.18 -0.14
CA ARG A 330 10.06 3.98 -0.87
C ARG A 330 11.40 4.10 -0.15
N SER A 331 11.59 3.72 1.10
CA SER A 331 12.81 4.16 1.76
C SER A 331 14.18 3.48 1.64
N THR A 332 15.07 3.80 0.67
CA THR A 332 16.44 3.31 0.89
C THR A 332 17.60 4.12 0.37
N ASN A 333 18.67 4.22 1.16
CA ASN A 333 19.89 4.82 0.68
C ASN A 333 20.77 3.60 0.57
N LEU A 334 21.53 3.52 -0.51
CA LEU A 334 22.22 2.36 -1.01
C LEU A 334 23.69 2.14 -0.87
N SER A 335 24.04 0.87 -0.65
CA SER A 335 25.29 0.32 -0.26
C SER A 335 26.19 -0.26 -1.32
N VAL A 336 27.29 0.42 -1.44
CA VAL A 336 28.35 0.14 -2.33
C VAL A 336 29.43 -0.42 -1.52
N CYS A 337 30.00 -1.55 -1.90
CA CYS A 337 31.09 -2.12 -1.17
C CYS A 337 32.07 -1.95 -2.22
N ALA A 338 33.03 -1.08 -2.00
CA ALA A 338 33.96 -0.75 -3.02
C ALA A 338 35.29 -1.18 -2.55
N SER A 339 36.07 -1.90 -3.34
CA SER A 339 37.28 -2.40 -2.78
C SER A 339 38.32 -1.40 -2.61
N THR A 340 39.03 -1.47 -1.53
CA THR A 340 40.15 -0.64 -1.28
C THR A 340 41.27 -1.06 -2.14
N THR A 341 41.26 -2.33 -2.46
CA THR A 341 42.17 -3.05 -3.26
C THR A 341 41.76 -3.02 -4.69
N SER A 342 42.66 -2.96 -5.65
CA SER A 342 42.21 -3.03 -7.04
C SER A 342 42.13 -4.47 -7.42
N SER A 343 42.88 -5.25 -6.65
CA SER A 343 42.73 -6.66 -6.52
C SER A 343 41.39 -6.92 -5.94
N ILE A 344 40.81 -8.06 -6.26
CA ILE A 344 39.72 -8.50 -5.48
C ILE A 344 40.29 -9.68 -4.75
N PRO A 345 40.52 -9.62 -3.45
CA PRO A 345 41.14 -10.70 -2.72
C PRO A 345 40.30 -11.88 -2.72
N ASN A 346 40.85 -12.98 -2.27
CA ASN A 346 40.14 -14.20 -2.40
C ASN A 346 39.65 -14.57 -1.07
N VAL A 347 40.31 -14.02 -0.07
CA VAL A 347 39.80 -14.02 1.23
C VAL A 347 39.24 -12.67 1.40
N TYR A 348 37.98 -12.64 1.67
CA TYR A 348 37.31 -11.43 1.82
C TYR A 348 37.43 -10.97 3.22
N THR A 349 37.84 -9.71 3.32
CA THR A 349 37.75 -8.98 4.53
C THR A 349 37.00 -7.73 4.25
N PRO A 350 36.12 -7.23 5.06
CA PRO A 350 35.33 -6.03 4.82
C PRO A 350 36.20 -4.87 4.69
N THR A 351 37.32 -5.02 5.33
CA THR A 351 38.34 -4.06 5.38
C THR A 351 38.90 -3.83 4.06
N SER A 352 38.76 -4.76 3.12
CA SER A 352 39.28 -4.46 1.83
C SER A 352 38.29 -3.67 1.06
N PHE A 353 37.25 -3.16 1.73
CA PHE A 353 36.15 -2.50 1.11
C PHE A 353 35.71 -1.24 1.77
N LYS A 354 35.61 -0.10 1.06
CA LYS A 354 35.02 1.15 1.55
C LYS A 354 33.58 1.16 1.17
N GLU A 355 32.69 1.23 2.15
CA GLU A 355 31.31 0.99 1.86
C GLU A 355 30.43 2.20 1.98
N TYR A 356 29.55 2.46 1.01
CA TYR A 356 28.93 3.78 0.89
C TYR A 356 27.40 3.80 0.84
N ALA A 357 26.66 4.82 1.37
CA ALA A 357 25.20 4.98 1.39
C ALA A 357 24.43 6.15 0.69
N ARG A 358 23.64 5.97 -0.38
CA ARG A 358 22.79 7.04 -1.00
C ARG A 358 21.39 6.74 -1.44
N HIS A 359 20.41 7.62 -1.29
CA HIS A 359 19.08 7.37 -1.78
C HIS A 359 18.81 8.41 -2.75
N VAL A 360 17.88 8.06 -3.61
CA VAL A 360 17.60 8.50 -4.92
C VAL A 360 16.13 8.71 -5.04
N GLU A 361 15.63 9.78 -5.66
CA GLU A 361 14.22 9.96 -5.80
C GLU A 361 13.70 10.54 -7.08
N GLU A 362 12.66 9.98 -7.71
CA GLU A 362 12.12 10.35 -9.00
C GLU A 362 10.69 10.91 -9.07
N PHE A 363 10.40 11.99 -9.87
CA PHE A 363 9.02 12.50 -9.99
C PHE A 363 8.35 13.16 -11.19
N ASP A 364 7.02 12.99 -11.33
CA ASP A 364 6.07 13.63 -12.24
C ASP A 364 4.85 14.25 -11.66
N LEU A 365 4.68 15.52 -11.79
CA LEU A 365 3.37 16.07 -11.53
C LEU A 365 2.49 16.03 -12.83
N GLN A 366 1.19 15.67 -12.94
CA GLN A 366 0.45 15.89 -14.21
C GLN A 366 -0.88 16.53 -13.98
N PHE A 367 -1.34 17.40 -14.91
CA PHE A 367 -2.42 18.35 -14.74
C PHE A 367 -3.37 18.55 -15.83
N ILE A 368 -4.58 18.96 -15.43
CA ILE A 368 -5.68 19.45 -16.23
C ILE A 368 -6.20 20.69 -15.67
N PHE A 369 -6.07 21.81 -16.30
CA PHE A 369 -6.46 23.08 -15.82
C PHE A 369 -7.62 23.64 -16.48
N GLN A 370 -8.15 24.62 -15.82
CA GLN A 370 -9.00 25.57 -16.37
C GLN A 370 -8.51 26.91 -16.01
N LEU A 371 -8.08 27.68 -16.97
CA LEU A 371 -7.82 29.05 -16.69
C LEU A 371 -9.08 29.76 -16.47
N CYS A 372 -9.23 30.71 -15.56
CA CYS A 372 -10.46 31.46 -15.52
C CYS A 372 -10.21 32.89 -15.44
N LYS A 373 -11.20 33.63 -15.94
CA LYS A 373 -11.01 35.02 -16.23
C LYS A 373 -11.85 35.78 -15.33
N ILE A 374 -11.38 36.91 -14.88
CA ILE A 374 -12.03 37.57 -13.82
C ILE A 374 -12.27 38.98 -14.07
N THR A 375 -13.51 39.37 -14.29
CA THR A 375 -13.81 40.75 -14.45
C THR A 375 -13.82 41.58 -13.25
N LEU A 376 -12.89 42.51 -13.31
CA LEU A 376 -12.67 43.59 -12.43
C LEU A 376 -13.93 44.20 -11.90
N THR A 377 -14.30 43.95 -10.68
CA THR A 377 -15.37 44.68 -10.07
C THR A 377 -14.86 45.38 -8.97
N THR A 378 -15.19 46.67 -8.93
CA THR A 378 -14.76 47.58 -7.88
C THR A 378 -14.68 47.85 -6.39
N GLU A 379 -15.63 47.31 -5.64
CA GLU A 379 -15.68 47.53 -4.20
C GLU A 379 -15.39 46.07 -3.82
N VAL A 380 -15.08 45.28 -4.84
CA VAL A 380 -14.75 43.87 -4.70
C VAL A 380 -13.31 43.67 -5.12
N MET A 381 -12.84 44.45 -6.09
CA MET A 381 -11.51 44.30 -6.51
C MET A 381 -10.64 44.85 -5.49
N SER A 382 -11.18 45.90 -4.98
CA SER A 382 -10.55 46.62 -3.98
C SER A 382 -10.64 45.91 -2.75
N TYR A 383 -11.49 44.93 -2.71
CA TYR A 383 -11.60 44.13 -1.57
C TYR A 383 -10.54 43.21 -1.81
N ILE A 384 -10.34 42.78 -3.00
CA ILE A 384 -9.30 41.90 -3.22
C ILE A 384 -8.06 42.52 -2.90
N HIS A 385 -7.93 43.80 -3.07
CA HIS A 385 -6.70 44.39 -2.67
C HIS A 385 -6.48 44.21 -1.24
N ASN A 386 -7.58 44.32 -0.58
CA ASN A 386 -7.64 44.06 0.78
C ASN A 386 -7.63 42.64 1.11
N MET A 387 -7.68 41.82 0.12
CA MET A 387 -7.41 40.49 0.33
C MET A 387 -5.92 40.49 0.22
N ASN A 388 -5.45 40.88 -0.89
CA ASN A 388 -4.12 41.17 -1.06
C ASN A 388 -4.17 41.77 -2.37
N THR A 389 -3.57 42.90 -2.39
CA THR A 389 -3.29 43.74 -3.46
C THR A 389 -2.33 43.14 -4.39
N THR A 390 -1.53 42.19 -3.95
CA THR A 390 -0.31 42.06 -4.66
C THR A 390 -0.37 41.56 -6.00
N ILE A 391 -1.21 40.62 -6.20
CA ILE A 391 -1.60 40.03 -7.42
C ILE A 391 -2.12 41.01 -8.36
N LEU A 392 -2.87 41.86 -7.75
CA LEU A 392 -3.63 42.80 -8.41
C LEU A 392 -2.73 43.77 -8.98
N GLU A 393 -1.65 44.06 -8.28
CA GLU A 393 -0.53 44.80 -8.76
C GLU A 393 0.06 44.06 -9.83
N ASP A 394 0.11 42.78 -9.63
CA ASP A 394 0.72 41.97 -10.59
C ASP A 394 -0.18 41.72 -11.72
N TRP A 395 -1.34 42.32 -11.71
CA TRP A 395 -2.15 42.40 -12.85
C TRP A 395 -2.29 43.77 -13.21
N ASN A 396 -1.79 44.61 -12.35
CA ASN A 396 -1.71 46.01 -12.36
C ASN A 396 -2.95 46.62 -12.87
N PHE A 397 -2.85 47.91 -13.16
CA PHE A 397 -3.94 48.81 -13.42
C PHE A 397 -3.43 50.27 -13.46
N GLY A 398 -4.20 51.24 -12.94
CA GLY A 398 -3.95 52.67 -13.03
C GLY A 398 -2.70 53.21 -12.48
N VAL A 399 -1.76 53.53 -13.40
CA VAL A 399 -0.43 54.00 -13.10
C VAL A 399 0.29 52.85 -12.59
N THR A 400 1.39 52.48 -13.19
CA THR A 400 2.12 51.38 -12.62
C THR A 400 2.53 51.58 -11.21
N PRO A 401 3.45 52.37 -10.78
CA PRO A 401 4.15 53.42 -11.50
C PRO A 401 5.49 52.77 -11.75
N PRO A 402 6.50 53.40 -12.23
CA PRO A 402 7.74 52.67 -12.36
C PRO A 402 8.87 53.68 -12.33
N PRO A 403 9.99 53.50 -13.05
CA PRO A 403 11.02 54.55 -13.09
C PRO A 403 12.10 54.39 -14.20
N THR A 404 11.94 55.12 -15.33
CA THR A 404 12.77 55.14 -16.56
C THR A 404 14.25 55.03 -16.38
N ALA A 405 14.88 55.90 -15.60
CA ALA A 405 16.30 55.91 -15.47
C ALA A 405 16.86 54.59 -14.99
N SER A 406 16.09 53.93 -14.12
CA SER A 406 16.44 52.61 -13.65
C SER A 406 16.23 51.59 -14.73
N LEU A 407 15.07 51.71 -15.37
CA LEU A 407 14.67 50.83 -16.42
C LEU A 407 15.60 50.80 -17.59
N VAL A 408 16.19 51.94 -17.96
CA VAL A 408 17.06 51.97 -19.10
C VAL A 408 18.29 51.12 -18.79
N ASP A 409 19.16 51.73 -18.02
CA ASP A 409 20.36 51.27 -17.39
C ASP A 409 20.63 49.81 -17.49
N THR A 410 20.23 49.11 -16.45
CA THR A 410 20.24 47.69 -16.43
C THR A 410 21.47 46.99 -17.01
N TYR A 411 21.28 45.85 -17.64
CA TYR A 411 22.24 44.94 -18.19
C TYR A 411 23.29 45.57 -19.04
N ARG A 412 24.48 45.64 -18.53
CA ARG A 412 25.49 46.26 -19.29
C ARG A 412 26.61 45.39 -18.97
N PHE A 413 27.19 45.66 -17.83
CA PHE A 413 28.17 44.88 -17.18
C PHE A 413 28.03 43.36 -17.25
N VAL A 414 29.17 42.67 -17.10
CA VAL A 414 29.45 41.26 -17.12
C VAL A 414 29.46 40.66 -18.44
N GLN A 415 30.66 40.29 -18.72
CA GLN A 415 31.23 39.80 -19.92
C GLN A 415 32.69 39.75 -19.50
N SER A 416 32.93 39.77 -18.17
CA SER A 416 34.20 39.94 -17.52
C SER A 416 33.93 39.61 -16.10
N ALA A 417 35.01 39.54 -15.32
CA ALA A 417 34.82 39.58 -13.93
C ALA A 417 35.84 40.45 -13.28
N ALA A 418 36.81 41.02 -14.00
CA ALA A 418 37.68 41.95 -13.30
C ALA A 418 37.37 43.35 -13.62
N VAL A 419 36.65 43.59 -14.68
CA VAL A 419 36.53 44.96 -15.05
C VAL A 419 35.71 45.76 -14.15
N THR A 420 34.65 45.20 -13.68
CA THR A 420 33.77 45.94 -12.88
C THR A 420 33.35 44.89 -12.01
N CYS A 421 33.41 45.24 -10.76
CA CYS A 421 33.40 44.27 -9.75
C CYS A 421 32.61 44.71 -8.59
N GLN A 422 31.46 45.32 -8.91
CA GLN A 422 30.38 45.45 -7.98
C GLN A 422 29.75 44.10 -7.86
N LYS A 423 29.93 43.26 -8.89
CA LYS A 423 29.41 41.96 -9.13
C LYS A 423 28.18 41.63 -8.37
N ASP A 424 27.16 42.41 -8.69
CA ASP A 424 25.81 42.13 -8.30
C ASP A 424 25.56 41.96 -6.88
N THR A 425 26.06 42.93 -6.18
CA THR A 425 25.78 43.19 -4.81
C THR A 425 24.33 43.52 -4.58
N ALA A 426 23.68 44.27 -5.48
CA ALA A 426 22.32 44.76 -5.29
C ALA A 426 21.23 44.04 -6.10
N PRO A 427 20.09 43.62 -5.53
CA PRO A 427 19.00 42.93 -6.25
C PRO A 427 17.88 43.82 -6.85
N PRO A 428 16.74 43.23 -7.30
CA PRO A 428 15.62 44.07 -7.76
C PRO A 428 14.19 43.53 -7.50
N VAL A 429 13.99 42.33 -6.95
CA VAL A 429 12.72 41.65 -6.72
C VAL A 429 11.52 42.40 -6.20
N LYS A 430 10.37 41.76 -6.35
CA LYS A 430 9.24 42.13 -5.54
C LYS A 430 9.55 41.58 -4.18
N GLN A 431 9.84 40.28 -4.21
CA GLN A 431 10.26 39.39 -3.17
C GLN A 431 9.12 38.53 -2.74
N ASP A 432 9.42 37.25 -2.66
CA ASP A 432 8.61 36.24 -2.20
C ASP A 432 9.21 35.99 -0.86
N PRO A 433 8.57 36.02 0.17
CA PRO A 433 9.24 35.79 1.43
C PRO A 433 9.83 34.43 1.58
N TYR A 434 9.29 33.52 0.82
CA TYR A 434 9.55 32.14 0.80
C TYR A 434 10.78 31.94 0.00
N ASP A 435 11.42 33.05 -0.29
CA ASP A 435 12.75 33.15 -0.70
C ASP A 435 13.63 32.63 0.39
N LYS A 436 13.23 32.88 1.61
CA LYS A 436 14.02 32.46 2.71
C LYS A 436 13.76 31.05 3.01
N LEU A 437 13.02 30.42 2.14
CA LEU A 437 12.55 29.13 2.31
C LEU A 437 12.98 28.45 1.07
N LYS A 438 12.96 27.14 1.09
CA LYS A 438 13.51 26.28 0.13
C LYS A 438 12.44 25.57 -0.51
N PHE A 439 12.47 25.56 -1.81
CA PHE A 439 11.51 24.80 -2.50
C PHE A 439 12.19 23.98 -3.33
N TRP A 440 11.44 23.03 -3.79
CA TRP A 440 11.83 22.43 -4.95
C TRP A 440 11.25 23.35 -5.96
N PRO A 441 12.01 23.83 -6.83
CA PRO A 441 11.58 24.87 -7.68
C PRO A 441 10.99 24.23 -8.84
N VAL A 442 9.75 24.48 -9.01
CA VAL A 442 9.08 23.83 -10.03
C VAL A 442 8.50 24.83 -10.89
N ASP A 443 8.70 24.67 -12.16
CA ASP A 443 8.04 25.49 -13.07
C ASP A 443 7.58 24.51 -14.05
N LEU A 444 6.63 24.92 -14.85
CA LEU A 444 6.00 24.10 -15.81
C LEU A 444 5.57 24.88 -17.02
N LYS A 445 6.03 26.09 -17.27
CA LYS A 445 5.47 26.93 -18.31
C LYS A 445 5.64 26.54 -19.72
N GLU A 446 5.39 25.30 -20.00
CA GLU A 446 5.44 24.70 -21.24
C GLU A 446 4.89 23.35 -21.10
N ARG A 447 4.69 22.79 -19.91
CA ARG A 447 4.06 21.51 -19.86
C ARG A 447 2.62 21.56 -20.23
N PHE A 448 2.22 22.81 -20.26
CA PHE A 448 1.17 23.45 -20.96
C PHE A 448 0.88 22.75 -22.21
N SER A 449 -0.33 22.34 -22.38
CA SER A 449 -0.69 21.63 -23.52
C SER A 449 -2.15 21.68 -23.47
N ALA A 450 -2.80 21.11 -24.47
CA ALA A 450 -4.21 20.98 -24.50
C ALA A 450 -4.43 19.63 -25.18
N ASP A 451 -3.49 18.73 -24.93
CA ASP A 451 -3.36 17.53 -25.69
C ASP A 451 -3.59 16.45 -24.79
N LEU A 452 -4.80 16.47 -24.35
CA LEU A 452 -5.48 15.75 -23.34
C LEU A 452 -5.40 14.31 -23.65
N ASP A 453 -5.74 14.14 -24.86
CA ASP A 453 -5.50 13.07 -25.73
C ASP A 453 -4.11 12.59 -25.57
N GLN A 454 -3.17 13.48 -25.68
CA GLN A 454 -1.81 13.16 -25.60
C GLN A 454 -1.37 13.23 -24.21
N PHE A 455 -2.25 13.25 -23.25
CA PHE A 455 -1.84 13.36 -21.92
C PHE A 455 -2.44 12.33 -21.18
N PRO A 456 -1.74 11.54 -20.44
CA PRO A 456 -2.34 10.38 -19.85
C PRO A 456 -3.55 10.68 -19.13
N LEU A 457 -3.39 11.64 -18.26
CA LEU A 457 -4.42 12.16 -17.47
C LEU A 457 -5.45 12.78 -18.26
N GLY A 458 -4.99 13.41 -19.29
CA GLY A 458 -5.85 14.07 -20.21
C GLY A 458 -6.78 13.13 -20.78
N ARG A 459 -6.32 11.98 -21.16
CA ARG A 459 -7.19 11.04 -21.75
C ARG A 459 -8.26 10.68 -20.82
N LYS A 460 -7.85 10.45 -19.61
CA LYS A 460 -8.79 10.25 -18.58
C LYS A 460 -9.68 11.36 -18.38
N PHE A 461 -9.17 12.51 -18.59
CA PHE A 461 -9.94 13.61 -18.27
C PHE A 461 -11.02 13.77 -19.24
N LEU A 462 -10.66 13.56 -20.43
CA LEU A 462 -11.57 13.70 -21.48
C LEU A 462 -12.64 12.74 -21.31
N LEU A 463 -12.18 11.62 -20.90
CA LEU A 463 -12.98 10.55 -20.56
C LEU A 463 -13.82 10.89 -19.41
N GLN A 464 -13.27 11.64 -18.49
CA GLN A 464 -13.94 12.12 -17.37
C GLN A 464 -15.07 13.00 -17.70
N LEU A 465 -15.01 13.64 -18.83
CA LEU A 465 -16.16 14.32 -19.30
C LEU A 465 -17.30 13.37 -19.61
N LYS B 2 11.97 13.18 -43.35
CA LYS B 2 11.72 12.71 -44.73
C LYS B 2 12.06 11.27 -44.94
N VAL B 3 11.58 10.70 -46.07
CA VAL B 3 11.81 9.34 -46.45
C VAL B 3 11.11 8.36 -45.52
N TYR B 4 10.31 7.40 -46.00
CA TYR B 4 9.91 7.13 -47.36
C TYR B 4 8.82 8.10 -47.68
N LEU B 5 7.81 8.15 -46.81
CA LEU B 5 6.69 9.01 -47.05
C LEU B 5 6.74 10.23 -46.14
N PRO B 6 6.78 11.44 -46.65
CA PRO B 6 6.80 12.64 -45.83
C PRO B 6 5.37 13.12 -45.81
N PRO B 7 5.02 14.32 -45.42
CA PRO B 7 3.67 14.82 -45.55
C PRO B 7 3.41 15.16 -47.02
N PRO B 8 2.40 15.82 -47.55
CA PRO B 8 1.23 16.44 -46.93
C PRO B 8 0.52 15.64 -45.89
N SER B 9 -0.25 16.25 -44.96
CA SER B 9 -0.52 17.68 -44.79
C SER B 9 0.23 18.22 -43.58
N VAL B 10 -0.27 18.12 -42.31
CA VAL B 10 0.47 18.70 -41.17
C VAL B 10 1.02 17.80 -40.09
N ALA B 11 0.41 17.33 -38.99
CA ALA B 11 -0.86 17.37 -38.35
C ALA B 11 -0.50 16.93 -36.92
N LYS B 12 -0.94 15.77 -36.37
CA LYS B 12 -0.50 15.36 -35.03
C LYS B 12 -0.37 13.86 -34.95
N VAL B 13 -0.89 13.24 -33.91
CA VAL B 13 -0.79 11.85 -33.73
C VAL B 13 -2.11 11.51 -33.20
N VAL B 14 -2.73 10.44 -33.67
CA VAL B 14 -4.02 10.10 -33.18
C VAL B 14 -4.09 8.65 -33.04
N SER B 15 -4.97 8.18 -32.19
CA SER B 15 -5.28 6.80 -32.03
C SER B 15 -5.63 6.11 -33.30
N THR B 16 -5.49 4.82 -33.27
CA THR B 16 -5.53 4.12 -34.50
C THR B 16 -6.87 3.95 -35.06
N ASP B 17 -7.72 3.95 -34.09
CA ASP B 17 -9.07 3.50 -34.03
C ASP B 17 -9.96 4.20 -34.94
N GLU B 18 -9.42 5.25 -35.39
CA GLU B 18 -9.87 6.16 -36.30
C GLU B 18 -9.94 5.42 -37.56
N TYR B 19 -8.88 4.77 -37.94
CA TYR B 19 -8.81 4.18 -39.25
C TYR B 19 -9.05 2.73 -39.18
N VAL B 20 -9.11 2.19 -38.00
CA VAL B 20 -9.45 0.82 -37.81
C VAL B 20 -10.78 0.46 -38.33
N THR B 21 -10.83 -0.38 -39.35
CA THR B 21 -12.10 -0.89 -39.74
C THR B 21 -12.28 -2.01 -38.84
N ARG B 22 -13.31 -1.95 -38.02
CA ARG B 22 -13.61 -3.04 -37.19
C ARG B 22 -14.37 -4.03 -37.96
N THR B 23 -14.32 -5.25 -37.51
CA THR B 23 -14.90 -6.32 -38.22
C THR B 23 -15.75 -7.13 -37.33
N SER B 24 -16.25 -8.20 -37.85
CA SER B 24 -16.93 -9.18 -37.09
C SER B 24 -16.00 -10.27 -36.75
N ILE B 25 -14.71 -10.05 -36.90
CA ILE B 25 -13.90 -11.22 -36.95
C ILE B 25 -13.68 -11.71 -35.65
N PHE B 26 -13.98 -12.95 -35.45
CA PHE B 26 -13.83 -13.39 -34.13
C PHE B 26 -13.06 -14.62 -34.23
N TYR B 27 -12.22 -14.74 -33.26
CA TYR B 27 -11.25 -15.76 -33.18
C TYR B 27 -11.28 -16.18 -31.85
N HIS B 28 -10.85 -17.38 -31.69
CA HIS B 28 -10.26 -17.86 -30.54
C HIS B 28 -8.89 -18.20 -30.97
N ALA B 29 -7.97 -17.97 -30.09
CA ALA B 29 -6.68 -18.54 -30.28
C ALA B 29 -6.15 -18.80 -28.93
N GLY B 30 -5.25 -19.75 -28.69
CA GLY B 30 -4.76 -19.92 -27.33
C GLY B 30 -3.68 -20.97 -27.21
N SER B 31 -2.56 -20.73 -26.52
CA SER B 31 -1.58 -21.77 -26.24
C SER B 31 -1.66 -22.64 -25.05
N SER B 32 -1.95 -23.91 -25.27
CA SER B 32 -2.19 -24.89 -24.25
C SER B 32 -1.40 -25.22 -22.99
N ARG B 33 -0.10 -25.24 -22.93
CA ARG B 33 0.57 -25.51 -21.68
C ARG B 33 1.95 -25.23 -22.08
N LEU B 34 2.65 -24.40 -21.38
CA LEU B 34 3.96 -24.14 -21.88
C LEU B 34 4.83 -24.53 -20.84
N LEU B 35 5.86 -25.30 -21.10
CA LEU B 35 6.52 -25.71 -19.95
C LEU B 35 7.98 -25.75 -20.14
N THR B 36 8.69 -25.34 -19.13
CA THR B 36 10.10 -25.36 -19.16
C THR B 36 10.54 -25.34 -17.70
N VAL B 37 11.53 -26.11 -17.33
CA VAL B 37 11.98 -26.38 -15.98
C VAL B 37 13.53 -26.40 -15.93
N GLY B 38 14.27 -26.17 -14.83
CA GLY B 38 15.73 -26.14 -14.89
C GLY B 38 16.19 -25.85 -13.53
N HIS B 39 17.38 -25.37 -13.26
CA HIS B 39 17.79 -25.29 -11.88
C HIS B 39 17.79 -23.88 -11.41
N PRO B 40 17.39 -23.57 -10.21
CA PRO B 40 17.45 -22.22 -9.69
C PRO B 40 18.70 -21.45 -9.93
N TYR B 41 19.76 -21.55 -9.17
CA TYR B 41 20.86 -20.63 -9.33
C TYR B 41 21.56 -20.59 -10.59
N PHE B 42 21.81 -21.72 -11.15
CA PHE B 42 22.70 -21.72 -12.24
C PHE B 42 22.21 -22.62 -13.23
N LYS B 43 22.82 -22.50 -14.36
CA LYS B 43 22.56 -23.41 -15.38
C LYS B 43 23.43 -24.52 -15.10
N VAL B 44 22.97 -25.71 -15.33
CA VAL B 44 23.78 -26.82 -15.07
C VAL B 44 24.36 -27.19 -16.36
N PRO B 45 25.61 -26.94 -16.57
CA PRO B 45 26.16 -27.27 -17.83
C PRO B 45 26.51 -28.68 -17.77
N LYS B 46 26.39 -29.26 -18.94
CA LYS B 46 26.65 -30.64 -19.10
C LYS B 46 27.20 -30.84 -20.46
N GLY B 47 27.52 -29.73 -21.16
CA GLY B 47 28.21 -29.73 -22.42
C GLY B 47 27.77 -30.73 -23.39
N GLY B 48 26.47 -30.93 -23.53
CA GLY B 48 25.97 -31.86 -24.49
C GLY B 48 26.36 -31.49 -25.90
N ASN B 49 26.07 -30.30 -26.38
CA ASN B 49 25.25 -29.37 -25.74
C ASN B 49 24.34 -28.83 -26.75
N GLY B 50 23.21 -28.39 -26.26
CA GLY B 50 22.07 -28.04 -27.04
C GLY B 50 21.28 -29.29 -27.09
N ARG B 51 20.54 -29.65 -26.06
CA ARG B 51 20.27 -29.00 -24.80
C ARG B 51 21.25 -29.72 -23.98
N GLN B 52 20.81 -30.86 -23.48
CA GLN B 52 21.71 -31.91 -23.10
C GLN B 52 22.66 -31.42 -22.06
N ASP B 53 21.95 -30.71 -21.23
CA ASP B 53 22.36 -29.89 -20.21
C ASP B 53 21.12 -29.65 -19.45
N VAL B 54 21.25 -29.03 -18.28
CA VAL B 54 20.08 -28.66 -17.56
C VAL B 54 20.18 -27.17 -17.42
N PRO B 55 19.24 -26.39 -17.77
CA PRO B 55 19.41 -24.98 -17.72
C PRO B 55 19.39 -24.47 -16.33
N LYS B 56 19.40 -23.17 -16.25
CA LYS B 56 19.16 -22.50 -15.04
C LYS B 56 17.74 -22.15 -15.20
N VAL B 57 16.89 -22.31 -14.22
CA VAL B 57 15.55 -21.86 -14.33
C VAL B 57 15.29 -21.40 -12.97
N SER B 58 14.84 -20.17 -12.90
CA SER B 58 14.84 -19.37 -11.71
C SER B 58 13.84 -18.29 -11.95
N ALA B 59 12.59 -18.68 -11.95
CA ALA B 59 11.52 -17.94 -12.54
C ALA B 59 11.18 -16.51 -12.21
N TYR B 60 11.95 -15.76 -11.44
CA TYR B 60 11.61 -14.38 -11.13
C TYR B 60 12.18 -13.55 -12.18
N GLN B 61 11.54 -13.69 -13.31
CA GLN B 61 11.99 -13.16 -14.50
C GLN B 61 10.85 -12.56 -15.12
N TYR B 62 11.12 -11.53 -15.86
CA TYR B 62 10.20 -10.88 -16.70
C TYR B 62 9.76 -11.87 -17.77
N ARG B 63 8.46 -11.99 -18.00
CA ARG B 63 7.96 -12.98 -18.90
C ARG B 63 7.45 -12.43 -20.15
N VAL B 64 8.21 -12.67 -21.23
CA VAL B 64 7.98 -12.11 -22.53
C VAL B 64 7.69 -12.99 -23.68
N PHE B 65 6.47 -12.93 -24.07
CA PHE B 65 6.00 -13.72 -25.15
C PHE B 65 6.18 -12.99 -26.40
N ARG B 66 7.01 -13.52 -27.29
CA ARG B 66 7.03 -13.01 -28.62
C ARG B 66 6.01 -13.72 -29.42
N VAL B 67 4.93 -13.09 -29.73
CA VAL B 67 3.81 -13.77 -30.25
C VAL B 67 3.60 -13.68 -31.68
N LYS B 68 3.79 -14.80 -32.29
CA LYS B 68 3.64 -15.08 -33.65
C LYS B 68 2.26 -15.48 -33.89
N LEU B 69 1.71 -15.00 -34.96
CA LEU B 69 0.36 -15.28 -35.27
C LEU B 69 0.29 -14.93 -36.71
N PRO B 70 -0.72 -15.24 -37.45
CA PRO B 70 -0.74 -15.11 -38.88
C PRO B 70 -0.41 -13.80 -39.35
N ASP B 71 -0.09 -13.80 -40.64
CA ASP B 71 -0.26 -12.61 -41.34
C ASP B 71 -1.72 -12.62 -41.55
N PRO B 72 -2.43 -11.63 -41.18
CA PRO B 72 -3.82 -11.57 -41.37
C PRO B 72 -4.15 -11.45 -42.80
N ASN B 73 -3.31 -10.82 -43.58
CA ASN B 73 -3.58 -10.61 -44.99
C ASN B 73 -3.46 -11.88 -45.70
N LYS B 74 -2.67 -12.77 -45.15
CA LYS B 74 -2.53 -14.08 -45.64
C LYS B 74 -3.12 -14.96 -44.68
N PHE B 75 -3.98 -14.46 -43.82
CA PHE B 75 -4.52 -15.35 -42.88
C PHE B 75 -5.53 -16.11 -43.64
N GLY B 76 -5.38 -17.42 -43.47
CA GLY B 76 -6.05 -18.41 -44.23
C GLY B 76 -7.47 -18.14 -44.41
N LEU B 77 -8.16 -17.73 -43.36
CA LEU B 77 -9.56 -17.44 -43.49
C LEU B 77 -9.83 -16.27 -44.32
N PRO B 78 -10.83 -16.38 -45.14
CA PRO B 78 -11.26 -15.17 -45.76
C PRO B 78 -12.71 -15.27 -46.01
N ASP B 79 -13.31 -14.14 -46.29
CA ASP B 79 -14.66 -14.07 -46.65
C ASP B 79 -14.71 -12.77 -47.31
N ASN B 80 -15.86 -12.49 -47.91
CA ASN B 80 -16.20 -11.18 -48.41
C ASN B 80 -15.20 -10.58 -49.31
N THR B 81 -15.09 -9.26 -49.25
CA THR B 81 -14.18 -8.43 -49.97
C THR B 81 -12.81 -8.91 -49.80
N VAL B 82 -12.56 -9.37 -48.58
CA VAL B 82 -11.33 -9.75 -48.03
C VAL B 82 -10.79 -8.50 -47.47
N TYR B 83 -11.08 -7.42 -48.17
CA TYR B 83 -10.81 -6.07 -48.00
C TYR B 83 -10.79 -5.70 -49.41
N ASP B 84 -9.78 -4.99 -49.74
CA ASP B 84 -9.37 -5.04 -51.05
C ASP B 84 -7.94 -4.77 -50.77
N PRO B 85 -7.01 -5.46 -51.29
CA PRO B 85 -5.64 -5.22 -51.02
C PRO B 85 -5.24 -4.02 -51.72
N ASN B 86 -6.08 -3.45 -52.50
CA ASN B 86 -5.67 -2.35 -53.28
C ASN B 86 -6.06 -1.17 -52.54
N SER B 87 -6.60 -1.39 -51.38
CA SER B 87 -7.03 -0.33 -50.59
C SER B 87 -6.66 -0.58 -49.24
N GLN B 88 -6.44 -1.82 -48.90
CA GLN B 88 -6.65 -2.13 -47.57
C GLN B 88 -5.92 -3.29 -47.20
N ARG B 89 -5.51 -3.32 -45.94
CA ARG B 89 -4.85 -4.42 -45.42
C ARG B 89 -5.46 -4.81 -44.15
N LEU B 90 -5.18 -6.04 -43.82
CA LEU B 90 -5.75 -6.76 -42.77
C LEU B 90 -4.81 -6.74 -41.69
N VAL B 91 -5.36 -6.71 -40.53
CA VAL B 91 -4.61 -6.60 -39.34
C VAL B 91 -5.32 -7.39 -38.39
N TRP B 92 -4.59 -8.04 -37.57
CA TRP B 92 -5.18 -8.70 -36.50
C TRP B 92 -5.42 -7.67 -35.48
N ALA B 93 -6.51 -7.84 -34.76
CA ALA B 93 -6.53 -7.16 -33.52
C ALA B 93 -6.88 -8.30 -32.65
N CYS B 94 -6.13 -8.54 -31.60
CA CYS B 94 -6.59 -9.44 -30.59
C CYS B 94 -7.39 -8.57 -29.73
N VAL B 95 -8.42 -9.11 -29.20
CA VAL B 95 -9.42 -8.34 -28.56
C VAL B 95 -9.59 -8.79 -27.15
N GLY B 96 -9.57 -10.11 -26.97
CA GLY B 96 -9.91 -10.73 -25.72
C GLY B 96 -8.86 -11.72 -25.36
N VAL B 97 -8.55 -11.82 -24.06
CA VAL B 97 -7.49 -12.64 -23.51
C VAL B 97 -7.78 -13.26 -22.19
N GLU B 98 -7.41 -14.52 -22.06
CA GLU B 98 -7.26 -15.11 -20.79
C GLU B 98 -6.02 -15.87 -20.60
N ILE B 99 -5.22 -15.41 -19.67
CA ILE B 99 -4.06 -16.11 -19.27
C ILE B 99 -4.39 -17.20 -18.33
N GLY B 100 -4.19 -18.41 -18.77
CA GLY B 100 -4.26 -19.56 -17.95
C GLY B 100 -2.93 -19.69 -17.29
N ARG B 101 -2.92 -19.75 -15.96
CA ARG B 101 -1.78 -20.05 -15.15
C ARG B 101 -1.88 -21.42 -14.56
N GLY B 102 -0.84 -22.24 -14.66
CA GLY B 102 -0.90 -23.58 -14.09
C GLY B 102 -0.66 -23.63 -12.61
N GLN B 103 -0.22 -24.77 -12.09
CA GLN B 103 0.21 -25.08 -10.73
C GLN B 103 -0.51 -24.67 -9.47
N PRO B 104 -0.30 -25.27 -8.32
CA PRO B 104 -0.77 -24.74 -7.08
C PRO B 104 0.08 -23.57 -6.73
N LEU B 105 0.07 -23.09 -5.53
CA LEU B 105 0.92 -21.99 -5.17
C LEU B 105 2.04 -22.51 -4.37
N GLY B 106 3.11 -21.75 -4.19
CA GLY B 106 4.25 -22.23 -3.44
C GLY B 106 5.14 -21.08 -3.26
N VAL B 107 6.11 -21.20 -2.36
CA VAL B 107 6.99 -20.14 -1.91
C VAL B 107 8.35 -20.67 -1.57
N GLY B 108 9.36 -19.86 -1.15
CA GLY B 108 10.72 -20.38 -0.94
C GLY B 108 11.80 -19.42 -0.43
N LEU B 109 13.11 -19.77 -0.60
CA LEU B 109 14.23 -18.98 -0.10
C LEU B 109 15.43 -18.98 -0.99
N SER B 110 16.32 -18.03 -0.71
CA SER B 110 17.63 -17.84 -1.32
C SER B 110 18.56 -17.56 -0.19
N GLY B 111 19.85 -17.81 -0.31
CA GLY B 111 20.70 -17.62 0.83
C GLY B 111 22.06 -17.26 0.41
N HIS B 112 22.89 -17.17 1.41
CA HIS B 112 24.12 -16.57 1.29
C HIS B 112 24.97 -17.10 2.37
N PRO B 113 26.02 -17.76 2.08
CA PRO B 113 26.85 -18.22 3.14
C PRO B 113 27.82 -17.29 3.70
N LEU B 114 28.32 -16.34 2.95
CA LEU B 114 29.42 -15.54 3.35
C LEU B 114 29.00 -14.17 3.76
N TYR B 115 27.86 -14.08 4.42
CA TYR B 115 27.34 -12.83 4.82
C TYR B 115 28.07 -12.01 5.84
N ASN B 116 28.19 -10.74 5.53
CA ASN B 116 28.79 -9.69 6.32
C ASN B 116 27.87 -9.25 7.42
N LYS B 117 27.44 -10.10 8.31
CA LYS B 117 26.53 -9.57 9.26
C LYS B 117 27.25 -8.84 10.30
N LEU B 118 26.80 -7.63 10.61
CA LEU B 118 27.32 -6.96 11.75
C LEU B 118 26.64 -7.63 12.87
N ASP B 119 25.42 -7.22 13.08
CA ASP B 119 24.74 -7.66 14.22
C ASP B 119 23.32 -7.39 13.93
N ASP B 120 22.48 -8.03 14.72
CA ASP B 120 21.09 -7.71 14.87
C ASP B 120 21.02 -6.36 15.54
N THR B 121 20.53 -5.36 14.82
CA THR B 121 20.34 -4.03 15.37
C THR B 121 18.88 -3.89 15.49
N GLU B 122 18.21 -5.03 15.58
CA GLU B 122 16.81 -5.16 15.72
C GLU B 122 16.57 -5.21 17.21
N ASN B 123 16.27 -6.36 17.83
CA ASN B 123 16.11 -6.39 19.29
C ASN B 123 17.44 -6.53 19.94
N SER B 124 18.46 -6.76 19.12
CA SER B 124 19.84 -6.75 19.49
C SER B 124 20.07 -7.59 20.69
N HIS B 125 19.47 -8.75 20.55
CA HIS B 125 19.28 -9.63 21.64
C HIS B 125 20.09 -10.86 21.36
N VAL B 126 20.83 -11.40 22.34
CA VAL B 126 20.94 -10.92 23.69
C VAL B 126 21.70 -9.62 23.83
N ALA B 127 22.82 -9.48 23.10
CA ALA B 127 23.65 -8.29 23.17
C ALA B 127 24.49 -8.16 21.92
N SER B 128 25.31 -7.10 21.82
CA SER B 128 26.12 -6.78 20.64
C SER B 128 27.56 -7.16 20.74
N ALA B 129 28.26 -7.19 19.58
CA ALA B 129 29.63 -7.63 19.38
C ALA B 129 30.71 -6.56 19.12
N VAL B 130 31.88 -6.95 18.49
CA VAL B 130 33.02 -6.06 18.16
C VAL B 130 33.67 -6.21 16.76
N ASP B 131 34.41 -7.28 16.39
CA ASP B 131 35.04 -7.34 15.05
C ASP B 131 35.55 -8.72 14.66
N THR B 132 36.00 -8.86 13.40
CA THR B 132 36.54 -10.06 12.77
C THR B 132 36.48 -9.84 11.31
N LYS B 133 37.21 -10.59 10.47
CA LYS B 133 37.08 -10.43 9.03
C LYS B 133 36.57 -11.68 8.42
N ASP B 134 36.34 -12.64 9.30
CA ASP B 134 35.64 -13.87 9.12
C ASP B 134 34.22 -13.48 9.32
N THR B 135 33.78 -12.65 8.42
CA THR B 135 32.52 -11.99 8.47
C THR B 135 31.79 -12.57 7.36
N ARG B 136 31.43 -13.82 7.47
CA ARG B 136 31.01 -14.41 6.26
C ARG B 136 29.94 -15.39 6.57
N ASP B 137 28.86 -14.94 7.17
CA ASP B 137 27.73 -15.63 7.73
C ASP B 137 26.77 -16.34 6.84
N ASN B 138 26.30 -17.54 7.22
CA ASN B 138 25.35 -18.23 6.39
C ASN B 138 23.96 -17.91 6.75
N VAL B 139 23.31 -17.41 5.74
CA VAL B 139 22.09 -16.67 5.71
C VAL B 139 21.08 -17.20 4.73
N SER B 140 19.80 -17.36 5.06
CA SER B 140 18.75 -17.60 4.04
C SER B 140 17.68 -16.53 4.10
N VAL B 141 16.87 -16.35 3.01
CA VAL B 141 15.95 -15.21 2.89
C VAL B 141 14.82 -15.29 1.84
N ASP B 142 13.70 -14.53 2.07
CA ASP B 142 12.56 -14.21 1.20
C ASP B 142 12.34 -12.68 0.94
N TYR B 143 11.32 -12.31 0.14
CA TYR B 143 11.02 -10.93 -0.26
C TYR B 143 9.62 -10.88 -0.83
N LYS B 144 9.14 -9.66 -1.03
CA LYS B 144 7.90 -9.19 -1.61
C LYS B 144 7.08 -10.06 -2.49
N GLN B 145 5.82 -10.18 -2.19
CA GLN B 145 4.85 -10.75 -3.05
C GLN B 145 4.49 -9.91 -4.25
N THR B 146 4.55 -10.42 -5.49
CA THR B 146 4.24 -9.68 -6.70
C THR B 146 3.65 -10.37 -7.89
N GLN B 147 2.58 -9.82 -8.41
CA GLN B 147 2.03 -10.17 -9.67
C GLN B 147 1.91 -8.97 -10.61
N LEU B 148 2.55 -8.94 -11.78
CA LEU B 148 2.38 -7.78 -12.68
C LEU B 148 2.17 -8.19 -14.12
N CYS B 149 1.41 -7.44 -14.92
CA CYS B 149 1.24 -7.71 -16.33
C CYS B 149 1.15 -6.51 -17.18
N ILE B 150 1.67 -6.61 -18.38
CA ILE B 150 1.62 -5.64 -19.41
C ILE B 150 1.43 -6.30 -20.73
N ILE B 151 0.63 -5.64 -21.55
CA ILE B 151 0.27 -6.06 -22.86
C ILE B 151 0.79 -5.06 -23.83
N GLY B 152 1.43 -5.54 -24.92
CA GLY B 152 1.97 -4.74 -25.99
C GLY B 152 2.18 -5.53 -27.26
N CYS B 153 2.44 -4.87 -28.37
CA CYS B 153 2.68 -5.50 -29.67
C CYS B 153 4.13 -5.53 -29.88
N VAL B 154 4.82 -4.97 -28.94
CA VAL B 154 6.18 -4.77 -29.06
C VAL B 154 6.62 -4.92 -27.69
N PRO B 155 7.82 -5.30 -27.49
CA PRO B 155 8.33 -5.51 -26.16
C PRO B 155 8.51 -4.22 -25.40
N ALA B 156 9.22 -4.28 -24.27
CA ALA B 156 9.21 -3.21 -23.32
C ALA B 156 10.50 -2.98 -22.62
N ILE B 157 10.56 -1.88 -21.87
CA ILE B 157 11.61 -1.26 -21.15
C ILE B 157 11.55 -1.29 -19.67
N GLY B 158 12.66 -1.64 -19.08
CA GLY B 158 12.88 -1.62 -17.69
C GLY B 158 13.82 -0.49 -17.46
N GLU B 159 14.07 -0.21 -16.23
CA GLU B 159 14.88 0.83 -15.79
C GLU B 159 15.65 0.19 -14.71
N HIS B 160 16.88 0.59 -14.52
CA HIS B 160 17.73 -0.03 -13.60
C HIS B 160 18.93 0.84 -13.39
N TRP B 161 19.72 0.53 -12.44
CA TRP B 161 20.80 1.34 -11.99
C TRP B 161 22.18 1.04 -12.35
N THR B 162 22.94 2.09 -12.60
CA THR B 162 24.34 1.93 -12.83
C THR B 162 25.17 2.91 -12.08
N LYS B 163 26.43 3.03 -12.44
CA LYS B 163 27.30 3.98 -11.88
C LYS B 163 27.60 4.98 -12.89
N GLY B 164 27.53 6.20 -12.44
CA GLY B 164 27.92 7.34 -13.16
C GLY B 164 29.33 7.50 -13.37
N THR B 165 29.58 8.64 -13.93
CA THR B 165 30.86 9.10 -14.28
C THR B 165 31.30 10.05 -13.26
N ALA B 166 32.57 10.27 -13.22
CA ALA B 166 33.20 11.16 -12.31
C ALA B 166 34.18 11.87 -13.20
N CYS B 167 33.64 12.74 -14.05
CA CYS B 167 34.36 13.25 -15.20
C CYS B 167 35.63 14.08 -14.99
N LYS B 168 36.69 13.42 -14.53
CA LYS B 168 38.06 13.84 -14.42
C LYS B 168 38.67 12.77 -13.60
N PRO B 169 39.94 12.82 -13.30
CA PRO B 169 40.51 11.94 -12.33
C PRO B 169 40.14 12.55 -11.05
N THR B 170 38.99 12.19 -10.64
CA THR B 170 38.27 12.60 -9.51
C THR B 170 38.77 11.76 -8.39
N THR B 171 40.08 11.58 -8.31
CA THR B 171 40.78 10.66 -7.44
C THR B 171 40.76 9.34 -8.06
N VAL B 172 39.56 8.88 -8.42
CA VAL B 172 39.30 7.58 -8.87
C VAL B 172 39.79 6.62 -7.84
N VAL B 173 39.56 6.86 -6.54
CA VAL B 173 40.20 6.01 -5.56
C VAL B 173 39.83 4.59 -5.71
N GLN B 174 40.71 3.68 -5.37
CA GLN B 174 40.35 2.33 -5.37
C GLN B 174 39.44 2.07 -4.21
N GLY B 175 38.17 1.84 -4.52
CA GLY B 175 37.17 1.75 -3.51
C GLY B 175 36.58 3.05 -3.19
N ASP B 176 36.78 4.06 -4.02
CA ASP B 176 36.14 5.34 -3.88
C ASP B 176 34.63 5.25 -3.80
N CYS B 177 33.97 6.38 -3.62
CA CYS B 177 32.57 6.40 -3.78
C CYS B 177 32.33 6.34 -5.26
N PRO B 178 31.49 5.51 -5.74
CA PRO B 178 31.14 5.53 -7.14
C PRO B 178 30.38 6.74 -7.54
N PRO B 179 30.27 7.02 -8.79
CA PRO B 179 29.40 8.06 -9.26
C PRO B 179 28.19 7.36 -9.73
N LEU B 180 27.03 7.95 -9.60
CA LEU B 180 25.82 7.16 -9.67
C LEU B 180 24.87 7.50 -10.77
N GLU B 181 24.58 6.58 -11.69
CA GLU B 181 23.74 6.75 -12.87
C GLU B 181 22.47 5.93 -13.12
N LEU B 182 21.35 6.51 -13.54
CA LEU B 182 20.15 5.74 -13.81
C LEU B 182 19.96 5.31 -15.21
N ILE B 183 19.77 4.02 -15.47
CA ILE B 183 19.66 3.44 -16.78
C ILE B 183 18.46 2.60 -17.19
N ASN B 184 17.85 2.90 -18.33
CA ASN B 184 16.81 2.12 -18.96
C ASN B 184 17.22 1.10 -19.89
N THR B 185 16.62 -0.05 -19.77
CA THR B 185 16.89 -1.06 -20.74
C THR B 185 15.68 -1.80 -21.13
N PRO B 186 15.55 -2.18 -22.34
CA PRO B 186 14.54 -3.06 -22.81
C PRO B 186 14.67 -4.39 -22.27
N ILE B 187 13.56 -4.91 -21.91
CA ILE B 187 13.33 -6.12 -21.30
C ILE B 187 13.13 -7.18 -22.34
N GLU B 188 13.64 -8.40 -22.11
CA GLU B 188 13.51 -9.63 -22.87
C GLU B 188 12.79 -10.69 -22.02
N ASP B 189 12.34 -11.76 -22.70
CA ASP B 189 11.79 -12.91 -22.06
C ASP B 189 12.76 -13.56 -21.17
N GLY B 190 12.57 -13.38 -19.88
CA GLY B 190 13.31 -14.03 -18.87
C GLY B 190 14.17 -13.08 -18.16
N ASP B 191 13.97 -11.80 -18.38
CA ASP B 191 14.80 -10.84 -17.71
C ASP B 191 14.70 -10.81 -16.23
N MET B 192 15.79 -10.65 -15.53
CA MET B 192 15.72 -10.66 -14.10
C MET B 192 15.35 -9.39 -13.47
N VAL B 193 14.58 -9.64 -12.48
CA VAL B 193 13.75 -8.71 -11.88
C VAL B 193 14.22 -8.05 -10.70
N ASP B 194 13.45 -7.05 -10.32
CA ASP B 194 13.45 -6.57 -8.99
C ASP B 194 12.72 -7.59 -8.13
N THR B 195 13.09 -7.76 -6.86
CA THR B 195 12.37 -8.65 -5.95
C THR B 195 11.63 -7.84 -4.95
N GLY B 196 11.97 -6.58 -5.03
CA GLY B 196 11.87 -5.66 -3.97
C GLY B 196 13.26 -5.68 -3.50
N TYR B 197 14.13 -4.96 -4.23
CA TYR B 197 15.49 -4.79 -3.87
C TYR B 197 16.35 -3.96 -4.82
N GLY B 198 16.47 -4.23 -6.13
CA GLY B 198 17.38 -3.37 -6.90
C GLY B 198 17.65 -3.72 -8.34
N ALA B 199 17.31 -2.78 -9.21
CA ALA B 199 17.48 -2.88 -10.62
C ALA B 199 18.75 -2.19 -10.85
N MET B 200 19.78 -2.92 -11.22
CA MET B 200 21.10 -2.43 -11.24
C MET B 200 21.93 -3.59 -11.62
N ASP B 201 23.25 -3.40 -11.49
CA ASP B 201 24.15 -4.49 -11.36
C ASP B 201 24.51 -4.41 -9.94
N PHE B 202 24.64 -5.57 -9.39
CA PHE B 202 24.93 -5.97 -8.10
C PHE B 202 26.38 -5.87 -7.87
N LYS B 203 27.10 -6.45 -8.80
CA LYS B 203 28.49 -6.70 -8.72
C LYS B 203 29.18 -5.40 -8.70
N LEU B 204 28.66 -4.54 -9.57
CA LEU B 204 28.88 -3.14 -9.69
C LEU B 204 28.98 -2.54 -8.35
N LEU B 205 28.01 -2.82 -7.52
CA LEU B 205 27.96 -2.27 -6.20
C LEU B 205 28.87 -2.94 -5.26
N GLN B 206 28.76 -4.26 -5.23
CA GLN B 206 29.39 -5.03 -4.22
C GLN B 206 30.58 -5.65 -4.68
N ASP B 207 31.65 -5.08 -4.19
CA ASP B 207 32.94 -5.63 -4.30
C ASP B 207 33.10 -6.68 -3.25
N ASN B 208 32.13 -7.58 -3.11
CA ASN B 208 32.33 -8.60 -2.16
C ASN B 208 31.80 -9.89 -2.61
N LYS B 209 30.74 -9.91 -3.42
CA LYS B 209 30.07 -11.15 -3.71
C LYS B 209 29.80 -11.97 -2.47
N SER B 210 29.24 -11.32 -1.48
CA SER B 210 29.22 -11.88 -0.15
C SER B 210 28.08 -11.27 0.58
N GLU B 211 27.34 -10.41 -0.11
CA GLU B 211 26.41 -9.60 0.59
C GLU B 211 25.11 -9.33 -0.07
N VAL B 212 24.62 -10.24 -0.91
CA VAL B 212 23.25 -10.20 -1.39
C VAL B 212 22.75 -11.63 -1.51
N PRO B 213 21.46 -11.88 -1.69
CA PRO B 213 20.91 -13.21 -1.87
C PRO B 213 21.52 -13.85 -3.02
N LEU B 214 22.08 -15.01 -2.80
CA LEU B 214 22.99 -15.46 -3.76
C LEU B 214 22.56 -15.59 -5.15
N ASP B 215 21.32 -16.02 -5.46
CA ASP B 215 20.90 -16.17 -6.84
C ASP B 215 21.04 -14.85 -7.58
N ILE B 216 20.92 -13.76 -6.87
CA ILE B 216 21.04 -12.53 -7.54
C ILE B 216 22.34 -11.88 -7.31
N CYS B 217 23.18 -12.45 -6.46
CA CYS B 217 24.54 -12.00 -6.22
C CYS B 217 25.27 -11.49 -7.37
N GLN B 218 25.55 -12.36 -8.28
CA GLN B 218 26.27 -11.95 -9.41
C GLN B 218 25.29 -11.82 -10.49
N SER B 219 24.28 -11.01 -10.28
CA SER B 219 23.30 -10.82 -11.29
C SER B 219 23.26 -9.38 -11.57
N ILE B 220 22.25 -8.96 -12.33
CA ILE B 220 21.95 -7.63 -12.76
C ILE B 220 20.47 -7.65 -12.99
N CYS B 221 19.73 -6.61 -12.62
CA CYS B 221 18.32 -6.64 -12.87
C CYS B 221 17.83 -5.32 -13.28
N LYS B 222 16.57 -5.35 -13.65
CA LYS B 222 15.85 -4.20 -14.03
C LYS B 222 14.63 -4.20 -13.25
N TYR B 223 13.97 -3.08 -13.34
CA TYR B 223 12.74 -2.70 -12.81
C TYR B 223 11.90 -2.27 -13.97
N PRO B 224 10.66 -2.52 -14.05
CA PRO B 224 9.83 -2.06 -15.15
C PRO B 224 9.71 -0.62 -15.30
N ASP B 225 10.04 -0.04 -16.45
CA ASP B 225 9.70 1.33 -16.59
C ASP B 225 8.24 1.59 -16.91
N TYR B 226 7.41 1.40 -15.94
CA TYR B 226 6.03 1.64 -16.03
C TYR B 226 5.75 3.05 -16.40
N LEU B 227 6.52 3.96 -15.85
CA LEU B 227 6.36 5.34 -16.10
C LEU B 227 6.62 5.70 -17.45
N GLN B 228 7.55 5.00 -18.00
CA GLN B 228 7.86 5.26 -19.31
C GLN B 228 6.82 4.72 -20.12
N MET B 229 6.50 3.50 -19.84
CA MET B 229 5.63 2.75 -20.66
C MET B 229 4.26 3.27 -20.60
N SER B 230 4.00 4.05 -19.60
CA SER B 230 2.79 4.80 -19.50
C SER B 230 2.97 6.04 -20.31
N ALA B 231 4.17 6.55 -20.34
CA ALA B 231 4.51 7.60 -21.20
C ALA B 231 4.71 7.13 -22.63
N ASP B 232 4.56 5.82 -22.96
CA ASP B 232 4.53 5.25 -24.30
C ASP B 232 3.78 6.14 -25.27
N ALA B 233 4.21 6.16 -26.50
CA ALA B 233 3.61 7.01 -27.43
C ALA B 233 2.28 6.45 -27.85
N TYR B 234 2.05 5.14 -27.74
CA TYR B 234 0.80 4.57 -28.21
C TYR B 234 0.38 3.24 -27.63
N GLY B 235 1.22 2.57 -26.86
CA GLY B 235 0.90 1.35 -26.12
C GLY B 235 1.48 0.09 -26.58
N ASP B 236 2.28 0.16 -27.59
CA ASP B 236 2.84 -1.00 -28.19
C ASP B 236 3.85 -1.63 -27.36
N SER B 237 4.28 -0.86 -26.38
CA SER B 237 4.84 -1.50 -25.26
C SER B 237 3.67 -1.73 -24.35
N MET B 238 2.97 -0.69 -23.90
CA MET B 238 1.90 -0.91 -22.97
C MET B 238 0.56 -0.49 -23.40
N PHE B 239 -0.27 -1.41 -23.80
CA PHE B 239 -1.67 -1.12 -23.95
C PHE B 239 -2.36 -1.15 -22.63
N PHE B 240 -1.88 -2.08 -21.85
CA PHE B 240 -2.42 -2.35 -20.60
C PHE B 240 -1.28 -2.55 -19.69
N CYS B 241 -1.53 -2.29 -18.43
CA CYS B 241 -0.60 -2.54 -17.41
C CYS B 241 -1.29 -2.88 -16.15
N LEU B 242 -0.73 -3.78 -15.39
CA LEU B 242 -1.31 -4.35 -14.23
C LEU B 242 -0.29 -4.63 -13.22
N ARG B 243 -0.56 -4.33 -11.96
CA ARG B 243 0.40 -4.60 -10.93
C ARG B 243 -0.15 -4.94 -9.59
N ARG B 244 0.46 -5.87 -8.88
CA ARG B 244 0.11 -6.09 -7.52
C ARG B 244 1.25 -6.59 -6.75
N GLU B 245 1.66 -5.85 -5.75
CA GLU B 245 2.69 -6.27 -4.89
C GLU B 245 2.46 -6.01 -3.43
N GLN B 246 2.85 -6.92 -2.54
CA GLN B 246 2.80 -6.71 -1.11
C GLN B 246 4.04 -7.22 -0.42
N VAL B 247 4.40 -6.57 0.68
CA VAL B 247 5.65 -6.79 1.36
C VAL B 247 5.62 -6.27 2.75
N PHE B 248 6.47 -6.82 3.59
CA PHE B 248 6.88 -6.26 4.83
C PHE B 248 8.32 -6.67 5.03
N ALA B 249 9.02 -6.04 5.95
CA ALA B 249 10.34 -6.36 6.38
C ALA B 249 10.43 -7.38 7.51
N ARG B 250 10.97 -8.57 7.32
CA ARG B 250 11.08 -9.46 8.45
C ARG B 250 12.15 -9.13 9.53
N HIS B 251 13.46 -9.05 9.26
CA HIS B 251 14.50 -8.89 10.27
C HIS B 251 15.66 -7.93 10.08
N PHE B 252 16.18 -7.30 11.13
CA PHE B 252 17.26 -6.33 11.05
C PHE B 252 18.61 -6.76 11.51
N TRP B 253 19.59 -6.39 10.71
CA TRP B 253 20.96 -6.46 11.07
C TRP B 253 21.48 -5.19 10.64
N ASN B 254 22.73 -5.07 10.85
CA ASN B 254 23.53 -4.08 10.35
C ASN B 254 24.51 -5.00 9.73
N ARG B 255 25.12 -4.64 8.63
CA ARG B 255 26.05 -5.53 8.01
C ARG B 255 27.34 -5.05 8.51
N SER B 256 28.34 -5.90 8.62
CA SER B 256 29.61 -5.50 9.17
C SER B 256 30.32 -4.42 8.36
N GLY B 257 31.05 -4.75 7.30
CA GLY B 257 31.71 -3.80 6.41
C GLY B 257 32.66 -2.80 6.99
N THR B 258 33.14 -1.91 6.13
CA THR B 258 34.01 -0.85 6.51
C THR B 258 33.50 0.36 5.90
N MET B 259 33.36 1.38 6.69
CA MET B 259 32.69 2.53 6.22
C MET B 259 33.47 3.27 5.20
N GLY B 260 32.87 3.51 4.04
CA GLY B 260 33.37 4.29 2.95
C GLY B 260 32.73 5.62 3.01
N ASP B 261 31.71 5.76 3.87
CA ASP B 261 31.06 7.00 4.20
C ASP B 261 31.17 7.27 5.69
N GLN B 262 31.33 8.54 6.14
CA GLN B 262 31.71 8.81 7.52
C GLN B 262 30.88 9.60 8.49
N LEU B 263 31.06 9.13 9.72
CA LEU B 263 30.53 9.49 10.99
C LEU B 263 30.80 10.83 11.61
N PRO B 264 29.84 11.70 11.71
CA PRO B 264 30.02 12.90 12.46
C PRO B 264 29.98 12.55 13.88
N GLU B 265 30.75 13.21 14.72
CA GLU B 265 30.72 12.85 16.11
C GLU B 265 29.61 13.51 16.78
N SER B 266 29.36 14.63 16.15
CA SER B 266 28.54 15.78 16.33
C SER B 266 27.19 15.31 16.10
N LEU B 267 26.89 14.38 16.96
CA LEU B 267 25.95 13.42 16.59
C LEU B 267 25.59 12.72 17.82
N TYR B 268 26.56 12.40 18.63
CA TYR B 268 26.29 11.72 19.85
C TYR B 268 27.19 12.29 20.81
N ILE B 269 26.85 12.14 22.09
CA ILE B 269 27.83 12.34 23.10
C ILE B 269 28.61 11.11 23.06
N LYS B 270 29.88 11.22 23.27
CA LYS B 270 30.77 10.14 23.25
C LYS B 270 30.50 9.29 24.41
N GLY B 271 31.16 8.19 24.39
CA GLY B 271 31.10 7.31 25.50
C GLY B 271 32.49 7.06 25.79
N THR B 272 32.75 5.85 26.22
CA THR B 272 34.09 5.41 26.44
C THR B 272 34.41 4.46 25.39
N ASP B 273 35.69 4.37 25.04
CA ASP B 273 36.20 3.40 24.13
C ASP B 273 35.37 3.09 22.95
N ILE B 274 34.75 1.92 23.03
CA ILE B 274 33.87 1.36 22.08
C ILE B 274 32.73 2.20 21.77
N ARG B 275 32.54 3.23 22.57
CA ARG B 275 31.52 4.21 22.52
C ARG B 275 32.14 5.56 22.52
N ALA B 276 33.42 5.70 22.87
CA ALA B 276 34.12 6.94 22.73
C ALA B 276 34.13 7.24 21.28
N ASN B 277 34.44 6.19 20.51
CA ASN B 277 33.94 6.13 19.18
C ASN B 277 33.06 4.95 19.29
N PRO B 278 31.95 5.00 18.65
CA PRO B 278 31.08 3.87 18.62
C PRO B 278 31.55 2.94 17.53
N GLY B 279 30.66 2.62 16.58
CA GLY B 279 30.90 1.69 15.52
C GLY B 279 29.97 2.00 14.39
N SER B 280 29.56 0.94 13.66
CA SER B 280 28.74 0.91 12.46
C SER B 280 27.48 1.73 12.38
N TYR B 281 27.00 1.87 11.14
CA TYR B 281 25.79 2.52 10.79
C TYR B 281 25.28 1.90 9.55
N LEU B 282 25.83 0.75 9.22
CA LEU B 282 25.46 -0.04 8.09
C LEU B 282 24.22 -0.84 8.34
N TYR B 283 23.10 -0.19 8.45
CA TYR B 283 21.93 -0.88 8.93
C TYR B 283 21.14 -1.48 7.83
N SER B 284 20.87 -2.77 7.98
CA SER B 284 20.29 -3.59 6.96
C SER B 284 19.16 -4.53 7.39
N PRO B 285 17.97 -4.37 6.90
CA PRO B 285 16.86 -5.27 7.14
C PRO B 285 16.69 -6.37 6.10
N SER B 286 15.93 -7.42 6.41
CA SER B 286 15.39 -8.35 5.45
C SER B 286 13.99 -8.06 5.04
N PRO B 287 13.66 -8.04 3.80
CA PRO B 287 12.32 -7.87 3.32
C PRO B 287 11.64 -9.19 3.41
N SER B 288 10.37 -9.21 3.10
CA SER B 288 9.63 -10.42 3.14
C SER B 288 8.29 -10.21 2.48
N GLY B 289 7.85 -11.18 1.69
CA GLY B 289 6.61 -11.12 0.95
C GLY B 289 5.37 -10.74 1.65
N SER B 290 5.01 -11.57 2.64
CA SER B 290 3.78 -11.60 3.42
C SER B 290 3.02 -12.93 3.23
N VAL B 291 1.69 -12.97 3.04
CA VAL B 291 0.94 -14.22 3.07
C VAL B 291 0.11 -14.44 1.89
N VAL B 292 -0.18 -15.68 1.61
CA VAL B 292 -0.97 -16.03 0.50
C VAL B 292 -2.28 -16.57 0.89
N THR B 293 -3.20 -16.35 -0.01
CA THR B 293 -4.45 -16.99 0.02
C THR B 293 -4.83 -17.00 -1.39
N SER B 294 -5.93 -17.65 -1.69
CA SER B 294 -6.45 -17.85 -2.99
C SER B 294 -7.00 -16.63 -3.53
N ASP B 295 -7.14 -15.61 -2.77
CA ASP B 295 -7.73 -14.47 -3.34
C ASP B 295 -7.02 -13.88 -4.53
N SER B 296 -5.77 -13.88 -4.24
CA SER B 296 -4.99 -12.80 -4.64
C SER B 296 -4.34 -12.95 -5.93
N GLN B 297 -4.65 -14.01 -6.64
CA GLN B 297 -4.22 -14.13 -7.98
C GLN B 297 -4.85 -13.14 -8.86
N LEU B 298 -4.06 -12.33 -9.54
CA LEU B 298 -4.67 -11.32 -10.32
C LEU B 298 -5.38 -11.75 -11.48
N PHE B 299 -5.33 -13.01 -11.89
CA PHE B 299 -5.92 -13.35 -13.16
C PHE B 299 -6.54 -14.70 -13.25
N ASN B 300 -6.76 -15.14 -14.51
CA ASN B 300 -7.58 -16.23 -14.91
C ASN B 300 -8.93 -15.65 -14.92
N LYS B 301 -9.05 -14.59 -15.70
CA LYS B 301 -10.16 -13.73 -15.68
C LYS B 301 -10.18 -13.24 -17.06
N PRO B 302 -11.26 -12.91 -17.65
CA PRO B 302 -11.26 -12.52 -19.00
C PRO B 302 -10.81 -11.16 -19.10
N TYR B 303 -10.15 -10.92 -20.18
CA TYR B 303 -9.88 -9.60 -20.43
C TYR B 303 -10.52 -9.36 -21.65
N TRP B 304 -11.55 -8.60 -21.49
CA TRP B 304 -12.08 -7.99 -22.61
C TRP B 304 -11.30 -6.76 -22.65
N LEU B 305 -10.87 -6.37 -23.82
CA LEU B 305 -10.26 -5.11 -23.90
C LEU B 305 -11.41 -4.21 -24.08
N HIS B 306 -11.37 -2.99 -23.59
CA HIS B 306 -12.38 -2.10 -24.10
C HIS B 306 -11.69 -1.04 -24.72
N LYS B 307 -10.58 -0.66 -24.15
CA LYS B 307 -9.88 0.38 -24.76
C LYS B 307 -8.58 0.44 -24.09
N ALA B 308 -7.53 0.37 -24.87
CA ALA B 308 -6.17 0.48 -24.41
C ALA B 308 -5.91 1.80 -23.80
N GLN B 309 -5.04 1.90 -22.81
CA GLN B 309 -4.66 3.19 -22.32
C GLN B 309 -4.02 4.04 -23.39
N GLY B 310 -3.27 3.44 -24.31
CA GLY B 310 -2.60 4.15 -25.39
C GLY B 310 -3.30 4.25 -26.69
N LEU B 311 -2.78 5.11 -27.53
CA LEU B 311 -3.40 5.48 -28.77
C LEU B 311 -3.65 4.40 -29.72
N ASN B 312 -2.67 3.49 -29.81
CA ASN B 312 -2.98 2.28 -30.48
C ASN B 312 -3.84 1.51 -29.54
N ASN B 313 -4.89 0.97 -30.08
CA ASN B 313 -5.73 0.17 -29.32
C ASN B 313 -5.42 -1.22 -29.69
N GLY B 314 -4.25 -1.67 -29.26
CA GLY B 314 -3.84 -3.04 -29.33
C GLY B 314 -3.88 -3.71 -30.65
N ILE B 315 -3.15 -3.15 -31.59
CA ILE B 315 -3.11 -3.67 -32.92
C ILE B 315 -1.75 -4.19 -33.33
N CYS B 316 -1.87 -5.40 -33.82
CA CYS B 316 -0.89 -6.42 -34.03
C CYS B 316 0.04 -6.26 -35.17
N TRP B 317 0.80 -5.20 -35.14
CA TRP B 317 1.82 -5.00 -36.10
C TRP B 317 2.79 -6.04 -36.07
N HIS B 318 3.13 -6.40 -37.27
CA HIS B 318 3.99 -7.47 -37.58
C HIS B 318 3.51 -8.71 -37.05
N ASN B 319 2.23 -8.80 -36.68
CA ASN B 319 1.64 -10.00 -36.15
C ASN B 319 2.45 -10.46 -35.02
N GLN B 320 2.99 -9.48 -34.33
CA GLN B 320 3.91 -9.79 -33.34
C GLN B 320 3.41 -9.18 -32.15
N LEU B 321 3.19 -9.99 -31.14
CA LEU B 321 2.67 -9.55 -29.91
C LEU B 321 3.53 -9.78 -28.76
N PHE B 322 3.53 -8.82 -27.85
CA PHE B 322 4.41 -8.82 -26.74
C PHE B 322 3.69 -8.86 -25.45
N LEU B 323 3.66 -10.04 -24.81
CA LEU B 323 3.09 -10.20 -23.49
C LEU B 323 3.97 -10.28 -22.30
N THR B 324 3.79 -9.32 -21.39
CA THR B 324 4.54 -9.19 -20.18
C THR B 324 3.88 -9.69 -18.98
N VAL B 325 4.52 -10.58 -18.22
CA VAL B 325 3.97 -10.96 -16.93
C VAL B 325 4.94 -11.32 -15.80
N VAL B 326 4.49 -11.11 -14.55
CA VAL B 326 5.09 -11.38 -13.27
C VAL B 326 4.16 -12.04 -12.30
N ASP B 327 4.64 -13.08 -11.58
CA ASP B 327 3.98 -13.83 -10.54
C ASP B 327 4.86 -14.34 -9.41
N THR B 328 4.63 -13.92 -8.21
CA THR B 328 5.23 -14.68 -7.15
C THR B 328 4.53 -16.00 -6.83
N THR B 329 3.20 -16.02 -6.72
CA THR B 329 2.39 -17.11 -6.17
C THR B 329 2.83 -18.52 -6.21
N ARG B 330 3.34 -18.95 -7.32
CA ARG B 330 3.73 -20.32 -7.37
C ARG B 330 4.98 -20.56 -6.65
N SER B 331 5.84 -19.58 -6.66
CA SER B 331 7.18 -19.62 -6.20
C SER B 331 7.81 -20.85 -5.55
N THR B 332 8.22 -21.89 -6.31
CA THR B 332 9.10 -22.84 -5.64
C THR B 332 9.88 -23.78 -6.48
N ASN B 333 10.90 -24.29 -5.84
CA ASN B 333 11.83 -25.21 -6.36
C ASN B 333 11.76 -26.47 -5.59
N LEU B 334 12.10 -27.51 -6.30
CA LEU B 334 12.01 -28.89 -5.93
C LEU B 334 13.34 -29.48 -5.50
N SER B 335 13.39 -30.31 -4.44
CA SER B 335 14.61 -30.95 -3.95
C SER B 335 14.75 -32.41 -4.23
N VAL B 336 15.73 -32.80 -4.99
CA VAL B 336 15.89 -34.20 -5.21
C VAL B 336 16.90 -34.66 -4.27
N CYS B 337 16.53 -35.73 -3.59
CA CYS B 337 17.42 -36.37 -2.69
C CYS B 337 17.53 -37.60 -3.49
N ALA B 338 18.77 -37.84 -3.89
CA ALA B 338 19.18 -38.95 -4.65
C ALA B 338 20.12 -39.66 -3.72
N SER B 339 19.99 -40.95 -3.45
CA SER B 339 20.98 -41.52 -2.60
C SER B 339 22.17 -41.73 -3.41
N THR B 340 23.30 -41.51 -2.83
CA THR B 340 24.56 -41.68 -3.47
C THR B 340 24.88 -43.11 -3.58
N THR B 341 24.17 -43.86 -2.80
CA THR B 341 24.23 -45.25 -2.72
C THR B 341 23.17 -45.80 -3.57
N SER B 342 23.37 -46.92 -4.22
CA SER B 342 22.34 -47.50 -5.03
C SER B 342 21.43 -48.21 -4.15
N SER B 343 22.04 -49.02 -3.29
CA SER B 343 21.42 -49.49 -2.09
C SER B 343 21.10 -48.31 -1.29
N ILE B 344 20.20 -48.48 -0.38
CA ILE B 344 19.82 -47.42 0.43
C ILE B 344 20.23 -47.90 1.73
N PRO B 345 21.08 -47.22 2.46
CA PRO B 345 21.55 -47.71 3.71
C PRO B 345 20.43 -47.61 4.62
N ASN B 346 20.48 -48.41 5.63
CA ASN B 346 19.33 -48.50 6.45
C ASN B 346 19.71 -47.96 7.75
N VAL B 347 20.85 -47.34 7.71
CA VAL B 347 21.30 -46.42 8.68
C VAL B 347 21.54 -45.28 7.81
N TYR B 348 20.96 -44.17 8.16
CA TYR B 348 21.16 -42.98 7.45
C TYR B 348 22.58 -42.49 7.55
N THR B 349 23.10 -41.93 6.46
CA THR B 349 24.21 -41.04 6.57
C THR B 349 23.97 -40.02 5.54
N PRO B 350 24.25 -38.80 5.72
CA PRO B 350 23.94 -37.77 4.77
C PRO B 350 24.70 -37.94 3.54
N THR B 351 25.83 -38.54 3.69
CA THR B 351 26.72 -38.88 2.65
C THR B 351 26.06 -39.76 1.68
N SER B 352 25.17 -40.59 2.17
CA SER B 352 24.44 -41.45 1.34
C SER B 352 23.50 -40.76 0.45
N PHE B 353 23.31 -39.45 0.60
CA PHE B 353 22.31 -38.72 -0.11
C PHE B 353 22.78 -37.47 -0.73
N LYS B 354 22.58 -37.36 -2.03
CA LYS B 354 22.77 -36.20 -2.85
C LYS B 354 21.60 -35.32 -3.06
N GLU B 355 21.78 -34.06 -2.79
CA GLU B 355 20.74 -33.10 -2.78
C GLU B 355 20.71 -32.29 -4.02
N TYR B 356 19.54 -32.06 -4.59
CA TYR B 356 19.45 -31.39 -5.85
C TYR B 356 18.44 -30.30 -5.88
N ALA B 357 18.65 -29.19 -6.63
CA ALA B 357 17.75 -28.05 -6.76
C ALA B 357 17.16 -27.73 -8.14
N ARG B 358 15.87 -27.87 -8.31
CA ARG B 358 15.25 -27.86 -9.58
C ARG B 358 14.09 -26.93 -9.59
N HIS B 359 13.85 -26.27 -10.69
CA HIS B 359 12.87 -25.27 -10.90
C HIS B 359 11.87 -25.62 -11.98
N VAL B 360 10.61 -25.17 -11.94
CA VAL B 360 9.57 -25.65 -12.86
C VAL B 360 8.61 -24.63 -13.34
N GLU B 361 8.17 -24.67 -14.61
CA GLU B 361 7.05 -23.90 -15.13
C GLU B 361 6.13 -24.54 -16.17
N GLU B 362 4.79 -24.34 -16.07
CA GLU B 362 3.64 -24.71 -16.89
C GLU B 362 2.89 -23.43 -17.33
N PHE B 363 2.43 -23.23 -18.58
CA PHE B 363 1.69 -22.02 -18.97
C PHE B 363 0.62 -21.94 -20.10
N ASP B 364 -0.45 -21.10 -20.01
CA ASP B 364 -1.53 -20.91 -21.00
C ASP B 364 -2.04 -19.55 -21.51
N LEU B 365 -1.87 -19.29 -22.78
CA LEU B 365 -2.47 -18.11 -23.38
C LEU B 365 -3.88 -18.34 -23.93
N GLN B 366 -4.93 -17.48 -23.77
CA GLN B 366 -6.20 -17.67 -24.48
C GLN B 366 -6.68 -16.39 -25.09
N PHE B 367 -7.28 -16.42 -26.28
CA PHE B 367 -7.54 -15.26 -27.08
C PHE B 367 -8.81 -15.25 -27.72
N ILE B 368 -9.21 -14.03 -28.03
CA ILE B 368 -10.28 -13.66 -28.88
C ILE B 368 -9.82 -12.66 -29.89
N PHE B 369 -9.76 -12.89 -31.19
CA PHE B 369 -9.38 -11.75 -32.04
C PHE B 369 -10.52 -11.26 -32.79
N GLN B 370 -10.40 -9.97 -33.07
CA GLN B 370 -11.06 -9.40 -34.16
C GLN B 370 -10.10 -8.58 -34.90
N LEU B 371 -9.80 -9.05 -36.06
CA LEU B 371 -9.04 -8.48 -37.08
C LEU B 371 -9.63 -7.21 -37.56
N CYS B 372 -8.83 -6.25 -37.98
CA CYS B 372 -9.36 -5.02 -38.48
C CYS B 372 -8.73 -4.67 -39.76
N LYS B 373 -9.49 -3.91 -40.51
CA LYS B 373 -9.15 -3.65 -41.89
C LYS B 373 -8.78 -2.24 -41.90
N ILE B 374 -7.76 -1.84 -42.60
CA ILE B 374 -7.54 -0.44 -42.69
C ILE B 374 -7.33 -0.10 -44.07
N THR B 375 -8.24 0.68 -44.60
CA THR B 375 -8.06 1.14 -45.93
C THR B 375 -7.09 2.25 -45.95
N LEU B 376 -6.04 1.92 -46.63
CA LEU B 376 -4.89 2.65 -46.86
C LEU B 376 -5.26 3.90 -47.60
N THR B 377 -4.87 5.04 -47.10
CA THR B 377 -4.99 6.24 -47.86
C THR B 377 -3.79 6.93 -47.49
N THR B 378 -3.31 7.57 -48.45
CA THR B 378 -1.93 7.80 -48.62
C THR B 378 -1.21 8.52 -47.63
N GLU B 379 -1.82 9.47 -47.08
CA GLU B 379 -1.26 10.24 -46.06
C GLU B 379 -1.27 9.50 -44.81
N VAL B 380 -2.24 8.66 -44.71
CA VAL B 380 -2.39 7.78 -43.65
C VAL B 380 -1.36 6.85 -43.77
N MET B 381 -1.14 6.36 -44.94
CA MET B 381 -0.14 5.43 -45.19
C MET B 381 1.14 6.02 -44.91
N SER B 382 1.30 7.29 -45.14
CA SER B 382 2.55 7.83 -44.83
C SER B 382 2.70 8.00 -43.42
N TYR B 383 1.63 8.02 -42.75
CA TYR B 383 1.68 8.30 -41.41
C TYR B 383 1.94 7.04 -40.78
N ILE B 384 1.35 6.06 -41.30
CA ILE B 384 1.64 4.76 -40.91
C ILE B 384 3.02 4.43 -41.23
N HIS B 385 3.50 4.88 -42.35
CA HIS B 385 4.83 4.65 -42.71
C HIS B 385 5.73 5.31 -41.77
N ASN B 386 5.28 6.46 -41.38
CA ASN B 386 6.03 7.22 -40.49
C ASN B 386 5.95 6.70 -39.16
N MET B 387 5.05 5.79 -38.94
CA MET B 387 5.13 5.12 -37.73
C MET B 387 6.03 3.97 -37.99
N ASN B 388 5.64 3.13 -38.88
CA ASN B 388 6.49 2.13 -39.31
C ASN B 388 5.94 1.68 -40.58
N THR B 389 6.72 1.98 -41.53
CA THR B 389 6.66 1.51 -42.85
C THR B 389 6.76 0.07 -42.99
N THR B 390 7.37 -0.57 -42.01
CA THR B 390 7.77 -1.88 -42.32
C THR B 390 6.68 -2.72 -42.42
N ILE B 391 5.72 -2.44 -41.62
CA ILE B 391 4.44 -3.01 -41.74
C ILE B 391 3.89 -2.95 -43.09
N LEU B 392 4.03 -1.81 -43.69
CA LEU B 392 3.42 -1.63 -44.92
C LEU B 392 4.03 -2.43 -45.95
N GLU B 393 5.32 -2.56 -45.89
CA GLU B 393 6.06 -3.44 -46.72
C GLU B 393 5.67 -4.78 -46.44
N ASP B 394 5.45 -5.01 -45.17
CA ASP B 394 5.16 -6.30 -44.71
C ASP B 394 3.73 -6.61 -44.94
N TRP B 395 3.02 -5.68 -45.51
CA TRP B 395 1.73 -5.95 -46.05
C TRP B 395 1.80 -6.01 -47.49
N ASN B 396 2.98 -5.58 -47.89
CA ASN B 396 3.27 -4.96 -49.08
C ASN B 396 2.12 -4.22 -49.64
N PHE B 397 1.95 -3.12 -48.96
CA PHE B 397 1.15 -2.02 -49.28
C PHE B 397 1.48 -1.60 -50.68
N GLY B 398 2.75 -1.79 -51.05
CA GLY B 398 3.31 -1.42 -52.29
C GLY B 398 3.18 0.05 -52.53
N VAL B 399 3.38 0.49 -53.76
CA VAL B 399 3.70 -0.31 -54.93
C VAL B 399 5.17 -0.54 -55.10
N THR B 400 5.53 -1.41 -56.07
CA THR B 400 6.88 -1.78 -56.46
C THR B 400 7.69 -0.61 -56.91
N PRO B 401 8.77 -0.26 -56.30
CA PRO B 401 9.56 0.80 -56.86
C PRO B 401 10.40 0.34 -58.02
N PRO B 402 11.29 -0.62 -58.01
CA PRO B 402 12.10 -0.89 -59.17
C PRO B 402 11.33 -1.51 -60.29
N PRO B 403 11.86 -1.40 -61.48
CA PRO B 403 11.31 -2.18 -62.57
C PRO B 403 12.56 -2.71 -63.20
N THR B 404 13.69 -2.61 -62.49
CA THR B 404 15.04 -2.87 -62.93
C THR B 404 15.35 -4.27 -63.34
N ALA B 405 16.22 -4.50 -64.37
CA ALA B 405 16.53 -5.84 -64.88
C ALA B 405 17.88 -6.09 -65.63
N SER B 406 18.15 -7.40 -65.98
CA SER B 406 19.32 -8.00 -66.64
C SER B 406 19.75 -7.51 -68.02
N LEU B 407 21.02 -7.53 -68.43
CA LEU B 407 22.25 -7.90 -67.77
C LEU B 407 22.60 -9.34 -67.80
N VAL B 408 22.83 -9.78 -69.03
CA VAL B 408 23.54 -10.98 -69.35
C VAL B 408 23.37 -12.20 -68.47
N ASP B 409 24.53 -12.82 -68.15
CA ASP B 409 24.74 -13.84 -67.19
C ASP B 409 24.26 -15.23 -67.49
N THR B 410 25.21 -16.23 -67.51
CA THR B 410 25.04 -17.67 -67.67
C THR B 410 26.24 -18.41 -68.15
N TYR B 411 26.80 -19.37 -67.38
CA TYR B 411 27.83 -20.26 -67.90
C TYR B 411 28.54 -21.19 -66.96
N ARG B 412 28.30 -21.21 -65.65
CA ARG B 412 29.20 -21.97 -64.77
C ARG B 412 28.81 -23.39 -64.64
N PHE B 413 27.75 -23.67 -65.38
CA PHE B 413 27.07 -24.89 -65.55
C PHE B 413 27.99 -26.06 -65.43
N VAL B 414 28.71 -26.39 -66.47
CA VAL B 414 29.70 -27.37 -66.35
C VAL B 414 30.85 -26.67 -65.75
N GLN B 415 31.76 -27.44 -65.21
CA GLN B 415 33.00 -27.07 -64.65
C GLN B 415 32.98 -25.96 -63.67
N SER B 416 34.18 -25.51 -63.46
CA SER B 416 34.64 -24.58 -62.54
C SER B 416 36.08 -24.51 -62.87
N ALA B 417 36.86 -25.60 -63.10
CA ALA B 417 38.27 -25.35 -63.45
C ALA B 417 38.40 -24.58 -64.72
N ALA B 418 37.63 -25.06 -65.66
CA ALA B 418 37.31 -24.19 -66.71
C ALA B 418 36.12 -23.51 -66.08
N VAL B 419 36.08 -22.26 -65.71
CA VAL B 419 36.99 -21.17 -65.80
C VAL B 419 36.44 -20.40 -64.68
N THR B 420 36.30 -19.10 -64.65
CA THR B 420 35.81 -18.55 -63.40
C THR B 420 34.38 -18.83 -62.98
N CYS B 421 34.14 -18.94 -61.67
CA CYS B 421 32.89 -19.03 -60.96
C CYS B 421 32.81 -17.82 -60.15
N GLN B 422 31.63 -17.59 -59.60
CA GLN B 422 31.48 -16.72 -58.48
C GLN B 422 30.07 -16.47 -58.14
N LYS B 423 29.84 -15.41 -57.37
CA LYS B 423 28.61 -14.79 -56.99
C LYS B 423 27.80 -15.61 -56.07
N ASP B 424 27.73 -15.17 -54.82
CA ASP B 424 27.23 -16.03 -53.81
C ASP B 424 26.34 -15.35 -52.81
N THR B 425 25.23 -16.04 -52.46
CA THR B 425 24.19 -15.74 -51.46
C THR B 425 23.63 -14.34 -51.34
N ALA B 426 22.82 -14.08 -50.29
CA ALA B 426 22.12 -12.85 -50.03
C ALA B 426 21.48 -12.84 -48.63
N PRO B 427 21.96 -12.08 -47.67
CA PRO B 427 21.39 -12.04 -46.33
C PRO B 427 20.06 -11.32 -46.24
N PRO B 428 19.31 -11.36 -45.13
CA PRO B 428 18.03 -10.66 -45.12
C PRO B 428 17.62 -10.09 -43.77
N VAL B 429 18.41 -10.18 -42.70
CA VAL B 429 18.07 -9.65 -41.41
C VAL B 429 18.69 -8.29 -41.33
N LYS B 430 18.05 -7.17 -40.99
CA LYS B 430 16.70 -6.89 -40.59
C LYS B 430 16.10 -7.80 -39.56
N GLN B 431 14.78 -7.92 -39.57
CA GLN B 431 14.00 -8.68 -38.65
C GLN B 431 14.11 -8.10 -37.28
N ASP B 432 13.69 -6.83 -37.09
CA ASP B 432 13.81 -6.10 -35.84
C ASP B 432 15.12 -6.35 -35.12
N PRO B 433 15.19 -6.35 -33.84
CA PRO B 433 16.46 -6.75 -33.29
C PRO B 433 16.26 -7.46 -32.04
N TYR B 434 15.05 -7.66 -31.59
CA TYR B 434 14.81 -8.44 -30.40
C TYR B 434 14.61 -9.83 -30.78
N ASP B 435 14.71 -9.92 -32.07
CA ASP B 435 15.09 -11.01 -32.83
C ASP B 435 16.46 -11.47 -32.39
N LYS B 436 17.28 -10.60 -31.82
CA LYS B 436 18.61 -10.94 -31.43
C LYS B 436 18.58 -11.31 -29.98
N LEU B 437 17.39 -11.32 -29.38
CA LEU B 437 17.22 -11.32 -27.96
C LEU B 437 16.19 -12.38 -27.51
N LYS B 438 16.16 -12.82 -26.24
CA LYS B 438 15.34 -13.86 -25.65
C LYS B 438 13.91 -13.60 -25.70
N PHE B 439 13.19 -14.50 -26.33
CA PHE B 439 11.79 -14.45 -26.24
C PHE B 439 11.31 -15.70 -25.82
N TRP B 440 10.08 -15.69 -25.37
CA TRP B 440 9.43 -16.89 -25.26
C TRP B 440 8.81 -17.02 -26.60
N PRO B 441 9.20 -17.93 -27.41
CA PRO B 441 8.70 -17.99 -28.74
C PRO B 441 7.29 -18.40 -28.72
N VAL B 442 6.38 -17.62 -29.29
CA VAL B 442 5.01 -18.07 -29.35
C VAL B 442 4.19 -17.96 -30.60
N ASP B 443 4.07 -19.00 -31.43
CA ASP B 443 3.12 -19.00 -32.54
C ASP B 443 1.78 -19.50 -32.20
N LEU B 444 0.79 -18.67 -32.46
CA LEU B 444 -0.55 -19.07 -32.35
C LEU B 444 -1.26 -19.35 -33.63
N LYS B 445 -0.67 -19.24 -34.82
CA LYS B 445 -1.42 -19.36 -36.04
C LYS B 445 -2.39 -20.50 -36.13
N GLU B 446 -1.94 -21.66 -35.83
CA GLU B 446 -2.77 -22.81 -35.75
C GLU B 446 -3.85 -22.70 -34.71
N ARG B 447 -3.62 -22.01 -33.61
CA ARG B 447 -4.66 -21.84 -32.64
C ARG B 447 -5.73 -20.98 -33.07
N PHE B 448 -5.54 -20.31 -34.20
CA PHE B 448 -6.58 -19.50 -34.71
C PHE B 448 -7.65 -20.43 -35.05
N SER B 449 -8.68 -20.24 -34.32
CA SER B 449 -9.85 -20.95 -34.30
C SER B 449 -10.74 -19.86 -34.52
N ALA B 450 -11.73 -19.95 -35.36
CA ALA B 450 -12.62 -18.84 -35.35
C ALA B 450 -13.44 -18.79 -34.07
N ASP B 451 -14.10 -19.91 -33.73
CA ASP B 451 -15.02 -20.01 -32.63
C ASP B 451 -14.42 -20.30 -31.26
N LEU B 452 -15.36 -20.40 -30.29
CA LEU B 452 -15.12 -19.94 -28.95
C LEU B 452 -15.42 -20.80 -27.77
N ASP B 453 -16.26 -21.68 -28.10
CA ASP B 453 -17.16 -22.22 -27.15
C ASP B 453 -16.57 -23.30 -26.41
N GLN B 454 -15.35 -23.52 -26.78
CA GLN B 454 -14.42 -24.47 -26.38
C GLN B 454 -13.48 -23.72 -25.57
N PHE B 455 -13.66 -22.44 -25.61
CA PHE B 455 -12.65 -21.63 -25.20
C PHE B 455 -13.35 -21.05 -24.12
N PRO B 456 -12.86 -21.20 -22.96
CA PRO B 456 -13.53 -20.72 -21.84
C PRO B 456 -13.88 -19.32 -21.98
N LEU B 457 -12.90 -18.55 -22.27
CA LEU B 457 -13.04 -17.18 -22.50
C LEU B 457 -13.87 -16.96 -23.65
N GLY B 458 -13.80 -17.80 -24.65
CA GLY B 458 -14.65 -17.60 -25.78
C GLY B 458 -16.06 -17.67 -25.40
N ARG B 459 -16.36 -18.65 -24.61
CA ARG B 459 -17.68 -18.72 -24.14
C ARG B 459 -18.01 -17.52 -23.37
N LYS B 460 -17.12 -17.16 -22.49
CA LYS B 460 -17.25 -16.03 -21.69
C LYS B 460 -17.45 -14.82 -22.42
N PHE B 461 -16.87 -14.76 -23.55
CA PHE B 461 -16.80 -13.58 -24.24
C PHE B 461 -18.14 -13.31 -24.73
N LEU B 462 -18.73 -14.34 -25.21
CA LEU B 462 -20.05 -14.24 -25.64
C LEU B 462 -20.91 -13.89 -24.57
N LEU B 463 -20.61 -14.49 -23.48
CA LEU B 463 -21.35 -14.27 -22.32
C LEU B 463 -21.24 -12.91 -21.88
N GLN B 464 -20.06 -12.37 -22.00
CA GLN B 464 -19.86 -11.03 -21.68
C GLN B 464 -20.65 -10.18 -22.58
N LEU B 465 -20.94 -10.64 -23.79
CA LEU B 465 -21.84 -9.89 -24.55
C LEU B 465 -23.22 -9.94 -23.92
N SER C 9 -14.88 -34.06 -40.60
CA SER C 9 -15.08 -32.61 -40.83
C SER C 9 -15.09 -31.82 -39.57
N VAL C 10 -16.19 -31.13 -39.22
CA VAL C 10 -16.25 -30.24 -38.08
C VAL C 10 -17.48 -30.59 -37.28
N ALA C 11 -17.66 -30.02 -36.09
CA ALA C 11 -18.77 -30.25 -35.22
C ALA C 11 -18.27 -29.84 -33.90
N LYS C 12 -19.18 -29.68 -32.95
CA LYS C 12 -18.88 -29.34 -31.60
C LYS C 12 -19.99 -29.96 -30.88
N VAL C 13 -19.85 -30.14 -29.59
CA VAL C 13 -20.85 -30.85 -28.88
C VAL C 13 -22.20 -30.20 -28.83
N VAL C 14 -22.28 -28.91 -28.50
CA VAL C 14 -23.50 -28.13 -28.39
C VAL C 14 -24.18 -28.33 -27.08
N SER C 15 -24.77 -27.28 -26.50
CA SER C 15 -25.58 -27.29 -25.30
C SER C 15 -26.37 -28.50 -25.22
N THR C 16 -26.12 -29.25 -24.19
CA THR C 16 -26.76 -30.52 -24.17
C THR C 16 -28.15 -30.43 -23.86
N ASP C 17 -28.29 -29.34 -23.23
CA ASP C 17 -29.32 -28.60 -22.73
C ASP C 17 -30.17 -28.24 -23.88
N GLU C 18 -29.64 -28.34 -25.09
CA GLU C 18 -30.54 -28.27 -26.16
C GLU C 18 -31.35 -29.48 -26.21
N TYR C 19 -30.67 -30.56 -26.26
CA TYR C 19 -31.24 -31.82 -26.57
C TYR C 19 -32.13 -32.24 -25.49
N VAL C 20 -31.63 -32.01 -24.31
CA VAL C 20 -32.37 -32.31 -23.18
C VAL C 20 -33.49 -31.40 -23.05
N THR C 21 -34.57 -32.04 -22.75
CA THR C 21 -35.81 -31.48 -22.42
C THR C 21 -35.72 -31.19 -20.98
N ARG C 22 -35.85 -29.92 -20.70
CA ARG C 22 -35.88 -29.47 -19.37
C ARG C 22 -37.27 -29.69 -18.91
N THR C 23 -37.50 -29.86 -17.64
CA THR C 23 -38.79 -30.17 -17.14
C THR C 23 -39.09 -29.27 -16.05
N SER C 24 -40.14 -29.56 -15.35
CA SER C 24 -40.47 -28.98 -14.10
C SER C 24 -40.25 -29.96 -12.96
N ILE C 25 -39.64 -31.10 -13.19
CA ILE C 25 -39.80 -32.16 -12.24
C ILE C 25 -38.86 -32.13 -11.17
N PHE C 26 -39.18 -32.11 -9.91
CA PHE C 26 -38.09 -32.00 -8.98
C PHE C 26 -38.07 -32.90 -7.86
N TYR C 27 -36.86 -33.12 -7.44
CA TYR C 27 -36.48 -34.01 -6.44
C TYR C 27 -35.56 -33.29 -5.61
N HIS C 28 -35.47 -33.73 -4.42
CA HIS C 28 -34.48 -33.48 -3.50
C HIS C 28 -33.95 -34.81 -3.31
N ALA C 29 -32.69 -34.86 -3.09
CA ALA C 29 -32.22 -36.06 -2.53
C ALA C 29 -31.12 -35.60 -1.69
N GLY C 30 -30.78 -36.30 -0.60
CA GLY C 30 -29.60 -35.87 0.14
C GLY C 30 -29.23 -36.82 1.24
N SER C 31 -27.96 -37.22 1.29
CA SER C 31 -27.38 -37.96 2.37
C SER C 31 -26.82 -37.24 3.48
N SER C 32 -27.51 -37.34 4.58
CA SER C 32 -27.09 -36.72 5.79
C SER C 32 -25.72 -36.86 6.36
N ARG C 33 -25.05 -37.99 6.27
CA ARG C 33 -23.84 -38.02 7.03
C ARG C 33 -22.85 -39.04 6.76
N LEU C 34 -21.62 -38.62 6.73
CA LEU C 34 -20.57 -39.58 6.80
C LEU C 34 -19.81 -39.29 8.01
N LEU C 35 -19.45 -40.33 8.78
CA LEU C 35 -18.26 -40.22 9.57
C LEU C 35 -17.62 -41.52 9.75
N THR C 36 -16.32 -41.49 9.76
CA THR C 36 -15.47 -42.63 9.93
C THR C 36 -14.16 -42.20 10.46
N VAL C 37 -13.48 -43.09 11.18
CA VAL C 37 -12.30 -42.79 11.95
C VAL C 37 -11.18 -43.75 11.69
N GLY C 38 -9.91 -43.29 11.79
CA GLY C 38 -8.84 -44.25 11.77
C GLY C 38 -7.51 -43.61 11.83
N HIS C 39 -6.47 -44.37 11.58
CA HIS C 39 -5.20 -43.89 12.03
C HIS C 39 -4.52 -42.93 11.15
N PRO C 40 -4.11 -41.84 11.57
CA PRO C 40 -3.59 -40.88 10.68
C PRO C 40 -2.32 -41.15 10.07
N TYR C 41 -1.58 -42.17 10.40
CA TYR C 41 -0.34 -42.32 9.71
C TYR C 41 -0.23 -43.58 9.06
N PHE C 42 -1.10 -44.48 9.31
CA PHE C 42 -1.03 -45.71 8.63
C PHE C 42 -2.29 -46.28 8.99
N LYS C 43 -2.57 -47.45 8.53
CA LYS C 43 -3.65 -48.15 9.10
C LYS C 43 -2.98 -48.86 10.18
N VAL C 44 -3.65 -49.07 11.27
CA VAL C 44 -3.07 -49.90 12.24
C VAL C 44 -3.69 -51.18 11.96
N PRO C 45 -3.03 -52.16 11.48
CA PRO C 45 -3.69 -53.39 11.23
C PRO C 45 -3.74 -54.04 12.56
N LYS C 46 -4.74 -54.83 12.78
CA LYS C 46 -4.84 -55.43 14.05
C LYS C 46 -4.96 -56.88 13.92
N GLY C 47 -4.80 -57.40 12.71
CA GLY C 47 -4.90 -58.83 12.48
C GLY C 47 -6.13 -58.95 11.71
N GLY C 48 -5.97 -58.64 10.43
CA GLY C 48 -7.05 -58.63 9.51
C GLY C 48 -7.43 -59.97 9.01
N ASN C 49 -8.47 -60.05 8.17
CA ASN C 49 -9.36 -58.96 7.92
C ASN C 49 -10.39 -58.88 9.02
N GLY C 50 -11.60 -58.39 8.78
CA GLY C 50 -12.58 -58.13 9.83
C GLY C 50 -12.93 -56.67 10.03
N ARG C 51 -12.28 -55.66 9.48
CA ARG C 51 -11.12 -55.53 8.68
C ARG C 51 -9.99 -55.66 9.58
N GLN C 52 -10.32 -55.33 10.81
CA GLN C 52 -9.66 -55.75 11.97
C GLN C 52 -8.32 -55.23 11.97
N ASP C 53 -8.45 -53.97 11.87
CA ASP C 53 -7.49 -53.04 11.61
C ASP C 53 -8.21 -51.84 11.97
N VAL C 54 -7.42 -50.83 12.02
CA VAL C 54 -7.78 -49.51 12.21
C VAL C 54 -7.33 -49.09 10.90
N PRO C 55 -8.09 -48.50 10.09
CA PRO C 55 -7.60 -48.10 8.82
C PRO C 55 -6.72 -46.94 9.03
N LYS C 56 -6.32 -46.30 7.98
CA LYS C 56 -5.59 -45.12 8.11
C LYS C 56 -6.55 -44.01 7.87
N VAL C 57 -6.64 -43.00 8.70
CA VAL C 57 -7.51 -41.90 8.40
C VAL C 57 -6.81 -40.73 8.88
N SER C 58 -6.80 -39.68 8.08
CA SER C 58 -6.27 -38.39 8.40
C SER C 58 -6.67 -37.58 7.23
N ALA C 59 -7.67 -36.73 7.41
CA ALA C 59 -8.39 -36.03 6.40
C ALA C 59 -7.72 -35.21 5.35
N TYR C 60 -6.85 -35.79 4.57
CA TYR C 60 -6.17 -35.07 3.55
C TYR C 60 -6.35 -35.99 2.42
N GLN C 61 -7.61 -36.33 2.21
CA GLN C 61 -7.92 -37.35 1.29
C GLN C 61 -8.99 -36.71 0.48
N TYR C 62 -8.90 -36.90 -0.82
CA TYR C 62 -9.75 -36.40 -1.84
C TYR C 62 -11.08 -37.02 -1.62
N ARG C 63 -12.16 -36.27 -1.61
CA ARG C 63 -13.41 -36.88 -1.33
C ARG C 63 -14.31 -36.97 -2.47
N VAL C 64 -14.44 -38.21 -2.93
CA VAL C 64 -15.05 -38.54 -4.17
C VAL C 64 -16.28 -39.41 -4.19
N PHE C 65 -17.37 -38.75 -4.48
CA PHE C 65 -18.67 -39.31 -4.45
C PHE C 65 -19.11 -39.88 -5.72
N ARG C 66 -19.33 -41.17 -5.69
CA ARG C 66 -19.96 -41.82 -6.77
C ARG C 66 -21.43 -41.78 -6.64
N VAL C 67 -22.07 -40.94 -7.41
CA VAL C 67 -23.41 -40.66 -7.11
C VAL C 67 -24.36 -41.40 -7.93
N LYS C 68 -24.98 -42.35 -7.29
CA LYS C 68 -25.95 -43.18 -7.84
C LYS C 68 -27.38 -42.75 -7.70
N LEU C 69 -28.12 -42.76 -8.80
CA LEU C 69 -29.56 -42.50 -8.87
C LEU C 69 -30.20 -43.70 -9.37
N PRO C 70 -31.43 -43.96 -9.27
CA PRO C 70 -31.96 -45.17 -9.82
C PRO C 70 -32.37 -44.85 -11.19
N ASP C 71 -33.12 -45.69 -11.86
CA ASP C 71 -33.51 -45.40 -13.18
C ASP C 71 -34.38 -44.21 -13.25
N PRO C 72 -34.23 -43.31 -14.16
CA PRO C 72 -35.16 -42.25 -14.27
C PRO C 72 -36.02 -42.72 -15.34
N ASN C 73 -35.54 -43.56 -16.21
CA ASN C 73 -36.28 -44.15 -17.26
C ASN C 73 -37.24 -45.12 -16.72
N LYS C 74 -37.07 -45.39 -15.46
CA LYS C 74 -37.97 -46.08 -14.67
C LYS C 74 -37.68 -45.54 -13.39
N PHE C 75 -37.98 -44.26 -13.34
CA PHE C 75 -38.15 -43.57 -12.13
C PHE C 75 -39.35 -44.22 -11.55
N GLY C 76 -39.42 -44.35 -10.24
CA GLY C 76 -40.67 -44.82 -9.70
C GLY C 76 -41.64 -43.71 -9.87
N LEU C 77 -42.80 -43.98 -10.42
CA LEU C 77 -43.80 -42.96 -10.60
C LEU C 77 -43.43 -41.60 -11.03
N PRO C 78 -43.17 -41.52 -12.28
CA PRO C 78 -43.20 -40.25 -12.95
C PRO C 78 -44.63 -39.85 -13.05
N ASP C 79 -44.88 -38.90 -13.92
CA ASP C 79 -46.19 -38.46 -14.10
C ASP C 79 -46.48 -38.75 -15.48
N ASN C 80 -47.69 -38.47 -15.88
CA ASN C 80 -48.24 -39.20 -17.01
C ASN C 80 -47.87 -38.60 -18.31
N THR C 81 -47.13 -37.55 -18.08
CA THR C 81 -46.22 -36.90 -18.92
C THR C 81 -45.18 -37.85 -19.35
N VAL C 82 -44.88 -38.84 -18.49
CA VAL C 82 -43.96 -39.91 -18.66
C VAL C 82 -43.77 -40.27 -20.06
N TYR C 83 -42.53 -40.25 -20.43
CA TYR C 83 -42.22 -40.40 -21.77
C TYR C 83 -42.81 -41.51 -22.57
N ASP C 84 -42.51 -41.28 -23.81
CA ASP C 84 -42.44 -42.23 -24.79
C ASP C 84 -41.06 -42.70 -24.51
N PRO C 85 -40.88 -43.85 -24.05
CA PRO C 85 -39.59 -44.33 -23.77
C PRO C 85 -38.93 -44.76 -24.99
N ASN C 86 -38.99 -44.01 -26.05
CA ASN C 86 -38.40 -44.48 -27.23
C ASN C 86 -37.79 -43.30 -27.80
N SER C 87 -38.62 -42.34 -28.05
CA SER C 87 -38.19 -41.08 -28.54
C SER C 87 -37.63 -40.30 -27.43
N GLN C 88 -37.93 -40.66 -26.20
CA GLN C 88 -37.48 -39.91 -25.10
C GLN C 88 -36.87 -40.85 -24.18
N ARG C 89 -35.87 -40.37 -23.46
CA ARG C 89 -35.36 -40.98 -22.28
C ARG C 89 -35.26 -39.93 -21.27
N LEU C 90 -35.22 -40.37 -20.05
CA LEU C 90 -35.34 -39.66 -18.84
C LEU C 90 -34.03 -39.60 -18.22
N VAL C 91 -33.75 -38.57 -17.48
CA VAL C 91 -32.53 -38.35 -16.80
C VAL C 91 -33.00 -37.68 -15.62
N TRP C 92 -32.37 -37.88 -14.50
CA TRP C 92 -32.64 -37.06 -13.36
C TRP C 92 -31.72 -35.92 -13.69
N ALA C 93 -31.98 -34.66 -13.44
CA ALA C 93 -30.92 -33.73 -13.71
C ALA C 93 -30.69 -32.98 -12.43
N CYS C 94 -29.47 -32.81 -11.91
CA CYS C 94 -29.36 -32.06 -10.66
C CYS C 94 -29.36 -30.63 -10.98
N VAL C 95 -30.04 -29.85 -10.19
CA VAL C 95 -30.26 -28.48 -10.51
C VAL C 95 -29.83 -27.54 -9.45
N GLY C 96 -30.03 -27.92 -8.21
CA GLY C 96 -29.81 -27.10 -7.06
C GLY C 96 -29.07 -27.98 -6.15
N VAL C 97 -28.07 -27.42 -5.49
CA VAL C 97 -27.19 -28.23 -4.68
C VAL C 97 -26.76 -27.55 -3.42
N GLU C 98 -26.80 -28.28 -2.31
CA GLU C 98 -26.20 -27.86 -1.09
C GLU C 98 -25.43 -28.95 -0.42
N ILE C 99 -24.13 -28.71 -0.40
CA ILE C 99 -23.21 -29.50 0.34
C ILE C 99 -23.22 -29.01 1.73
N GLY C 100 -23.73 -29.82 2.62
CA GLY C 100 -23.51 -29.48 3.98
C GLY C 100 -22.18 -30.04 4.34
N ARG C 101 -21.22 -29.19 4.71
CA ARG C 101 -20.13 -29.66 5.49
C ARG C 101 -20.20 -29.10 6.86
N GLY C 102 -20.12 -29.90 7.92
CA GLY C 102 -20.60 -29.50 9.22
C GLY C 102 -19.80 -29.36 10.48
N GLN C 103 -18.68 -30.01 10.75
CA GLN C 103 -18.03 -29.93 12.05
C GLN C 103 -17.48 -28.61 12.63
N PRO C 104 -17.31 -28.25 13.93
CA PRO C 104 -16.59 -27.04 14.29
C PRO C 104 -15.18 -27.24 13.84
N LEU C 105 -14.51 -26.17 13.41
CA LEU C 105 -13.22 -26.29 12.76
C LEU C 105 -12.16 -26.89 13.59
N GLY C 106 -11.13 -27.51 12.99
CA GLY C 106 -10.11 -28.17 13.75
C GLY C 106 -8.82 -27.75 13.24
N VAL C 107 -7.80 -28.48 13.63
CA VAL C 107 -6.44 -28.39 13.23
C VAL C 107 -5.64 -29.34 14.12
N GLY C 108 -4.30 -29.48 13.92
CA GLY C 108 -3.40 -30.40 14.63
C GLY C 108 -1.94 -30.19 14.21
N LEU C 109 -1.05 -31.21 14.20
CA LEU C 109 0.35 -31.05 13.77
C LEU C 109 1.00 -32.27 13.20
N SER C 110 1.98 -32.12 12.29
CA SER C 110 2.75 -33.28 11.87
C SER C 110 4.18 -32.97 11.80
N GLY C 111 4.99 -33.99 12.08
CA GLY C 111 6.39 -33.87 12.32
C GLY C 111 7.05 -35.12 11.97
N HIS C 112 8.32 -35.21 12.31
CA HIS C 112 9.01 -36.38 11.93
C HIS C 112 10.23 -36.52 12.76
N PRO C 113 10.46 -37.53 13.52
CA PRO C 113 11.56 -37.60 14.42
C PRO C 113 12.87 -37.45 13.86
N LEU C 114 13.05 -37.81 12.62
CA LEU C 114 14.37 -37.83 12.09
C LEU C 114 14.32 -36.88 11.00
N TYR C 115 13.52 -35.83 11.15
CA TYR C 115 13.32 -34.92 10.11
C TYR C 115 14.54 -34.13 9.90
N ASN C 116 15.17 -34.31 8.73
CA ASN C 116 16.34 -33.55 8.43
C ASN C 116 16.14 -32.14 8.67
N LYS C 117 17.01 -31.66 9.45
CA LYS C 117 16.91 -30.33 9.70
C LYS C 117 18.32 -30.19 9.97
N LEU C 118 18.94 -29.22 9.31
CA LEU C 118 20.26 -28.91 9.65
C LEU C 118 20.05 -27.75 10.51
N ASP C 119 19.98 -26.53 9.99
CA ASP C 119 19.94 -25.41 10.88
C ASP C 119 19.36 -24.20 10.29
N ASP C 120 18.97 -23.30 11.21
CA ASP C 120 18.36 -22.02 10.99
C ASP C 120 19.31 -21.12 10.32
N THR C 121 18.92 -20.76 9.12
CA THR C 121 19.62 -19.80 8.33
C THR C 121 18.77 -18.57 8.35
N GLU C 122 17.65 -18.65 9.06
CA GLU C 122 16.72 -17.59 9.27
C GLU C 122 17.19 -16.43 10.06
N ASN C 123 17.47 -16.59 11.36
CA ASN C 123 17.96 -15.47 12.11
C ASN C 123 18.57 -15.82 13.44
N SER C 124 18.60 -17.10 13.81
CA SER C 124 19.08 -17.54 15.10
C SER C 124 20.47 -17.09 15.50
N HIS C 125 20.82 -17.30 16.78
CA HIS C 125 22.15 -17.13 17.29
C HIS C 125 23.10 -18.04 16.53
N VAL C 126 24.28 -17.54 16.19
CA VAL C 126 25.27 -18.11 15.28
C VAL C 126 25.40 -19.61 15.06
N ALA C 127 25.50 -20.00 13.77
CA ALA C 127 25.81 -21.34 13.37
C ALA C 127 26.41 -21.27 11.98
N SER C 128 27.41 -22.06 11.55
CA SER C 128 28.26 -23.08 12.19
C SER C 128 27.67 -24.34 12.87
N ALA C 129 27.91 -25.63 12.47
CA ALA C 129 28.70 -26.21 11.39
C ALA C 129 28.54 -27.74 11.35
N VAL C 130 28.15 -28.27 10.19
CA VAL C 130 27.87 -29.65 9.81
C VAL C 130 28.67 -30.79 10.41
N ASP C 131 28.04 -31.99 10.48
CA ASP C 131 28.62 -33.14 11.14
C ASP C 131 28.73 -34.38 10.30
N THR C 132 28.24 -34.35 9.06
CA THR C 132 28.41 -35.45 8.10
C THR C 132 27.74 -36.74 8.51
N LYS C 133 26.87 -36.59 9.47
CA LYS C 133 26.04 -37.59 9.96
C LYS C 133 24.77 -36.88 9.92
N ASP C 134 23.70 -37.60 9.96
CA ASP C 134 22.43 -36.99 9.90
C ASP C 134 22.00 -36.46 11.23
N THR C 135 21.56 -35.21 11.27
CA THR C 135 21.14 -34.57 12.49
C THR C 135 19.69 -34.43 12.55
N ARG C 136 19.08 -34.80 11.45
CA ARG C 136 17.70 -34.91 11.23
C ARG C 136 16.90 -35.33 12.41
N ASP C 137 15.94 -34.50 12.79
CA ASP C 137 15.33 -34.54 14.07
C ASP C 137 13.85 -34.33 14.13
N ASN C 138 13.32 -34.38 15.34
CA ASN C 138 11.93 -34.36 15.56
C ASN C 138 11.34 -33.03 15.52
N VAL C 139 10.81 -32.69 14.39
CA VAL C 139 10.34 -31.37 14.16
C VAL C 139 8.97 -31.47 13.67
N SER C 140 8.00 -30.69 14.17
CA SER C 140 6.67 -30.70 13.62
C SER C 140 6.25 -29.36 13.09
N VAL C 141 5.21 -29.34 12.22
CA VAL C 141 4.84 -28.24 11.36
C VAL C 141 3.43 -28.33 10.79
N ASP C 142 2.90 -27.15 10.34
CA ASP C 142 1.65 -26.86 9.69
C ASP C 142 1.76 -26.28 8.26
N TYR C 143 0.63 -26.07 7.57
CA TYR C 143 0.59 -25.75 6.16
C TYR C 143 -0.74 -25.18 5.80
N LYS C 144 -0.79 -24.65 4.59
CA LYS C 144 -1.92 -24.15 3.87
C LYS C 144 -3.25 -24.73 4.15
N GLN C 145 -4.22 -23.97 4.58
CA GLN C 145 -5.57 -24.42 4.63
C GLN C 145 -6.26 -24.50 3.30
N THR C 146 -6.97 -25.59 2.92
CA THR C 146 -7.84 -25.63 1.75
C THR C 146 -9.17 -26.37 1.75
N GLN C 147 -10.17 -25.71 1.19
CA GLN C 147 -11.53 -26.08 0.97
C GLN C 147 -11.79 -26.02 -0.51
N LEU C 148 -12.08 -27.12 -1.15
CA LEU C 148 -12.48 -27.14 -2.52
C LEU C 148 -13.63 -28.03 -2.74
N CYS C 149 -14.44 -27.72 -3.76
CA CYS C 149 -15.36 -28.66 -4.30
C CYS C 149 -15.51 -28.42 -5.73
N ILE C 150 -15.60 -29.46 -6.50
CA ILE C 150 -15.76 -29.34 -7.89
C ILE C 150 -16.71 -30.42 -8.20
N ILE C 151 -17.62 -30.09 -9.07
CA ILE C 151 -18.70 -30.95 -9.35
C ILE C 151 -18.69 -31.25 -10.78
N GLY C 152 -18.86 -32.53 -11.12
CA GLY C 152 -18.92 -33.07 -12.45
C GLY C 152 -19.50 -34.43 -12.41
N CYS C 153 -19.76 -35.04 -13.54
CA CYS C 153 -20.19 -36.42 -13.49
C CYS C 153 -18.99 -37.27 -13.52
N VAL C 154 -17.91 -36.77 -14.04
CA VAL C 154 -16.80 -37.62 -14.17
C VAL C 154 -16.04 -37.51 -12.93
N PRO C 155 -15.28 -38.49 -12.73
CA PRO C 155 -14.14 -38.39 -11.88
C PRO C 155 -13.14 -37.39 -12.43
N ALA C 156 -12.10 -37.04 -11.67
CA ALA C 156 -11.24 -35.96 -12.05
C ALA C 156 -9.80 -36.34 -12.09
N ILE C 157 -8.99 -35.51 -12.72
CA ILE C 157 -7.59 -35.70 -12.97
C ILE C 157 -6.73 -34.83 -12.16
N GLY C 158 -5.70 -35.41 -11.60
CA GLY C 158 -4.70 -34.78 -10.83
C GLY C 158 -3.50 -34.82 -11.69
N GLU C 159 -2.47 -34.16 -11.25
CA GLU C 159 -1.29 -33.95 -12.01
C GLU C 159 -0.14 -34.12 -11.06
N HIS C 160 1.02 -34.59 -11.55
CA HIS C 160 2.14 -35.02 -10.76
C HIS C 160 3.41 -35.10 -11.48
N TRP C 161 4.40 -35.25 -10.65
CA TRP C 161 5.75 -35.47 -10.98
C TRP C 161 6.18 -36.83 -10.72
N THR C 162 7.04 -37.30 -11.60
CA THR C 162 7.72 -38.50 -11.32
C THR C 162 9.06 -38.17 -11.78
N LYS C 163 10.06 -38.70 -11.06
CA LYS C 163 11.43 -38.55 -11.43
C LYS C 163 11.61 -38.85 -12.88
N GLY C 164 12.26 -37.94 -13.56
CA GLY C 164 12.43 -38.10 -14.95
C GLY C 164 13.37 -39.17 -15.22
N THR C 165 13.20 -39.80 -16.35
CA THR C 165 14.04 -40.87 -16.77
C THR C 165 15.15 -40.31 -17.53
N ALA C 166 16.11 -41.15 -17.85
CA ALA C 166 17.28 -40.78 -18.56
C ALA C 166 16.94 -40.85 -20.00
N CYS C 167 17.75 -40.35 -20.89
CA CYS C 167 17.13 -39.77 -22.06
C CYS C 167 17.38 -40.75 -23.17
N LYS C 168 18.40 -41.52 -22.94
CA LYS C 168 18.93 -42.41 -23.87
C LYS C 168 19.66 -43.30 -22.95
N PRO C 169 20.24 -44.34 -23.45
CA PRO C 169 20.97 -45.31 -22.69
C PRO C 169 21.85 -44.77 -21.69
N THR C 170 22.53 -43.65 -21.99
CA THR C 170 23.39 -42.96 -21.08
C THR C 170 22.80 -42.91 -19.75
N THR C 171 23.43 -43.72 -18.95
CA THR C 171 22.90 -44.10 -17.72
C THR C 171 23.29 -43.07 -16.79
N VAL C 172 22.75 -43.22 -15.62
CA VAL C 172 22.93 -42.24 -14.64
C VAL C 172 23.69 -42.80 -13.54
N VAL C 173 24.61 -41.97 -13.10
CA VAL C 173 25.43 -42.21 -11.97
C VAL C 173 24.60 -42.46 -10.79
N GLN C 174 24.99 -43.38 -9.93
CA GLN C 174 24.24 -43.58 -8.74
C GLN C 174 24.22 -42.34 -7.87
N GLY C 175 23.02 -41.86 -7.58
CA GLY C 175 22.82 -40.66 -6.82
C GLY C 175 22.81 -39.45 -7.65
N ASP C 176 22.86 -39.57 -8.97
CA ASP C 176 22.76 -38.44 -9.81
C ASP C 176 21.31 -38.06 -10.03
N CYS C 177 21.03 -36.78 -10.11
CA CYS C 177 19.69 -36.32 -10.22
C CYS C 177 18.92 -36.77 -11.43
N PRO C 178 17.67 -37.10 -11.30
CA PRO C 178 16.78 -37.28 -12.40
C PRO C 178 16.55 -36.06 -13.21
N PRO C 179 16.00 -36.34 -14.32
CA PRO C 179 15.33 -35.36 -15.12
C PRO C 179 13.98 -35.20 -14.54
N LEU C 180 13.04 -34.58 -15.24
CA LEU C 180 11.67 -34.50 -14.82
C LEU C 180 10.59 -35.14 -15.65
N GLU C 181 9.75 -36.00 -15.09
CA GLU C 181 8.57 -36.42 -15.80
C GLU C 181 7.23 -36.04 -15.23
N LEU C 182 6.32 -35.61 -16.08
CA LEU C 182 4.99 -35.20 -15.78
C LEU C 182 3.97 -36.22 -15.97
N ILE C 183 3.19 -36.44 -14.96
CA ILE C 183 2.14 -37.36 -14.98
C ILE C 183 0.84 -36.73 -14.58
N ASN C 184 -0.27 -36.98 -15.27
CA ASN C 184 -1.64 -36.71 -14.87
C ASN C 184 -2.38 -37.88 -14.36
N THR C 185 -3.18 -37.89 -13.29
CA THR C 185 -3.86 -39.09 -12.87
C THR C 185 -5.27 -38.90 -12.43
N PRO C 186 -6.17 -39.76 -12.67
CA PRO C 186 -7.49 -39.67 -12.14
C PRO C 186 -7.49 -39.79 -10.68
N ILE C 187 -8.22 -38.97 -10.00
CA ILE C 187 -8.30 -38.88 -8.61
C ILE C 187 -9.55 -39.57 -8.14
N GLU C 188 -9.52 -40.38 -7.07
CA GLU C 188 -10.64 -41.12 -6.49
C GLU C 188 -10.87 -40.81 -5.04
N ASP C 189 -11.93 -41.43 -4.51
CA ASP C 189 -12.35 -41.27 -3.18
C ASP C 189 -11.32 -41.69 -2.25
N GLY C 190 -10.79 -40.72 -1.57
CA GLY C 190 -9.83 -40.86 -0.54
C GLY C 190 -8.48 -40.76 -1.07
N ASP C 191 -8.29 -40.33 -2.32
CA ASP C 191 -6.94 -40.19 -2.78
C ASP C 191 -6.23 -39.18 -1.92
N MET C 192 -4.98 -39.38 -1.55
CA MET C 192 -4.43 -38.42 -0.66
C MET C 192 -4.05 -37.22 -1.38
N VAL C 193 -4.31 -36.16 -0.69
CA VAL C 193 -4.38 -34.90 -1.29
C VAL C 193 -3.07 -34.24 -1.52
N ASP C 194 -3.15 -33.16 -2.27
CA ASP C 194 -2.14 -32.16 -2.20
C ASP C 194 -2.20 -31.50 -0.83
N THR C 195 -1.06 -31.18 -0.23
CA THR C 195 -1.04 -30.41 1.00
C THR C 195 -0.32 -29.12 0.81
N GLY C 196 0.08 -28.91 -0.44
CA GLY C 196 0.84 -27.78 -0.88
C GLY C 196 1.99 -28.28 -1.69
N TYR C 197 2.13 -29.62 -1.81
CA TYR C 197 3.24 -30.29 -2.47
C TYR C 197 2.84 -31.70 -3.01
N GLY C 198 1.53 -31.99 -3.24
CA GLY C 198 0.97 -33.27 -3.64
C GLY C 198 1.48 -34.04 -4.80
N ALA C 199 1.40 -33.44 -5.98
CA ALA C 199 1.72 -33.89 -7.32
C ALA C 199 3.02 -34.59 -7.53
N MET C 200 3.29 -35.68 -6.80
CA MET C 200 4.56 -36.32 -6.77
C MET C 200 4.56 -37.34 -5.64
N ASP C 201 5.66 -38.11 -5.53
CA ASP C 201 5.82 -39.25 -4.66
C ASP C 201 6.94 -39.09 -3.71
N PHE C 202 6.68 -38.97 -2.44
CA PHE C 202 7.73 -38.75 -1.50
C PHE C 202 8.71 -39.82 -1.45
N LYS C 203 8.26 -41.04 -1.51
CA LYS C 203 9.15 -42.14 -1.61
C LYS C 203 10.07 -42.05 -2.77
N LEU C 204 9.53 -41.69 -3.91
CA LEU C 204 10.32 -41.53 -5.08
C LEU C 204 11.26 -40.42 -4.91
N LEU C 205 10.74 -39.32 -4.50
CA LEU C 205 11.40 -38.08 -4.42
C LEU C 205 12.55 -38.04 -3.51
N GLN C 206 12.31 -38.62 -2.36
CA GLN C 206 13.30 -38.74 -1.38
C GLN C 206 14.02 -39.92 -1.73
N ASP C 207 15.25 -39.93 -1.28
CA ASP C 207 15.95 -41.14 -1.31
C ASP C 207 16.44 -41.32 0.06
N ASN C 208 15.72 -40.83 1.05
CA ASN C 208 16.31 -40.90 2.34
C ASN C 208 15.33 -40.89 3.45
N LYS C 209 14.07 -41.17 3.16
CA LYS C 209 13.01 -41.22 4.15
C LYS C 209 13.17 -40.42 5.42
N SER C 210 13.31 -39.12 5.31
CA SER C 210 13.54 -38.24 6.41
C SER C 210 13.16 -36.83 6.08
N GLU C 211 13.06 -36.51 4.79
CA GLU C 211 12.91 -35.16 4.36
C GLU C 211 11.59 -34.59 4.47
N VAL C 212 10.66 -35.45 4.69
CA VAL C 212 9.29 -35.10 4.65
C VAL C 212 8.77 -35.61 5.97
N PRO C 213 7.60 -35.26 6.47
CA PRO C 213 7.17 -35.73 7.76
C PRO C 213 6.14 -36.75 7.55
N LEU C 214 5.53 -37.20 8.65
CA LEU C 214 4.87 -38.47 8.63
C LEU C 214 3.86 -38.67 7.58
N ASP C 215 3.14 -37.63 7.38
CA ASP C 215 1.99 -37.46 6.61
C ASP C 215 2.20 -37.76 5.16
N ILE C 216 3.31 -37.35 4.64
CA ILE C 216 3.59 -37.60 3.29
C ILE C 216 4.60 -38.59 3.13
N CYS C 217 5.16 -39.08 4.22
CA CYS C 217 6.27 -40.00 4.28
C CYS C 217 6.66 -40.63 2.99
N GLN C 218 5.83 -41.51 2.48
CA GLN C 218 6.16 -42.11 1.24
C GLN C 218 5.29 -41.58 0.16
N SER C 219 4.17 -41.07 0.61
CA SER C 219 2.98 -40.66 -0.04
C SER C 219 3.10 -40.17 -1.43
N ILE C 220 2.02 -40.28 -2.16
CA ILE C 220 2.14 -39.99 -3.54
C ILE C 220 0.91 -39.33 -3.87
N CYS C 221 0.97 -38.11 -4.33
CA CYS C 221 -0.25 -37.41 -4.57
C CYS C 221 -0.22 -36.58 -5.80
N LYS C 222 -1.24 -35.75 -5.88
CA LYS C 222 -1.65 -35.08 -7.06
C LYS C 222 -1.99 -33.68 -6.76
N TYR C 223 -2.08 -32.90 -7.81
CA TYR C 223 -2.73 -31.64 -7.80
C TYR C 223 -3.79 -31.63 -8.85
N PRO C 224 -4.91 -31.11 -8.75
CA PRO C 224 -5.94 -31.16 -9.77
C PRO C 224 -5.80 -30.49 -11.11
N ASP C 225 -6.06 -31.11 -12.27
CA ASP C 225 -6.17 -30.32 -13.50
C ASP C 225 -7.48 -29.65 -13.79
N TYR C 226 -7.75 -28.53 -13.20
CA TYR C 226 -8.91 -27.77 -13.64
C TYR C 226 -8.82 -27.38 -15.04
N LEU C 227 -7.65 -27.03 -15.46
CA LEU C 227 -7.46 -26.40 -16.70
C LEU C 227 -7.75 -27.26 -17.80
N GLN C 228 -7.43 -28.51 -17.69
CA GLN C 228 -7.95 -29.37 -18.67
C GLN C 228 -9.35 -29.55 -18.38
N MET C 229 -9.68 -29.79 -17.14
CA MET C 229 -11.01 -30.22 -16.86
C MET C 229 -12.05 -29.20 -17.20
N SER C 230 -11.63 -27.96 -17.33
CA SER C 230 -12.39 -26.83 -17.81
C SER C 230 -12.38 -26.83 -19.28
N ALA C 231 -11.28 -27.28 -19.81
CA ALA C 231 -11.05 -27.44 -21.18
C ALA C 231 -11.67 -28.70 -21.76
N ASP C 232 -12.36 -29.58 -21.02
CA ASP C 232 -13.06 -30.67 -21.68
C ASP C 232 -14.13 -30.19 -22.62
N ALA C 233 -14.34 -30.93 -23.68
CA ALA C 233 -15.36 -30.68 -24.63
C ALA C 233 -16.72 -30.64 -24.03
N TYR C 234 -17.03 -31.64 -23.26
CA TYR C 234 -18.36 -31.73 -22.79
C TYR C 234 -18.64 -30.87 -21.61
N GLY C 235 -17.68 -30.81 -20.70
CA GLY C 235 -17.79 -30.09 -19.44
C GLY C 235 -18.34 -30.98 -18.39
N ASP C 236 -18.61 -32.21 -18.80
CA ASP C 236 -19.04 -33.27 -17.97
C ASP C 236 -18.12 -33.54 -16.87
N SER C 237 -16.86 -33.35 -17.22
CA SER C 237 -15.70 -33.42 -16.41
C SER C 237 -15.99 -32.97 -15.04
N MET C 238 -16.08 -31.66 -14.94
CA MET C 238 -16.51 -30.85 -13.87
C MET C 238 -17.43 -29.89 -14.46
N PHE C 239 -18.68 -30.04 -14.13
CA PHE C 239 -19.72 -29.13 -14.43
C PHE C 239 -19.44 -27.79 -13.80
N PHE C 240 -18.97 -27.89 -12.60
CA PHE C 240 -18.76 -26.82 -11.74
C PHE C 240 -17.47 -27.00 -11.04
N CYS C 241 -16.84 -25.90 -10.64
CA CYS C 241 -15.60 -25.96 -9.96
C CYS C 241 -15.42 -24.89 -8.89
N LEU C 242 -14.92 -25.26 -7.69
CA LEU C 242 -14.74 -24.38 -6.55
C LEU C 242 -13.60 -24.64 -5.62
N ARG C 243 -12.85 -23.60 -5.21
CA ARG C 243 -11.67 -23.76 -4.39
C ARG C 243 -11.32 -22.58 -3.49
N ARG C 244 -10.85 -22.82 -2.26
CA ARG C 244 -10.56 -21.77 -1.30
C ARG C 244 -9.42 -22.10 -0.31
N GLU C 245 -8.28 -21.41 -0.31
CA GLU C 245 -7.05 -21.74 0.43
C GLU C 245 -6.24 -20.65 1.13
N GLN C 246 -5.65 -20.86 2.29
CA GLN C 246 -4.84 -19.86 2.91
C GLN C 246 -3.55 -20.41 3.36
N VAL C 247 -2.49 -19.59 3.34
CA VAL C 247 -1.16 -20.05 3.61
C VAL C 247 -0.10 -18.98 3.63
N PHE C 248 0.88 -19.12 4.50
CA PHE C 248 2.16 -18.48 4.33
C PHE C 248 3.22 -19.37 4.99
N ALA C 249 4.49 -19.17 4.67
CA ALA C 249 5.65 -19.87 5.18
C ALA C 249 6.27 -19.38 6.48
N ARG C 250 6.27 -20.16 7.54
CA ARG C 250 6.84 -19.64 8.74
C ARG C 250 8.37 -19.42 8.94
N HIS C 251 9.22 -20.44 8.88
CA HIS C 251 10.62 -20.42 9.30
C HIS C 251 11.69 -21.07 8.48
N PHE C 252 12.92 -20.54 8.45
CA PHE C 252 14.00 -20.97 7.59
C PHE C 252 15.13 -21.77 8.16
N TRP C 253 15.51 -22.82 7.46
CA TRP C 253 16.66 -23.63 7.77
C TRP C 253 17.37 -23.86 6.55
N ASN C 254 18.39 -24.66 6.66
CA ASN C 254 19.13 -25.26 5.65
C ASN C 254 19.12 -26.69 6.12
N ARG C 255 19.15 -27.69 5.23
CA ARG C 255 19.09 -29.11 5.51
C ARG C 255 20.46 -29.70 5.57
N SER C 256 20.58 -30.95 6.01
CA SER C 256 21.83 -31.63 6.30
C SER C 256 22.44 -32.68 5.35
N GLY C 257 22.22 -32.74 4.02
CA GLY C 257 22.80 -33.80 3.15
C GLY C 257 24.04 -33.49 2.29
N THR C 258 24.23 -34.24 1.20
CA THR C 258 25.36 -34.08 0.31
C THR C 258 24.97 -33.26 -0.84
N MET C 259 25.54 -32.10 -1.06
CA MET C 259 25.09 -31.29 -2.15
C MET C 259 25.36 -31.91 -3.48
N GLY C 260 24.32 -32.49 -4.07
CA GLY C 260 24.36 -33.15 -5.35
C GLY C 260 24.40 -32.24 -6.51
N ASP C 261 24.09 -30.96 -6.30
CA ASP C 261 24.38 -29.89 -7.23
C ASP C 261 25.51 -29.12 -6.67
N GLN C 262 26.15 -28.33 -7.53
CA GLN C 262 27.41 -27.75 -7.18
C GLN C 262 27.54 -26.29 -7.42
N LEU C 263 27.85 -25.59 -6.35
CA LEU C 263 28.19 -24.20 -6.41
C LEU C 263 29.42 -23.90 -7.21
N PRO C 264 29.35 -22.86 -7.98
CA PRO C 264 30.54 -22.27 -8.55
C PRO C 264 31.03 -21.16 -7.64
N GLU C 265 32.23 -21.28 -7.02
CA GLU C 265 32.78 -20.34 -6.04
C GLU C 265 32.90 -18.95 -6.56
N SER C 266 32.98 -18.86 -7.88
CA SER C 266 32.98 -17.68 -8.71
C SER C 266 31.77 -16.84 -8.52
N LEU C 267 30.91 -17.23 -7.63
CA LEU C 267 29.79 -16.48 -7.30
C LEU C 267 29.98 -15.82 -5.99
N TYR C 268 30.98 -16.19 -5.20
CA TYR C 268 31.23 -15.57 -3.95
C TYR C 268 32.67 -15.31 -3.76
N ILE C 269 33.03 -14.61 -2.71
CA ILE C 269 34.44 -14.51 -2.41
C ILE C 269 34.61 -15.09 -1.07
N LYS C 270 35.25 -16.25 -0.98
CA LYS C 270 35.68 -16.84 0.26
C LYS C 270 36.14 -15.93 1.35
N GLY C 271 36.10 -16.48 2.53
CA GLY C 271 36.88 -15.97 3.61
C GLY C 271 37.85 -17.09 3.64
N THR C 272 37.97 -17.68 4.79
CA THR C 272 38.78 -18.83 4.99
C THR C 272 38.05 -19.67 5.96
N ASP C 273 38.62 -20.81 6.34
CA ASP C 273 38.03 -21.72 7.29
C ASP C 273 36.77 -22.32 6.78
N ILE C 274 35.76 -22.16 7.59
CA ILE C 274 34.41 -22.42 7.33
C ILE C 274 33.95 -21.58 6.19
N ARG C 275 34.61 -20.47 5.94
CA ARG C 275 34.29 -19.58 4.88
C ARG C 275 35.30 -19.73 3.77
N ALA C 276 36.22 -20.66 3.88
CA ALA C 276 37.06 -21.00 2.77
C ALA C 276 36.18 -21.87 1.93
N ASN C 277 35.60 -22.92 2.53
CA ASN C 277 34.56 -23.67 1.88
C ASN C 277 33.25 -22.93 1.90
N PRO C 278 32.24 -23.40 1.23
CA PRO C 278 31.04 -22.61 1.15
C PRO C 278 30.04 -23.15 2.10
N GLY C 279 30.07 -24.45 2.43
CA GLY C 279 28.97 -24.98 3.22
C GLY C 279 27.78 -25.20 2.33
N SER C 280 26.55 -25.16 2.85
CA SER C 280 25.39 -25.55 2.07
C SER C 280 24.50 -24.46 1.57
N TYR C 281 23.80 -24.81 0.51
CA TYR C 281 22.83 -24.04 -0.19
C TYR C 281 21.54 -24.75 -0.15
N LEU C 282 21.44 -25.82 0.60
CA LEU C 282 20.20 -26.48 0.79
C LEU C 282 19.36 -25.79 1.81
N TYR C 283 18.88 -24.65 1.45
CA TYR C 283 18.18 -23.80 2.32
C TYR C 283 16.75 -24.18 2.20
N SER C 284 16.15 -24.44 3.32
CA SER C 284 14.88 -25.01 3.48
C SER C 284 13.99 -24.27 4.49
N PRO C 285 12.88 -23.69 4.09
CA PRO C 285 11.88 -23.08 4.95
C PRO C 285 10.76 -24.01 5.33
N SER C 286 9.99 -23.64 6.35
CA SER C 286 8.74 -24.18 6.82
C SER C 286 7.47 -23.54 6.38
N PRO C 287 6.47 -24.26 5.96
CA PRO C 287 5.16 -23.74 5.62
C PRO C 287 4.30 -23.46 6.81
N SER C 288 3.13 -22.88 6.52
CA SER C 288 2.12 -22.60 7.49
C SER C 288 0.80 -22.17 6.85
N GLY C 289 -0.36 -22.59 7.38
CA GLY C 289 -1.64 -22.26 6.76
C GLY C 289 -2.19 -20.94 7.11
N SER C 290 -1.97 -20.55 8.36
CA SER C 290 -2.47 -19.40 9.10
C SER C 290 -3.88 -19.40 9.69
N VAL C 291 -4.20 -18.35 10.44
CA VAL C 291 -5.38 -18.12 11.20
C VAL C 291 -6.61 -18.20 10.41
N VAL C 292 -7.63 -18.64 11.08
CA VAL C 292 -8.87 -18.82 10.46
C VAL C 292 -9.92 -18.22 11.25
N THR C 293 -11.06 -18.15 10.60
CA THR C 293 -12.31 -17.75 11.12
C THR C 293 -13.23 -18.21 10.06
N SER C 294 -14.48 -18.42 10.41
CA SER C 294 -15.42 -19.25 9.65
C SER C 294 -15.86 -18.71 8.35
N ASP C 295 -15.49 -17.52 8.19
CA ASP C 295 -15.78 -16.61 7.19
C ASP C 295 -15.35 -17.12 5.94
N SER C 296 -14.24 -17.77 5.94
CA SER C 296 -13.79 -18.25 4.69
C SER C 296 -14.33 -19.58 4.45
N GLN C 297 -15.23 -20.08 5.27
CA GLN C 297 -15.81 -21.35 4.99
C GLN C 297 -16.57 -21.34 3.69
N LEU C 298 -16.58 -22.45 2.97
CA LEU C 298 -17.14 -22.57 1.68
C LEU C 298 -18.52 -23.08 1.82
N PHE C 299 -18.68 -24.39 1.97
CA PHE C 299 -19.88 -25.20 1.92
C PHE C 299 -21.05 -24.66 2.56
N ASN C 300 -22.12 -25.43 2.48
CA ASN C 300 -23.32 -25.05 3.11
C ASN C 300 -23.98 -23.92 2.44
N LYS C 301 -24.14 -23.94 1.12
CA LYS C 301 -24.87 -22.90 0.46
C LYS C 301 -25.63 -23.51 -0.66
N PRO C 302 -26.55 -22.89 -1.27
CA PRO C 302 -27.27 -23.56 -2.28
C PRO C 302 -26.66 -23.07 -3.46
N TYR C 303 -26.49 -23.95 -4.37
CA TYR C 303 -25.81 -23.56 -5.49
C TYR C 303 -26.89 -23.78 -6.38
N TRP C 304 -27.39 -22.68 -6.84
CA TRP C 304 -28.36 -22.73 -7.84
C TRP C 304 -27.48 -22.70 -9.01
N LEU C 305 -27.82 -23.51 -9.95
CA LEU C 305 -26.86 -23.78 -10.95
C LEU C 305 -27.44 -23.28 -12.14
N HIS C 306 -26.63 -22.68 -12.98
CA HIS C 306 -27.23 -22.16 -14.16
C HIS C 306 -26.38 -22.40 -15.31
N LYS C 307 -25.09 -22.52 -15.10
CA LYS C 307 -24.24 -22.68 -16.22
C LYS C 307 -23.26 -23.68 -15.88
N ALA C 308 -22.50 -24.09 -16.86
CA ALA C 308 -21.45 -25.01 -16.68
C ALA C 308 -20.40 -24.57 -17.59
N GLN C 309 -19.21 -25.07 -17.38
CA GLN C 309 -18.10 -24.74 -18.21
C GLN C 309 -18.36 -25.19 -19.62
N GLY C 310 -18.84 -26.42 -19.72
CA GLY C 310 -19.18 -27.01 -20.96
C GLY C 310 -20.62 -27.16 -21.02
N LEU C 311 -20.99 -27.78 -22.10
CA LEU C 311 -22.30 -27.87 -22.62
C LEU C 311 -23.14 -28.79 -21.88
N ASN C 312 -22.52 -29.61 -21.04
CA ASN C 312 -23.22 -30.32 -20.03
C ASN C 312 -23.84 -29.34 -19.15
N ASN C 313 -25.06 -29.56 -18.75
CA ASN C 313 -25.57 -28.77 -17.71
C ASN C 313 -26.40 -29.60 -16.80
N GLY C 314 -25.80 -30.47 -16.00
CA GLY C 314 -26.49 -31.16 -14.94
C GLY C 314 -26.92 -32.53 -15.29
N ILE C 315 -26.12 -33.25 -16.05
CA ILE C 315 -26.52 -34.56 -16.54
C ILE C 315 -25.87 -35.63 -15.76
N CYS C 316 -26.58 -36.75 -15.66
CA CYS C 316 -26.36 -37.63 -14.56
C CYS C 316 -26.31 -39.04 -15.02
N TRP C 317 -25.44 -39.19 -15.97
CA TRP C 317 -25.26 -40.31 -16.82
C TRP C 317 -24.98 -41.50 -16.08
N HIS C 318 -25.56 -42.61 -16.47
CA HIS C 318 -25.46 -43.88 -15.81
C HIS C 318 -25.99 -43.79 -14.45
N ASN C 319 -26.82 -42.79 -14.23
CA ASN C 319 -27.30 -42.41 -12.94
C ASN C 319 -26.19 -42.11 -12.04
N GLN C 320 -25.20 -41.55 -12.65
CA GLN C 320 -23.96 -41.31 -12.08
C GLN C 320 -23.50 -39.92 -12.11
N LEU C 321 -23.17 -39.42 -10.91
CA LEU C 321 -22.50 -38.19 -10.60
C LEU C 321 -21.23 -38.16 -9.81
N PHE C 322 -20.27 -37.30 -10.09
CA PHE C 322 -19.06 -37.28 -9.38
C PHE C 322 -18.84 -36.04 -8.59
N LEU C 323 -19.00 -36.12 -7.29
CA LEU C 323 -18.72 -34.99 -6.45
C LEU C 323 -17.38 -34.98 -5.83
N THR C 324 -16.61 -33.97 -6.17
CA THR C 324 -15.26 -33.90 -5.72
C THR C 324 -15.01 -32.89 -4.66
N VAL C 325 -14.44 -33.25 -3.52
CA VAL C 325 -14.28 -32.27 -2.48
C VAL C 325 -13.11 -32.46 -1.57
N VAL C 326 -12.51 -31.36 -1.08
CA VAL C 326 -11.57 -31.35 0.00
C VAL C 326 -11.74 -30.17 0.94
N ASP C 327 -11.67 -30.31 2.27
CA ASP C 327 -11.78 -29.21 3.22
C ASP C 327 -10.92 -29.41 4.44
N THR C 328 -9.90 -28.61 4.67
CA THR C 328 -9.15 -28.78 5.90
C THR C 328 -9.45 -27.82 7.01
N THR C 329 -10.55 -27.10 6.98
CA THR C 329 -10.83 -26.16 8.06
C THR C 329 -11.07 -26.85 9.34
N ARG C 330 -11.94 -27.82 9.20
CA ARG C 330 -12.11 -28.84 10.14
C ARG C 330 -10.87 -29.65 10.06
N SER C 331 -10.37 -30.20 11.18
CA SER C 331 -9.12 -30.87 11.07
C SER C 331 -8.54 -31.52 12.29
N THR C 332 -8.96 -32.75 12.74
CA THR C 332 -8.15 -33.38 13.79
C THR C 332 -8.24 -34.85 14.07
N ASN C 333 -7.24 -35.25 14.85
CA ASN C 333 -7.01 -36.55 15.36
C ASN C 333 -7.14 -36.47 16.82
N LEU C 334 -7.63 -37.56 17.38
CA LEU C 334 -7.80 -37.78 18.77
C LEU C 334 -6.71 -38.67 19.36
N SER C 335 -6.24 -38.25 20.53
CA SER C 335 -5.21 -38.84 21.35
C SER C 335 -5.71 -39.53 22.57
N VAL C 336 -5.58 -40.83 22.64
CA VAL C 336 -5.91 -41.51 23.85
C VAL C 336 -4.89 -41.16 24.87
N CYS C 337 -5.27 -41.14 26.15
CA CYS C 337 -4.28 -41.20 27.18
C CYS C 337 -4.87 -42.24 28.02
N ALA C 338 -4.30 -43.43 28.03
CA ALA C 338 -4.84 -44.51 28.78
C ALA C 338 -3.87 -44.90 29.79
N SER C 339 -4.19 -45.08 31.08
CA SER C 339 -3.13 -45.58 31.91
C SER C 339 -2.92 -47.02 31.65
N THR C 340 -1.69 -47.42 31.64
CA THR C 340 -1.29 -48.77 31.44
C THR C 340 -1.43 -49.51 32.67
N THR C 341 -1.48 -48.71 33.70
CA THR C 341 -1.69 -49.11 35.02
C THR C 341 -3.14 -49.30 35.14
N SER C 342 -3.54 -50.25 35.97
CA SER C 342 -4.89 -50.76 36.13
C SER C 342 -5.86 -49.74 36.49
N SER C 343 -5.47 -48.95 37.47
CA SER C 343 -6.09 -47.70 37.68
C SER C 343 -4.96 -46.77 37.55
N ILE C 344 -5.29 -45.53 37.66
CA ILE C 344 -4.39 -44.47 37.49
C ILE C 344 -3.38 -44.46 38.59
N PRO C 345 -2.12 -44.22 38.33
CA PRO C 345 -1.12 -44.11 39.34
C PRO C 345 -1.41 -42.84 39.98
N ASN C 346 -1.00 -42.66 41.18
CA ASN C 346 -1.36 -41.42 41.78
C ASN C 346 -0.11 -40.71 42.06
N VAL C 347 0.96 -41.37 41.64
CA VAL C 347 2.22 -40.76 41.43
C VAL C 347 2.48 -41.01 40.01
N TYR C 348 2.66 -39.93 39.30
CA TYR C 348 2.88 -39.93 37.92
C TYR C 348 4.07 -40.65 37.34
N THR C 349 3.81 -41.26 36.17
CA THR C 349 4.82 -41.46 35.19
C THR C 349 4.06 -41.57 33.92
N PRO C 350 4.56 -41.36 32.76
CA PRO C 350 3.76 -41.30 31.55
C PRO C 350 3.88 -42.59 30.91
N THR C 351 4.78 -43.34 31.46
CA THR C 351 5.07 -44.65 31.11
C THR C 351 3.90 -45.44 31.52
N SER C 352 3.29 -45.04 32.64
CA SER C 352 2.05 -45.55 33.11
C SER C 352 0.88 -45.30 32.22
N PHE C 353 1.10 -44.74 31.04
CA PHE C 353 0.09 -44.31 30.15
C PHE C 353 0.36 -44.73 28.76
N LYS C 354 -0.61 -45.36 28.10
CA LYS C 354 -0.69 -45.70 26.72
C LYS C 354 -1.56 -44.82 25.87
N GLU C 355 -1.00 -44.21 24.86
CA GLU C 355 -1.68 -43.23 24.11
C GLU C 355 -1.81 -43.62 22.70
N TYR C 356 -2.82 -43.11 22.02
CA TYR C 356 -3.11 -43.63 20.72
C TYR C 356 -3.74 -42.58 19.82
N ALA C 357 -3.47 -42.54 18.50
CA ALA C 357 -3.89 -41.56 17.49
C ALA C 357 -4.89 -41.96 16.39
N ARG C 358 -6.07 -41.37 16.35
CA ARG C 358 -7.16 -41.72 15.47
C ARG C 358 -7.81 -40.51 14.91
N HIS C 359 -8.26 -40.47 13.66
CA HIS C 359 -8.74 -39.27 13.03
C HIS C 359 -10.16 -39.32 12.62
N VAL C 360 -10.87 -38.19 12.50
CA VAL C 360 -12.32 -38.21 12.40
C VAL C 360 -12.85 -37.32 11.31
N GLU C 361 -13.83 -37.75 10.47
CA GLU C 361 -14.42 -36.87 9.43
C GLU C 361 -15.90 -36.96 9.11
N GLU C 362 -16.62 -35.84 9.05
CA GLU C 362 -18.02 -35.74 8.83
C GLU C 362 -18.39 -35.17 7.48
N PHE C 363 -19.46 -35.66 6.85
CA PHE C 363 -19.95 -35.04 5.63
C PHE C 363 -21.44 -35.09 5.46
N ASP C 364 -22.15 -34.09 4.84
CA ASP C 364 -23.58 -34.00 4.45
C ASP C 364 -23.91 -33.58 3.03
N LEU C 365 -24.55 -34.45 2.33
CA LEU C 365 -25.11 -34.04 1.10
C LEU C 365 -26.59 -33.60 1.19
N GLN C 366 -27.09 -32.44 0.66
CA GLN C 366 -28.54 -32.26 0.42
C GLN C 366 -28.70 -31.71 -0.96
N PHE C 367 -29.64 -32.18 -1.80
CA PHE C 367 -29.70 -31.79 -3.22
C PHE C 367 -31.02 -31.62 -3.72
N ILE C 368 -31.08 -30.92 -4.83
CA ILE C 368 -32.24 -30.67 -5.60
C ILE C 368 -31.99 -31.01 -7.00
N PHE C 369 -32.72 -31.94 -7.49
CA PHE C 369 -32.75 -32.28 -8.84
C PHE C 369 -33.97 -31.71 -9.44
N GLN C 370 -33.88 -31.61 -10.73
CA GLN C 370 -34.99 -31.48 -11.52
C GLN C 370 -34.79 -32.54 -12.49
N LEU C 371 -35.61 -33.52 -12.51
CA LEU C 371 -35.45 -34.58 -13.47
C LEU C 371 -35.63 -34.09 -14.87
N CYS C 372 -34.93 -34.60 -15.87
CA CYS C 372 -35.06 -34.13 -17.22
C CYS C 372 -35.19 -35.15 -18.27
N LYS C 373 -35.84 -34.71 -19.31
CA LYS C 373 -36.38 -35.55 -20.32
C LYS C 373 -35.61 -35.27 -21.51
N ILE C 374 -35.38 -36.24 -22.33
CA ILE C 374 -34.51 -36.12 -23.40
C ILE C 374 -35.11 -36.64 -24.61
N THR C 375 -35.41 -35.84 -25.60
CA THR C 375 -35.82 -36.46 -26.83
C THR C 375 -34.68 -36.96 -27.56
N LEU C 376 -34.65 -38.23 -27.66
CA LEU C 376 -33.69 -38.98 -28.32
C LEU C 376 -34.04 -38.93 -29.75
N THR C 377 -33.18 -38.31 -30.56
CA THR C 377 -33.32 -38.48 -31.97
C THR C 377 -31.98 -38.73 -32.50
N THR C 378 -32.12 -39.39 -33.59
CA THR C 378 -31.19 -40.33 -34.03
C THR C 378 -29.86 -39.88 -34.23
N GLU C 379 -29.68 -38.73 -34.76
CA GLU C 379 -28.41 -38.21 -35.02
C GLU C 379 -27.82 -37.78 -33.80
N VAL C 380 -28.66 -37.44 -32.91
CA VAL C 380 -28.24 -36.99 -31.68
C VAL C 380 -27.69 -38.08 -30.99
N MET C 381 -28.39 -39.14 -31.02
CA MET C 381 -27.95 -40.31 -30.43
C MET C 381 -26.75 -40.76 -31.08
N SER C 382 -26.66 -40.52 -32.32
CA SER C 382 -25.51 -40.92 -33.02
C SER C 382 -24.41 -40.07 -32.78
N TYR C 383 -24.67 -38.98 -32.20
CA TYR C 383 -23.71 -38.07 -31.88
C TYR C 383 -23.30 -38.54 -30.55
N ILE C 384 -24.25 -38.95 -29.81
CA ILE C 384 -24.00 -39.54 -28.61
C ILE C 384 -23.21 -40.75 -28.76
N HIS C 385 -23.37 -41.49 -29.81
CA HIS C 385 -22.76 -42.75 -29.82
C HIS C 385 -21.31 -42.72 -29.68
N ASN C 386 -20.81 -41.78 -30.34
CA ASN C 386 -19.42 -41.54 -30.41
C ASN C 386 -18.94 -40.83 -29.27
N MET C 387 -19.85 -40.29 -28.59
CA MET C 387 -19.55 -39.50 -27.51
C MET C 387 -19.52 -40.42 -26.40
N ASN C 388 -20.63 -41.09 -26.22
CA ASN C 388 -20.64 -42.32 -25.57
C ASN C 388 -21.89 -43.08 -25.86
N THR C 389 -21.63 -44.16 -26.45
CA THR C 389 -22.50 -45.24 -26.70
C THR C 389 -23.05 -45.82 -25.47
N THR C 390 -22.43 -45.67 -24.34
CA THR C 390 -22.84 -46.47 -23.24
C THR C 390 -24.11 -46.01 -22.78
N ILE C 391 -24.32 -44.78 -22.99
CA ILE C 391 -25.51 -44.15 -22.69
C ILE C 391 -26.62 -44.77 -23.43
N LEU C 392 -26.30 -44.96 -24.66
CA LEU C 392 -27.21 -45.43 -25.63
C LEU C 392 -27.54 -46.80 -25.43
N GLU C 393 -26.53 -47.50 -25.00
CA GLU C 393 -26.60 -48.82 -24.55
C GLU C 393 -27.45 -48.85 -23.37
N ASP C 394 -27.29 -47.86 -22.53
CA ASP C 394 -28.00 -47.85 -21.34
C ASP C 394 -29.31 -47.24 -21.53
N TRP C 395 -29.58 -46.86 -22.74
CA TRP C 395 -30.88 -46.56 -23.18
C TRP C 395 -31.27 -47.49 -24.18
N ASN C 396 -30.46 -48.52 -24.17
CA ASN C 396 -30.82 -49.81 -24.58
C ASN C 396 -31.12 -49.76 -26.02
N PHE C 397 -30.15 -49.14 -26.65
CA PHE C 397 -30.10 -48.91 -28.02
C PHE C 397 -28.74 -49.37 -28.32
N GLY C 398 -28.46 -49.80 -29.55
CA GLY C 398 -29.32 -49.83 -30.73
C GLY C 398 -28.49 -49.23 -31.82
N VAL C 399 -28.76 -49.36 -33.12
CA VAL C 399 -29.84 -50.04 -33.79
C VAL C 399 -29.27 -51.27 -34.40
N THR C 400 -30.14 -52.28 -34.54
CA THR C 400 -29.83 -53.64 -34.92
C THR C 400 -28.48 -54.17 -34.46
N PRO C 401 -28.16 -54.12 -33.21
CA PRO C 401 -26.88 -54.56 -32.78
C PRO C 401 -27.08 -55.95 -32.27
N PRO C 402 -26.08 -56.63 -31.80
CA PRO C 402 -24.71 -56.23 -31.84
C PRO C 402 -24.26 -56.42 -33.24
N PRO C 403 -24.41 -57.49 -33.99
CA PRO C 403 -25.01 -58.76 -33.57
C PRO C 403 -24.24 -59.96 -34.05
N THR C 404 -24.07 -60.99 -33.19
CA THR C 404 -23.26 -62.16 -33.52
C THR C 404 -23.80 -63.49 -33.02
N ALA C 405 -23.20 -64.63 -33.47
CA ALA C 405 -23.50 -66.02 -33.16
C ALA C 405 -24.86 -66.45 -33.63
N SER C 406 -25.07 -67.57 -34.34
CA SER C 406 -24.26 -68.67 -34.84
C SER C 406 -23.48 -69.38 -33.78
N LEU C 407 -24.06 -69.80 -32.65
CA LEU C 407 -23.27 -70.58 -31.74
C LEU C 407 -23.97 -71.80 -31.31
N VAL C 408 -23.34 -72.91 -31.61
CA VAL C 408 -23.57 -74.25 -31.18
C VAL C 408 -23.97 -74.46 -29.77
N ASP C 409 -24.62 -75.58 -29.48
CA ASP C 409 -24.89 -75.90 -28.11
C ASP C 409 -23.83 -76.89 -27.74
N THR C 410 -23.98 -78.16 -28.06
CA THR C 410 -23.01 -79.25 -27.97
C THR C 410 -23.06 -80.18 -26.84
N TYR C 411 -24.24 -80.64 -26.40
CA TYR C 411 -24.28 -81.51 -25.23
C TYR C 411 -24.94 -82.81 -25.49
N ARG C 412 -25.15 -83.76 -24.59
CA ARG C 412 -24.99 -84.00 -23.19
C ARG C 412 -23.58 -83.84 -22.74
N PHE C 413 -22.70 -84.46 -23.52
CA PHE C 413 -21.26 -84.25 -23.59
C PHE C 413 -20.37 -84.12 -22.37
N VAL C 414 -20.70 -83.15 -21.54
CA VAL C 414 -20.00 -82.61 -20.42
C VAL C 414 -19.51 -83.55 -19.36
N GLN C 415 -19.73 -84.80 -19.63
CA GLN C 415 -19.52 -86.00 -18.95
C GLN C 415 -18.20 -86.22 -18.39
N SER C 416 -17.20 -85.80 -19.12
CA SER C 416 -15.77 -85.94 -18.92
C SER C 416 -15.27 -86.40 -20.22
N ALA C 417 -16.16 -86.66 -21.14
CA ALA C 417 -15.71 -87.18 -22.38
C ALA C 417 -14.87 -86.27 -23.19
N ALA C 418 -15.53 -85.33 -23.80
CA ALA C 418 -14.95 -84.38 -24.68
C ALA C 418 -14.07 -83.48 -23.93
N VAL C 419 -14.03 -82.26 -24.38
CA VAL C 419 -13.60 -81.18 -23.59
C VAL C 419 -14.65 -81.09 -22.54
N THR C 420 -14.26 -81.28 -21.32
CA THR C 420 -15.29 -81.09 -20.34
C THR C 420 -14.58 -80.56 -19.14
N CYS C 421 -13.36 -79.98 -19.35
CA CYS C 421 -12.80 -79.13 -18.30
C CYS C 421 -13.19 -77.76 -18.63
N GLN C 422 -13.38 -77.50 -19.94
CA GLN C 422 -14.18 -76.38 -20.28
C GLN C 422 -15.50 -77.02 -20.17
N LYS C 423 -16.07 -76.55 -19.14
CA LYS C 423 -17.26 -76.80 -18.53
C LYS C 423 -17.15 -75.54 -17.73
N ASP C 424 -18.27 -75.02 -17.25
CA ASP C 424 -18.29 -73.78 -16.54
C ASP C 424 -17.97 -72.60 -17.42
N THR C 425 -17.19 -71.62 -16.94
CA THR C 425 -16.90 -70.40 -17.67
C THR C 425 -18.10 -69.44 -17.81
N ALA C 426 -18.58 -68.90 -16.67
CA ALA C 426 -19.74 -68.03 -16.48
C ALA C 426 -19.63 -66.54 -16.93
N PRO C 427 -20.71 -65.73 -17.00
CA PRO C 427 -20.70 -64.32 -17.47
C PRO C 427 -19.83 -63.32 -16.75
N PRO C 428 -19.41 -62.17 -17.33
CA PRO C 428 -18.52 -61.24 -16.61
C PRO C 428 -19.05 -59.83 -16.39
N VAL C 429 -19.68 -59.19 -17.37
CA VAL C 429 -20.19 -57.84 -17.28
C VAL C 429 -19.18 -56.77 -16.98
N LYS C 430 -18.93 -56.47 -15.69
CA LYS C 430 -18.02 -55.46 -15.21
C LYS C 430 -18.34 -54.03 -15.58
N GLN C 431 -17.90 -53.59 -16.77
CA GLN C 431 -18.12 -52.32 -17.39
C GLN C 431 -17.60 -51.05 -16.76
N ASP C 432 -17.47 -51.02 -15.46
CA ASP C 432 -17.14 -49.80 -14.84
C ASP C 432 -15.82 -49.25 -15.23
N PRO C 433 -15.61 -48.06 -15.58
CA PRO C 433 -14.28 -47.67 -15.88
C PRO C 433 -13.73 -47.32 -14.57
N TYR C 434 -14.58 -47.04 -13.65
CA TYR C 434 -14.21 -46.61 -12.34
C TYR C 434 -13.99 -47.72 -11.47
N ASP C 435 -13.90 -48.82 -12.11
CA ASP C 435 -13.68 -50.03 -11.52
C ASP C 435 -12.31 -50.02 -10.98
N LYS C 436 -12.18 -50.43 -9.73
CA LYS C 436 -10.97 -50.48 -8.95
C LYS C 436 -10.67 -49.22 -8.33
N LEU C 437 -11.53 -48.26 -8.51
CA LEU C 437 -11.16 -46.99 -8.08
C LEU C 437 -12.01 -46.74 -6.93
N LYS C 438 -11.56 -45.98 -5.95
CA LYS C 438 -12.27 -45.85 -4.72
C LYS C 438 -13.34 -44.84 -4.85
N PHE C 439 -14.53 -45.16 -4.33
CA PHE C 439 -15.59 -44.21 -4.28
C PHE C 439 -16.13 -44.19 -2.99
N TRP C 440 -16.69 -43.03 -2.72
CA TRP C 440 -17.60 -42.97 -1.70
C TRP C 440 -18.86 -43.27 -2.34
N PRO C 441 -19.44 -44.36 -2.04
CA PRO C 441 -20.62 -44.75 -2.74
C PRO C 441 -21.74 -43.88 -2.35
N VAL C 442 -22.44 -43.28 -3.29
CA VAL C 442 -23.54 -42.49 -2.93
C VAL C 442 -24.75 -42.86 -3.67
N ASP C 443 -25.47 -43.73 -3.06
CA ASP C 443 -26.72 -44.19 -3.54
C ASP C 443 -27.82 -43.42 -3.02
N LEU C 444 -28.61 -42.81 -3.87
CA LEU C 444 -29.62 -41.92 -3.37
C LEU C 444 -30.97 -42.39 -3.53
N LYS C 445 -31.07 -43.58 -3.98
CA LYS C 445 -32.25 -44.12 -4.54
C LYS C 445 -33.39 -44.04 -3.63
N GLU C 446 -33.14 -44.39 -2.44
CA GLU C 446 -33.93 -44.07 -1.33
C GLU C 446 -33.99 -42.59 -1.01
N ARG C 447 -32.89 -41.87 -1.00
CA ARG C 447 -32.93 -40.46 -0.75
C ARG C 447 -33.63 -39.62 -1.74
N PHE C 448 -34.12 -40.17 -2.83
CA PHE C 448 -34.91 -39.34 -3.69
C PHE C 448 -36.21 -39.05 -3.01
N SER C 449 -36.35 -37.78 -2.78
CA SER C 449 -37.33 -37.10 -2.04
C SER C 449 -37.88 -36.15 -2.97
N ALA C 450 -39.14 -35.80 -3.02
CA ALA C 450 -39.46 -34.69 -3.87
C ALA C 450 -39.17 -33.47 -2.96
N ASP C 451 -40.26 -33.09 -2.31
CA ASP C 451 -40.56 -32.27 -1.17
C ASP C 451 -39.62 -31.37 -0.43
N LEU C 452 -39.32 -30.23 -1.02
CA LEU C 452 -38.51 -29.11 -0.60
C LEU C 452 -38.59 -28.68 0.79
N ASP C 453 -39.73 -28.95 1.20
CA ASP C 453 -40.49 -28.77 2.31
C ASP C 453 -39.76 -29.37 3.41
N GLN C 454 -39.07 -30.43 3.08
CA GLN C 454 -38.41 -31.23 4.00
C GLN C 454 -37.00 -31.00 3.81
N PHE C 455 -36.71 -30.03 2.99
CA PHE C 455 -35.38 -29.79 2.67
C PHE C 455 -35.15 -28.41 2.96
N PRO C 456 -34.31 -28.10 3.85
CA PRO C 456 -33.95 -26.75 4.11
C PRO C 456 -33.59 -26.07 2.89
N LEU C 457 -32.80 -26.74 2.11
CA LEU C 457 -32.46 -26.30 0.82
C LEU C 457 -33.57 -26.18 -0.08
N GLY C 458 -34.49 -27.06 0.03
CA GLY C 458 -35.64 -27.03 -0.81
C GLY C 458 -36.35 -25.82 -0.56
N ARG C 459 -36.48 -25.53 0.68
CA ARG C 459 -37.04 -24.32 1.04
C ARG C 459 -36.25 -23.21 0.53
N LYS C 460 -34.96 -23.29 0.62
CA LYS C 460 -34.13 -22.33 0.00
C LYS C 460 -34.35 -22.19 -1.43
N PHE C 461 -34.69 -23.25 -2.06
CA PHE C 461 -34.85 -23.19 -3.41
C PHE C 461 -36.00 -22.39 -3.73
N LEU C 462 -37.01 -22.64 -3.00
CA LEU C 462 -38.24 -22.07 -3.32
C LEU C 462 -38.19 -20.64 -3.25
N LEU C 463 -37.47 -20.30 -2.25
CA LEU C 463 -37.12 -18.98 -2.06
C LEU C 463 -36.29 -18.48 -3.13
N GLN C 464 -35.35 -19.27 -3.56
CA GLN C 464 -34.56 -18.83 -4.63
C GLN C 464 -35.30 -18.56 -5.87
N LEU C 465 -36.40 -19.21 -6.10
CA LEU C 465 -37.10 -18.94 -7.29
C LEU C 465 -37.31 -17.47 -7.66
N LYS D 12 -48.20 -34.95 7.40
CA LYS D 12 -46.86 -34.37 7.11
C LYS D 12 -46.86 -32.91 7.47
N VAL D 13 -46.07 -32.46 8.43
CA VAL D 13 -46.25 -31.09 8.91
C VAL D 13 -46.04 -29.97 7.94
N VAL D 14 -46.77 -28.87 8.08
CA VAL D 14 -46.63 -27.74 7.21
C VAL D 14 -46.39 -26.52 8.02
N SER D 15 -46.31 -25.38 7.37
CA SER D 15 -46.09 -24.10 7.99
C SER D 15 -47.11 -23.85 9.01
N THR D 16 -46.69 -23.23 10.07
CA THR D 16 -47.55 -23.16 11.20
C THR D 16 -48.58 -22.12 11.17
N ASP D 17 -48.14 -21.21 10.44
CA ASP D 17 -48.49 -19.87 10.34
C ASP D 17 -49.91 -19.66 9.91
N GLU D 18 -50.45 -20.69 9.36
CA GLU D 18 -51.76 -20.93 8.93
C GLU D 18 -52.52 -21.10 10.14
N TYR D 19 -52.01 -21.96 10.98
CA TYR D 19 -52.71 -22.43 12.13
C TYR D 19 -52.96 -21.28 12.97
N VAL D 20 -51.88 -20.59 13.03
CA VAL D 20 -51.69 -19.34 13.56
C VAL D 20 -52.49 -18.30 12.92
N THR D 21 -52.82 -17.35 13.74
CA THR D 21 -53.34 -16.14 13.29
C THR D 21 -52.32 -15.27 13.77
N ARG D 22 -51.62 -14.63 12.89
CA ARG D 22 -50.71 -13.64 13.34
C ARG D 22 -51.51 -12.44 13.59
N THR D 23 -51.17 -11.65 14.60
CA THR D 23 -52.05 -10.56 14.86
C THR D 23 -51.29 -9.33 15.07
N SER D 24 -52.04 -8.27 15.00
CA SER D 24 -51.72 -6.92 15.40
C SER D 24 -51.16 -6.75 16.77
N ILE D 25 -51.11 -7.79 17.53
CA ILE D 25 -50.70 -7.62 18.84
C ILE D 25 -49.29 -7.62 18.87
N PHE D 26 -48.72 -6.56 19.38
CA PHE D 26 -47.31 -6.56 19.57
C PHE D 26 -46.95 -6.06 20.87
N TYR D 27 -45.89 -6.62 21.39
CA TYR D 27 -45.47 -6.44 22.73
C TYR D 27 -44.03 -6.23 22.85
N HIS D 28 -43.59 -5.71 23.96
CA HIS D 28 -42.25 -5.49 24.39
C HIS D 28 -42.02 -6.36 25.56
N ALA D 29 -40.80 -6.82 25.73
CA ALA D 29 -40.42 -7.40 26.97
C ALA D 29 -38.95 -7.23 27.24
N GLY D 30 -38.52 -7.20 28.53
CA GLY D 30 -37.10 -7.19 28.92
C GLY D 30 -36.93 -7.31 30.42
N SER D 31 -36.03 -8.18 30.91
CA SER D 31 -35.65 -8.40 32.32
C SER D 31 -34.52 -7.60 32.92
N SER D 32 -34.69 -6.63 33.78
CA SER D 32 -33.59 -5.67 33.92
C SER D 32 -32.06 -5.87 33.94
N ARG D 33 -31.31 -6.83 34.52
CA ARG D 33 -29.91 -6.98 34.12
C ARG D 33 -29.40 -8.18 34.78
N LEU D 34 -28.90 -9.18 34.08
CA LEU D 34 -28.58 -10.35 34.84
C LEU D 34 -27.16 -10.83 34.82
N LEU D 35 -26.53 -11.08 35.99
CA LEU D 35 -25.16 -11.49 36.29
C LEU D 35 -24.77 -12.44 37.40
N THR D 36 -23.68 -13.15 37.18
CA THR D 36 -23.16 -14.03 38.17
C THR D 36 -21.70 -14.12 38.03
N VAL D 37 -21.04 -14.32 39.14
CA VAL D 37 -19.64 -14.38 39.27
C VAL D 37 -19.30 -15.57 40.13
N GLY D 38 -18.15 -16.22 40.00
CA GLY D 38 -17.76 -17.27 40.92
C GLY D 38 -16.47 -17.77 40.40
N HIS D 39 -15.92 -18.87 40.85
CA HIS D 39 -14.58 -19.14 40.42
C HIS D 39 -14.48 -19.91 39.16
N PRO D 40 -13.85 -19.42 38.15
CA PRO D 40 -13.76 -20.07 36.90
C PRO D 40 -13.49 -21.49 36.85
N TYR D 41 -12.68 -22.09 37.69
CA TYR D 41 -12.50 -23.50 37.48
C TYR D 41 -13.27 -24.32 38.36
N PHE D 42 -13.83 -23.80 39.41
CA PHE D 42 -14.51 -24.69 40.28
C PHE D 42 -15.23 -23.93 41.29
N LYS D 43 -16.06 -24.65 42.00
CA LYS D 43 -16.66 -24.12 43.15
C LYS D 43 -15.74 -24.29 44.28
N VAL D 44 -15.81 -23.33 45.10
CA VAL D 44 -15.20 -23.24 46.33
C VAL D 44 -16.27 -23.69 47.19
N PRO D 45 -16.26 -24.76 47.84
CA PRO D 45 -17.38 -25.10 48.64
C PRO D 45 -17.22 -24.31 49.89
N LYS D 46 -18.29 -23.95 50.57
CA LYS D 46 -18.17 -23.14 51.76
C LYS D 46 -19.27 -23.43 52.71
N GLY D 47 -19.91 -24.58 52.62
CA GLY D 47 -20.96 -24.90 53.55
C GLY D 47 -22.28 -24.81 52.91
N GLY D 48 -22.82 -26.00 52.63
CA GLY D 48 -24.18 -26.19 52.16
C GLY D 48 -25.13 -25.53 53.12
N ASN D 49 -25.93 -24.56 52.72
CA ASN D 49 -25.91 -23.97 51.42
C ASN D 49 -26.50 -22.62 51.59
N GLY D 50 -25.75 -21.72 52.20
CA GLY D 50 -26.22 -20.37 52.47
C GLY D 50 -25.84 -19.22 51.57
N ARG D 51 -25.51 -19.34 50.30
CA ARG D 51 -25.51 -20.46 49.46
C ARG D 51 -24.19 -21.14 49.55
N GLN D 52 -23.27 -20.31 50.02
CA GLN D 52 -22.09 -20.70 50.70
C GLN D 52 -21.36 -21.84 50.20
N ASP D 53 -20.75 -21.44 49.15
CA ASP D 53 -19.72 -21.99 48.41
C ASP D 53 -19.49 -20.77 47.58
N VAL D 54 -18.43 -20.74 46.81
CA VAL D 54 -18.39 -19.75 45.80
C VAL D 54 -18.39 -20.68 44.66
N PRO D 55 -19.29 -20.62 43.76
CA PRO D 55 -19.42 -21.63 42.76
C PRO D 55 -18.36 -21.56 41.78
N LYS D 56 -18.42 -22.42 40.79
CA LYS D 56 -17.54 -22.34 39.67
C LYS D 56 -18.20 -21.42 38.75
N VAL D 57 -17.54 -20.48 38.12
CA VAL D 57 -18.29 -19.70 37.21
C VAL D 57 -17.41 -19.35 36.11
N SER D 58 -17.83 -19.63 34.90
CA SER D 58 -17.05 -19.30 33.74
C SER D 58 -17.94 -18.98 32.58
N ALA D 59 -17.35 -18.49 31.52
CA ALA D 59 -18.03 -18.13 30.34
C ALA D 59 -18.00 -19.21 29.33
N TYR D 60 -17.34 -20.29 29.61
CA TYR D 60 -17.21 -21.27 28.57
C TYR D 60 -18.15 -22.34 28.83
N GLN D 61 -19.34 -21.88 29.09
CA GLN D 61 -20.42 -22.73 29.33
C GLN D 61 -21.57 -22.16 28.66
N TYR D 62 -22.42 -23.05 28.22
CA TYR D 62 -23.59 -22.83 27.48
C TYR D 62 -24.58 -22.03 28.31
N ARG D 63 -25.17 -20.98 27.74
CA ARG D 63 -26.10 -20.17 28.46
C ARG D 63 -27.45 -20.42 27.97
N VAL D 64 -28.15 -21.16 28.82
CA VAL D 64 -29.35 -21.83 28.48
C VAL D 64 -30.59 -21.42 29.20
N PHE D 65 -31.41 -20.70 28.49
CA PHE D 65 -32.58 -20.10 29.02
C PHE D 65 -33.80 -20.89 28.91
N ARG D 66 -34.37 -21.28 30.03
CA ARG D 66 -35.70 -21.83 29.94
C ARG D 66 -36.59 -20.66 29.93
N VAL D 67 -37.18 -20.32 28.80
CA VAL D 67 -37.85 -19.05 28.72
C VAL D 67 -39.32 -19.13 28.81
N LYS D 68 -39.79 -18.69 29.96
CA LYS D 68 -41.12 -18.77 30.39
C LYS D 68 -41.85 -17.57 30.00
N LEU D 69 -42.98 -17.78 29.39
CA LEU D 69 -43.63 -16.72 28.71
C LEU D 69 -44.99 -16.51 29.19
N PRO D 70 -45.70 -15.46 28.81
CA PRO D 70 -47.00 -15.18 29.33
C PRO D 70 -47.91 -16.07 28.74
N ASP D 71 -48.78 -16.69 29.51
CA ASP D 71 -49.80 -17.37 28.84
C ASP D 71 -50.67 -16.32 28.35
N PRO D 72 -50.89 -16.16 27.12
CA PRO D 72 -51.76 -15.15 26.67
C PRO D 72 -53.13 -15.58 27.03
N ASN D 73 -53.35 -16.88 27.10
CA ASN D 73 -54.70 -17.27 27.31
C ASN D 73 -55.15 -16.94 28.70
N LYS D 74 -54.25 -16.98 29.65
CA LYS D 74 -54.56 -16.61 30.97
C LYS D 74 -53.86 -15.42 31.33
N PHE D 75 -53.42 -14.72 30.31
CA PHE D 75 -52.96 -13.41 30.46
C PHE D 75 -54.22 -12.69 30.75
N GLY D 76 -54.37 -12.23 31.98
CA GLY D 76 -55.65 -11.72 32.38
C GLY D 76 -55.86 -10.36 31.88
N LEU D 77 -54.81 -9.75 31.33
CA LEU D 77 -54.87 -8.36 31.02
C LEU D 77 -54.77 -7.99 29.58
N PRO D 78 -55.00 -8.71 28.54
CA PRO D 78 -54.86 -8.19 27.21
C PRO D 78 -56.02 -7.35 26.93
N ASP D 79 -56.03 -6.84 25.75
CA ASP D 79 -57.13 -6.11 25.32
C ASP D 79 -58.42 -6.80 25.17
N ASN D 80 -59.38 -5.93 24.93
CA ASN D 80 -60.79 -6.08 24.74
C ASN D 80 -61.21 -7.16 23.79
N THR D 81 -60.30 -7.30 22.89
CA THR D 81 -60.26 -7.97 21.68
C THR D 81 -60.84 -9.29 21.62
N VAL D 82 -61.13 -9.64 20.40
CA VAL D 82 -61.80 -10.82 20.11
C VAL D 82 -61.16 -11.99 20.65
N TYR D 83 -61.97 -12.75 21.28
CA TYR D 83 -61.42 -13.96 21.62
C TYR D 83 -62.58 -14.74 21.91
N ASP D 84 -62.68 -15.81 21.22
CA ASP D 84 -63.61 -16.76 21.54
C ASP D 84 -62.68 -17.82 21.99
N PRO D 85 -62.49 -18.03 23.21
CA PRO D 85 -61.61 -19.07 23.69
C PRO D 85 -62.11 -20.36 23.32
N ASN D 86 -63.38 -20.34 23.17
CA ASN D 86 -64.21 -21.44 22.96
C ASN D 86 -63.95 -22.04 21.67
N SER D 87 -63.05 -21.44 20.92
CA SER D 87 -62.61 -21.96 19.70
C SER D 87 -61.22 -21.57 19.52
N GLN D 88 -60.71 -20.70 20.37
CA GLN D 88 -59.48 -20.07 20.12
C GLN D 88 -58.61 -20.20 21.24
N ARG D 89 -57.34 -20.21 20.97
CA ARG D 89 -56.40 -19.95 21.98
C ARG D 89 -55.62 -18.88 21.44
N LEU D 90 -55.01 -18.27 22.38
CA LEU D 90 -54.25 -17.13 22.27
C LEU D 90 -52.92 -17.68 22.35
N VAL D 91 -52.04 -17.10 21.60
CA VAL D 91 -50.76 -17.66 21.49
C VAL D 91 -49.70 -16.67 21.22
N TRP D 92 -48.58 -16.84 21.84
CA TRP D 92 -47.47 -16.02 21.50
C TRP D 92 -46.74 -16.43 20.32
N ALA D 93 -46.32 -15.35 19.72
CA ALA D 93 -45.12 -15.38 18.99
C ALA D 93 -44.32 -14.25 19.53
N CYS D 94 -43.04 -14.43 19.82
CA CYS D 94 -42.23 -13.24 20.02
C CYS D 94 -41.69 -13.11 18.66
N VAL D 95 -41.26 -11.96 18.25
CA VAL D 95 -40.88 -11.85 16.88
C VAL D 95 -39.67 -11.00 16.73
N GLY D 96 -39.37 -10.23 17.77
CA GLY D 96 -38.38 -9.23 17.73
C GLY D 96 -37.53 -9.43 18.90
N VAL D 97 -36.24 -9.31 18.66
CA VAL D 97 -35.25 -9.65 19.66
C VAL D 97 -34.02 -8.81 19.65
N GLU D 98 -33.57 -8.35 20.80
CA GLU D 98 -32.26 -7.83 20.84
C GLU D 98 -31.64 -8.09 22.16
N ILE D 99 -30.35 -8.37 22.09
CA ILE D 99 -29.42 -8.79 23.07
C ILE D 99 -28.76 -7.70 23.88
N GLY D 100 -29.07 -7.40 25.15
CA GLY D 100 -28.19 -6.46 25.83
C GLY D 100 -27.03 -7.18 26.44
N ARG D 101 -25.79 -6.87 26.05
CA ARG D 101 -24.60 -7.41 26.66
C ARG D 101 -23.88 -6.49 27.63
N GLY D 102 -23.62 -6.92 28.88
CA GLY D 102 -22.90 -6.13 29.88
C GLY D 102 -21.39 -6.07 29.81
N GLN D 103 -20.79 -5.29 30.73
CA GLN D 103 -19.37 -4.99 30.83
C GLN D 103 -18.75 -4.42 29.63
N PRO D 104 -17.50 -4.12 29.53
CA PRO D 104 -16.92 -3.84 28.26
C PRO D 104 -16.47 -5.17 27.90
N LEU D 105 -15.60 -5.32 26.94
CA LEU D 105 -15.12 -6.63 26.59
C LEU D 105 -14.15 -7.12 27.56
N GLY D 106 -13.77 -8.39 27.45
CA GLY D 106 -12.89 -8.98 28.43
C GLY D 106 -12.30 -10.13 27.78
N VAL D 107 -11.08 -10.47 28.15
CA VAL D 107 -10.32 -11.46 27.47
C VAL D 107 -9.49 -12.15 28.48
N GLY D 108 -9.21 -13.45 28.33
CA GLY D 108 -8.69 -14.23 29.45
C GLY D 108 -7.53 -15.13 29.17
N LEU D 109 -7.29 -16.11 30.08
CA LEU D 109 -6.16 -17.05 30.06
C LEU D 109 -6.53 -18.31 30.83
N SER D 110 -5.88 -19.48 30.67
CA SER D 110 -6.04 -20.56 31.68
C SER D 110 -4.77 -21.34 31.83
N GLY D 111 -4.76 -22.67 32.15
CA GLY D 111 -3.53 -23.44 32.28
C GLY D 111 -3.56 -24.71 33.06
N HIS D 112 -2.36 -25.08 33.52
CA HIS D 112 -2.19 -26.27 34.26
C HIS D 112 -0.78 -26.42 34.69
N PRO D 113 -0.50 -26.49 35.95
CA PRO D 113 0.80 -26.75 36.46
C PRO D 113 1.46 -27.97 36.07
N LEU D 114 0.73 -28.98 35.76
CA LEU D 114 1.31 -30.25 35.60
C LEU D 114 0.85 -30.65 34.29
N TYR D 115 0.83 -29.72 33.38
CA TYR D 115 0.38 -29.96 32.07
C TYR D 115 1.28 -30.86 31.36
N ASN D 116 0.82 -32.04 30.90
CA ASN D 116 1.67 -32.82 30.07
C ASN D 116 1.95 -32.00 28.87
N LYS D 117 3.19 -32.06 28.52
CA LYS D 117 3.83 -31.13 27.72
C LYS D 117 5.11 -31.83 27.87
N LEU D 118 5.73 -32.17 26.76
CA LEU D 118 6.94 -32.88 26.82
C LEU D 118 7.89 -31.88 26.37
N ASP D 119 7.95 -31.57 25.09
CA ASP D 119 8.88 -30.57 24.66
C ASP D 119 8.35 -30.07 23.38
N ASP D 120 8.79 -28.88 22.97
CA ASP D 120 8.27 -28.27 21.80
C ASP D 120 8.69 -28.97 20.55
N THR D 121 7.82 -29.26 19.60
CA THR D 121 8.35 -29.74 18.32
C THR D 121 8.25 -28.58 17.38
N GLU D 122 8.15 -27.41 18.00
CA GLU D 122 8.03 -26.13 17.42
C GLU D 122 9.34 -25.64 16.99
N ASN D 123 10.06 -24.78 17.75
CA ASN D 123 11.40 -24.37 17.38
C ASN D 123 12.23 -25.60 17.32
N SER D 124 11.98 -26.46 18.29
CA SER D 124 12.50 -27.78 18.38
C SER D 124 14.02 -27.74 18.32
N HIS D 125 14.63 -26.76 18.99
CA HIS D 125 16.04 -26.51 18.80
C HIS D 125 16.89 -26.89 19.96
N VAL D 126 16.34 -27.60 20.94
CA VAL D 126 17.03 -28.07 22.11
C VAL D 126 16.20 -29.23 22.63
N ALA D 127 16.77 -30.26 23.28
CA ALA D 127 15.96 -31.42 23.65
C ALA D 127 16.48 -32.21 24.85
N SER D 128 15.74 -33.25 25.31
CA SER D 128 16.13 -34.04 26.48
C SER D 128 15.76 -35.54 26.46
N ALA D 129 14.47 -35.90 26.57
CA ALA D 129 13.95 -37.25 26.67
C ALA D 129 13.92 -37.83 28.08
N VAL D 130 13.14 -37.19 28.99
CA VAL D 130 12.93 -37.59 30.38
C VAL D 130 12.31 -38.94 30.47
N ASP D 131 11.30 -39.15 29.63
CA ASP D 131 10.56 -40.36 29.52
C ASP D 131 9.87 -40.73 30.80
N THR D 132 10.58 -41.50 31.61
CA THR D 132 10.36 -41.93 32.97
C THR D 132 9.17 -41.42 33.71
N LYS D 133 9.25 -40.16 34.02
CA LYS D 133 8.35 -39.39 34.78
C LYS D 133 7.77 -38.35 33.92
N ASP D 134 6.97 -37.53 34.54
CA ASP D 134 6.52 -36.31 34.00
C ASP D 134 7.58 -35.29 33.74
N THR D 135 7.18 -34.48 32.80
CA THR D 135 7.74 -33.20 32.49
C THR D 135 6.55 -32.32 32.43
N ARG D 136 5.41 -32.87 32.84
CA ARG D 136 4.14 -32.24 32.78
C ARG D 136 4.17 -31.08 33.70
N ASP D 137 3.95 -29.93 33.08
CA ASP D 137 4.41 -28.68 33.56
C ASP D 137 3.44 -27.59 33.57
N ASN D 138 3.84 -26.48 34.16
CA ASN D 138 3.00 -25.36 34.20
C ASN D 138 2.99 -24.63 32.93
N VAL D 139 1.79 -24.51 32.44
CA VAL D 139 1.53 -23.97 31.16
C VAL D 139 0.28 -23.17 31.41
N SER D 140 -0.03 -22.26 30.50
CA SER D 140 -1.20 -21.45 30.53
C SER D 140 -1.73 -21.36 29.12
N VAL D 141 -3.02 -21.07 28.88
CA VAL D 141 -3.62 -21.30 27.56
C VAL D 141 -4.62 -20.31 26.99
N ASP D 142 -4.71 -20.24 25.63
CA ASP D 142 -5.65 -19.52 24.81
C ASP D 142 -6.28 -20.43 23.76
N TYR D 143 -7.39 -19.97 23.17
CA TYR D 143 -8.40 -20.71 22.46
C TYR D 143 -9.24 -19.83 21.58
N LYS D 144 -9.86 -20.48 20.58
CA LYS D 144 -10.84 -20.04 19.62
C LYS D 144 -11.86 -19.05 20.05
N GLN D 145 -12.13 -18.08 19.18
CA GLN D 145 -13.26 -17.19 19.22
C GLN D 145 -14.54 -17.84 18.88
N THR D 146 -15.57 -17.72 19.72
CA THR D 146 -16.90 -18.18 19.40
C THR D 146 -18.03 -17.32 19.89
N GLN D 147 -18.92 -16.95 18.99
CA GLN D 147 -20.04 -16.15 19.31
C GLN D 147 -21.24 -16.83 18.75
N LEU D 148 -22.16 -17.29 19.60
CA LEU D 148 -23.35 -17.99 19.17
C LEU D 148 -24.66 -17.63 19.81
N CYS D 149 -25.73 -17.79 19.02
CA CYS D 149 -27.05 -17.92 19.58
C CYS D 149 -27.86 -18.81 18.75
N ILE D 150 -28.69 -19.63 19.38
CA ILE D 150 -29.82 -20.22 18.69
C ILE D 150 -31.06 -19.82 19.42
N ILE D 151 -32.12 -19.67 18.65
CA ILE D 151 -33.41 -19.52 19.21
C ILE D 151 -34.25 -20.62 18.66
N GLY D 152 -35.00 -21.26 19.55
CA GLY D 152 -35.85 -22.41 19.40
C GLY D 152 -36.72 -22.35 20.63
N CYS D 153 -37.71 -23.18 20.74
CA CYS D 153 -38.55 -23.34 21.88
C CYS D 153 -38.25 -24.66 22.43
N VAL D 154 -37.19 -25.23 21.95
CA VAL D 154 -36.82 -26.50 22.35
C VAL D 154 -35.48 -26.31 22.87
N PRO D 155 -35.10 -26.86 23.98
CA PRO D 155 -33.77 -26.75 24.51
C PRO D 155 -32.76 -27.41 23.63
N ALA D 156 -31.49 -27.11 23.82
CA ALA D 156 -30.51 -27.53 22.88
C ALA D 156 -29.99 -28.94 22.94
N ILE D 157 -29.18 -29.21 21.94
CA ILE D 157 -28.68 -30.48 21.52
C ILE D 157 -27.24 -30.48 21.73
N GLY D 158 -26.70 -31.55 22.23
CA GLY D 158 -25.30 -31.74 22.44
C GLY D 158 -24.84 -32.83 21.56
N GLU D 159 -23.57 -33.14 21.69
CA GLU D 159 -22.95 -34.12 20.92
C GLU D 159 -21.65 -34.14 21.52
N HIS D 160 -21.07 -35.27 21.69
CA HIS D 160 -19.82 -35.30 22.30
C HIS D 160 -19.32 -36.65 22.02
N TRP D 161 -18.08 -36.87 22.31
CA TRP D 161 -17.36 -38.05 22.06
C TRP D 161 -17.20 -38.93 23.25
N THR D 162 -17.35 -40.22 22.96
CA THR D 162 -17.18 -41.30 23.88
C THR D 162 -16.55 -42.47 23.24
N LYS D 163 -15.85 -43.27 24.03
CA LYS D 163 -15.50 -44.59 23.62
C LYS D 163 -16.61 -45.37 23.02
N GLY D 164 -16.38 -46.00 21.90
CA GLY D 164 -17.26 -47.00 21.38
C GLY D 164 -16.96 -48.21 22.14
N THR D 165 -17.81 -49.17 22.01
CA THR D 165 -17.78 -50.41 22.71
C THR D 165 -16.82 -51.45 22.20
N ALA D 166 -16.47 -52.48 22.98
CA ALA D 166 -15.46 -53.45 22.61
C ALA D 166 -16.06 -54.64 21.95
N CYS D 167 -15.83 -54.75 20.64
CA CYS D 167 -16.25 -55.74 19.64
C CYS D 167 -16.65 -57.10 20.07
N LYS D 168 -15.83 -57.60 20.94
CA LYS D 168 -15.95 -58.76 21.68
C LYS D 168 -15.25 -58.15 22.86
N PRO D 169 -15.75 -58.29 24.03
CA PRO D 169 -15.47 -57.36 25.10
C PRO D 169 -14.16 -57.63 25.74
N THR D 170 -13.53 -58.71 25.36
CA THR D 170 -12.25 -59.12 25.83
C THR D 170 -11.18 -58.48 25.02
N THR D 171 -9.92 -58.73 25.39
CA THR D 171 -8.70 -58.34 24.68
C THR D 171 -8.30 -56.97 25.06
N VAL D 172 -8.86 -56.52 26.15
CA VAL D 172 -8.68 -55.17 26.53
C VAL D 172 -7.45 -55.06 27.32
N VAL D 173 -6.49 -54.29 26.86
CA VAL D 173 -5.35 -54.12 27.67
C VAL D 173 -5.56 -53.05 28.65
N GLN D 174 -4.78 -53.07 29.72
CA GLN D 174 -4.87 -51.99 30.61
C GLN D 174 -4.08 -50.88 30.01
N GLY D 175 -4.74 -49.81 29.67
CA GLY D 175 -4.11 -48.78 28.89
C GLY D 175 -4.43 -49.05 27.49
N ASP D 176 -5.61 -49.55 27.17
CA ASP D 176 -5.91 -49.77 25.79
C ASP D 176 -6.31 -48.49 25.12
N CYS D 177 -6.54 -48.54 23.83
CA CYS D 177 -7.16 -47.45 23.16
C CYS D 177 -8.62 -47.76 23.32
N PRO D 178 -9.54 -46.88 23.34
CA PRO D 178 -10.90 -47.28 23.32
C PRO D 178 -11.32 -47.52 21.93
N PRO D 179 -12.40 -48.21 21.76
CA PRO D 179 -13.14 -48.29 20.53
C PRO D 179 -13.95 -47.07 20.53
N LEU D 180 -14.49 -46.71 19.39
CA LEU D 180 -14.95 -45.38 19.17
C LEU D 180 -16.39 -45.10 18.88
N GLU D 181 -17.02 -44.25 19.66
CA GLU D 181 -18.34 -43.73 19.42
C GLU D 181 -18.54 -42.22 19.40
N LEU D 182 -19.17 -41.61 18.40
CA LEU D 182 -19.51 -40.22 18.56
C LEU D 182 -20.90 -40.13 18.97
N ILE D 183 -21.17 -39.48 20.08
CA ILE D 183 -22.49 -39.47 20.64
C ILE D 183 -23.11 -38.12 20.94
N ASN D 184 -24.32 -37.90 20.43
CA ASN D 184 -25.22 -36.83 20.75
C ASN D 184 -25.39 -36.53 22.18
N THR D 185 -26.12 -35.48 22.49
CA THR D 185 -26.43 -35.09 23.82
C THR D 185 -27.53 -34.07 23.77
N PRO D 186 -28.06 -33.50 24.80
CA PRO D 186 -29.02 -32.43 24.69
C PRO D 186 -28.26 -31.31 25.26
N ILE D 187 -28.83 -30.24 25.83
CA ILE D 187 -28.09 -29.17 26.47
C ILE D 187 -28.80 -28.63 27.69
N GLU D 188 -28.07 -28.12 28.70
CA GLU D 188 -28.52 -27.40 29.89
C GLU D 188 -27.72 -26.18 30.17
N ASP D 189 -28.28 -25.33 31.03
CA ASP D 189 -27.54 -24.18 31.44
C ASP D 189 -26.29 -24.49 32.14
N GLY D 190 -25.27 -23.80 31.68
CA GLY D 190 -23.98 -23.89 32.25
C GLY D 190 -23.27 -25.07 31.79
N ASP D 191 -23.82 -25.81 30.82
CA ASP D 191 -23.12 -26.95 30.28
C ASP D 191 -21.81 -26.47 29.74
N MET D 192 -20.68 -27.17 29.83
CA MET D 192 -19.50 -26.51 29.37
C MET D 192 -19.56 -26.43 27.88
N VAL D 193 -19.15 -25.29 27.34
CA VAL D 193 -19.23 -25.13 25.93
C VAL D 193 -18.27 -26.03 25.34
N ASP D 194 -18.51 -26.65 24.18
CA ASP D 194 -17.36 -27.19 23.55
C ASP D 194 -16.53 -26.03 23.11
N THR D 195 -15.29 -26.05 23.56
CA THR D 195 -14.39 -24.94 23.57
C THR D 195 -13.54 -24.83 22.36
N GLY D 196 -13.49 -25.90 21.61
CA GLY D 196 -12.72 -25.94 20.41
C GLY D 196 -11.76 -27.05 20.44
N TYR D 197 -11.70 -27.83 21.52
CA TYR D 197 -10.66 -28.83 21.55
C TYR D 197 -11.16 -30.21 21.79
N GLY D 198 -12.50 -30.47 21.81
CA GLY D 198 -13.03 -31.84 21.79
C GLY D 198 -14.29 -32.05 22.58
N ALA D 199 -15.44 -32.09 21.92
CA ALA D 199 -16.69 -32.34 22.61
C ALA D 199 -16.73 -33.76 23.02
N MET D 200 -16.30 -34.04 24.22
CA MET D 200 -16.00 -35.37 24.56
C MET D 200 -15.96 -35.41 26.03
N ASP D 201 -15.86 -36.60 26.57
CA ASP D 201 -15.44 -36.70 27.95
C ASP D 201 -13.94 -36.75 28.11
N PHE D 202 -13.35 -35.66 28.54
CA PHE D 202 -11.93 -35.64 28.77
C PHE D 202 -11.42 -36.67 29.68
N LYS D 203 -11.97 -36.77 30.87
CA LYS D 203 -11.45 -37.71 31.82
C LYS D 203 -11.62 -39.09 31.38
N LEU D 204 -12.74 -39.36 30.72
CA LEU D 204 -13.06 -40.63 30.21
C LEU D 204 -11.99 -41.01 29.28
N LEU D 205 -11.55 -40.04 28.52
CA LEU D 205 -10.73 -40.40 27.43
C LEU D 205 -9.31 -40.20 27.74
N GLN D 206 -9.01 -39.44 28.77
CA GLN D 206 -7.65 -39.15 29.05
C GLN D 206 -7.40 -39.26 30.48
N ASP D 207 -6.43 -40.13 30.70
CA ASP D 207 -6.16 -40.59 32.00
C ASP D 207 -5.12 -39.83 32.66
N ASN D 208 -4.42 -38.97 31.97
CA ASN D 208 -3.44 -38.31 32.72
C ASN D 208 -3.98 -37.22 33.52
N LYS D 209 -5.19 -36.74 33.21
CA LYS D 209 -5.73 -35.64 33.95
C LYS D 209 -4.80 -34.51 34.09
N SER D 210 -4.13 -34.26 33.01
CA SER D 210 -3.01 -33.39 32.94
C SER D 210 -2.99 -32.94 31.51
N GLU D 211 -4.11 -33.31 30.89
CA GLU D 211 -4.21 -33.48 29.51
C GLU D 211 -4.74 -32.37 28.75
N VAL D 212 -5.69 -31.68 29.32
CA VAL D 212 -6.24 -30.49 28.76
C VAL D 212 -6.11 -29.54 29.89
N PRO D 213 -6.31 -28.28 29.72
CA PRO D 213 -6.11 -27.38 30.81
C PRO D 213 -7.07 -27.65 31.87
N LEU D 214 -6.68 -27.24 33.04
CA LEU D 214 -7.25 -27.74 34.23
C LEU D 214 -8.71 -27.54 34.31
N ASP D 215 -9.06 -26.43 33.76
CA ASP D 215 -10.30 -25.75 33.70
C ASP D 215 -11.35 -26.64 33.14
N ILE D 216 -10.99 -27.47 32.19
CA ILE D 216 -11.89 -28.42 31.69
C ILE D 216 -11.52 -29.79 32.04
N CYS D 217 -10.34 -29.97 32.63
CA CYS D 217 -9.67 -31.21 32.91
C CYS D 217 -10.45 -32.48 32.77
N GLN D 218 -11.52 -32.65 33.51
CA GLN D 218 -12.17 -33.91 33.47
C GLN D 218 -13.31 -33.95 32.55
N SER D 219 -14.07 -32.91 32.62
CA SER D 219 -15.30 -32.62 31.99
C SER D 219 -15.75 -33.26 30.70
N ILE D 220 -17.00 -32.94 30.33
CA ILE D 220 -17.55 -33.29 29.05
C ILE D 220 -17.93 -32.07 28.32
N CYS D 221 -17.53 -31.98 27.07
CA CYS D 221 -18.11 -31.06 26.14
C CYS D 221 -19.09 -31.57 25.20
N LYS D 222 -20.27 -30.99 25.22
CA LYS D 222 -21.31 -31.31 24.29
C LYS D 222 -21.18 -30.36 23.11
N TYR D 223 -21.85 -30.61 21.99
CA TYR D 223 -21.84 -29.69 20.92
C TYR D 223 -23.03 -29.91 20.06
N PRO D 224 -23.60 -28.98 19.43
CA PRO D 224 -24.83 -29.20 18.73
C PRO D 224 -24.76 -29.94 17.47
N ASP D 225 -25.78 -30.79 17.26
CA ASP D 225 -26.05 -31.30 15.95
C ASP D 225 -26.92 -30.33 15.23
N TYR D 226 -26.41 -29.16 14.91
CA TYR D 226 -27.13 -28.18 14.16
C TYR D 226 -27.55 -28.74 12.91
N LEU D 227 -26.73 -29.60 12.39
CA LEU D 227 -26.90 -30.19 11.16
C LEU D 227 -28.14 -31.00 11.15
N GLN D 228 -28.40 -31.63 12.25
CA GLN D 228 -29.66 -32.18 12.41
C GLN D 228 -30.58 -31.10 12.67
N MET D 229 -30.28 -30.19 13.51
CA MET D 229 -31.27 -29.27 13.97
C MET D 229 -31.80 -28.40 12.89
N SER D 230 -31.04 -28.29 11.85
CA SER D 230 -31.35 -27.57 10.69
C SER D 230 -32.15 -28.47 9.85
N ALA D 231 -31.82 -29.71 9.89
CA ALA D 231 -32.61 -30.72 9.35
C ALA D 231 -33.80 -31.02 10.22
N ASP D 232 -33.99 -30.38 11.36
CA ASP D 232 -35.07 -30.65 12.22
C ASP D 232 -36.43 -30.55 11.58
N ALA D 233 -37.35 -31.22 12.25
CA ALA D 233 -38.72 -31.37 12.03
C ALA D 233 -39.47 -30.09 12.01
N TYR D 234 -39.11 -29.00 12.72
CA TYR D 234 -40.00 -27.87 12.62
C TYR D 234 -39.42 -26.55 12.99
N GLY D 235 -38.18 -26.49 13.45
CA GLY D 235 -37.50 -25.26 13.86
C GLY D 235 -37.64 -25.00 15.32
N ASP D 236 -38.27 -25.91 15.98
CA ASP D 236 -38.56 -25.92 17.37
C ASP D 236 -37.34 -25.76 18.15
N SER D 237 -36.47 -26.52 17.61
CA SER D 237 -35.12 -26.77 17.80
C SER D 237 -34.28 -25.56 17.65
N MET D 238 -34.67 -24.74 16.69
CA MET D 238 -33.87 -23.68 16.24
C MET D 238 -34.64 -23.07 15.15
N PHE D 239 -35.29 -21.97 15.40
CA PHE D 239 -35.80 -21.19 14.31
C PHE D 239 -34.80 -20.10 14.12
N PHE D 240 -33.84 -19.96 15.01
CA PHE D 240 -32.85 -19.05 14.67
C PHE D 240 -31.58 -19.40 15.25
N CYS D 241 -30.54 -18.86 14.66
CA CYS D 241 -29.18 -19.21 14.82
C CYS D 241 -28.34 -18.05 14.49
N LEU D 242 -27.22 -17.88 15.18
CA LEU D 242 -26.19 -16.91 14.97
C LEU D 242 -24.95 -17.55 15.36
N ARG D 243 -23.93 -17.46 14.52
CA ARG D 243 -22.71 -18.18 14.77
C ARG D 243 -21.56 -17.45 14.24
N ARG D 244 -20.49 -17.43 15.00
CA ARG D 244 -19.32 -16.71 14.65
C ARG D 244 -18.14 -17.34 15.23
N GLU D 245 -17.15 -17.76 14.44
CA GLU D 245 -16.03 -18.53 14.93
C GLU D 245 -14.69 -18.05 14.33
N GLN D 246 -13.63 -17.81 15.13
CA GLN D 246 -12.32 -17.38 14.70
C GLN D 246 -11.29 -18.09 15.46
N VAL D 247 -10.12 -18.36 14.88
CA VAL D 247 -9.10 -19.12 15.54
C VAL D 247 -7.73 -19.20 14.85
N PHE D 248 -6.64 -19.33 15.63
CA PHE D 248 -5.39 -19.91 15.17
C PHE D 248 -4.67 -20.70 16.26
N ALA D 249 -3.76 -21.58 15.90
CA ALA D 249 -2.92 -22.29 16.81
C ALA D 249 -1.60 -21.66 17.25
N ARG D 250 -1.35 -21.25 18.49
CA ARG D 250 -0.01 -20.75 18.72
C ARG D 250 1.21 -21.66 18.80
N HIS D 251 1.30 -22.65 19.71
CA HIS D 251 2.57 -23.29 19.99
C HIS D 251 2.68 -24.77 20.06
N PHE D 252 3.77 -25.35 19.63
CA PHE D 252 3.91 -26.76 19.46
C PHE D 252 4.68 -27.46 20.48
N TRP D 253 4.18 -28.63 20.79
CA TRP D 253 4.75 -29.57 21.66
C TRP D 253 4.74 -30.85 21.01
N ASN D 254 5.35 -31.70 21.74
CA ASN D 254 5.19 -33.06 21.70
C ASN D 254 4.91 -33.20 23.14
N ARG D 255 4.04 -34.10 23.52
CA ARG D 255 3.75 -34.27 24.89
C ARG D 255 4.17 -35.65 25.14
N SER D 256 4.29 -36.01 26.40
CA SER D 256 4.70 -37.35 26.71
C SER D 256 3.56 -38.29 26.56
N GLY D 257 3.80 -39.57 26.88
CA GLY D 257 2.85 -40.66 26.77
C GLY D 257 3.44 -41.80 26.06
N THR D 258 3.00 -42.98 26.39
CA THR D 258 3.56 -44.11 25.75
C THR D 258 2.78 -44.34 24.54
N MET D 259 3.42 -44.43 23.41
CA MET D 259 2.68 -44.54 22.20
C MET D 259 2.18 -45.94 21.96
N GLY D 260 0.87 -46.15 22.09
CA GLY D 260 0.20 -47.41 21.89
C GLY D 260 -0.05 -47.70 20.49
N ASP D 261 0.28 -46.74 19.67
CA ASP D 261 0.31 -46.95 18.28
C ASP D 261 1.74 -46.91 17.91
N GLN D 262 2.08 -47.58 16.82
CA GLN D 262 3.44 -47.78 16.51
C GLN D 262 3.88 -47.38 15.15
N LEU D 263 4.83 -46.46 15.12
CA LEU D 263 5.66 -46.08 14.02
C LEU D 263 6.34 -47.21 13.27
N PRO D 264 6.10 -47.49 12.01
CA PRO D 264 6.82 -48.57 11.38
C PRO D 264 8.13 -48.07 10.85
N GLU D 265 9.18 -48.88 10.97
CA GLU D 265 10.55 -48.53 10.64
C GLU D 265 10.66 -48.00 9.27
N SER D 266 9.88 -48.66 8.44
CA SER D 266 9.63 -48.46 7.07
C SER D 266 9.42 -47.06 6.71
N LEU D 267 8.96 -46.28 7.64
CA LEU D 267 8.77 -44.93 7.40
C LEU D 267 10.02 -44.16 7.24
N TYR D 268 11.02 -44.47 8.03
CA TYR D 268 12.14 -43.59 8.11
C TYR D 268 13.36 -44.37 8.05
N ILE D 269 14.48 -43.77 7.70
CA ILE D 269 15.69 -44.53 7.94
C ILE D 269 16.07 -44.28 9.32
N LYS D 270 16.45 -45.27 10.06
CA LYS D 270 17.06 -44.93 11.28
C LYS D 270 18.41 -44.35 10.96
N GLY D 271 19.01 -43.63 11.86
CA GLY D 271 20.36 -43.18 11.66
C GLY D 271 21.00 -44.04 12.64
N THR D 272 21.52 -43.41 13.66
CA THR D 272 22.08 -44.10 14.77
C THR D 272 21.72 -43.37 16.00
N ASP D 273 21.95 -44.01 17.14
CA ASP D 273 21.68 -43.45 18.44
C ASP D 273 20.26 -43.12 18.51
N ILE D 274 19.96 -41.91 18.92
CA ILE D 274 18.69 -41.28 18.86
C ILE D 274 18.00 -41.47 17.54
N ARG D 275 18.75 -41.42 16.45
CA ARG D 275 18.23 -41.57 15.13
C ARG D 275 17.96 -42.98 14.78
N ALA D 276 18.45 -43.89 15.59
CA ALA D 276 18.05 -45.24 15.54
C ALA D 276 17.16 -45.55 16.69
N ASN D 277 16.83 -44.56 17.50
CA ASN D 277 15.87 -44.74 18.54
C ASN D 277 14.92 -43.66 18.44
N PRO D 278 14.20 -43.59 17.36
CA PRO D 278 13.40 -42.44 17.06
C PRO D 278 12.31 -42.27 18.10
N GLY D 279 11.89 -41.03 18.37
CA GLY D 279 10.94 -40.72 19.42
C GLY D 279 9.51 -40.46 19.01
N SER D 280 8.85 -39.68 19.85
CA SER D 280 7.45 -39.44 19.77
C SER D 280 6.90 -38.79 18.55
N TYR D 281 5.74 -39.23 18.19
CA TYR D 281 5.00 -38.73 17.10
C TYR D 281 3.96 -37.81 17.56
N LEU D 282 3.93 -37.51 18.84
CA LEU D 282 2.91 -36.64 19.32
C LEU D 282 3.24 -35.27 18.92
N TYR D 283 2.72 -34.84 17.82
CA TYR D 283 2.97 -33.49 17.46
C TYR D 283 1.74 -32.82 17.90
N SER D 284 1.89 -31.86 18.81
CA SER D 284 0.78 -31.21 19.46
C SER D 284 0.91 -29.69 19.52
N PRO D 285 0.06 -28.96 18.85
CA PRO D 285 0.05 -27.53 18.90
C PRO D 285 -0.83 -27.03 20.00
N SER D 286 -0.71 -25.76 20.31
CA SER D 286 -1.51 -24.96 21.17
C SER D 286 -2.57 -24.22 20.41
N PRO D 287 -3.78 -24.17 20.79
CA PRO D 287 -4.76 -23.32 20.17
C PRO D 287 -4.58 -21.94 20.69
N SER D 288 -5.32 -21.02 20.09
CA SER D 288 -5.26 -19.64 20.36
C SER D 288 -6.43 -19.02 19.61
N GLY D 289 -7.08 -18.00 20.15
CA GLY D 289 -8.17 -17.34 19.47
C GLY D 289 -7.60 -16.41 18.46
N SER D 290 -7.35 -15.16 18.89
CA SER D 290 -6.88 -13.98 18.16
C SER D 290 -7.65 -12.70 18.43
N VAL D 291 -7.21 -11.63 17.79
CA VAL D 291 -7.63 -10.26 17.91
C VAL D 291 -9.03 -10.08 17.55
N VAL D 292 -9.63 -9.13 18.22
CA VAL D 292 -10.99 -8.87 18.00
C VAL D 292 -11.21 -7.42 17.94
N THR D 293 -12.46 -7.12 17.66
CA THR D 293 -13.00 -5.82 17.62
C THR D 293 -14.46 -5.94 17.80
N SER D 294 -15.06 -4.82 18.05
CA SER D 294 -16.45 -4.69 18.23
C SER D 294 -17.17 -4.84 16.97
N ASP D 295 -16.52 -4.79 15.83
CA ASP D 295 -17.14 -5.18 14.60
C ASP D 295 -17.52 -6.56 14.66
N SER D 296 -16.68 -7.26 15.31
CA SER D 296 -16.81 -8.65 15.36
C SER D 296 -17.65 -9.02 16.46
N GLN D 297 -18.28 -8.08 17.12
CA GLN D 297 -19.28 -8.49 18.03
C GLN D 297 -20.47 -8.87 17.23
N LEU D 298 -21.21 -9.88 17.64
CA LEU D 298 -22.22 -10.46 16.83
C LEU D 298 -23.55 -9.96 17.23
N PHE D 299 -23.73 -9.48 18.43
CA PHE D 299 -25.02 -9.20 19.00
C PHE D 299 -25.29 -7.77 19.36
N ASN D 300 -26.35 -7.56 20.13
CA ASN D 300 -26.88 -6.28 20.50
C ASN D 300 -27.45 -5.62 19.32
N LYS D 301 -28.26 -6.37 18.57
CA LYS D 301 -28.77 -5.94 17.32
C LYS D 301 -30.18 -6.50 17.20
N PRO D 302 -31.01 -5.97 16.39
CA PRO D 302 -32.41 -6.28 16.43
C PRO D 302 -32.73 -7.35 15.56
N TYR D 303 -33.53 -8.24 16.05
CA TYR D 303 -33.94 -9.25 15.18
C TYR D 303 -35.31 -9.12 15.06
N TRP D 304 -35.60 -8.68 13.88
CA TRP D 304 -36.84 -8.83 13.31
C TRP D 304 -36.68 -10.18 12.69
N LEU D 305 -37.69 -11.01 12.65
CA LEU D 305 -37.49 -12.18 11.86
C LEU D 305 -38.77 -12.40 11.24
N HIS D 306 -38.65 -12.80 10.01
CA HIS D 306 -39.60 -12.92 9.02
C HIS D 306 -39.78 -14.36 9.01
N LYS D 307 -39.06 -15.08 8.20
CA LYS D 307 -39.21 -16.47 8.27
C LYS D 307 -38.00 -17.13 8.64
N ALA D 308 -38.15 -17.97 9.61
CA ALA D 308 -37.10 -18.81 10.01
C ALA D 308 -36.86 -19.92 9.04
N GLN D 309 -35.84 -20.67 9.40
CA GLN D 309 -35.56 -21.98 8.94
C GLN D 309 -36.74 -22.85 9.38
N GLY D 310 -37.24 -22.55 10.57
CA GLY D 310 -38.38 -23.12 11.25
C GLY D 310 -39.70 -22.96 10.61
N LEU D 311 -40.43 -24.06 10.63
CA LEU D 311 -41.73 -24.22 10.07
C LEU D 311 -42.72 -23.63 10.99
N ASN D 312 -42.35 -23.82 12.26
CA ASN D 312 -42.75 -23.01 13.32
C ASN D 312 -41.99 -21.78 13.17
N ASN D 313 -42.69 -20.70 13.28
CA ASN D 313 -42.01 -19.49 13.32
C ASN D 313 -42.34 -18.93 14.63
N GLY D 314 -41.39 -19.07 15.56
CA GLY D 314 -41.47 -18.53 16.89
C GLY D 314 -42.74 -18.71 17.62
N ILE D 315 -43.21 -19.93 17.80
CA ILE D 315 -44.44 -20.16 18.51
C ILE D 315 -44.22 -21.11 19.65
N CYS D 316 -44.50 -20.48 20.77
CA CYS D 316 -43.79 -20.69 21.99
C CYS D 316 -44.50 -21.43 23.01
N TRP D 317 -44.74 -22.63 22.62
CA TRP D 317 -45.51 -23.55 23.34
C TRP D 317 -45.00 -23.79 24.60
N HIS D 318 -45.96 -23.99 25.46
CA HIS D 318 -45.74 -24.19 26.82
C HIS D 318 -45.20 -22.99 27.44
N ASN D 319 -45.43 -21.85 26.77
CA ASN D 319 -44.91 -20.57 27.16
C ASN D 319 -43.49 -20.68 27.21
N GLN D 320 -43.04 -21.46 26.27
CA GLN D 320 -41.73 -21.85 26.31
C GLN D 320 -41.07 -21.55 25.07
N LEU D 321 -40.02 -20.80 25.29
CA LEU D 321 -38.97 -20.46 24.44
C LEU D 321 -37.66 -20.89 24.97
N PHE D 322 -36.74 -21.30 24.15
CA PHE D 322 -35.48 -21.81 24.58
C PHE D 322 -34.41 -20.90 24.06
N LEU D 323 -33.79 -20.07 24.92
CA LEU D 323 -32.76 -19.19 24.42
C LEU D 323 -31.37 -19.64 24.60
N THR D 324 -30.75 -19.88 23.47
CA THR D 324 -29.48 -20.52 23.46
C THR D 324 -28.42 -19.61 23.12
N VAL D 325 -27.43 -19.39 23.96
CA VAL D 325 -26.43 -18.42 23.60
C VAL D 325 -25.05 -18.63 24.19
N VAL D 326 -23.97 -18.19 23.50
CA VAL D 326 -22.64 -18.04 24.05
C VAL D 326 -21.88 -17.01 23.23
N ASP D 327 -20.80 -16.42 23.77
CA ASP D 327 -19.95 -15.33 23.32
C ASP D 327 -18.49 -15.61 23.68
N THR D 328 -17.55 -14.77 23.22
CA THR D 328 -16.16 -14.81 23.61
C THR D 328 -15.60 -13.46 23.72
N THR D 329 -16.35 -12.44 23.36
CA THR D 329 -15.89 -11.06 23.39
C THR D 329 -15.50 -10.62 24.73
N ARG D 330 -16.24 -11.17 25.63
CA ARG D 330 -15.99 -11.01 26.96
C ARG D 330 -15.37 -12.28 27.29
N SER D 331 -14.58 -12.22 28.35
CA SER D 331 -13.80 -13.33 28.76
C SER D 331 -12.84 -12.97 29.86
N THR D 332 -13.26 -12.63 31.10
CA THR D 332 -12.20 -12.47 32.09
C THR D 332 -12.50 -12.63 33.57
N ASN D 333 -11.42 -12.80 34.35
CA ASN D 333 -11.35 -13.13 35.75
C ASN D 333 -10.75 -12.09 36.63
N LEU D 334 -11.27 -12.14 37.82
CA LEU D 334 -11.03 -11.26 38.86
C LEU D 334 -10.01 -11.89 39.70
N SER D 335 -9.04 -11.06 39.96
CA SER D 335 -7.81 -11.30 40.60
C SER D 335 -7.74 -10.71 41.97
N VAL D 336 -7.73 -11.56 42.95
CA VAL D 336 -7.71 -11.22 44.32
C VAL D 336 -6.37 -11.42 44.82
N CYS D 337 -5.78 -10.41 45.42
CA CYS D 337 -4.60 -10.59 46.21
C CYS D 337 -5.12 -10.07 47.50
N ALA D 338 -5.18 -10.89 48.54
CA ALA D 338 -5.74 -10.53 49.81
C ALA D 338 -4.70 -10.62 50.90
N SER D 339 -4.53 -9.67 51.81
CA SER D 339 -3.45 -9.84 52.73
C SER D 339 -3.61 -10.84 53.82
N THR D 340 -2.52 -11.45 54.13
CA THR D 340 -2.42 -12.24 55.31
C THR D 340 -2.29 -11.30 56.46
N THR D 341 -1.44 -10.32 56.23
CA THR D 341 -1.04 -9.32 57.14
C THR D 341 -2.14 -8.45 57.55
N SER D 342 -2.13 -8.02 58.80
CA SER D 342 -3.12 -7.15 59.38
C SER D 342 -3.31 -5.92 58.57
N SER D 343 -2.21 -5.22 58.36
CA SER D 343 -2.14 -4.20 57.40
C SER D 343 -1.30 -4.80 56.34
N ILE D 344 -0.25 -4.10 55.95
CA ILE D 344 0.61 -4.50 54.90
C ILE D 344 2.03 -4.25 55.31
N PRO D 345 2.98 -5.14 55.09
CA PRO D 345 4.37 -4.91 55.40
C PRO D 345 4.89 -4.07 54.30
N ASN D 346 5.74 -3.12 54.61
CA ASN D 346 5.96 -2.09 53.63
C ASN D 346 7.19 -2.32 52.83
N VAL D 347 7.79 -3.44 53.17
CA VAL D 347 8.59 -4.15 52.25
C VAL D 347 7.83 -5.41 52.11
N TYR D 348 7.74 -5.87 50.88
CA TYR D 348 6.90 -6.92 50.43
C TYR D 348 7.27 -8.32 50.80
N THR D 349 6.27 -9.18 50.76
CA THR D 349 6.49 -10.57 50.68
C THR D 349 5.30 -10.94 49.90
N PRO D 350 5.30 -11.90 49.06
CA PRO D 350 4.13 -12.28 48.31
C PRO D 350 3.32 -12.98 49.27
N THR D 351 4.06 -13.67 50.08
CA THR D 351 3.69 -14.39 51.22
C THR D 351 2.94 -13.62 52.26
N SER D 352 2.64 -12.35 52.05
CA SER D 352 1.84 -11.60 52.97
C SER D 352 0.45 -11.51 52.42
N PHE D 353 0.22 -12.22 51.33
CA PHE D 353 -0.95 -12.17 50.52
C PHE D 353 -1.50 -13.48 50.09
N LYS D 354 -2.78 -13.71 50.23
CA LYS D 354 -3.55 -14.83 49.78
C LYS D 354 -4.19 -14.48 48.45
N GLU D 355 -3.91 -15.13 47.31
CA GLU D 355 -4.54 -14.77 46.06
C GLU D 355 -5.59 -15.65 45.48
N TYR D 356 -6.68 -15.05 44.98
CA TYR D 356 -7.84 -15.72 44.52
C TYR D 356 -8.44 -15.32 43.16
N ALA D 357 -9.09 -16.24 42.40
CA ALA D 357 -9.72 -16.11 41.07
C ALA D 357 -11.24 -16.27 40.93
N ARG D 358 -11.96 -15.25 40.51
CA ARG D 358 -13.39 -15.28 40.37
C ARG D 358 -13.78 -14.70 39.06
N HIS D 359 -14.80 -15.13 38.38
CA HIS D 359 -15.12 -14.72 37.06
C HIS D 359 -16.44 -14.06 37.07
N VAL D 360 -16.79 -13.10 36.20
CA VAL D 360 -18.08 -12.44 36.26
C VAL D 360 -18.75 -12.10 34.95
N GLU D 361 -20.09 -12.22 34.77
CA GLU D 361 -20.81 -11.81 33.55
C GLU D 361 -22.25 -11.24 33.65
N GLU D 362 -22.67 -10.10 32.98
CA GLU D 362 -24.08 -9.61 32.90
C GLU D 362 -24.78 -9.46 31.53
N PHE D 363 -26.11 -9.73 31.41
CA PHE D 363 -26.96 -9.48 30.23
C PHE D 363 -28.41 -9.14 30.54
N ASP D 364 -29.11 -8.31 29.70
CA ASP D 364 -30.57 -8.15 29.51
C ASP D 364 -31.03 -7.94 28.06
N LEU D 365 -31.69 -8.89 27.49
CA LEU D 365 -32.21 -8.87 26.16
C LEU D 365 -33.62 -8.27 26.10
N GLN D 366 -34.00 -7.65 25.01
CA GLN D 366 -35.20 -6.89 24.87
C GLN D 366 -35.89 -7.49 23.69
N PHE D 367 -37.24 -7.56 23.77
CA PHE D 367 -37.99 -8.40 22.88
C PHE D 367 -39.24 -7.75 22.43
N ILE D 368 -39.71 -8.15 21.25
CA ILE D 368 -40.87 -7.61 20.62
C ILE D 368 -41.76 -8.68 20.17
N PHE D 369 -42.94 -8.79 20.66
CA PHE D 369 -43.78 -9.89 20.44
C PHE D 369 -44.80 -9.59 19.52
N GLN D 370 -45.38 -10.66 19.03
CA GLN D 370 -46.56 -10.69 18.31
C GLN D 370 -47.45 -11.69 18.95
N LEU D 371 -48.56 -11.28 19.49
CA LEU D 371 -49.53 -12.29 19.79
C LEU D 371 -50.18 -12.85 18.58
N CYS D 372 -50.51 -14.09 18.61
CA CYS D 372 -51.10 -14.80 17.57
C CYS D 372 -52.25 -15.52 18.11
N LYS D 373 -53.21 -15.81 17.31
CA LYS D 373 -54.38 -16.49 17.74
C LYS D 373 -54.45 -17.76 17.04
N ILE D 374 -54.96 -18.77 17.64
CA ILE D 374 -55.36 -19.89 16.87
C ILE D 374 -56.74 -20.19 17.16
N THR D 375 -57.60 -20.02 16.17
CA THR D 375 -58.86 -20.66 16.27
C THR D 375 -58.63 -22.08 15.97
N LEU D 376 -58.79 -22.83 16.99
CA LEU D 376 -58.48 -24.17 17.18
C LEU D 376 -59.39 -24.91 16.34
N THR D 377 -58.91 -25.80 15.52
CA THR D 377 -59.82 -26.53 14.70
C THR D 377 -59.47 -27.92 14.75
N THR D 378 -60.50 -28.67 14.91
CA THR D 378 -60.57 -30.05 15.15
C THR D 378 -59.39 -30.85 14.86
N GLU D 379 -59.40 -31.33 13.68
CA GLU D 379 -58.50 -32.08 12.96
C GLU D 379 -57.15 -31.55 13.13
N VAL D 380 -56.99 -30.29 13.00
CA VAL D 380 -55.75 -29.72 13.19
C VAL D 380 -55.29 -29.84 14.53
N MET D 381 -56.13 -29.58 15.49
CA MET D 381 -55.81 -29.70 16.86
C MET D 381 -55.38 -31.06 17.14
N SER D 382 -56.12 -31.94 16.52
CA SER D 382 -55.86 -33.32 16.58
C SER D 382 -54.53 -33.55 16.14
N TYR D 383 -54.28 -33.07 14.98
CA TYR D 383 -53.01 -33.01 14.43
C TYR D 383 -52.08 -32.36 15.35
N ILE D 384 -52.41 -31.43 16.13
CA ILE D 384 -51.43 -30.96 16.98
C ILE D 384 -51.01 -31.90 17.96
N HIS D 385 -51.94 -32.68 18.41
CA HIS D 385 -51.74 -33.44 19.59
C HIS D 385 -50.59 -34.31 19.52
N ASN D 386 -50.42 -34.77 18.35
CA ASN D 386 -49.39 -35.65 18.06
C ASN D 386 -48.13 -34.91 17.97
N MET D 387 -48.13 -33.62 17.90
CA MET D 387 -46.89 -32.98 18.17
C MET D 387 -46.88 -32.81 19.60
N ASN D 388 -47.92 -32.21 20.12
CA ASN D 388 -48.10 -32.30 21.49
C ASN D 388 -49.37 -31.78 22.04
N THR D 389 -50.13 -32.78 22.38
CA THR D 389 -51.30 -32.82 23.19
C THR D 389 -51.26 -31.90 24.30
N THR D 390 -50.14 -31.89 24.96
CA THR D 390 -49.90 -31.17 26.13
C THR D 390 -50.49 -29.85 26.13
N ILE D 391 -50.01 -28.99 25.29
CA ILE D 391 -50.42 -27.66 25.03
C ILE D 391 -51.86 -27.42 25.06
N LEU D 392 -52.47 -28.33 24.38
CA LEU D 392 -53.82 -28.32 24.02
C LEU D 392 -54.62 -28.68 25.19
N GLU D 393 -54.03 -29.57 25.92
CA GLU D 393 -54.52 -30.02 27.13
C GLU D 393 -54.22 -28.98 28.13
N ASP D 394 -53.19 -28.21 27.89
CA ASP D 394 -52.81 -27.10 28.67
C ASP D 394 -53.73 -26.02 28.39
N TRP D 395 -54.38 -26.14 27.28
CA TRP D 395 -55.40 -25.26 26.93
C TRP D 395 -56.63 -25.79 27.26
N ASN D 396 -56.59 -27.02 27.74
CA ASN D 396 -57.66 -27.69 28.37
C ASN D 396 -58.79 -27.68 27.43
N PHE D 397 -58.44 -27.77 26.16
CA PHE D 397 -59.31 -27.42 25.12
C PHE D 397 -59.45 -28.62 24.29
N GLY D 398 -60.67 -28.88 23.82
CA GLY D 398 -60.97 -30.10 23.15
C GLY D 398 -60.81 -31.23 24.13
N VAL D 399 -60.65 -32.43 23.62
CA VAL D 399 -60.40 -33.64 24.36
C VAL D 399 -59.13 -33.55 25.19
N THR D 400 -59.02 -34.17 26.38
CA THR D 400 -59.93 -34.96 27.21
C THR D 400 -60.90 -35.93 26.65
N PRO D 401 -60.51 -37.06 26.19
CA PRO D 401 -61.43 -38.06 25.76
C PRO D 401 -61.30 -39.04 26.90
N PRO D 402 -61.40 -40.33 26.89
CA PRO D 402 -61.80 -41.19 25.82
C PRO D 402 -63.24 -40.97 25.47
N PRO D 403 -63.96 -41.87 24.86
CA PRO D 403 -65.33 -41.61 24.49
C PRO D 403 -66.19 -42.57 25.24
N THR D 404 -66.32 -42.43 26.54
CA THR D 404 -65.84 -41.40 27.42
C THR D 404 -64.52 -41.60 28.08
N ALA D 405 -64.24 -42.82 28.50
CA ALA D 405 -63.14 -43.00 29.37
C ALA D 405 -62.70 -44.39 29.34
N SER D 406 -62.73 -45.03 30.50
CA SER D 406 -62.25 -46.36 30.72
C SER D 406 -62.18 -46.50 32.23
N LEU D 407 -62.49 -47.64 32.91
CA LEU D 407 -63.01 -48.90 32.42
C LEU D 407 -63.34 -50.04 33.42
N VAL D 408 -62.99 -50.04 34.72
CA VAL D 408 -63.36 -51.17 35.58
C VAL D 408 -63.68 -50.70 36.97
N ASP D 409 -64.89 -50.96 37.49
CA ASP D 409 -65.32 -50.45 38.78
C ASP D 409 -65.63 -51.57 39.73
N THR D 410 -65.06 -52.68 39.42
CA THR D 410 -65.35 -53.88 40.07
C THR D 410 -64.89 -54.08 41.50
N TYR D 411 -65.14 -53.16 42.46
CA TYR D 411 -64.65 -53.30 43.84
C TYR D 411 -65.70 -53.09 44.90
N ARG D 412 -65.76 -53.78 46.06
CA ARG D 412 -64.99 -54.87 46.58
C ARG D 412 -65.40 -55.18 48.00
N PHE D 413 -64.49 -55.77 48.79
CA PHE D 413 -64.61 -56.23 50.15
C PHE D 413 -64.28 -55.19 51.11
N VAL D 414 -64.87 -55.23 52.30
CA VAL D 414 -64.79 -54.08 53.16
C VAL D 414 -64.58 -54.27 54.62
N GLN D 415 -63.96 -55.33 55.12
CA GLN D 415 -63.81 -55.37 56.55
C GLN D 415 -62.42 -55.45 57.06
N SER D 416 -61.63 -56.32 56.45
CA SER D 416 -60.35 -56.76 56.94
C SER D 416 -60.59 -57.66 58.10
N ALA D 417 -59.89 -58.78 58.31
CA ALA D 417 -58.85 -59.41 57.57
C ALA D 417 -59.28 -59.91 56.25
N ALA D 418 -58.85 -59.16 55.26
CA ALA D 418 -59.33 -59.26 53.93
C ALA D 418 -58.57 -60.18 53.01
N VAL D 419 -57.27 -60.13 52.80
CA VAL D 419 -56.37 -59.24 53.40
C VAL D 419 -56.51 -57.94 52.78
N THR D 420 -56.06 -56.93 53.49
CA THR D 420 -56.06 -55.58 53.00
C THR D 420 -54.77 -55.36 52.29
N CYS D 421 -54.57 -56.21 51.33
CA CYS D 421 -53.44 -56.34 50.49
C CYS D 421 -53.28 -55.08 49.75
N GLN D 422 -54.38 -54.52 49.32
CA GLN D 422 -54.47 -53.27 48.67
C GLN D 422 -53.86 -52.12 49.44
N LYS D 423 -53.10 -51.25 48.77
CA LYS D 423 -52.44 -50.15 49.44
C LYS D 423 -52.94 -48.84 48.96
N ASP D 424 -54.04 -48.97 48.21
CA ASP D 424 -55.00 -47.96 47.90
C ASP D 424 -54.50 -46.52 47.69
N THR D 425 -53.48 -46.27 46.85
CA THR D 425 -52.97 -44.91 46.68
C THR D 425 -52.42 -44.67 45.30
N ALA D 426 -52.57 -43.46 44.71
CA ALA D 426 -52.09 -43.17 43.39
C ALA D 426 -50.95 -42.19 43.42
N PRO D 427 -49.96 -42.27 42.57
CA PRO D 427 -48.87 -41.31 42.56
C PRO D 427 -48.97 -40.42 41.34
N PRO D 428 -49.66 -39.31 41.32
CA PRO D 428 -49.83 -38.50 40.11
C PRO D 428 -48.78 -37.43 39.83
N VAL D 429 -49.02 -36.68 38.73
CA VAL D 429 -48.31 -35.53 38.19
C VAL D 429 -46.84 -35.53 38.30
N LYS D 430 -46.21 -36.42 37.57
CA LYS D 430 -44.79 -36.57 37.71
C LYS D 430 -44.01 -35.89 36.64
N GLN D 431 -44.65 -35.35 35.60
CA GLN D 431 -43.82 -34.74 34.60
C GLN D 431 -43.22 -33.43 34.98
N ASP D 432 -42.07 -33.10 34.40
CA ASP D 432 -41.31 -31.97 34.72
C ASP D 432 -40.85 -31.12 33.52
N PRO D 433 -40.16 -31.27 32.42
CA PRO D 433 -39.53 -32.44 31.96
C PRO D 433 -38.11 -32.10 31.78
N TYR D 434 -37.67 -30.92 32.11
CA TYR D 434 -36.27 -30.66 31.96
C TYR D 434 -35.86 -30.33 33.28
N ASP D 435 -36.43 -30.96 34.26
CA ASP D 435 -36.29 -30.42 35.57
C ASP D 435 -35.39 -31.26 36.34
N LYS D 436 -35.17 -32.36 35.68
CA LYS D 436 -34.04 -33.16 35.82
C LYS D 436 -32.90 -32.39 35.21
N LEU D 437 -33.21 -31.32 34.49
CA LEU D 437 -32.27 -30.49 33.84
C LEU D 437 -32.31 -29.14 34.41
N LYS D 438 -31.32 -28.31 34.13
CA LYS D 438 -31.10 -27.01 34.66
C LYS D 438 -31.04 -26.04 33.60
N PHE D 439 -31.66 -24.95 33.88
CA PHE D 439 -31.56 -23.88 33.00
C PHE D 439 -31.23 -22.81 33.80
N TRP D 440 -31.06 -21.79 33.04
CA TRP D 440 -31.18 -20.55 33.53
C TRP D 440 -32.60 -20.17 33.40
N PRO D 441 -33.25 -19.95 34.46
CA PRO D 441 -34.64 -19.65 34.45
C PRO D 441 -34.85 -18.35 33.82
N VAL D 442 -35.69 -18.29 32.84
CA VAL D 442 -36.06 -17.04 32.34
C VAL D 442 -37.51 -16.91 32.28
N ASP D 443 -38.12 -16.39 33.32
CA ASP D 443 -39.47 -16.01 33.16
C ASP D 443 -39.43 -14.67 32.64
N LEU D 444 -40.09 -14.51 31.56
CA LEU D 444 -40.29 -13.24 31.04
C LEU D 444 -41.59 -12.58 31.41
N LYS D 445 -42.68 -13.32 31.46
CA LYS D 445 -44.03 -12.80 31.54
C LYS D 445 -44.31 -11.35 31.72
N GLU D 446 -44.53 -10.95 32.93
CA GLU D 446 -44.79 -9.63 33.31
C GLU D 446 -43.62 -8.72 33.28
N ARG D 447 -42.77 -8.86 32.30
CA ARG D 447 -41.76 -7.88 32.05
C ARG D 447 -42.08 -7.31 30.70
N PHE D 448 -43.27 -7.67 30.34
CA PHE D 448 -44.04 -7.26 29.26
C PHE D 448 -44.36 -5.83 29.33
N SER D 449 -44.45 -5.23 28.17
CA SER D 449 -45.18 -4.02 28.06
C SER D 449 -45.38 -3.85 26.64
N ALA D 450 -46.23 -3.00 26.12
CA ALA D 450 -46.44 -3.00 24.71
C ALA D 450 -45.61 -1.93 24.05
N ASP D 451 -44.83 -1.23 24.87
CA ASP D 451 -44.46 0.12 24.54
C ASP D 451 -43.10 0.38 24.16
N LEU D 452 -42.94 0.03 22.93
CA LEU D 452 -41.92 0.02 21.97
C LEU D 452 -40.95 1.08 22.12
N ASP D 453 -41.49 2.19 22.08
CA ASP D 453 -41.06 3.46 22.43
C ASP D 453 -40.24 3.51 23.67
N GLN D 454 -40.49 2.67 24.61
CA GLN D 454 -39.84 2.75 25.86
C GLN D 454 -38.81 1.74 25.83
N PHE D 455 -38.60 1.13 24.71
CA PHE D 455 -37.70 0.08 24.63
C PHE D 455 -36.92 0.47 23.52
N PRO D 456 -35.68 0.63 23.59
CA PRO D 456 -34.92 1.08 22.47
C PRO D 456 -35.18 0.33 21.23
N LEU D 457 -35.21 -0.96 21.35
CA LEU D 457 -35.51 -1.84 20.28
C LEU D 457 -36.86 -1.66 19.81
N GLY D 458 -37.74 -1.40 20.71
CA GLY D 458 -39.10 -1.17 20.36
C GLY D 458 -39.17 -0.02 19.53
N ARG D 459 -38.44 0.99 19.93
CA ARG D 459 -38.36 2.09 19.11
C ARG D 459 -37.77 1.76 17.83
N LYS D 460 -36.69 1.02 17.83
CA LYS D 460 -36.07 0.63 16.63
C LYS D 460 -36.93 -0.05 15.69
N PHE D 461 -37.78 -0.79 16.29
CA PHE D 461 -38.60 -1.60 15.58
C PHE D 461 -39.54 -0.75 14.89
N LEU D 462 -40.02 0.23 15.54
CA LEU D 462 -40.93 1.06 14.91
C LEU D 462 -40.39 1.71 13.75
N LEU D 463 -39.15 2.06 13.90
CA LEU D 463 -38.44 2.63 12.82
C LEU D 463 -38.35 1.71 11.73
N GLN D 464 -38.17 0.46 12.06
CA GLN D 464 -38.05 -0.51 11.06
C GLN D 464 -39.28 -0.56 10.20
N LEU D 465 -40.42 -0.22 10.74
CA LEU D 465 -41.63 -0.36 10.02
C LEU D 465 -41.70 0.33 8.68
N LYS E 12 -45.89 8.11 29.69
CA LYS E 12 -44.72 7.99 28.88
C LYS E 12 -44.17 9.31 28.54
N VAL E 13 -42.88 9.31 28.34
CA VAL E 13 -42.22 10.46 27.87
C VAL E 13 -42.55 10.57 26.42
N VAL E 14 -42.24 11.68 25.79
CA VAL E 14 -42.66 11.92 24.45
C VAL E 14 -41.47 12.34 23.63
N SER E 15 -41.55 12.30 22.29
CA SER E 15 -40.51 12.91 21.48
C SER E 15 -40.67 14.36 21.69
N THR E 16 -39.58 15.05 21.69
CA THR E 16 -39.69 16.35 22.25
C THR E 16 -40.17 17.56 21.53
N ASP E 17 -39.98 17.62 20.24
CA ASP E 17 -40.32 18.61 19.25
C ASP E 17 -41.76 18.83 19.17
N GLU E 18 -42.38 17.91 19.78
CA GLU E 18 -43.73 17.66 19.95
C GLU E 18 -44.13 18.82 20.72
N TYR E 19 -43.41 19.16 21.72
CA TYR E 19 -43.75 20.35 22.42
C TYR E 19 -42.70 21.33 22.11
N VAL E 20 -41.67 20.91 21.46
CA VAL E 20 -40.62 21.79 21.15
C VAL E 20 -40.64 22.28 19.75
N THR E 21 -40.86 23.55 19.58
CA THR E 21 -41.15 24.07 18.29
C THR E 21 -40.01 24.31 17.42
N ARG E 22 -40.00 23.64 16.30
CA ARG E 22 -38.92 23.84 15.41
C ARG E 22 -38.92 25.06 14.60
N THR E 23 -37.72 25.41 14.21
CA THR E 23 -37.37 26.63 13.57
C THR E 23 -36.51 26.39 12.39
N SER E 24 -36.04 27.49 11.89
CA SER E 24 -35.06 27.72 10.89
C SER E 24 -33.73 28.11 11.45
N ILE E 25 -33.45 27.93 12.71
CA ILE E 25 -32.33 28.66 13.22
C ILE E 25 -31.07 28.02 12.99
N PHE E 26 -30.10 28.68 12.39
CA PHE E 26 -28.89 27.93 12.27
C PHE E 26 -27.76 28.72 12.73
N TYR E 27 -26.87 28.04 13.43
CA TYR E 27 -25.72 28.65 14.03
C TYR E 27 -24.57 27.81 13.85
N HIS E 28 -23.39 28.36 13.86
CA HIS E 28 -22.22 27.57 13.99
C HIS E 28 -21.65 28.01 15.23
N ALA E 29 -21.02 27.15 15.93
CA ALA E 29 -20.26 27.60 17.02
C ALA E 29 -19.19 26.60 17.02
N GLY E 30 -18.00 26.91 17.47
CA GLY E 30 -16.96 25.92 17.34
C GLY E 30 -15.79 26.36 18.13
N SER E 31 -15.16 25.42 18.83
CA SER E 31 -14.01 25.64 19.65
C SER E 31 -12.72 25.76 18.95
N SER E 32 -12.23 26.98 19.07
CA SER E 32 -10.95 27.49 18.72
C SER E 32 -9.76 26.70 19.14
N ARG E 33 -9.76 26.12 20.30
CA ARG E 33 -8.65 25.33 20.66
C ARG E 33 -9.02 24.86 21.95
N LEU E 34 -8.79 23.62 22.26
CA LEU E 34 -8.76 23.20 23.62
C LEU E 34 -7.38 22.76 23.83
N LEU E 35 -6.72 23.14 24.93
CA LEU E 35 -5.49 22.48 25.21
C LEU E 35 -5.25 22.33 26.68
N THR E 36 -4.66 21.20 27.10
CA THR E 36 -4.28 20.94 28.46
C THR E 36 -3.17 19.89 28.44
N VAL E 37 -2.14 19.98 29.28
CA VAL E 37 -0.90 19.21 29.22
C VAL E 37 -0.37 18.73 30.61
N GLY E 38 0.39 17.60 30.81
CA GLY E 38 1.10 17.29 32.07
C GLY E 38 1.75 15.93 32.16
N HIS E 39 2.31 15.49 33.28
CA HIS E 39 3.03 14.23 33.39
C HIS E 39 2.22 13.02 33.30
N PRO E 40 2.64 11.92 32.74
CA PRO E 40 1.79 10.78 32.62
C PRO E 40 1.10 10.35 33.84
N TYR E 41 1.81 9.77 34.76
CA TYR E 41 1.18 9.04 35.81
C TYR E 41 0.75 9.77 36.95
N PHE E 42 1.19 10.96 37.09
CA PHE E 42 0.91 11.65 38.30
C PHE E 42 1.18 13.07 38.08
N LYS E 43 0.85 13.82 39.09
CA LYS E 43 1.07 15.20 39.14
C LYS E 43 2.14 15.31 40.13
N VAL E 44 2.84 16.40 40.14
CA VAL E 44 3.86 16.55 41.09
C VAL E 44 3.68 17.92 41.47
N PRO E 45 3.64 18.27 42.70
CA PRO E 45 3.52 19.64 43.09
C PRO E 45 4.74 20.38 42.67
N LYS E 46 4.59 21.62 42.25
CA LYS E 46 5.67 22.47 41.89
C LYS E 46 5.41 23.77 42.52
N GLY E 47 4.98 23.73 43.76
CA GLY E 47 4.78 24.88 44.59
C GLY E 47 3.60 25.71 44.28
N GLY E 48 3.30 26.56 45.27
CA GLY E 48 2.15 27.41 45.32
C GLY E 48 1.36 26.85 46.44
N ASN E 49 0.70 25.70 46.32
CA ASN E 49 0.51 24.94 45.12
C ASN E 49 -0.79 25.26 44.51
N GLY E 50 -1.08 26.53 44.71
CA GLY E 50 -1.99 27.31 43.96
C GLY E 50 -0.97 27.99 43.11
N ARG E 51 -0.54 27.48 41.98
CA ARG E 51 -1.03 26.30 41.35
C ARG E 51 0.06 25.35 41.12
N GLN E 52 1.17 25.96 40.85
CA GLN E 52 2.31 25.40 40.26
C GLN E 52 2.62 24.00 40.48
N ASP E 53 2.52 23.24 39.44
CA ASP E 53 2.68 21.85 39.54
C ASP E 53 3.01 21.32 38.21
N VAL E 54 3.15 20.02 38.23
CA VAL E 54 3.28 19.19 37.11
C VAL E 54 2.00 18.52 37.15
N PRO E 55 1.08 18.68 36.26
CA PRO E 55 -0.17 18.03 36.41
C PRO E 55 -0.01 16.68 35.97
N LYS E 56 -0.98 15.85 36.26
CA LYS E 56 -0.93 14.56 35.70
C LYS E 56 -1.65 14.64 34.45
N VAL E 57 -1.03 14.31 33.36
CA VAL E 57 -1.77 14.24 32.19
C VAL E 57 -1.28 13.08 31.44
N SER E 58 -2.28 12.34 31.01
CA SER E 58 -2.20 11.13 30.29
C SER E 58 -3.47 11.17 29.51
N ALA E 59 -3.61 10.61 28.33
CA ALA E 59 -4.89 10.66 27.69
C ALA E 59 -5.81 9.59 28.18
N TYR E 60 -5.75 9.36 29.46
CA TYR E 60 -6.32 8.21 30.03
C TYR E 60 -7.14 8.72 31.11
N GLN E 61 -7.74 9.84 30.78
CA GLN E 61 -8.52 10.70 31.58
C GLN E 61 -9.72 10.92 30.66
N TYR E 62 -10.91 11.07 31.21
CA TYR E 62 -12.13 10.97 30.49
C TYR E 62 -12.56 12.29 30.10
N ARG E 63 -13.09 12.41 28.87
CA ARG E 63 -13.31 13.74 28.41
C ARG E 63 -14.71 14.20 28.41
N VAL E 64 -14.99 15.01 29.45
CA VAL E 64 -16.30 15.51 29.83
C VAL E 64 -16.59 16.99 29.84
N PHE E 65 -17.36 17.46 28.88
CA PHE E 65 -17.57 18.87 28.72
C PHE E 65 -18.79 19.49 29.24
N ARG E 66 -18.73 20.37 30.22
CA ARG E 66 -19.86 21.15 30.59
C ARG E 66 -19.99 22.41 29.82
N VAL E 67 -20.92 22.42 28.91
CA VAL E 67 -21.03 23.41 27.90
C VAL E 67 -22.04 24.45 28.04
N LYS E 68 -21.56 25.67 28.18
CA LYS E 68 -22.35 26.82 28.40
C LYS E 68 -22.74 27.44 27.11
N LEU E 69 -24.04 27.66 27.03
CA LEU E 69 -24.66 27.93 25.80
C LEU E 69 -25.67 29.01 25.97
N PRO E 70 -26.00 29.69 24.93
CA PRO E 70 -26.72 30.93 25.02
C PRO E 70 -28.02 30.74 25.60
N ASP E 71 -28.45 31.48 26.64
CA ASP E 71 -29.85 31.42 26.94
C ASP E 71 -30.46 32.24 25.86
N PRO E 72 -30.98 31.62 24.87
CA PRO E 72 -31.40 32.21 23.65
C PRO E 72 -32.42 33.20 23.85
N ASN E 73 -33.14 33.10 24.93
CA ASN E 73 -34.18 33.96 25.28
C ASN E 73 -33.53 35.30 25.51
N LYS E 74 -32.23 35.40 25.73
CA LYS E 74 -31.62 36.70 25.65
C LYS E 74 -30.80 36.92 24.41
N PHE E 75 -30.95 36.20 23.31
CA PHE E 75 -29.94 36.31 22.27
C PHE E 75 -30.21 37.05 21.06
N GLY E 76 -29.07 37.36 20.45
CA GLY E 76 -28.88 37.80 19.11
C GLY E 76 -29.73 37.11 18.12
N LEU E 77 -30.12 37.94 17.16
CA LEU E 77 -31.30 37.85 16.36
C LEU E 77 -32.47 37.40 17.14
N PRO E 78 -32.99 38.22 17.97
CA PRO E 78 -34.09 37.80 18.77
C PRO E 78 -35.36 38.12 18.05
N ASP E 79 -35.31 38.59 16.78
CA ASP E 79 -36.44 39.01 15.97
C ASP E 79 -37.68 38.22 16.30
N ASN E 80 -38.65 38.76 17.07
CA ASN E 80 -39.70 37.93 17.68
C ASN E 80 -40.82 37.37 16.84
N THR E 81 -40.35 37.13 15.61
CA THR E 81 -40.85 36.16 14.68
C THR E 81 -40.57 34.87 15.39
N VAL E 82 -39.41 34.91 16.07
CA VAL E 82 -38.97 34.07 17.11
C VAL E 82 -40.06 33.72 18.01
N TYR E 83 -40.68 34.58 18.77
CA TYR E 83 -41.76 34.03 19.50
C TYR E 83 -42.56 35.08 20.05
N ASP E 84 -43.55 34.63 20.76
CA ASP E 84 -44.09 35.45 21.74
C ASP E 84 -43.29 34.95 22.92
N PRO E 85 -42.55 35.76 23.54
CA PRO E 85 -41.67 35.31 24.57
C PRO E 85 -42.36 34.86 25.76
N ASN E 86 -43.65 35.05 25.83
CA ASN E 86 -44.34 34.85 27.05
C ASN E 86 -44.84 33.52 27.04
N SER E 87 -45.55 33.23 25.98
CA SER E 87 -46.08 31.95 25.65
C SER E 87 -45.02 31.01 25.23
N GLN E 88 -43.80 31.52 25.05
CA GLN E 88 -42.79 30.69 24.54
C GLN E 88 -41.46 30.92 25.08
N ARG E 89 -40.67 29.87 25.10
CA ARG E 89 -39.29 30.00 25.44
C ARG E 89 -38.52 29.47 24.37
N LEU E 90 -37.31 29.84 24.33
CA LEU E 90 -36.43 29.54 23.30
C LEU E 90 -35.60 28.51 23.87
N VAL E 91 -35.17 27.62 23.00
CA VAL E 91 -34.36 26.53 23.39
C VAL E 91 -33.42 26.10 22.33
N TRP E 92 -32.23 25.83 22.75
CA TRP E 92 -31.29 25.31 21.86
C TRP E 92 -31.30 23.87 21.65
N ALA E 93 -31.06 23.61 20.38
CA ALA E 93 -30.50 22.40 19.99
C ALA E 93 -29.33 22.77 19.16
N CYS E 94 -28.21 22.12 19.43
CA CYS E 94 -27.16 22.02 18.49
C CYS E 94 -27.68 20.93 17.68
N VAL E 95 -27.41 20.94 16.45
CA VAL E 95 -27.97 19.99 15.59
C VAL E 95 -26.80 19.29 14.97
N GLY E 96 -25.69 20.00 14.74
CA GLY E 96 -24.56 19.51 14.03
C GLY E 96 -23.28 19.64 14.77
N VAL E 97 -22.46 18.60 14.63
CA VAL E 97 -21.22 18.39 15.34
C VAL E 97 -20.15 17.80 14.51
N GLU E 98 -18.99 18.40 14.55
CA GLU E 98 -17.82 17.75 14.10
C GLU E 98 -16.71 17.94 15.06
N ILE E 99 -16.33 16.83 15.66
CA ILE E 99 -15.25 16.81 16.57
C ILE E 99 -13.97 16.67 15.81
N GLY E 100 -13.26 17.79 15.78
CA GLY E 100 -11.97 17.93 15.20
C GLY E 100 -11.01 17.50 16.22
N ARG E 101 -10.16 16.56 15.81
CA ARG E 101 -9.18 15.99 16.67
C ARG E 101 -7.81 16.58 16.50
N GLY E 102 -7.17 17.05 17.59
CA GLY E 102 -5.84 17.60 17.48
C GLY E 102 -4.72 16.60 17.30
N GLN E 103 -3.47 17.09 17.29
CA GLN E 103 -2.18 16.44 17.13
C GLN E 103 -2.02 15.43 16.02
N PRO E 104 -0.88 14.89 15.72
CA PRO E 104 -0.80 13.73 14.87
C PRO E 104 -1.23 12.62 15.71
N LEU E 105 -1.38 11.41 15.17
CA LEU E 105 -1.59 10.27 16.03
C LEU E 105 -0.26 9.88 16.53
N GLY E 106 -0.23 9.15 17.62
CA GLY E 106 0.98 8.64 18.25
C GLY E 106 0.58 7.50 19.12
N VAL E 107 1.41 7.19 20.09
CA VAL E 107 1.14 6.26 21.14
C VAL E 107 2.25 6.45 22.09
N GLY E 108 2.61 5.45 22.90
CA GLY E 108 3.62 5.41 23.95
C GLY E 108 3.33 4.19 24.80
N LEU E 109 4.01 3.97 25.97
CA LEU E 109 3.85 2.79 26.85
C LEU E 109 3.84 3.18 28.33
N SER E 110 3.51 2.25 29.24
CA SER E 110 3.85 2.47 30.66
C SER E 110 4.64 1.30 31.16
N GLY E 111 4.70 1.03 32.47
CA GLY E 111 5.47 -0.05 33.02
C GLY E 111 5.38 -0.20 34.49
N HIS E 112 6.42 -0.82 35.09
CA HIS E 112 6.44 -1.11 36.48
C HIS E 112 7.64 -1.86 36.92
N PRO E 113 8.48 -1.37 37.80
CA PRO E 113 9.66 -2.08 38.18
C PRO E 113 9.30 -3.09 39.13
N LEU E 114 8.35 -2.74 39.97
CA LEU E 114 7.96 -3.63 40.99
C LEU E 114 6.83 -4.40 40.47
N TYR E 115 6.86 -4.60 39.15
CA TYR E 115 5.95 -5.47 38.56
C TYR E 115 6.37 -6.81 38.95
N ASN E 116 5.62 -7.48 39.81
CA ASN E 116 5.86 -8.87 40.12
C ASN E 116 5.95 -9.61 38.87
N LYS E 117 6.72 -10.65 38.87
CA LYS E 117 6.47 -11.56 37.82
C LYS E 117 7.07 -12.80 38.22
N LEU E 118 6.20 -13.79 38.37
CA LEU E 118 6.66 -15.10 38.54
C LEU E 118 7.21 -15.49 37.23
N ASP E 119 6.35 -15.62 36.23
CA ASP E 119 6.82 -16.14 35.02
C ASP E 119 5.88 -15.94 33.90
N ASP E 120 6.22 -16.66 32.85
CA ASP E 120 5.76 -16.88 31.52
C ASP E 120 4.77 -18.02 31.51
N THR E 121 4.95 -18.95 30.55
CA THR E 121 4.27 -20.22 30.44
C THR E 121 4.81 -21.18 29.40
N GLU E 122 5.67 -20.71 28.48
CA GLU E 122 6.28 -21.53 27.44
C GLU E 122 7.78 -21.57 27.57
N ASN E 123 8.39 -20.42 27.97
CA ASN E 123 9.78 -20.34 28.34
C ASN E 123 9.88 -20.72 29.81
N SER E 124 8.74 -21.30 30.27
CA SER E 124 8.42 -22.05 31.48
C SER E 124 9.18 -23.35 31.38
N HIS E 125 10.50 -23.26 31.48
CA HIS E 125 11.39 -24.38 31.43
C HIS E 125 12.23 -24.32 32.68
N VAL E 126 11.71 -23.62 33.70
CA VAL E 126 12.34 -23.37 34.97
C VAL E 126 11.42 -22.48 35.78
N ALA E 127 11.36 -22.66 37.11
CA ALA E 127 10.51 -21.92 38.02
C ALA E 127 11.22 -21.73 39.36
N SER E 128 11.19 -20.51 39.96
CA SER E 128 11.96 -20.20 41.17
C SER E 128 11.79 -21.04 42.42
N ALA E 129 10.61 -21.41 42.90
CA ALA E 129 9.32 -21.07 42.46
C ALA E 129 8.73 -20.23 43.54
N VAL E 130 9.54 -19.83 44.53
CA VAL E 130 9.03 -19.04 45.59
C VAL E 130 9.42 -17.62 45.46
N ASP E 131 10.72 -17.28 45.57
CA ASP E 131 11.20 -15.91 45.60
C ASP E 131 10.94 -15.34 46.97
N THR E 132 9.67 -15.44 47.40
CA THR E 132 9.08 -15.19 48.72
C THR E 132 9.07 -13.79 49.14
N LYS E 133 9.83 -13.03 48.40
CA LYS E 133 10.18 -11.70 48.61
C LYS E 133 9.28 -10.83 47.82
N ASP E 134 9.30 -10.95 46.49
CA ASP E 134 8.47 -10.16 45.64
C ASP E 134 8.61 -10.37 44.16
N THR E 135 9.57 -11.17 43.69
CA THR E 135 9.86 -11.40 42.29
C THR E 135 10.29 -10.24 41.52
N ARG E 136 9.34 -9.36 41.30
CA ARG E 136 9.19 -8.23 40.48
C ARG E 136 10.28 -7.68 39.70
N ASP E 137 10.00 -7.39 38.45
CA ASP E 137 10.95 -6.84 37.54
C ASP E 137 10.38 -5.71 36.82
N ASN E 138 11.25 -4.99 36.15
CA ASN E 138 10.79 -3.91 35.40
C ASN E 138 10.21 -4.34 34.14
N VAL E 139 9.14 -3.66 33.84
CA VAL E 139 8.21 -4.07 32.88
C VAL E 139 7.76 -2.85 32.21
N SER E 140 7.41 -2.94 30.93
CA SER E 140 6.75 -1.90 30.17
C SER E 140 5.55 -2.51 29.50
N VAL E 141 4.50 -1.74 29.12
CA VAL E 141 3.19 -2.29 28.68
C VAL E 141 2.33 -1.55 27.65
N ASP E 142 1.43 -2.30 26.94
CA ASP E 142 0.39 -1.79 26.06
C ASP E 142 -1.01 -2.38 26.28
N TYR E 143 -2.01 -1.81 25.60
CA TYR E 143 -3.43 -2.04 25.76
C TYR E 143 -4.19 -1.68 24.50
N LYS E 144 -5.41 -2.20 24.41
CA LYS E 144 -6.44 -2.06 23.42
C LYS E 144 -6.64 -0.80 22.63
N GLN E 145 -6.95 -0.93 21.34
CA GLN E 145 -7.43 0.15 20.52
C GLN E 145 -8.88 0.49 20.83
N THR E 146 -9.23 1.71 21.18
CA THR E 146 -10.57 2.16 21.51
C THR E 146 -10.94 3.60 21.19
N GLN E 147 -12.07 3.79 20.52
CA GLN E 147 -12.60 5.07 20.16
C GLN E 147 -14.02 5.34 20.61
N LEU E 148 -14.23 6.37 21.42
CA LEU E 148 -15.50 6.66 22.01
C LEU E 148 -15.95 8.06 21.79
N CYS E 149 -17.26 8.21 21.70
CA CYS E 149 -17.97 9.42 21.65
C CYS E 149 -19.17 9.21 22.48
N ILE E 150 -19.57 10.19 23.24
CA ILE E 150 -20.88 10.17 23.81
C ILE E 150 -21.29 11.57 23.94
N ILE E 151 -22.48 11.87 23.49
CA ILE E 151 -23.00 13.17 23.51
C ILE E 151 -24.26 13.19 24.25
N GLY E 152 -24.34 14.17 25.13
CA GLY E 152 -25.47 14.34 25.96
C GLY E 152 -25.47 15.68 26.48
N CYS E 153 -26.54 16.01 27.13
CA CYS E 153 -26.66 17.30 27.72
C CYS E 153 -26.53 17.16 29.16
N VAL E 154 -26.16 15.99 29.63
CA VAL E 154 -26.12 15.76 31.01
C VAL E 154 -24.88 15.03 31.14
N PRO E 155 -24.07 15.15 32.14
CA PRO E 155 -22.88 14.35 32.25
C PRO E 155 -23.26 12.93 32.47
N ALA E 156 -22.33 11.99 32.33
CA ALA E 156 -22.66 10.58 32.30
C ALA E 156 -21.99 9.76 33.33
N ILE E 157 -22.51 8.58 33.54
CA ILE E 157 -22.18 7.57 34.48
C ILE E 157 -21.61 6.27 33.98
N GLY E 158 -20.55 5.80 34.64
CA GLY E 158 -19.85 4.57 34.39
C GLY E 158 -20.12 3.59 35.46
N GLU E 159 -19.60 2.40 35.36
CA GLU E 159 -19.98 1.30 36.19
C GLU E 159 -18.69 0.68 36.56
N HIS E 160 -18.62 0.18 37.77
CA HIS E 160 -17.37 -0.13 38.35
C HIS E 160 -17.47 -0.93 39.57
N TRP E 161 -16.37 -1.47 39.95
CA TRP E 161 -16.21 -2.42 40.96
C TRP E 161 -15.65 -2.10 42.28
N THR E 162 -16.14 -2.82 43.27
CA THR E 162 -15.57 -2.78 44.57
C THR E 162 -15.63 -4.17 45.08
N LYS E 163 -14.59 -4.58 45.86
CA LYS E 163 -14.69 -5.69 46.75
C LYS E 163 -15.90 -5.41 47.57
N GLY E 164 -16.79 -6.34 47.59
CA GLY E 164 -17.94 -6.20 48.39
C GLY E 164 -17.61 -6.56 49.75
N THR E 165 -18.64 -6.44 50.54
CA THR E 165 -18.49 -6.39 51.96
C THR E 165 -19.19 -7.41 52.76
N ALA E 166 -18.59 -7.80 53.89
CA ALA E 166 -19.09 -8.80 54.80
C ALA E 166 -20.37 -8.42 55.44
N CYS E 167 -21.45 -8.68 54.72
CA CYS E 167 -22.81 -8.46 55.09
C CYS E 167 -23.10 -9.08 56.42
N LYS E 168 -22.45 -10.20 56.67
CA LYS E 168 -22.42 -10.77 57.93
C LYS E 168 -20.96 -10.55 58.21
N PRO E 169 -20.57 -9.67 59.11
CA PRO E 169 -19.20 -9.27 59.38
C PRO E 169 -18.51 -10.36 60.08
N THR E 170 -19.28 -11.40 60.31
CA THR E 170 -18.96 -12.66 60.85
C THR E 170 -17.89 -13.21 60.01
N THR E 171 -17.05 -14.06 60.57
CA THR E 171 -16.08 -14.80 59.78
C THR E 171 -15.21 -14.00 58.86
N VAL E 172 -15.00 -12.74 59.21
CA VAL E 172 -14.18 -11.89 58.43
C VAL E 172 -12.77 -12.20 58.74
N VAL E 173 -11.97 -12.34 57.72
CA VAL E 173 -10.62 -12.72 57.94
C VAL E 173 -9.77 -11.65 57.41
N GLN E 174 -8.55 -11.55 57.94
CA GLN E 174 -7.59 -10.57 57.55
C GLN E 174 -7.24 -10.74 56.13
N GLY E 175 -7.32 -9.64 55.36
CA GLY E 175 -7.05 -9.51 53.95
C GLY E 175 -7.45 -10.73 53.24
N ASP E 176 -8.75 -10.92 53.24
CA ASP E 176 -9.36 -12.13 52.88
C ASP E 176 -10.25 -11.93 51.72
N CYS E 177 -10.56 -12.98 50.96
CA CYS E 177 -11.45 -12.83 49.85
C CYS E 177 -12.79 -12.28 50.27
N PRO E 178 -13.43 -11.42 49.53
CA PRO E 178 -14.64 -10.80 50.03
C PRO E 178 -15.76 -11.05 49.11
N PRO E 179 -16.98 -10.66 49.46
CA PRO E 179 -18.12 -10.69 48.59
C PRO E 179 -18.01 -9.45 47.81
N LEU E 180 -18.65 -9.35 46.66
CA LEU E 180 -18.21 -8.48 45.62
C LEU E 180 -19.19 -7.45 45.12
N GLU E 181 -19.01 -6.12 45.14
CA GLU E 181 -20.03 -5.22 44.55
C GLU E 181 -19.79 -4.36 43.30
N LEU E 182 -20.78 -4.29 42.40
CA LEU E 182 -20.82 -3.48 41.21
C LEU E 182 -21.53 -2.21 41.47
N ILE E 183 -20.92 -1.14 41.09
CA ILE E 183 -21.19 0.18 41.40
C ILE E 183 -21.39 0.98 40.17
N ASN E 184 -22.41 1.79 40.04
CA ASN E 184 -22.52 2.77 38.97
C ASN E 184 -22.13 4.15 39.35
N THR E 185 -21.29 4.93 38.65
CA THR E 185 -21.00 6.30 39.03
C THR E 185 -20.81 7.31 37.92
N PRO E 186 -21.13 8.54 38.05
CA PRO E 186 -20.83 9.58 37.12
C PRO E 186 -19.41 9.80 36.87
N ILE E 187 -19.12 10.00 35.63
CA ILE E 187 -17.87 10.21 35.04
C ILE E 187 -17.67 11.69 35.00
N GLU E 188 -16.45 12.21 35.23
CA GLU E 188 -16.12 13.62 35.12
C GLU E 188 -14.94 13.79 34.25
N ASP E 189 -14.72 15.03 33.89
CA ASP E 189 -13.63 15.36 33.10
C ASP E 189 -12.35 15.12 33.76
N GLY E 190 -11.51 14.54 32.93
CA GLY E 190 -10.17 14.15 33.18
C GLY E 190 -10.20 12.92 33.95
N ASP E 191 -11.38 12.36 34.21
CA ASP E 191 -11.42 11.25 35.08
C ASP E 191 -10.78 10.13 34.45
N MET E 192 -9.84 9.49 35.12
CA MET E 192 -9.15 8.36 34.60
C MET E 192 -9.97 7.42 33.74
N VAL E 193 -9.49 7.08 32.55
CA VAL E 193 -10.24 6.28 31.66
C VAL E 193 -10.07 4.88 32.03
N ASP E 194 -10.93 3.99 31.56
CA ASP E 194 -10.72 2.62 31.85
C ASP E 194 -10.18 1.90 30.68
N THR E 195 -8.99 1.22 30.70
CA THR E 195 -8.63 0.48 29.47
C THR E 195 -9.41 -0.77 29.46
N GLY E 196 -10.01 -1.12 30.59
CA GLY E 196 -10.81 -2.31 30.69
C GLY E 196 -10.56 -2.97 31.97
N TYR E 197 -10.53 -2.21 33.07
CA TYR E 197 -10.21 -2.78 34.35
C TYR E 197 -10.85 -2.05 35.53
N GLY E 198 -10.38 -0.79 35.70
CA GLY E 198 -10.60 0.18 36.76
C GLY E 198 -11.97 0.41 37.20
N ALA E 199 -12.93 -0.19 36.53
CA ALA E 199 -14.25 -0.36 36.96
C ALA E 199 -14.20 -1.47 37.98
N MET E 200 -13.38 -1.22 39.02
CA MET E 200 -12.79 -1.94 40.10
C MET E 200 -11.83 -1.05 40.88
N ASP E 201 -11.69 -1.24 42.21
CA ASP E 201 -10.62 -0.57 42.92
C ASP E 201 -9.45 -1.46 43.12
N PHE E 202 -8.35 -0.88 42.78
CA PHE E 202 -7.00 -1.28 42.81
C PHE E 202 -6.63 -1.46 44.21
N LYS E 203 -7.00 -0.43 44.95
CA LYS E 203 -6.83 -0.33 46.33
C LYS E 203 -7.83 -1.14 47.05
N LEU E 204 -8.31 -2.13 46.36
CA LEU E 204 -9.06 -3.16 46.91
C LEU E 204 -8.33 -4.33 46.37
N LEU E 205 -8.35 -4.49 45.08
CA LEU E 205 -7.75 -5.51 44.31
C LEU E 205 -6.54 -6.22 44.86
N GLN E 206 -5.42 -5.53 44.75
CA GLN E 206 -4.18 -6.13 45.08
C GLN E 206 -3.89 -5.86 46.44
N ASP E 207 -4.04 -6.71 47.40
CA ASP E 207 -3.58 -6.31 48.72
C ASP E 207 -2.09 -6.04 48.75
N ASN E 208 -1.43 -6.54 47.73
CA ASN E 208 -0.13 -6.18 47.30
C ASN E 208 0.05 -4.71 46.93
N LYS E 209 -0.92 -4.03 46.34
CA LYS E 209 -0.77 -2.68 45.81
C LYS E 209 0.50 -2.35 45.09
N SER E 210 1.04 -3.31 44.36
CA SER E 210 2.34 -3.23 43.77
C SER E 210 2.42 -4.23 42.68
N GLU E 211 1.31 -4.75 42.22
CA GLU E 211 1.37 -5.88 41.34
C GLU E 211 1.54 -5.38 39.97
N VAL E 212 0.41 -5.08 39.35
CA VAL E 212 0.23 -4.77 37.96
C VAL E 212 0.74 -3.37 37.67
N PRO E 213 0.69 -2.84 36.46
CA PRO E 213 1.24 -1.55 36.09
C PRO E 213 1.04 -0.40 36.97
N LEU E 214 2.07 0.41 37.02
CA LEU E 214 2.15 1.47 37.95
C LEU E 214 1.00 2.46 37.84
N ASP E 215 0.73 2.78 36.61
CA ASP E 215 -0.07 3.81 36.02
C ASP E 215 -1.45 3.70 36.50
N ILE E 216 -1.85 2.49 36.69
CA ILE E 216 -3.11 2.28 37.23
C ILE E 216 -3.06 1.86 38.63
N CYS E 217 -1.89 1.50 39.14
CA CYS E 217 -1.67 0.98 40.47
C CYS E 217 -2.48 1.57 41.56
N GLN E 218 -2.60 2.87 41.62
CA GLN E 218 -3.29 3.44 42.71
C GLN E 218 -4.50 4.09 42.21
N SER E 219 -5.04 3.58 41.12
CA SER E 219 -6.14 4.21 40.46
C SER E 219 -7.41 3.55 40.80
N ILE E 220 -8.47 3.82 40.00
CA ILE E 220 -9.85 3.35 39.99
C ILE E 220 -10.49 4.02 38.80
N CYS E 221 -11.38 3.35 38.11
CA CYS E 221 -12.16 3.81 37.01
C CYS E 221 -13.58 3.31 37.12
N LYS E 222 -14.24 3.37 35.99
CA LYS E 222 -15.52 2.91 35.72
C LYS E 222 -15.50 2.79 34.26
N TYR E 223 -16.49 2.11 33.75
CA TYR E 223 -16.67 1.97 32.38
C TYR E 223 -17.98 2.59 32.08
N PRO E 224 -18.25 3.29 31.07
CA PRO E 224 -19.51 3.92 30.82
C PRO E 224 -20.64 3.02 30.51
N ASP E 225 -21.79 3.13 31.17
CA ASP E 225 -22.89 2.33 30.71
C ASP E 225 -23.86 2.95 29.77
N TYR E 226 -23.74 2.57 28.52
CA TYR E 226 -24.80 2.83 27.60
C TYR E 226 -26.10 2.27 28.02
N LEU E 227 -26.12 1.15 28.67
CA LEU E 227 -27.33 0.45 28.85
C LEU E 227 -28.22 1.13 29.75
N GLN E 228 -27.65 1.60 30.78
CA GLN E 228 -28.22 2.52 31.67
C GLN E 228 -28.56 3.72 30.91
N MET E 229 -27.67 4.11 30.05
CA MET E 229 -27.87 5.32 29.34
C MET E 229 -28.60 5.10 28.07
N SER E 230 -29.34 4.01 28.03
CA SER E 230 -30.30 3.71 27.02
C SER E 230 -31.47 3.16 27.73
N ALA E 231 -31.30 3.18 29.03
CA ALA E 231 -32.30 3.12 30.00
C ALA E 231 -32.38 4.57 30.43
N ASP E 232 -31.80 5.49 29.63
CA ASP E 232 -31.89 6.92 29.78
C ASP E 232 -33.35 7.31 29.72
N ALA E 233 -33.82 8.20 30.60
CA ALA E 233 -35.22 8.48 30.69
C ALA E 233 -35.70 9.28 29.56
N TYR E 234 -34.81 9.94 28.83
CA TYR E 234 -35.34 10.69 27.75
C TYR E 234 -34.32 10.84 26.66
N GLY E 235 -33.07 10.44 26.86
CA GLY E 235 -32.02 10.49 25.84
C GLY E 235 -31.14 11.67 26.03
N ASP E 236 -30.71 11.82 27.27
CA ASP E 236 -30.29 13.10 27.75
C ASP E 236 -28.86 13.21 27.90
N SER E 237 -28.29 12.49 28.86
CA SER E 237 -26.86 12.38 28.93
C SER E 237 -26.43 11.60 27.75
N MET E 238 -27.33 10.83 27.16
CA MET E 238 -26.97 10.25 25.94
C MET E 238 -28.01 10.58 24.99
N PHE E 239 -27.66 11.40 24.03
CA PHE E 239 -28.44 11.43 22.84
C PHE E 239 -27.57 10.99 21.74
N PHE E 240 -26.26 10.98 21.90
CA PHE E 240 -25.53 10.22 20.97
C PHE E 240 -24.44 9.53 21.62
N CYS E 241 -24.06 8.40 21.08
CA CYS E 241 -23.15 7.54 21.66
C CYS E 241 -22.48 6.81 20.58
N LEU E 242 -21.19 6.63 20.65
CA LEU E 242 -20.49 5.83 19.72
C LEU E 242 -19.29 5.24 20.36
N ARG E 243 -19.05 3.93 20.23
CA ARG E 243 -17.88 3.35 20.83
C ARG E 243 -17.34 2.22 20.03
N ARG E 244 -16.03 2.15 19.89
CA ARG E 244 -15.43 1.19 19.02
C ARG E 244 -14.06 0.76 19.39
N GLU E 245 -13.87 -0.52 19.65
CA GLU E 245 -12.63 -1.05 20.14
C GLU E 245 -12.14 -2.29 19.49
N GLN E 246 -10.85 -2.40 19.28
CA GLN E 246 -10.29 -3.62 18.83
C GLN E 246 -9.07 -3.87 19.64
N VAL E 247 -8.78 -5.15 19.83
CA VAL E 247 -7.85 -5.53 20.85
C VAL E 247 -7.46 -6.96 20.69
N PHE E 248 -6.26 -7.27 21.18
CA PHE E 248 -5.78 -8.59 21.35
C PHE E 248 -4.91 -8.68 22.58
N ALA E 249 -4.63 -9.89 22.97
CA ALA E 249 -3.71 -10.26 24.02
C ALA E 249 -2.26 -10.37 23.59
N ARG E 250 -1.30 -9.55 24.02
CA ARG E 250 0.03 -9.83 23.50
C ARG E 250 0.78 -11.06 24.03
N HIS E 251 1.07 -11.20 25.33
CA HIS E 251 1.89 -12.26 25.91
C HIS E 251 1.37 -12.87 27.17
N PHE E 252 1.61 -14.14 27.42
CA PHE E 252 1.12 -14.77 28.62
C PHE E 252 2.16 -14.88 29.68
N TRP E 253 1.71 -15.07 30.92
CA TRP E 253 2.49 -15.19 32.12
C TRP E 253 1.76 -15.88 33.21
N ASN E 254 2.47 -16.02 34.32
CA ASN E 254 1.88 -16.36 35.55
C ASN E 254 2.57 -15.43 36.51
N ARG E 255 1.82 -14.77 37.39
CA ARG E 255 2.38 -13.84 38.33
C ARG E 255 2.59 -14.59 39.56
N SER E 256 3.41 -14.08 40.42
CA SER E 256 3.60 -14.72 41.67
C SER E 256 2.47 -14.37 42.56
N GLY E 257 2.29 -15.14 43.64
CA GLY E 257 1.16 -14.97 44.51
C GLY E 257 0.91 -16.19 45.33
N THR E 258 0.60 -16.03 46.61
CA THR E 258 0.39 -17.12 47.51
C THR E 258 -1.03 -17.36 47.43
N MET E 259 -1.42 -18.35 46.68
CA MET E 259 -2.79 -18.53 46.41
C MET E 259 -3.65 -18.72 47.61
N GLY E 260 -4.56 -17.79 47.83
CA GLY E 260 -5.56 -17.78 48.85
C GLY E 260 -6.65 -18.63 48.38
N ASP E 261 -6.71 -18.81 47.08
CA ASP E 261 -7.49 -19.84 46.51
C ASP E 261 -6.78 -21.11 46.61
N GLN E 262 -7.53 -22.18 46.46
CA GLN E 262 -6.95 -23.45 46.53
C GLN E 262 -7.29 -24.20 45.31
N LEU E 263 -6.30 -24.81 44.69
CA LEU E 263 -6.45 -25.70 43.58
C LEU E 263 -6.61 -27.13 43.99
N PRO E 264 -7.58 -27.85 43.53
CA PRO E 264 -7.64 -29.24 43.88
C PRO E 264 -6.70 -30.18 43.15
N GLU E 265 -6.22 -31.06 43.96
CA GLU E 265 -5.38 -32.17 43.78
C GLU E 265 -5.94 -33.14 42.82
N SER E 266 -7.22 -33.41 43.04
CA SER E 266 -8.11 -34.32 42.41
C SER E 266 -8.06 -34.20 40.99
N LEU E 267 -7.71 -33.04 40.57
CA LEU E 267 -7.77 -32.70 39.25
C LEU E 267 -6.67 -33.28 38.49
N TYR E 268 -5.58 -33.59 39.14
CA TYR E 268 -4.48 -34.05 38.39
C TYR E 268 -3.72 -35.01 39.19
N ILE E 269 -2.90 -35.79 38.54
CA ILE E 269 -2.03 -36.67 39.23
C ILE E 269 -0.96 -35.93 39.92
N LYS E 270 -0.55 -36.37 41.04
CA LYS E 270 0.66 -35.85 41.52
C LYS E 270 1.74 -36.67 40.87
N GLY E 271 2.88 -36.06 40.62
CA GLY E 271 4.07 -36.68 40.13
C GLY E 271 4.96 -36.73 41.30
N THR E 272 6.16 -36.20 41.17
CA THR E 272 7.07 -36.14 42.28
C THR E 272 7.59 -34.78 42.37
N ASP E 273 7.99 -34.42 43.59
CA ASP E 273 8.67 -33.19 43.85
C ASP E 273 7.81 -32.03 43.48
N ILE E 274 8.36 -31.16 42.64
CA ILE E 274 7.71 -30.09 41.97
C ILE E 274 6.53 -30.56 41.22
N ARG E 275 6.61 -31.76 40.69
CA ARG E 275 5.54 -32.31 39.95
C ARG E 275 4.64 -33.09 40.81
N ALA E 276 4.94 -33.22 42.10
CA ALA E 276 4.00 -33.73 43.03
C ALA E 276 3.21 -32.58 43.52
N ASN E 277 3.90 -31.59 44.06
CA ASN E 277 3.26 -30.41 44.53
C ASN E 277 2.60 -29.61 43.43
N PRO E 278 1.78 -28.65 43.77
CA PRO E 278 1.10 -27.90 42.76
C PRO E 278 1.94 -26.70 42.59
N GLY E 279 1.63 -25.90 41.58
CA GLY E 279 2.33 -24.68 41.25
C GLY E 279 1.32 -23.60 41.08
N SER E 280 1.64 -22.56 40.34
CA SER E 280 0.72 -21.46 40.22
C SER E 280 -0.38 -21.62 39.23
N TYR E 281 -1.51 -21.02 39.52
CA TYR E 281 -2.61 -20.99 38.63
C TYR E 281 -2.88 -19.59 38.28
N LEU E 282 -2.04 -18.66 38.72
CA LEU E 282 -2.19 -17.25 38.46
C LEU E 282 -1.77 -16.85 37.08
N TYR E 283 -2.47 -17.43 36.15
CA TYR E 283 -2.34 -17.16 34.77
C TYR E 283 -2.69 -15.71 34.53
N SER E 284 -1.82 -15.03 33.82
CA SER E 284 -2.01 -13.63 33.66
C SER E 284 -1.42 -13.23 32.32
N PRO E 285 -1.98 -12.38 31.51
CA PRO E 285 -1.42 -12.19 30.19
C PRO E 285 -1.43 -10.73 29.89
N SER E 286 -0.93 -10.38 28.73
CA SER E 286 -0.77 -9.05 28.33
C SER E 286 -1.90 -8.46 27.65
N PRO E 287 -2.27 -7.29 28.02
CA PRO E 287 -3.19 -6.60 27.18
C PRO E 287 -2.47 -6.05 25.98
N SER E 288 -3.23 -5.67 24.94
CA SER E 288 -2.65 -5.19 23.72
C SER E 288 -3.62 -4.63 22.69
N GLY E 289 -3.27 -3.53 22.05
CA GLY E 289 -4.09 -2.96 21.00
C GLY E 289 -3.92 -3.61 19.67
N SER E 290 -2.76 -3.36 19.03
CA SER E 290 -2.29 -3.70 17.69
C SER E 290 -2.07 -2.52 16.77
N VAL E 291 -2.24 -2.71 15.48
CA VAL E 291 -1.92 -1.76 14.47
C VAL E 291 -2.99 -0.81 14.24
N VAL E 292 -2.58 0.41 14.15
CA VAL E 292 -3.44 1.51 13.96
C VAL E 292 -3.29 2.03 12.61
N THR E 293 -4.34 2.67 12.19
CA THR E 293 -4.28 3.47 11.05
C THR E 293 -5.33 4.47 11.25
N SER E 294 -5.25 5.52 10.51
CA SER E 294 -6.20 6.56 10.53
C SER E 294 -7.40 6.15 9.82
N ASP E 295 -7.32 5.07 9.07
CA ASP E 295 -8.44 4.62 8.31
C ASP E 295 -9.57 4.29 9.14
N SER E 296 -9.25 3.71 10.24
CA SER E 296 -10.19 3.25 11.15
C SER E 296 -10.55 4.33 12.10
N GLN E 297 -10.09 5.54 11.90
CA GLN E 297 -10.44 6.57 12.80
C GLN E 297 -11.90 6.93 12.91
N LEU E 298 -12.38 6.96 14.12
CA LEU E 298 -13.63 7.46 14.49
C LEU E 298 -13.87 8.93 14.27
N PHE E 299 -13.06 9.83 14.75
CA PHE E 299 -13.42 11.24 14.79
C PHE E 299 -13.18 11.99 13.57
N ASN E 300 -13.51 13.29 13.68
CA ASN E 300 -13.48 14.23 12.63
C ASN E 300 -14.52 13.88 11.68
N LYS E 301 -15.77 13.81 12.17
CA LYS E 301 -16.89 13.41 11.37
C LYS E 301 -18.10 14.26 11.67
N PRO E 302 -18.85 14.68 10.70
CA PRO E 302 -19.90 15.64 10.90
C PRO E 302 -21.26 15.16 11.15
N TYR E 303 -21.74 15.31 12.35
CA TYR E 303 -23.10 15.02 12.55
C TYR E 303 -23.82 16.18 12.92
N TRP E 304 -24.55 16.37 11.87
CA TRP E 304 -25.88 16.74 11.93
C TRP E 304 -26.41 15.35 12.08
N LEU E 305 -27.38 15.16 12.92
CA LEU E 305 -27.80 13.83 13.18
C LEU E 305 -29.22 13.86 12.92
N HIS E 306 -29.72 12.97 12.10
CA HIS E 306 -31.13 12.96 11.94
C HIS E 306 -31.83 12.58 13.14
N LYS E 307 -31.43 11.52 13.81
CA LYS E 307 -32.13 11.39 15.00
C LYS E 307 -31.41 10.64 15.97
N ALA E 308 -31.16 11.30 17.07
CA ALA E 308 -30.76 10.65 18.27
C ALA E 308 -31.83 9.74 18.74
N GLN E 309 -31.53 8.49 19.02
CA GLN E 309 -32.47 7.52 19.54
C GLN E 309 -33.21 7.87 20.82
N GLY E 310 -32.84 9.01 21.42
CA GLY E 310 -33.43 9.57 22.59
C GLY E 310 -34.69 10.26 22.23
N LEU E 311 -35.54 10.43 23.19
CA LEU E 311 -36.83 11.02 23.08
C LEU E 311 -36.66 12.50 23.00
N ASN E 312 -35.55 12.87 23.63
CA ASN E 312 -34.83 14.06 23.47
C ASN E 312 -34.36 14.16 22.10
N ASN E 313 -34.56 15.32 21.58
CA ASN E 313 -34.13 15.64 20.29
C ASN E 313 -32.98 16.53 20.57
N GLY E 314 -32.00 15.98 21.32
CA GLY E 314 -30.76 16.58 21.69
C GLY E 314 -30.74 18.01 22.14
N ILE E 315 -31.18 18.29 23.36
CA ILE E 315 -31.26 19.63 23.91
C ILE E 315 -30.42 19.86 25.13
N CYS E 316 -29.66 20.96 25.14
CA CYS E 316 -28.82 21.40 26.21
C CYS E 316 -29.64 21.95 27.28
N TRP E 317 -30.17 21.15 28.15
CA TRP E 317 -31.09 21.79 29.03
C TRP E 317 -30.45 22.77 29.85
N HIS E 318 -31.13 23.88 29.98
CA HIS E 318 -30.51 24.99 30.59
C HIS E 318 -29.29 25.46 29.89
N ASN E 319 -29.14 25.18 28.60
CA ASN E 319 -27.96 25.52 27.87
C ASN E 319 -26.77 24.89 28.42
N GLN E 320 -26.99 23.69 28.86
CA GLN E 320 -25.97 22.94 29.42
C GLN E 320 -25.82 21.80 28.52
N LEU E 321 -24.61 21.60 28.04
CA LEU E 321 -24.25 20.43 27.30
C LEU E 321 -23.17 19.58 27.85
N PHE E 322 -23.25 18.25 27.73
CA PHE E 322 -22.25 17.34 28.20
C PHE E 322 -21.59 16.48 27.13
N LEU E 323 -20.34 16.81 26.75
CA LEU E 323 -19.58 16.05 25.79
C LEU E 323 -18.56 15.05 26.22
N THR E 324 -18.76 13.81 25.83
CA THR E 324 -17.96 12.65 26.06
C THR E 324 -17.11 12.07 24.98
N VAL E 325 -15.84 11.84 25.23
CA VAL E 325 -15.00 11.20 24.23
C VAL E 325 -13.85 10.35 24.76
N VAL E 326 -13.46 9.29 24.02
CA VAL E 326 -12.24 8.51 24.18
C VAL E 326 -11.49 8.16 22.91
N ASP E 327 -10.15 8.23 22.90
CA ASP E 327 -9.28 8.06 21.76
C ASP E 327 -8.03 7.29 22.09
N THR E 328 -7.87 6.10 21.61
CA THR E 328 -6.61 5.43 21.81
C THR E 328 -5.60 5.75 20.78
N THR E 329 -5.20 6.97 20.47
CA THR E 329 -4.27 7.06 19.35
C THR E 329 -3.15 7.97 19.45
N ARG E 330 -2.72 8.36 20.64
CA ARG E 330 -1.60 9.29 20.70
C ARG E 330 -0.56 9.00 21.72
N SER E 331 -0.99 8.41 22.78
CA SER E 331 -0.35 8.10 24.02
C SER E 331 1.07 8.44 24.36
N THR E 332 1.59 9.64 24.16
CA THR E 332 2.95 9.87 24.58
C THR E 332 3.06 10.97 25.51
N ASN E 333 3.82 10.74 26.56
CA ASN E 333 4.27 11.79 27.39
C ASN E 333 5.71 11.69 27.02
N LEU E 334 6.37 12.81 26.90
CA LEU E 334 7.71 12.91 26.39
C LEU E 334 8.81 13.18 27.36
N SER E 335 9.96 12.55 27.13
CA SER E 335 11.14 12.47 27.96
C SER E 335 12.17 13.47 27.57
N VAL E 336 12.43 14.33 28.49
CA VAL E 336 13.20 15.49 28.33
C VAL E 336 14.47 15.09 28.83
N CYS E 337 15.56 15.29 28.10
CA CYS E 337 16.79 14.85 28.65
C CYS E 337 17.43 16.14 28.78
N ALA E 338 17.63 16.51 30.03
CA ALA E 338 18.22 17.75 30.33
C ALA E 338 19.46 17.46 31.02
N SER E 339 20.55 18.03 30.61
CA SER E 339 21.73 17.72 31.32
C SER E 339 21.82 18.40 32.62
N THR E 340 22.34 17.69 33.55
CA THR E 340 22.65 18.20 34.83
C THR E 340 23.91 18.96 34.79
N THR E 341 24.69 18.77 33.76
CA THR E 341 25.92 19.43 33.59
C THR E 341 25.69 20.73 32.93
N SER E 342 26.50 21.74 33.26
CA SER E 342 26.43 23.10 32.74
C SER E 342 26.18 23.22 31.29
N SER E 343 26.86 22.36 30.60
CA SER E 343 26.84 22.13 29.23
C SER E 343 27.16 20.69 29.27
N ILE E 344 26.79 19.93 28.27
CA ILE E 344 27.04 18.51 28.25
C ILE E 344 28.49 18.11 28.27
N PRO E 345 28.86 16.97 28.80
CA PRO E 345 30.25 16.55 28.85
C PRO E 345 30.55 15.94 27.53
N ASN E 346 31.32 14.86 27.48
CA ASN E 346 31.50 14.22 26.23
C ASN E 346 31.23 12.80 26.40
N VAL E 347 31.57 12.22 27.51
CA VAL E 347 31.16 10.87 27.71
C VAL E 347 29.80 10.85 28.23
N TYR E 348 29.10 9.83 27.88
CA TYR E 348 27.82 9.58 28.35
C TYR E 348 27.79 9.15 29.79
N THR E 349 26.97 9.78 30.63
CA THR E 349 26.64 9.18 31.90
C THR E 349 25.28 9.64 32.22
N PRO E 350 24.36 8.91 32.81
CA PRO E 350 22.97 9.32 32.84
C PRO E 350 22.79 10.44 33.72
N THR E 351 23.67 10.46 34.66
CA THR E 351 23.85 11.37 35.71
C THR E 351 23.86 12.74 35.20
N SER E 352 24.56 12.86 34.10
CA SER E 352 24.77 14.03 33.37
C SER E 352 23.53 14.60 32.87
N PHE E 353 22.42 13.87 32.94
CA PHE E 353 21.13 14.29 32.54
C PHE E 353 19.98 13.96 33.44
N LYS E 354 19.17 14.95 33.79
CA LYS E 354 17.90 14.82 34.49
C LYS E 354 16.79 14.69 33.47
N GLU E 355 16.05 13.58 33.48
CA GLU E 355 15.08 13.33 32.45
C GLU E 355 13.59 13.45 32.79
N TYR E 356 12.73 14.08 31.97
CA TYR E 356 11.37 14.37 32.44
C TYR E 356 10.22 13.95 31.59
N ALA E 357 9.03 13.53 32.09
CA ALA E 357 7.84 13.16 31.30
C ALA E 357 6.54 13.97 31.29
N ARG E 358 6.15 14.60 30.18
CA ARG E 358 4.98 15.48 30.02
C ARG E 358 4.08 15.22 28.81
N HIS E 359 2.75 15.41 28.88
CA HIS E 359 1.72 15.02 27.94
C HIS E 359 0.89 16.10 27.40
N VAL E 360 0.27 15.95 26.24
CA VAL E 360 -0.39 17.04 25.59
C VAL E 360 -1.69 16.65 25.06
N GLU E 361 -2.70 17.50 25.15
CA GLU E 361 -3.95 17.28 24.44
C GLU E 361 -4.57 18.51 23.87
N GLU E 362 -4.90 18.52 22.58
CA GLU E 362 -5.58 19.58 21.95
C GLU E 362 -6.87 19.22 21.30
N PHE E 363 -7.88 20.09 21.34
CA PHE E 363 -9.10 19.85 20.65
C PHE E 363 -9.80 20.97 19.98
N ASP E 364 -10.42 20.60 18.83
CA ASP E 364 -11.12 21.56 18.02
C ASP E 364 -12.51 21.21 17.55
N LEU E 365 -13.44 21.82 18.20
CA LEU E 365 -14.79 21.46 18.06
C LEU E 365 -15.50 22.29 17.05
N GLN E 366 -16.32 21.79 16.14
CA GLN E 366 -17.04 22.72 15.28
C GLN E 366 -18.47 22.30 15.28
N PHE E 367 -19.44 23.22 15.36
CA PHE E 367 -20.84 22.88 15.63
C PHE E 367 -21.84 23.68 14.93
N ILE E 368 -23.04 23.13 14.75
CA ILE E 368 -24.14 23.77 14.07
C ILE E 368 -25.46 23.74 14.77
N PHE E 369 -26.10 24.80 15.20
CA PHE E 369 -27.27 24.70 16.00
C PHE E 369 -28.50 25.14 15.35
N GLN E 370 -29.58 24.55 15.81
CA GLN E 370 -30.88 25.03 15.60
C GLN E 370 -31.63 25.05 16.86
N LEU E 371 -32.02 26.23 17.24
CA LEU E 371 -32.96 26.58 18.23
C LEU E 371 -34.37 26.11 17.97
N CYS E 372 -35.12 25.85 18.99
CA CYS E 372 -36.47 25.56 18.90
C CYS E 372 -37.03 26.54 19.82
N LYS E 373 -38.23 26.85 19.56
CA LYS E 373 -39.00 27.80 20.27
C LYS E 373 -40.02 26.98 20.87
N ILE E 374 -40.57 27.38 21.96
CA ILE E 374 -41.38 26.51 22.69
C ILE E 374 -42.66 27.13 22.93
N THR E 375 -43.76 26.71 22.34
CA THR E 375 -44.95 27.22 22.96
C THR E 375 -45.24 26.38 24.09
N LEU E 376 -45.45 27.07 25.16
CA LEU E 376 -45.59 26.51 26.42
C LEU E 376 -47.03 26.30 26.59
N THR E 377 -47.43 25.12 27.03
CA THR E 377 -48.78 24.91 27.41
C THR E 377 -48.77 24.21 28.68
N THR E 378 -49.73 24.55 29.47
CA THR E 378 -49.94 24.10 30.80
C THR E 378 -49.34 22.83 31.23
N GLU E 379 -50.04 21.83 30.94
CA GLU E 379 -49.87 20.49 31.20
C GLU E 379 -48.58 20.02 30.76
N VAL E 380 -48.16 20.52 29.65
CA VAL E 380 -46.94 20.22 29.11
C VAL E 380 -45.94 20.77 29.99
N MET E 381 -46.13 21.97 30.41
CA MET E 381 -45.24 22.60 31.31
C MET E 381 -45.15 21.86 32.52
N SER E 382 -46.27 21.37 32.91
CA SER E 382 -46.39 20.58 34.05
C SER E 382 -45.58 19.41 33.88
N TYR E 383 -45.85 18.72 32.82
CA TYR E 383 -45.11 17.63 32.34
C TYR E 383 -43.70 17.86 32.50
N ILE E 384 -43.32 18.91 31.93
CA ILE E 384 -42.02 19.35 31.94
C ILE E 384 -41.47 19.61 33.21
N HIS E 385 -42.24 20.19 34.05
CA HIS E 385 -41.90 20.44 35.37
C HIS E 385 -41.59 19.14 36.02
N ASN E 386 -42.30 18.13 35.60
CA ASN E 386 -42.06 16.87 36.15
C ASN E 386 -40.83 16.29 35.65
N MET E 387 -40.28 16.81 34.58
CA MET E 387 -39.01 16.34 34.20
C MET E 387 -38.05 16.79 35.18
N ASN E 388 -38.24 18.03 35.53
CA ASN E 388 -37.40 18.77 36.36
C ASN E 388 -37.93 20.08 36.01
N THR E 389 -37.57 21.01 36.79
CA THR E 389 -38.24 22.21 36.92
C THR E 389 -37.37 23.31 36.75
N THR E 390 -36.11 23.06 36.85
CA THR E 390 -35.19 24.09 36.90
C THR E 390 -35.20 24.80 35.61
N ILE E 391 -35.52 23.95 34.72
CA ILE E 391 -36.18 24.20 33.53
C ILE E 391 -37.09 25.37 33.50
N LEU E 392 -38.21 25.27 34.12
CA LEU E 392 -39.12 26.35 34.13
C LEU E 392 -38.57 27.51 34.77
N GLU E 393 -37.85 27.22 35.80
CA GLU E 393 -37.18 28.12 36.57
C GLU E 393 -36.25 28.91 35.74
N ASP E 394 -35.84 28.38 34.61
CA ASP E 394 -35.01 29.05 33.70
C ASP E 394 -35.57 30.32 33.28
N TRP E 395 -36.81 30.37 32.91
CA TRP E 395 -37.30 31.60 32.37
C TRP E 395 -38.65 31.77 32.85
N ASN E 396 -39.51 32.57 32.24
CA ASN E 396 -40.94 32.68 32.51
C ASN E 396 -41.41 33.00 33.87
N PHE E 397 -41.42 31.94 34.70
CA PHE E 397 -42.12 30.93 37.44
C PHE E 397 -43.50 30.70 38.09
N GLY E 398 -44.10 29.57 37.78
CA GLY E 398 -45.33 29.16 38.35
C GLY E 398 -45.12 28.28 39.50
N VAL E 399 -46.08 28.33 40.41
CA VAL E 399 -46.07 27.60 41.64
C VAL E 399 -46.56 26.22 41.56
N THR E 400 -45.90 25.50 40.66
CA THR E 400 -45.82 24.06 40.67
C THR E 400 -45.47 23.56 42.04
N PRO E 401 -44.60 24.15 42.86
CA PRO E 401 -44.33 23.62 44.17
C PRO E 401 -45.54 23.37 44.99
N PRO E 402 -46.46 24.25 45.15
CA PRO E 402 -47.66 23.90 45.83
C PRO E 402 -48.46 22.80 45.17
N PRO E 403 -49.22 22.01 45.90
CA PRO E 403 -49.42 22.02 47.33
C PRO E 403 -48.19 21.44 47.93
N THR E 404 -47.87 21.70 49.18
CA THR E 404 -48.56 22.44 50.23
C THR E 404 -49.93 22.01 50.60
N ALA E 405 -50.17 20.77 51.04
CA ALA E 405 -49.21 19.72 51.23
C ALA E 405 -49.58 18.56 50.36
N SER E 406 -50.52 17.61 50.61
CA SER E 406 -51.49 17.27 51.66
C SER E 406 -51.11 17.25 53.11
N LEU E 407 -51.83 18.02 53.89
CA LEU E 407 -51.78 18.24 55.31
C LEU E 407 -51.36 17.16 56.24
N VAL E 408 -50.45 17.48 57.17
CA VAL E 408 -49.97 16.55 58.15
C VAL E 408 -49.29 17.25 59.27
N ASP E 409 -49.06 16.46 60.32
CA ASP E 409 -48.06 16.74 61.29
C ASP E 409 -48.15 18.01 62.10
N THR E 410 -47.42 17.99 63.23
CA THR E 410 -47.23 19.05 64.19
C THR E 410 -45.78 19.31 64.24
N TYR E 411 -45.42 20.57 64.32
CA TYR E 411 -44.06 20.80 63.98
C TYR E 411 -43.40 21.82 64.75
N ARG E 412 -44.14 22.85 65.15
CA ARG E 412 -43.57 23.85 66.01
C ARG E 412 -43.33 23.13 67.23
N PHE E 413 -42.26 23.48 67.92
CA PHE E 413 -41.84 22.86 69.10
C PHE E 413 -40.40 23.15 69.14
N VAL E 414 -39.82 23.28 67.97
CA VAL E 414 -38.49 23.51 67.53
C VAL E 414 -37.68 24.60 68.14
N GLN E 415 -38.12 25.10 69.25
CA GLN E 415 -37.35 25.95 70.04
C GLN E 415 -36.55 24.99 70.90
N SER E 416 -36.98 23.71 70.89
CA SER E 416 -36.50 22.61 71.66
C SER E 416 -35.05 22.64 71.77
N ALA E 417 -34.39 22.59 72.89
CA ALA E 417 -34.74 22.50 74.26
C ALA E 417 -34.52 21.09 74.53
N ALA E 418 -34.88 20.65 75.69
CA ALA E 418 -34.68 19.30 76.10
C ALA E 418 -35.96 18.54 76.02
N VAL E 419 -36.83 18.94 75.11
CA VAL E 419 -38.15 18.46 75.24
C VAL E 419 -38.56 17.65 74.12
N THR E 420 -37.75 17.58 73.12
CA THR E 420 -38.09 16.81 71.97
C THR E 420 -36.89 16.99 71.17
N CYS E 421 -35.94 16.05 71.13
CA CYS E 421 -34.69 16.39 70.49
C CYS E 421 -34.75 16.06 69.08
N GLN E 422 -35.34 16.95 68.31
CA GLN E 422 -35.58 16.63 66.96
C GLN E 422 -34.70 17.12 65.96
N LYS E 423 -35.26 17.00 64.78
CA LYS E 423 -34.56 16.93 63.57
C LYS E 423 -33.75 18.14 63.28
N ASP E 424 -32.67 17.87 62.59
CA ASP E 424 -31.60 18.74 62.23
C ASP E 424 -32.08 20.00 61.53
N THR E 425 -32.50 20.05 60.25
CA THR E 425 -32.53 19.05 59.19
C THR E 425 -31.70 19.59 58.04
N ALA E 426 -30.93 18.77 57.30
CA ALA E 426 -30.05 19.28 56.25
C ALA E 426 -30.72 19.95 55.03
N PRO E 427 -30.25 21.04 54.46
CA PRO E 427 -30.87 21.65 53.29
C PRO E 427 -30.26 21.18 52.00
N PRO E 428 -30.86 21.47 50.87
CA PRO E 428 -30.28 21.14 49.58
C PRO E 428 -29.43 22.30 49.12
N VAL E 429 -28.48 22.07 48.20
CA VAL E 429 -27.59 23.11 47.69
C VAL E 429 -27.79 23.33 46.22
N LYS E 430 -28.37 22.34 45.55
CA LYS E 430 -28.60 22.35 44.13
C LYS E 430 -27.28 22.38 43.45
N GLN E 431 -27.24 23.09 42.35
CA GLN E 431 -26.09 23.33 41.58
C GLN E 431 -25.62 22.06 41.13
N ASP E 432 -26.59 21.42 40.52
CA ASP E 432 -26.49 20.11 40.04
C ASP E 432 -25.95 19.25 41.08
N PRO E 433 -25.14 18.49 40.53
CA PRO E 433 -24.12 17.96 41.39
C PRO E 433 -22.92 18.34 40.69
N TYR E 434 -23.03 18.68 39.44
CA TYR E 434 -21.93 18.86 38.55
C TYR E 434 -20.90 19.75 39.10
N ASP E 435 -21.34 20.62 39.94
CA ASP E 435 -20.53 21.60 40.54
C ASP E 435 -19.62 21.02 41.55
N LYS E 436 -19.86 19.82 41.98
CA LYS E 436 -18.93 19.22 42.85
C LYS E 436 -17.96 18.45 42.02
N LEU E 437 -18.11 18.56 40.71
CA LEU E 437 -17.55 17.69 39.75
C LEU E 437 -16.90 18.48 38.66
N LYS E 438 -16.14 17.87 37.75
CA LYS E 438 -15.31 18.51 36.77
C LYS E 438 -15.51 18.21 35.37
N PHE E 439 -15.27 19.25 34.60
CA PHE E 439 -15.47 19.28 33.20
C PHE E 439 -14.32 19.88 32.60
N TRP E 440 -14.29 19.89 31.28
CA TRP E 440 -13.54 20.92 30.68
C TRP E 440 -14.58 21.96 30.56
N PRO E 441 -14.54 23.03 31.21
CA PRO E 441 -15.62 23.97 31.21
C PRO E 441 -15.74 24.59 29.86
N VAL E 442 -16.91 24.59 29.24
CA VAL E 442 -17.00 25.15 27.93
C VAL E 442 -18.05 26.15 27.62
N ASP E 443 -17.73 27.42 27.69
CA ASP E 443 -18.64 28.43 27.23
C ASP E 443 -18.52 28.61 25.79
N LEU E 444 -19.60 28.49 25.07
CA LEU E 444 -19.47 28.77 23.68
C LEU E 444 -20.40 29.77 23.16
N LYS E 445 -21.09 30.54 23.96
CA LYS E 445 -22.00 31.50 23.41
C LYS E 445 -21.42 32.62 22.62
N GLU E 446 -20.15 32.54 22.31
CA GLU E 446 -19.40 33.52 21.67
C GLU E 446 -19.14 33.04 20.34
N ARG E 447 -19.18 31.74 20.14
CA ARG E 447 -18.79 31.22 18.87
C ARG E 447 -19.92 31.12 17.94
N PHE E 448 -21.07 31.59 18.37
CA PHE E 448 -22.25 31.52 17.59
C PHE E 448 -22.12 32.37 16.40
N SER E 449 -22.24 31.69 15.30
CA SER E 449 -21.94 32.15 14.01
C SER E 449 -23.18 32.05 13.26
N ALA E 450 -23.56 33.07 12.52
CA ALA E 450 -24.79 33.01 11.81
C ALA E 450 -24.51 32.69 10.38
N ASP E 451 -23.32 33.04 9.86
CA ASP E 451 -22.91 32.46 8.60
C ASP E 451 -22.37 31.24 9.11
N LEU E 452 -22.41 30.26 8.28
CA LEU E 452 -21.92 29.04 8.76
C LEU E 452 -20.83 28.59 7.86
N ASP E 453 -20.80 29.13 6.69
CA ASP E 453 -19.87 28.70 5.75
C ASP E 453 -18.48 28.93 6.11
N GLN E 454 -18.23 29.75 7.09
CA GLN E 454 -16.91 30.00 7.43
C GLN E 454 -16.49 29.03 8.40
N PHE E 455 -17.29 28.02 8.50
CA PHE E 455 -17.02 26.94 9.30
C PHE E 455 -17.01 25.95 8.22
N PRO E 456 -15.99 25.16 8.21
CA PRO E 456 -15.83 24.08 7.29
C PRO E 456 -16.98 23.22 7.25
N LEU E 457 -17.35 22.78 8.42
CA LEU E 457 -18.42 21.91 8.69
C LEU E 457 -19.65 22.51 8.28
N GLY E 458 -19.72 23.81 8.45
CA GLY E 458 -20.89 24.53 8.07
C GLY E 458 -21.09 24.36 6.67
N ARG E 459 -20.05 24.54 5.91
CA ARG E 459 -20.23 24.23 4.54
C ARG E 459 -20.61 22.88 4.30
N LYS E 460 -20.02 21.94 4.98
CA LYS E 460 -20.42 20.61 4.78
C LYS E 460 -21.82 20.36 5.05
N PHE E 461 -22.24 21.06 6.02
CA PHE E 461 -23.48 20.85 6.51
C PHE E 461 -24.41 21.39 5.49
N LEU E 462 -24.04 22.52 5.02
CA LEU E 462 -24.79 23.24 4.09
C LEU E 462 -24.93 22.46 2.88
N LEU E 463 -23.84 21.85 2.58
CA LEU E 463 -23.78 20.96 1.53
C LEU E 463 -24.64 19.80 1.73
N GLN E 464 -24.67 19.26 2.92
CA GLN E 464 -25.49 18.13 3.11
C GLN E 464 -26.93 18.46 2.93
N LEU E 465 -27.34 19.71 3.13
CA LEU E 465 -28.69 20.05 2.85
C LEU E 465 -29.16 19.87 1.42
N LYS F 2 13.37 10.97 -55.76
CA LYS F 2 12.27 10.86 -54.76
C LYS F 2 12.71 11.18 -53.33
N VAL F 3 13.08 12.44 -53.05
CA VAL F 3 13.57 12.80 -51.71
C VAL F 3 13.48 14.31 -51.41
N TYR F 4 13.18 15.19 -52.36
CA TYR F 4 13.09 16.59 -52.05
C TYR F 4 11.77 17.13 -51.70
N LEU F 5 10.68 17.00 -52.44
CA LEU F 5 10.48 16.39 -53.71
C LEU F 5 9.79 17.52 -54.40
N PRO F 6 10.21 18.12 -55.48
CA PRO F 6 9.55 19.34 -55.92
C PRO F 6 8.66 19.15 -57.12
N PRO F 7 7.37 19.22 -57.00
CA PRO F 7 6.39 19.21 -58.08
C PRO F 7 6.50 20.31 -59.11
N PRO F 8 5.84 20.24 -60.27
CA PRO F 8 5.84 21.32 -61.24
C PRO F 8 4.95 22.43 -60.73
N SER F 9 5.06 23.70 -61.17
CA SER F 9 5.94 24.23 -62.18
C SER F 9 7.05 25.03 -61.56
N VAL F 10 7.73 25.83 -62.39
CA VAL F 10 8.84 26.73 -62.21
C VAL F 10 9.93 26.31 -61.32
N ALA F 11 9.67 26.11 -60.03
CA ALA F 11 10.65 25.71 -59.08
C ALA F 11 11.77 26.71 -58.99
N LYS F 12 11.42 27.97 -58.82
CA LYS F 12 12.40 29.00 -58.75
C LYS F 12 11.97 30.03 -57.76
N VAL F 13 12.87 30.47 -56.89
CA VAL F 13 12.67 31.38 -55.80
C VAL F 13 12.03 32.70 -56.13
N VAL F 14 11.31 33.26 -55.16
CA VAL F 14 10.56 34.48 -55.27
C VAL F 14 10.65 35.21 -53.98
N SER F 15 10.17 36.46 -53.91
CA SER F 15 10.18 37.26 -52.71
C SER F 15 9.18 36.88 -51.65
N THR F 16 9.40 37.34 -50.42
CA THR F 16 8.67 36.65 -49.39
C THR F 16 7.26 36.99 -49.25
N ASP F 17 7.16 38.20 -49.55
CA ASP F 17 6.12 39.09 -49.35
C ASP F 17 4.92 38.71 -50.07
N GLU F 18 5.17 37.87 -51.01
CA GLU F 18 4.35 37.37 -51.99
C GLU F 18 3.43 36.55 -51.29
N TYR F 19 3.95 35.67 -50.51
CA TYR F 19 3.09 34.78 -49.82
C TYR F 19 2.89 35.25 -48.44
N VAL F 20 3.57 36.32 -48.09
CA VAL F 20 3.41 36.80 -46.76
C VAL F 20 2.03 37.21 -46.45
N THR F 21 1.45 36.62 -45.44
CA THR F 21 0.17 37.07 -45.05
C THR F 21 0.41 38.18 -44.16
N ARG F 22 -0.05 39.35 -44.45
CA ARG F 22 0.20 40.46 -43.59
C ARG F 22 -0.67 40.54 -42.43
N THR F 23 -0.26 41.25 -41.41
CA THR F 23 -1.13 41.59 -40.32
C THR F 23 -1.05 43.06 -40.15
N SER F 24 -1.72 43.58 -39.15
CA SER F 24 -1.59 44.93 -38.69
C SER F 24 -0.74 44.95 -37.46
N ILE F 25 -0.01 43.88 -37.21
CA ILE F 25 0.37 43.64 -35.88
C ILE F 25 1.48 44.41 -35.52
N PHE F 26 1.36 45.03 -34.38
CA PHE F 26 2.45 45.79 -33.95
C PHE F 26 2.87 45.54 -32.62
N TYR F 27 4.18 45.61 -32.59
CA TYR F 27 4.94 45.54 -31.45
C TYR F 27 6.00 46.52 -31.61
N HIS F 28 6.49 46.91 -30.48
CA HIS F 28 7.57 47.74 -30.19
C HIS F 28 8.43 46.76 -29.57
N ALA F 29 9.70 46.89 -29.66
CA ALA F 29 10.53 46.08 -28.90
C ALA F 29 11.68 46.97 -28.66
N GLY F 30 12.47 46.87 -27.60
CA GLY F 30 13.53 47.85 -27.44
C GLY F 30 14.43 47.35 -26.39
N SER F 31 15.72 47.43 -26.67
CA SER F 31 16.80 46.87 -25.89
C SER F 31 17.20 47.57 -24.65
N SER F 32 16.95 47.06 -23.46
CA SER F 32 17.09 47.90 -22.28
C SER F 32 18.27 48.79 -22.05
N ARG F 33 19.50 48.37 -22.26
CA ARG F 33 20.60 49.26 -22.43
C ARG F 33 21.69 48.33 -22.62
N LEU F 34 22.54 48.50 -23.56
CA LEU F 34 23.57 47.57 -23.68
C LEU F 34 24.88 48.21 -23.50
N LEU F 35 25.68 47.66 -22.61
CA LEU F 35 27.02 48.10 -22.50
C LEU F 35 27.94 47.03 -22.15
N THR F 36 29.14 47.11 -22.66
CA THR F 36 30.13 46.14 -22.34
C THR F 36 31.48 46.83 -22.37
N VAL F 37 32.38 46.42 -21.47
CA VAL F 37 33.60 47.12 -21.09
C VAL F 37 34.89 46.27 -20.95
N GLY F 38 36.13 46.79 -21.17
CA GLY F 38 37.35 46.01 -21.00
C GLY F 38 38.52 46.83 -21.43
N HIS F 39 39.66 46.26 -21.75
CA HIS F 39 40.80 47.08 -22.10
C HIS F 39 40.99 47.04 -23.55
N PRO F 40 41.24 48.08 -24.23
CA PRO F 40 41.41 48.00 -25.61
C PRO F 40 42.55 47.22 -26.00
N TYR F 41 43.75 47.57 -25.69
CA TYR F 41 44.82 46.92 -26.34
C TYR F 41 44.92 45.50 -26.24
N PHE F 42 44.51 44.93 -25.16
CA PHE F 42 44.60 43.53 -25.08
C PHE F 42 43.72 43.13 -23.99
N LYS F 43 43.65 41.84 -23.83
CA LYS F 43 42.91 41.27 -22.79
C LYS F 43 43.81 41.14 -21.65
N VAL F 44 43.38 41.45 -20.43
CA VAL F 44 44.24 41.15 -19.34
C VAL F 44 43.72 39.91 -18.74
N PRO F 45 44.35 38.78 -18.89
CA PRO F 45 43.94 37.59 -18.22
C PRO F 45 44.60 37.70 -16.93
N LYS F 46 43.94 37.17 -15.94
CA LYS F 46 44.40 37.37 -14.60
C LYS F 46 44.19 36.11 -13.88
N GLY F 47 43.78 35.08 -14.65
CA GLY F 47 43.34 33.80 -14.17
C GLY F 47 42.23 34.06 -13.23
N GLY F 48 42.28 33.34 -12.13
CA GLY F 48 41.49 33.60 -10.96
C GLY F 48 40.05 34.06 -11.00
N ASN F 49 39.11 33.58 -11.80
CA ASN F 49 39.20 32.72 -12.91
C ASN F 49 37.81 32.47 -13.38
N GLY F 50 36.93 33.47 -13.33
CA GLY F 50 35.55 33.33 -13.79
C GLY F 50 35.05 34.49 -14.62
N ARG F 51 35.79 35.10 -15.54
CA ARG F 51 37.14 34.82 -15.89
C ARG F 51 38.08 35.57 -15.08
N GLN F 52 37.61 36.67 -14.51
CA GLN F 52 38.33 37.49 -13.59
C GLN F 52 39.45 38.09 -14.30
N ASP F 53 38.98 39.02 -15.07
CA ASP F 53 39.72 39.28 -16.21
C ASP F 53 39.38 40.59 -16.74
N VAL F 54 40.22 41.07 -17.63
CA VAL F 54 39.81 42.25 -18.30
C VAL F 54 39.69 41.76 -19.68
N PRO F 55 38.57 41.80 -20.29
CA PRO F 55 38.43 41.39 -21.64
C PRO F 55 39.03 42.43 -22.45
N LYS F 56 39.46 42.07 -23.63
CA LYS F 56 39.98 43.05 -24.49
C LYS F 56 38.83 43.77 -25.05
N VAL F 57 38.66 45.01 -24.71
CA VAL F 57 37.56 45.73 -25.22
C VAL F 57 38.12 46.95 -25.73
N SER F 58 38.13 46.94 -27.04
CA SER F 58 38.44 48.02 -27.92
C SER F 58 37.15 48.07 -28.69
N ALA F 59 37.08 48.62 -29.89
CA ALA F 59 35.79 48.64 -30.51
C ALA F 59 35.90 48.54 -31.95
N TYR F 60 37.04 48.13 -32.43
CA TYR F 60 37.22 48.06 -33.85
C TYR F 60 37.06 46.67 -34.24
N GLN F 61 36.05 46.15 -33.64
CA GLN F 61 35.65 44.82 -33.71
C GLN F 61 34.19 45.00 -33.95
N TYR F 62 33.66 44.17 -34.80
CA TYR F 62 32.40 44.22 -35.42
C TYR F 62 31.22 44.14 -34.52
N ARG F 63 30.14 44.91 -34.72
CA ARG F 63 29.08 44.82 -33.75
C ARG F 63 27.91 44.07 -34.22
N VAL F 64 27.85 42.85 -33.70
CA VAL F 64 26.87 41.84 -33.97
C VAL F 64 25.99 41.30 -32.91
N PHE F 65 24.75 41.63 -33.07
CA PHE F 65 23.79 41.22 -32.13
C PHE F 65 23.19 40.00 -32.64
N ARG F 66 23.34 38.91 -31.91
CA ARG F 66 22.57 37.80 -32.26
C ARG F 66 21.33 37.91 -31.53
N VAL F 67 20.29 38.26 -32.22
CA VAL F 67 19.04 38.58 -31.64
C VAL F 67 17.93 37.57 -31.67
N LYS F 68 17.59 37.10 -30.50
CA LYS F 68 16.51 36.21 -30.30
C LYS F 68 15.24 36.97 -30.15
N LEU F 69 14.23 36.51 -30.88
CA LEU F 69 12.96 37.14 -31.03
C LEU F 69 11.85 36.26 -30.51
N PRO F 70 10.71 36.74 -30.15
CA PRO F 70 9.69 35.93 -29.54
C PRO F 70 9.01 35.11 -30.54
N ASP F 71 8.65 33.87 -30.23
CA ASP F 71 7.90 33.15 -31.18
C ASP F 71 6.54 33.72 -31.35
N PRO F 72 6.20 34.12 -32.52
CA PRO F 72 4.89 34.61 -32.73
C PRO F 72 3.94 33.50 -32.81
N ASN F 73 4.35 32.28 -32.93
CA ASN F 73 3.38 31.26 -33.04
C ASN F 73 2.95 30.84 -31.68
N LYS F 74 3.31 31.57 -30.66
CA LYS F 74 2.93 31.16 -29.35
C LYS F 74 1.53 31.25 -28.90
N PHE F 75 0.89 32.37 -29.14
CA PHE F 75 -0.42 32.70 -28.59
C PHE F 75 -1.55 31.72 -28.77
N GLY F 76 -2.66 31.77 -28.03
CA GLY F 76 -3.06 32.71 -27.04
C GLY F 76 -3.86 31.96 -26.06
N LEU F 77 -5.19 31.92 -26.12
CA LEU F 77 -6.11 32.46 -27.09
C LEU F 77 -5.73 32.16 -28.50
N PRO F 78 -5.47 30.97 -28.88
CA PRO F 78 -4.95 30.73 -30.21
C PRO F 78 -6.06 30.77 -31.21
N ASP F 79 -7.25 30.70 -30.65
CA ASP F 79 -8.55 30.55 -31.22
C ASP F 79 -8.81 31.67 -32.14
N ASN F 80 -8.17 32.74 -31.72
CA ASN F 80 -8.19 34.01 -32.26
C ASN F 80 -8.48 34.10 -33.70
N THR F 81 -9.02 35.26 -33.95
CA THR F 81 -9.31 35.85 -35.19
C THR F 81 -8.38 35.46 -36.24
N VAL F 82 -7.15 35.86 -36.09
CA VAL F 82 -6.20 35.60 -37.09
C VAL F 82 -5.92 34.18 -37.29
N TYR F 83 -5.90 33.42 -36.23
CA TYR F 83 -5.23 32.22 -36.33
C TYR F 83 -5.95 30.93 -36.45
N ASP F 84 -5.41 30.22 -37.43
CA ASP F 84 -5.55 28.84 -37.62
C ASP F 84 -4.14 28.37 -37.78
N PRO F 85 -3.79 27.59 -36.85
CA PRO F 85 -2.77 26.65 -37.05
C PRO F 85 -3.58 25.48 -37.48
N ASN F 86 -3.15 24.76 -38.41
CA ASN F 86 -1.93 24.82 -39.08
C ASN F 86 -2.15 25.44 -40.41
N SER F 87 -3.24 26.14 -40.63
CA SER F 87 -3.44 26.67 -41.97
C SER F 87 -2.46 27.71 -42.25
N GLN F 88 -2.17 28.37 -41.19
CA GLN F 88 -1.42 29.52 -41.10
C GLN F 88 -0.42 29.18 -40.10
N ARG F 89 0.75 29.78 -40.18
CA ARG F 89 1.71 29.87 -39.14
C ARG F 89 1.99 31.29 -39.11
N LEU F 90 2.57 31.70 -38.05
CA LEU F 90 2.76 33.03 -37.66
C LEU F 90 4.15 33.35 -37.86
N VAL F 91 4.48 34.54 -38.24
CA VAL F 91 5.82 34.98 -38.48
C VAL F 91 6.09 36.42 -38.23
N TRP F 92 7.24 36.70 -37.70
CA TRP F 92 7.64 38.04 -37.66
C TRP F 92 8.20 38.55 -38.91
N ALA F 93 7.85 39.81 -39.00
CA ALA F 93 8.66 40.74 -39.68
C ALA F 93 8.86 41.80 -38.65
N CYS F 94 10.10 42.22 -38.43
CA CYS F 94 10.35 43.46 -37.75
C CYS F 94 10.30 44.35 -38.88
N VAL F 95 9.82 45.49 -38.67
CA VAL F 95 9.62 46.36 -39.73
C VAL F 95 10.43 47.55 -39.42
N GLY F 96 10.49 47.93 -38.15
CA GLY F 96 11.05 49.18 -37.75
C GLY F 96 12.06 49.06 -36.68
N VAL F 97 13.08 49.92 -36.73
CA VAL F 97 14.11 50.07 -35.72
C VAL F 97 14.60 51.48 -35.57
N GLU F 98 14.77 51.94 -34.37
CA GLU F 98 15.51 53.11 -34.12
C GLU F 98 16.53 52.76 -33.15
N ILE F 99 17.70 52.83 -33.70
CA ILE F 99 18.95 52.51 -33.16
C ILE F 99 19.47 53.61 -32.30
N GLY F 100 19.45 53.44 -30.98
CA GLY F 100 20.08 54.39 -30.10
C GLY F 100 21.51 54.07 -29.87
N ARG F 101 22.38 55.01 -30.22
CA ARG F 101 23.70 55.01 -29.69
C ARG F 101 23.86 56.09 -28.68
N GLY F 102 24.36 55.76 -27.50
CA GLY F 102 24.62 56.73 -26.46
C GLY F 102 26.05 57.13 -26.47
N GLN F 103 26.43 57.96 -25.47
CA GLN F 103 27.74 58.48 -25.16
C GLN F 103 28.10 59.71 -25.83
N PRO F 104 29.14 60.39 -25.41
CA PRO F 104 29.73 61.42 -26.23
C PRO F 104 30.46 60.68 -27.25
N LEU F 105 31.14 61.32 -28.14
CA LEU F 105 31.84 60.58 -29.14
C LEU F 105 33.19 60.20 -28.62
N GLY F 106 34.22 60.09 -29.45
CA GLY F 106 35.49 59.71 -28.90
C GLY F 106 36.39 59.45 -30.00
N VAL F 107 37.66 59.40 -29.64
CA VAL F 107 38.79 59.34 -30.50
C VAL F 107 39.81 58.74 -29.62
N GLY F 108 41.06 58.56 -30.06
CA GLY F 108 42.08 57.98 -29.18
C GLY F 108 43.39 57.90 -29.88
N LEU F 109 44.18 56.84 -29.66
CA LEU F 109 45.45 56.61 -30.32
C LEU F 109 45.75 55.15 -30.38
N SER F 110 46.45 54.69 -31.41
CA SER F 110 46.96 53.33 -31.35
C SER F 110 48.33 53.37 -31.86
N GLY F 111 49.25 52.59 -31.29
CA GLY F 111 50.62 52.72 -31.67
C GLY F 111 51.42 51.51 -31.45
N HIS F 112 52.71 51.66 -31.67
CA HIS F 112 53.55 50.58 -31.54
C HIS F 112 54.88 51.08 -31.24
N PRO F 113 55.47 50.69 -30.16
CA PRO F 113 56.79 51.12 -29.85
C PRO F 113 57.83 50.69 -30.78
N LEU F 114 57.62 49.64 -31.57
CA LEU F 114 58.69 49.20 -32.40
C LEU F 114 58.12 49.31 -33.72
N TYR F 115 57.52 50.44 -34.00
CA TYR F 115 56.87 50.62 -35.22
C TYR F 115 57.82 51.08 -36.20
N ASN F 116 58.11 50.23 -37.17
CA ASN F 116 59.02 50.51 -38.24
C ASN F 116 58.66 51.77 -38.89
N LYS F 117 59.63 52.48 -39.36
CA LYS F 117 59.38 53.74 -39.93
C LYS F 117 60.73 54.19 -40.04
N LEU F 118 61.20 54.34 -41.25
CA LEU F 118 62.50 54.84 -41.45
C LEU F 118 62.33 56.31 -41.34
N ASP F 119 62.00 56.99 -42.40
CA ASP F 119 62.00 58.41 -42.32
C ASP F 119 61.17 59.03 -43.39
N ASP F 120 60.81 60.29 -43.16
CA ASP F 120 59.99 61.10 -44.01
C ASP F 120 60.62 61.48 -45.34
N THR F 121 60.05 61.02 -46.46
CA THR F 121 60.57 61.37 -47.78
C THR F 121 60.03 62.71 -48.20
N GLU F 122 58.99 63.17 -47.50
CA GLU F 122 58.31 64.41 -47.66
C GLU F 122 59.16 65.62 -47.40
N ASN F 123 60.02 65.60 -46.40
CA ASN F 123 60.96 66.66 -46.18
C ASN F 123 62.35 66.19 -46.30
N SER F 124 62.55 64.86 -46.37
CA SER F 124 63.79 64.16 -46.70
C SER F 124 65.11 64.91 -46.53
N HIS F 125 65.48 65.39 -45.31
CA HIS F 125 66.63 66.28 -45.15
C HIS F 125 67.62 65.86 -44.09
N VAL F 126 67.73 64.55 -43.84
CA VAL F 126 68.50 63.98 -42.75
C VAL F 126 69.56 63.00 -43.29
N ALA F 127 69.42 61.68 -43.13
CA ALA F 127 70.48 60.72 -43.43
C ALA F 127 69.95 59.29 -43.51
N SER F 128 70.76 58.30 -43.99
CA SER F 128 70.43 56.86 -44.12
C SER F 128 71.08 55.88 -43.14
N ALA F 129 70.59 54.62 -43.07
CA ALA F 129 71.19 53.65 -42.18
C ALA F 129 70.93 52.20 -42.54
N VAL F 130 71.56 51.35 -41.73
CA VAL F 130 71.62 49.91 -41.73
C VAL F 130 70.32 49.23 -41.42
N ASP F 131 70.03 48.13 -42.14
CA ASP F 131 68.83 47.30 -42.00
C ASP F 131 68.94 46.38 -40.81
N THR F 132 69.44 46.93 -39.72
CA THR F 132 69.71 46.25 -38.50
C THR F 132 68.90 46.72 -37.37
N LYS F 133 69.29 47.90 -36.89
CA LYS F 133 68.67 48.54 -35.82
C LYS F 133 67.45 49.18 -36.31
N ASP F 134 66.42 48.71 -35.67
CA ASP F 134 65.17 49.32 -35.44
C ASP F 134 65.16 50.80 -35.65
N THR F 135 64.34 51.15 -36.60
CA THR F 135 63.79 52.47 -36.85
C THR F 135 62.42 52.39 -36.31
N ARG F 136 62.12 51.16 -35.90
CA ARG F 136 60.90 50.74 -35.44
C ARG F 136 60.78 51.21 -34.05
N ASP F 137 60.01 52.28 -33.99
CA ASP F 137 59.94 53.20 -32.92
C ASP F 137 58.55 53.37 -32.52
N ASN F 138 58.35 54.10 -31.44
CA ASN F 138 57.07 54.34 -30.99
C ASN F 138 56.42 55.39 -31.76
N VAL F 139 55.35 54.91 -32.34
CA VAL F 139 54.49 55.66 -33.14
C VAL F 139 53.14 55.39 -32.67
N SER F 140 52.29 56.37 -32.41
CA SER F 140 50.88 56.15 -32.35
C SER F 140 50.18 57.03 -33.32
N VAL F 141 48.93 56.68 -33.65
CA VAL F 141 48.21 57.25 -34.77
C VAL F 141 46.70 56.99 -34.73
N ASP F 142 45.91 57.77 -35.51
CA ASP F 142 44.47 57.70 -35.76
C ASP F 142 44.06 57.18 -37.15
N TYR F 143 42.75 57.07 -37.45
CA TYR F 143 42.26 56.52 -38.70
C TYR F 143 40.87 57.01 -38.94
N LYS F 144 40.36 56.70 -40.13
CA LYS F 144 39.06 56.99 -40.65
C LYS F 144 37.88 57.05 -39.76
N GLN F 145 36.95 57.86 -40.23
CA GLN F 145 35.58 57.87 -39.86
C GLN F 145 34.85 56.71 -40.45
N THR F 146 34.08 55.92 -39.70
CA THR F 146 33.21 54.92 -40.27
C THR F 146 31.94 54.69 -39.54
N GLN F 147 30.83 54.76 -40.27
CA GLN F 147 29.55 54.43 -39.78
C GLN F 147 28.84 53.48 -40.65
N LEU F 148 28.56 52.27 -40.19
CA LEU F 148 27.79 51.35 -40.98
C LEU F 148 26.73 50.72 -40.19
N CYS F 149 25.72 50.30 -40.90
CA CYS F 149 24.73 49.48 -40.34
C CYS F 149 24.43 48.49 -41.39
N ILE F 150 24.27 47.29 -40.94
CA ILE F 150 23.82 46.27 -41.77
C ILE F 150 22.93 45.48 -40.93
N ILE F 151 21.77 45.22 -41.49
CA ILE F 151 20.87 44.32 -40.88
C ILE F 151 20.43 43.26 -41.79
N GLY F 152 20.31 42.09 -41.21
CA GLY F 152 19.83 40.89 -41.80
C GLY F 152 19.42 40.06 -40.66
N CYS F 153 18.73 38.98 -40.93
CA CYS F 153 18.39 38.07 -39.87
C CYS F 153 19.38 36.99 -39.90
N VAL F 154 20.11 37.00 -40.99
CA VAL F 154 21.11 36.12 -41.41
C VAL F 154 22.32 36.90 -41.15
N PRO F 155 23.45 36.37 -40.86
CA PRO F 155 24.58 37.16 -40.52
C PRO F 155 25.42 37.34 -41.73
N ALA F 156 26.63 37.87 -41.53
CA ALA F 156 27.41 38.45 -42.57
C ALA F 156 28.59 37.72 -43.02
N ILE F 157 29.09 38.13 -44.20
CA ILE F 157 30.34 37.77 -44.79
C ILE F 157 31.25 38.92 -44.80
N GLY F 158 32.45 38.67 -44.36
CA GLY F 158 33.59 39.52 -44.33
C GLY F 158 34.48 38.96 -45.33
N GLU F 159 35.54 39.61 -45.64
CA GLU F 159 36.46 39.18 -46.58
C GLU F 159 37.75 39.62 -46.12
N HIS F 160 38.78 38.89 -46.42
CA HIS F 160 40.02 39.29 -45.96
C HIS F 160 40.95 38.50 -46.79
N TRP F 161 42.15 38.93 -46.76
CA TRP F 161 43.17 38.43 -47.56
C TRP F 161 44.10 37.45 -46.96
N THR F 162 44.46 36.38 -47.69
CA THR F 162 45.46 35.48 -47.19
C THR F 162 46.32 34.91 -48.25
N LYS F 163 47.56 34.53 -47.96
CA LYS F 163 48.34 33.69 -48.83
C LYS F 163 47.56 32.58 -49.45
N GLY F 164 47.70 32.44 -50.73
CA GLY F 164 47.01 31.56 -51.58
C GLY F 164 47.71 30.33 -51.76
N THR F 165 47.18 29.57 -52.69
CA THR F 165 47.63 28.29 -53.04
C THR F 165 48.93 28.39 -53.65
N ALA F 166 49.90 27.65 -53.15
CA ALA F 166 51.19 27.53 -53.75
C ALA F 166 51.03 26.45 -54.77
N CYS F 167 50.23 26.79 -55.78
CA CYS F 167 49.76 25.97 -56.84
C CYS F 167 50.89 25.17 -57.44
N LYS F 168 52.02 25.83 -57.66
CA LYS F 168 53.24 25.12 -57.84
C LYS F 168 53.89 25.37 -56.52
N PRO F 169 54.20 24.40 -55.75
CA PRO F 169 54.77 24.66 -54.47
C PRO F 169 56.23 24.60 -54.68
N THR F 170 57.00 24.56 -53.58
CA THR F 170 58.42 24.30 -53.49
C THR F 170 59.32 25.30 -54.08
N THR F 171 58.79 26.03 -55.02
CA THR F 171 59.51 26.91 -55.85
C THR F 171 60.22 27.95 -55.07
N VAL F 172 59.66 28.36 -53.95
CA VAL F 172 60.26 29.39 -53.16
C VAL F 172 60.59 28.95 -51.79
N VAL F 173 61.26 29.86 -51.09
CA VAL F 173 61.93 29.63 -49.86
C VAL F 173 61.36 30.29 -48.63
N GLN F 174 61.79 31.51 -48.34
CA GLN F 174 61.62 32.10 -47.05
C GLN F 174 62.11 33.49 -47.16
N GLY F 175 61.23 34.47 -47.06
CA GLY F 175 61.63 35.81 -47.44
C GLY F 175 61.45 35.83 -48.90
N ASP F 176 60.35 35.20 -49.30
CA ASP F 176 60.00 34.89 -50.63
C ASP F 176 58.61 35.42 -50.73
N CYS F 177 58.16 35.92 -51.87
CA CYS F 177 56.85 36.49 -51.87
C CYS F 177 55.80 35.42 -51.83
N PRO F 178 54.83 35.43 -50.98
CA PRO F 178 53.81 34.41 -50.97
C PRO F 178 53.00 34.22 -52.23
N PRO F 179 52.30 33.10 -52.23
CA PRO F 179 51.26 32.81 -53.18
C PRO F 179 50.08 33.45 -52.55
N LEU F 180 49.30 34.23 -53.25
CA LEU F 180 48.32 35.05 -52.62
C LEU F 180 46.94 34.79 -53.09
N GLU F 181 45.98 34.34 -52.25
CA GLU F 181 44.56 34.20 -52.54
C GLU F 181 43.52 34.92 -51.59
N LEU F 182 42.42 35.52 -52.09
CA LEU F 182 41.51 36.35 -51.32
C LEU F 182 40.33 35.64 -50.75
N ILE F 183 39.99 35.77 -49.46
CA ILE F 183 38.94 35.00 -48.87
C ILE F 183 37.84 35.74 -48.16
N ASN F 184 36.58 35.47 -48.47
CA ASN F 184 35.44 35.90 -47.70
C ASN F 184 35.05 34.91 -46.76
N THR F 185 34.79 35.38 -45.57
CA THR F 185 34.63 34.63 -44.40
C THR F 185 33.50 35.22 -43.62
N PRO F 186 32.64 34.55 -42.97
CA PRO F 186 31.58 35.15 -42.22
C PRO F 186 31.90 35.99 -41.07
N ILE F 187 31.29 37.12 -40.97
CA ILE F 187 31.43 37.96 -39.86
C ILE F 187 30.46 37.61 -38.79
N GLU F 188 30.92 37.76 -37.53
CA GLU F 188 30.20 37.71 -36.25
C GLU F 188 30.62 38.90 -35.38
N ASP F 189 30.00 39.07 -34.19
CA ASP F 189 30.32 40.17 -33.32
C ASP F 189 31.73 40.15 -32.95
N GLY F 190 32.36 41.28 -32.82
CA GLY F 190 33.71 41.35 -32.40
C GLY F 190 34.69 41.04 -33.43
N ASP F 191 34.25 40.69 -34.63
CA ASP F 191 35.18 40.44 -35.70
C ASP F 191 35.98 41.65 -36.05
N MET F 192 37.26 41.53 -36.40
CA MET F 192 37.96 42.77 -36.48
C MET F 192 37.70 43.61 -37.66
N VAL F 193 37.55 44.89 -37.36
CA VAL F 193 37.23 45.81 -38.35
C VAL F 193 38.47 46.33 -38.83
N ASP F 194 38.58 46.49 -40.13
CA ASP F 194 39.73 47.15 -40.61
C ASP F 194 39.68 48.65 -40.31
N THR F 195 40.85 49.31 -40.22
CA THR F 195 41.04 50.72 -39.95
C THR F 195 41.01 51.53 -41.18
N GLY F 196 41.13 50.80 -42.27
CA GLY F 196 41.57 51.31 -43.50
C GLY F 196 43.00 50.92 -43.49
N TYR F 197 43.24 49.65 -43.79
CA TYR F 197 44.55 49.11 -43.95
C TYR F 197 44.59 47.66 -44.33
N GLY F 198 43.96 46.72 -43.60
CA GLY F 198 44.06 45.32 -43.96
C GLY F 198 43.12 44.29 -43.34
N ALA F 199 42.18 43.81 -44.16
CA ALA F 199 41.41 42.66 -43.82
C ALA F 199 42.19 41.52 -44.35
N MET F 200 42.98 40.90 -43.48
CA MET F 200 43.97 39.97 -43.92
C MET F 200 44.70 39.48 -42.72
N ASP F 201 45.83 38.81 -42.91
CA ASP F 201 46.70 38.57 -41.80
C ASP F 201 48.01 39.26 -41.80
N PHE F 202 47.90 40.18 -40.89
CA PHE F 202 48.82 40.79 -40.02
C PHE F 202 50.16 40.18 -40.05
N LYS F 203 50.40 39.39 -39.02
CA LYS F 203 51.62 38.72 -38.84
C LYS F 203 51.97 37.87 -39.96
N LEU F 204 51.00 37.19 -40.54
CA LEU F 204 51.37 36.25 -41.54
C LEU F 204 51.95 36.86 -42.70
N LEU F 205 51.49 38.04 -42.98
CA LEU F 205 51.91 38.69 -44.15
C LEU F 205 53.00 39.65 -43.81
N GLN F 206 53.20 39.86 -42.52
CA GLN F 206 54.19 40.77 -42.06
C GLN F 206 54.83 40.28 -40.80
N ASP F 207 55.87 39.52 -41.08
CA ASP F 207 56.70 38.82 -40.19
C ASP F 207 57.17 39.61 -39.02
N ASN F 208 57.62 40.81 -39.27
CA ASN F 208 57.96 41.78 -38.28
C ASN F 208 57.23 41.82 -36.97
N LYS F 209 55.90 41.72 -36.97
CA LYS F 209 55.07 42.21 -35.92
C LYS F 209 55.50 43.60 -35.56
N SER F 210 55.65 44.47 -36.53
CA SER F 210 56.24 45.76 -36.25
C SER F 210 55.68 46.75 -37.21
N GLU F 211 54.66 46.28 -37.94
CA GLU F 211 54.07 46.99 -39.02
C GLU F 211 52.66 47.48 -38.89
N VAL F 212 51.86 47.09 -37.89
CA VAL F 212 50.55 47.70 -37.66
C VAL F 212 50.45 48.12 -36.22
N PRO F 213 49.51 48.93 -35.83
CA PRO F 213 49.43 49.34 -34.47
C PRO F 213 49.18 48.24 -33.55
N LEU F 214 49.73 48.34 -32.37
CA LEU F 214 49.84 47.21 -31.53
C LEU F 214 48.58 46.52 -31.23
N ASP F 215 47.48 47.25 -30.98
CA ASP F 215 46.22 46.64 -30.67
C ASP F 215 45.84 45.74 -31.81
N ILE F 216 46.24 46.10 -33.02
CA ILE F 216 45.88 45.26 -34.08
C ILE F 216 46.94 44.41 -34.52
N CYS F 217 48.15 44.50 -33.97
CA CYS F 217 49.27 43.65 -34.26
C CYS F 217 48.96 42.24 -34.70
N GLN F 218 48.15 41.51 -33.99
CA GLN F 218 47.95 40.15 -34.33
C GLN F 218 46.62 39.91 -34.86
N SER F 219 45.88 40.92 -35.18
CA SER F 219 44.54 40.76 -35.68
C SER F 219 44.41 40.05 -36.99
N ILE F 220 43.24 40.23 -37.61
CA ILE F 220 42.86 39.88 -38.95
C ILE F 220 41.57 40.53 -39.11
N CYS F 221 41.50 41.57 -39.94
CA CYS F 221 40.23 42.14 -40.18
C CYS F 221 39.58 41.47 -41.28
N LYS F 222 38.35 41.85 -41.44
CA LYS F 222 37.54 41.39 -42.49
C LYS F 222 36.92 42.61 -42.98
N TYR F 223 36.54 42.58 -44.23
CA TYR F 223 35.78 43.58 -44.79
C TYR F 223 34.59 42.94 -45.40
N PRO F 224 33.43 43.37 -45.28
CA PRO F 224 32.27 42.71 -45.81
C PRO F 224 32.05 42.52 -47.27
N ASP F 225 31.78 41.31 -47.78
CA ASP F 225 31.38 41.18 -49.17
C ASP F 225 29.94 41.57 -49.42
N TYR F 226 29.59 42.82 -49.22
CA TYR F 226 28.24 43.31 -49.36
C TYR F 226 27.69 43.00 -50.62
N LEU F 227 28.54 43.05 -51.59
CA LEU F 227 28.27 42.94 -52.93
C LEU F 227 27.76 41.63 -53.22
N GLN F 228 28.28 40.67 -52.55
CA GLN F 228 27.70 39.41 -52.58
C GLN F 228 26.47 39.41 -51.81
N MET F 229 26.53 39.96 -50.62
CA MET F 229 25.43 39.87 -49.71
C MET F 229 24.21 40.56 -50.22
N SER F 230 24.42 41.46 -51.12
CA SER F 230 23.47 42.21 -51.81
C SER F 230 23.07 41.48 -53.03
N ALA F 231 24.02 40.81 -53.65
CA ALA F 231 23.74 40.08 -54.82
C ALA F 231 23.06 38.83 -54.49
N ASP F 232 22.99 38.56 -53.20
CA ASP F 232 22.34 37.48 -52.63
C ASP F 232 21.10 36.98 -53.25
N ALA F 233 20.92 35.69 -53.08
CA ALA F 233 19.82 34.92 -53.42
C ALA F 233 18.60 35.41 -52.75
N TYR F 234 18.74 36.00 -51.58
CA TYR F 234 17.59 36.27 -50.80
C TYR F 234 17.56 37.60 -50.16
N GLY F 235 18.70 38.20 -49.82
CA GLY F 235 18.76 39.54 -49.26
C GLY F 235 18.02 39.72 -47.97
N ASP F 236 18.72 39.22 -46.96
CA ASP F 236 18.29 38.98 -45.60
C ASP F 236 19.44 38.39 -44.87
N SER F 237 20.36 38.01 -45.76
CA SER F 237 21.78 37.84 -45.69
C SER F 237 22.20 39.01 -44.92
N MET F 238 21.80 40.10 -45.56
CA MET F 238 21.43 41.34 -45.02
C MET F 238 20.38 41.80 -45.93
N PHE F 239 19.40 42.47 -45.39
CA PHE F 239 18.48 43.17 -46.20
C PHE F 239 18.71 44.60 -45.96
N PHE F 240 19.71 44.90 -45.18
CA PHE F 240 19.99 46.24 -44.99
C PHE F 240 21.43 46.44 -44.99
N CYS F 241 21.83 47.55 -45.56
CA CYS F 241 23.17 48.00 -45.52
C CYS F 241 23.17 49.49 -45.58
N LEU F 242 23.99 50.13 -44.78
CA LEU F 242 24.23 51.54 -44.71
C LEU F 242 25.63 51.58 -44.33
N ARG F 243 26.39 52.44 -44.95
CA ARG F 243 27.78 52.52 -44.78
C ARG F 243 28.21 53.94 -44.98
N ARG F 244 29.14 54.46 -44.21
CA ARG F 244 29.56 55.80 -44.37
C ARG F 244 30.97 55.94 -43.92
N GLU F 245 31.94 56.25 -44.77
CA GLU F 245 33.34 56.31 -44.38
C GLU F 245 34.18 57.48 -44.91
N GLN F 246 35.04 58.12 -44.10
CA GLN F 246 35.85 59.26 -44.49
C GLN F 246 37.25 59.12 -43.95
N VAL F 247 38.25 59.61 -44.67
CA VAL F 247 39.60 59.51 -44.18
C VAL F 247 40.56 60.38 -44.96
N PHE F 248 41.76 60.68 -44.46
CA PHE F 248 42.87 61.19 -45.23
C PHE F 248 44.23 60.74 -44.62
N ALA F 249 45.32 60.81 -45.36
CA ALA F 249 46.66 60.46 -44.90
C ALA F 249 47.47 61.52 -44.19
N ARG F 250 47.84 61.45 -42.89
CA ARG F 250 48.58 62.61 -42.41
C ARG F 250 50.03 62.85 -42.83
N HIS F 251 50.95 61.95 -42.55
CA HIS F 251 52.38 62.12 -42.68
C HIS F 251 53.07 60.96 -43.26
N PHE F 252 54.13 61.22 -43.99
CA PHE F 252 54.78 60.31 -44.89
C PHE F 252 56.15 59.85 -44.56
N TRP F 253 56.45 58.55 -44.70
CA TRP F 253 57.77 58.00 -44.49
C TRP F 253 58.08 57.05 -45.54
N ASN F 254 59.22 56.46 -45.35
CA ASN F 254 59.60 55.28 -45.99
C ASN F 254 59.88 54.47 -44.76
N ARG F 255 59.58 53.17 -44.71
CA ARG F 255 59.86 52.35 -43.55
C ARG F 255 61.16 51.68 -43.80
N SER F 256 61.50 50.64 -43.06
CA SER F 256 62.77 49.98 -43.21
C SER F 256 62.61 48.52 -43.49
N GLY F 257 63.51 47.88 -44.27
CA GLY F 257 63.35 46.46 -44.62
C GLY F 257 64.07 46.01 -45.86
N THR F 258 64.27 44.70 -46.04
CA THR F 258 64.99 44.24 -47.21
C THR F 258 64.07 44.08 -48.31
N MET F 259 64.07 45.01 -49.24
CA MET F 259 63.13 45.00 -50.32
C MET F 259 63.14 43.71 -51.06
N GLY F 260 61.97 43.14 -51.26
CA GLY F 260 61.76 41.86 -51.88
C GLY F 260 61.50 41.97 -53.28
N ASP F 261 61.41 43.18 -53.76
CA ASP F 261 61.34 43.43 -55.15
C ASP F 261 62.38 44.45 -55.42
N GLN F 262 62.97 44.36 -56.59
CA GLN F 262 64.17 45.09 -56.81
C GLN F 262 64.07 46.27 -57.66
N LEU F 263 65.22 46.69 -58.12
CA LEU F 263 65.32 47.94 -58.73
C LEU F 263 65.85 47.85 -60.10
N PRO F 264 65.11 48.29 -61.04
CA PRO F 264 65.65 48.46 -62.37
C PRO F 264 66.40 49.74 -62.33
N GLU F 265 67.55 49.87 -62.94
CA GLU F 265 68.30 51.09 -62.71
C GLU F 265 67.89 52.18 -63.61
N SER F 266 67.38 51.69 -64.72
CA SER F 266 66.88 52.28 -65.92
C SER F 266 66.21 53.56 -65.62
N LEU F 267 65.44 53.42 -64.60
CA LEU F 267 64.71 54.34 -63.88
C LEU F 267 65.37 55.64 -63.62
N TYR F 268 66.63 55.64 -63.26
CA TYR F 268 67.28 56.85 -62.89
C TYR F 268 68.68 56.78 -63.36
N ILE F 269 69.30 57.96 -63.50
CA ILE F 269 70.71 58.03 -63.71
C ILE F 269 71.30 57.85 -62.38
N LYS F 270 72.27 56.98 -62.28
CA LYS F 270 72.98 56.82 -61.07
C LYS F 270 73.66 58.07 -60.65
N GLY F 271 74.36 58.03 -59.58
CA GLY F 271 75.15 59.11 -59.16
C GLY F 271 76.21 58.43 -58.43
N THR F 272 76.74 59.12 -57.46
CA THR F 272 77.72 58.61 -56.59
C THR F 272 77.15 58.47 -55.26
N ASP F 273 77.82 57.76 -54.37
CA ASP F 273 77.43 57.71 -52.99
C ASP F 273 76.06 57.18 -52.89
N ILE F 274 75.17 57.80 -52.15
CA ILE F 274 73.79 57.47 -52.11
C ILE F 274 73.16 57.45 -53.45
N ARG F 275 73.69 58.25 -54.34
CA ARG F 275 73.23 58.41 -55.67
C ARG F 275 73.78 57.31 -56.50
N ALA F 276 74.84 56.67 -56.02
CA ALA F 276 75.25 55.41 -56.53
C ALA F 276 74.48 54.27 -55.93
N ASN F 277 74.28 54.25 -54.60
CA ASN F 277 73.51 53.24 -53.95
C ASN F 277 72.06 53.57 -53.89
N PRO F 278 71.25 53.13 -54.80
CA PRO F 278 69.90 53.62 -54.90
C PRO F 278 69.09 53.34 -53.67
N GLY F 279 68.36 54.35 -53.17
CA GLY F 279 67.52 54.30 -52.00
C GLY F 279 66.40 53.31 -52.00
N SER F 280 65.57 53.40 -50.98
CA SER F 280 64.48 52.48 -50.80
C SER F 280 63.28 52.99 -51.49
N TYR F 281 62.25 52.18 -51.48
CA TYR F 281 61.04 52.53 -52.13
C TYR F 281 59.96 51.97 -51.29
N LEU F 282 60.29 51.70 -50.04
CA LEU F 282 59.40 51.25 -49.03
C LEU F 282 58.70 52.44 -48.49
N TYR F 283 57.91 53.09 -49.31
CA TYR F 283 57.35 54.35 -48.97
C TYR F 283 56.05 54.08 -48.33
N SER F 284 55.93 54.61 -47.14
CA SER F 284 54.87 54.29 -46.25
C SER F 284 54.22 55.50 -45.63
N PRO F 285 52.95 55.69 -45.85
CA PRO F 285 52.23 56.82 -45.29
C PRO F 285 51.60 56.52 -43.98
N SER F 286 51.21 57.54 -43.23
CA SER F 286 50.32 57.49 -42.10
C SER F 286 48.91 57.83 -42.36
N PRO F 287 47.97 57.10 -41.90
CA PRO F 287 46.58 57.40 -42.09
C PRO F 287 46.09 58.43 -41.12
N SER F 288 44.86 58.88 -41.30
CA SER F 288 44.24 59.75 -40.36
C SER F 288 42.78 59.90 -40.74
N GLY F 289 41.81 59.84 -39.83
CA GLY F 289 40.42 59.97 -40.24
C GLY F 289 39.86 61.30 -40.55
N SER F 290 40.26 62.31 -39.78
CA SER F 290 39.75 63.66 -39.66
C SER F 290 38.35 63.86 -39.15
N VAL F 291 37.99 65.12 -38.95
CA VAL F 291 36.78 65.69 -38.42
C VAL F 291 35.59 64.87 -38.23
N VAL F 292 34.99 65.08 -37.08
CA VAL F 292 33.71 64.55 -36.92
C VAL F 292 32.87 65.66 -36.55
N THR F 293 31.65 65.52 -36.93
CA THR F 293 30.70 66.43 -36.48
C THR F 293 29.49 65.63 -36.49
N SER F 294 28.62 65.98 -35.57
CA SER F 294 27.54 65.12 -35.24
C SER F 294 26.49 65.05 -36.27
N ASP F 295 26.55 65.92 -37.23
CA ASP F 295 25.57 66.08 -38.25
C ASP F 295 25.43 64.91 -39.05
N SER F 296 26.56 64.37 -39.27
CA SER F 296 26.70 63.25 -40.08
C SER F 296 26.60 62.05 -39.24
N GLN F 297 26.25 62.18 -37.97
CA GLN F 297 26.00 61.03 -37.16
C GLN F 297 24.82 60.31 -37.66
N LEU F 298 24.86 59.03 -37.82
CA LEU F 298 23.78 58.33 -38.34
C LEU F 298 22.93 57.74 -37.30
N PHE F 299 23.29 57.77 -36.06
CA PHE F 299 22.50 57.10 -35.10
C PHE F 299 21.31 57.76 -34.74
N ASN F 300 20.50 57.03 -34.00
CA ASN F 300 19.30 57.54 -33.46
C ASN F 300 18.38 57.91 -34.55
N LYS F 301 18.02 56.94 -35.40
CA LYS F 301 17.19 57.21 -36.51
C LYS F 301 16.26 56.06 -36.74
N PRO F 302 15.05 56.25 -37.12
CA PRO F 302 14.07 55.19 -37.25
C PRO F 302 13.88 54.58 -38.58
N TYR F 303 14.16 53.31 -38.73
CA TYR F 303 13.96 52.63 -39.95
C TYR F 303 13.01 51.58 -39.85
N TRP F 304 12.03 51.95 -40.55
CA TRP F 304 10.98 51.27 -41.13
C TRP F 304 11.59 50.85 -42.38
N LEU F 305 11.17 49.72 -42.84
CA LEU F 305 11.63 49.26 -44.08
C LEU F 305 10.47 49.44 -44.95
N HIS F 306 10.71 49.53 -46.23
CA HIS F 306 9.65 49.63 -47.16
C HIS F 306 9.93 48.46 -47.95
N LYS F 307 10.97 48.45 -48.72
CA LYS F 307 11.36 47.18 -49.17
C LYS F 307 12.78 47.20 -49.26
N ALA F 308 13.37 46.15 -48.80
CA ALA F 308 14.74 45.99 -48.92
C ALA F 308 15.05 45.43 -50.25
N GLN F 309 16.20 45.84 -50.69
CA GLN F 309 17.03 45.31 -51.71
C GLN F 309 16.72 43.91 -52.15
N GLY F 310 16.82 43.00 -51.18
CA GLY F 310 16.57 41.60 -51.29
C GLY F 310 15.19 41.15 -51.56
N LEU F 311 14.89 39.95 -51.04
CA LEU F 311 13.66 39.23 -51.20
C LEU F 311 13.02 38.96 -49.91
N ASN F 312 13.76 38.74 -48.85
CA ASN F 312 13.05 38.76 -47.63
C ASN F 312 12.84 40.15 -47.25
N ASN F 313 11.60 40.51 -47.11
CA ASN F 313 11.42 41.76 -46.49
C ASN F 313 11.31 41.62 -45.01
N GLY F 314 12.44 41.56 -44.33
CA GLY F 314 12.37 41.77 -42.90
C GLY F 314 11.85 40.67 -42.06
N ILE F 315 11.69 39.48 -42.59
CA ILE F 315 11.24 38.37 -41.82
C ILE F 315 12.34 37.79 -41.04
N CYS F 316 11.96 37.36 -39.87
CA CYS F 316 12.81 37.05 -38.79
C CYS F 316 12.66 35.63 -38.44
N TRP F 317 13.15 34.83 -39.33
CA TRP F 317 13.11 33.41 -39.27
C TRP F 317 13.81 32.98 -38.11
N HIS F 318 13.22 31.98 -37.51
CA HIS F 318 13.78 31.40 -36.35
C HIS F 318 13.86 32.36 -35.29
N ASN F 319 13.09 33.43 -35.38
CA ASN F 319 13.13 34.46 -34.40
C ASN F 319 14.50 34.95 -34.22
N GLN F 320 15.18 35.02 -35.31
CA GLN F 320 16.53 35.31 -35.24
C GLN F 320 16.82 36.48 -36.07
N LEU F 321 17.48 37.48 -35.50
CA LEU F 321 18.06 38.62 -36.15
C LEU F 321 19.56 38.81 -36.01
N PHE F 322 20.24 39.25 -37.07
CA PHE F 322 21.62 39.58 -36.97
C PHE F 322 21.85 41.06 -37.23
N LEU F 323 22.11 41.84 -36.19
CA LEU F 323 22.40 43.24 -36.38
C LEU F 323 23.84 43.61 -36.38
N THR F 324 24.29 44.08 -37.52
CA THR F 324 25.63 44.52 -37.78
C THR F 324 25.83 45.97 -37.85
N VAL F 325 26.82 46.48 -37.12
CA VAL F 325 27.05 47.90 -37.02
C VAL F 325 28.49 48.31 -36.94
N VAL F 326 28.83 49.51 -37.45
CA VAL F 326 30.10 50.20 -37.28
C VAL F 326 29.92 51.62 -36.92
N ASP F 327 30.69 52.06 -35.93
CA ASP F 327 30.78 53.38 -35.37
C ASP F 327 32.21 53.70 -35.04
N THR F 328 32.79 54.65 -35.71
CA THR F 328 34.06 55.10 -35.22
C THR F 328 33.88 56.22 -34.26
N THR F 329 32.68 56.79 -34.23
CA THR F 329 32.44 58.04 -33.56
C THR F 329 32.75 58.04 -32.16
N ARG F 330 32.47 56.98 -31.49
CA ARG F 330 32.89 56.92 -30.15
C ARG F 330 34.22 56.30 -30.17
N SER F 331 35.05 56.56 -29.15
CA SER F 331 36.34 55.91 -29.08
C SER F 331 37.28 56.16 -27.93
N THR F 332 37.11 57.12 -27.01
CA THR F 332 38.21 57.26 -26.03
C THR F 332 38.32 56.15 -25.09
N ASN F 333 39.55 55.92 -24.74
CA ASN F 333 39.85 54.97 -23.77
C ASN F 333 40.48 55.71 -22.67
N LEU F 334 40.21 55.22 -21.49
CA LEU F 334 40.53 55.92 -20.30
C LEU F 334 41.70 55.43 -19.53
N SER F 335 42.43 56.42 -19.02
CA SER F 335 43.66 56.38 -18.28
C SER F 335 43.49 56.61 -16.82
N VAL F 336 43.79 55.59 -16.08
CA VAL F 336 43.75 55.63 -14.68
C VAL F 336 45.15 55.81 -14.33
N CYS F 337 45.49 56.78 -13.50
CA CYS F 337 46.85 56.93 -13.09
C CYS F 337 46.68 56.66 -11.68
N ALA F 338 47.27 55.60 -11.17
CA ALA F 338 47.08 55.24 -9.81
C ALA F 338 48.38 55.32 -9.12
N SER F 339 48.52 55.92 -7.96
CA SER F 339 49.81 55.90 -7.40
C SER F 339 50.07 54.59 -6.87
N THR F 340 51.28 54.15 -7.03
CA THR F 340 51.77 52.94 -6.49
C THR F 340 51.91 53.08 -5.04
N THR F 341 52.15 54.33 -4.68
CA THR F 341 52.27 54.79 -3.36
C THR F 341 50.94 54.72 -2.74
N SER F 342 50.87 54.39 -1.47
CA SER F 342 49.66 54.26 -0.68
C SER F 342 48.77 55.44 -0.86
N SER F 343 49.37 56.58 -0.61
CA SER F 343 48.87 57.82 -1.02
C SER F 343 50.02 58.44 -1.68
N ILE F 344 49.70 59.40 -2.51
CA ILE F 344 50.49 60.22 -3.34
C ILE F 344 51.85 60.57 -2.85
N PRO F 345 52.70 60.86 -3.75
CA PRO F 345 53.94 61.41 -3.39
C PRO F 345 53.65 62.83 -3.57
N ASN F 346 54.44 63.62 -2.91
CA ASN F 346 54.15 65.00 -2.86
C ASN F 346 55.21 65.72 -3.58
N VAL F 347 56.04 64.88 -4.18
CA VAL F 347 56.83 65.21 -5.30
C VAL F 347 56.45 64.11 -6.20
N TYR F 348 55.90 64.41 -7.36
CA TYR F 348 55.54 63.39 -8.27
C TYR F 348 56.78 62.68 -8.74
N THR F 349 56.68 61.38 -9.02
CA THR F 349 57.72 60.71 -9.74
C THR F 349 57.01 59.74 -10.57
N PRO F 350 57.42 59.49 -11.76
CA PRO F 350 56.63 58.71 -12.71
C PRO F 350 56.30 57.36 -12.23
N THR F 351 57.31 56.88 -11.61
CA THR F 351 57.43 55.67 -10.93
C THR F 351 56.40 55.51 -9.91
N SER F 352 56.01 56.58 -9.25
CA SER F 352 55.01 56.44 -8.24
C SER F 352 53.64 56.10 -8.73
N PHE F 353 53.44 55.84 -10.02
CA PHE F 353 52.12 55.65 -10.54
C PHE F 353 51.94 54.51 -11.44
N LYS F 354 50.98 53.62 -11.19
CA LYS F 354 50.55 52.60 -12.11
C LYS F 354 49.30 52.90 -12.87
N GLU F 355 49.37 52.91 -14.20
CA GLU F 355 48.31 53.38 -15.04
C GLU F 355 47.46 52.44 -15.84
N TYR F 356 46.16 52.63 -15.96
CA TYR F 356 45.35 51.62 -16.63
C TYR F 356 44.52 52.09 -17.81
N ALA F 357 44.32 51.23 -18.87
CA ALA F 357 43.58 51.56 -20.08
C ALA F 357 42.28 50.83 -20.42
N ARG F 358 41.11 51.45 -20.36
CA ARG F 358 39.83 50.78 -20.58
C ARG F 358 38.85 51.37 -21.55
N HIS F 359 38.06 50.50 -22.24
CA HIS F 359 36.96 50.91 -23.10
C HIS F 359 35.61 50.38 -22.77
N VAL F 360 34.67 51.14 -23.27
CA VAL F 360 33.32 51.23 -22.90
C VAL F 360 32.50 51.34 -24.11
N GLU F 361 31.36 50.65 -24.23
CA GLU F 361 30.40 50.96 -25.29
C GLU F 361 28.95 50.83 -24.89
N GLU F 362 28.07 51.82 -25.10
CA GLU F 362 26.68 51.70 -24.79
C GLU F 362 25.66 51.89 -25.92
N PHE F 363 24.58 51.11 -25.97
CA PHE F 363 23.56 51.15 -27.00
C PHE F 363 22.14 50.79 -26.57
N ASP F 364 21.10 51.45 -27.13
CA ASP F 364 19.70 51.02 -27.13
C ASP F 364 18.93 51.20 -28.43
N LEU F 365 18.65 50.16 -29.10
CA LEU F 365 17.86 50.09 -30.24
C LEU F 365 16.41 49.80 -29.91
N GLN F 366 15.48 50.35 -30.64
CA GLN F 366 14.08 50.27 -30.37
C GLN F 366 13.55 49.75 -31.65
N PHE F 367 12.52 48.91 -31.65
CA PHE F 367 12.08 48.11 -32.78
C PHE F 367 10.63 48.03 -32.84
N ILE F 368 10.11 47.78 -34.02
CA ILE F 368 8.73 47.72 -34.32
C ILE F 368 8.42 46.55 -35.11
N PHE F 369 7.67 45.60 -34.65
CA PHE F 369 7.37 44.46 -35.46
C PHE F 369 5.99 44.37 -35.96
N GLN F 370 5.90 43.61 -37.04
CA GLN F 370 4.73 43.14 -37.67
C GLN F 370 4.71 41.70 -37.97
N LEU F 371 3.72 41.08 -37.42
CA LEU F 371 3.40 39.74 -37.68
C LEU F 371 2.96 39.47 -39.07
N CYS F 372 3.27 38.33 -39.58
CA CYS F 372 2.72 37.89 -40.77
C CYS F 372 2.32 36.52 -40.57
N LYS F 373 1.42 36.07 -41.37
CA LYS F 373 0.91 34.76 -41.32
C LYS F 373 1.41 34.22 -42.53
N ILE F 374 1.52 32.95 -42.50
CA ILE F 374 1.93 32.25 -43.60
C ILE F 374 0.84 31.32 -43.72
N THR F 375 0.00 31.42 -44.72
CA THR F 375 -0.83 30.27 -44.95
C THR F 375 -0.07 29.30 -45.72
N LEU F 376 0.11 28.22 -45.05
CA LEU F 376 1.01 27.17 -45.27
C LEU F 376 0.59 26.38 -46.44
N THR F 377 0.88 26.85 -47.63
CA THR F 377 0.42 26.16 -48.79
C THR F 377 1.43 25.31 -49.35
N THR F 378 0.98 24.17 -49.67
CA THR F 378 1.86 23.09 -49.73
C THR F 378 3.00 23.12 -50.58
N GLU F 379 2.87 23.61 -51.71
CA GLU F 379 3.89 23.70 -52.64
C GLU F 379 4.81 24.76 -52.31
N VAL F 380 4.32 25.78 -51.68
CA VAL F 380 5.17 26.74 -51.21
C VAL F 380 5.87 26.18 -50.13
N MET F 381 5.17 25.49 -49.28
CA MET F 381 5.75 25.05 -48.08
C MET F 381 6.85 24.19 -48.37
N SER F 382 6.65 23.41 -49.35
CA SER F 382 7.58 22.48 -49.78
C SER F 382 8.58 23.06 -50.61
N TYR F 383 8.36 24.25 -51.04
CA TYR F 383 9.35 24.88 -51.80
C TYR F 383 10.14 25.37 -50.75
N ILE F 384 9.54 25.85 -49.78
CA ILE F 384 10.21 26.18 -48.68
C ILE F 384 10.83 25.06 -48.04
N HIS F 385 10.36 23.86 -48.02
CA HIS F 385 11.14 22.81 -47.46
C HIS F 385 12.37 22.70 -48.17
N ASN F 386 12.20 22.81 -49.45
CA ASN F 386 13.26 22.71 -50.32
C ASN F 386 14.04 23.93 -50.33
N MET F 387 13.57 24.96 -49.70
CA MET F 387 14.34 26.08 -49.55
C MET F 387 15.07 25.75 -48.30
N ASN F 388 14.38 25.55 -47.25
CA ASN F 388 14.92 24.91 -46.13
C ASN F 388 13.70 24.53 -45.41
N THR F 389 13.77 23.39 -44.89
CA THR F 389 12.79 22.85 -44.04
C THR F 389 12.57 23.41 -42.71
N THR F 390 13.62 23.95 -42.14
CA THR F 390 13.63 23.74 -40.74
C THR F 390 12.66 24.49 -39.98
N ILE F 391 12.36 25.65 -40.40
CA ILE F 391 11.28 26.45 -39.89
C ILE F 391 9.96 25.78 -39.94
N LEU F 392 9.79 25.11 -41.02
CA LEU F 392 8.58 24.44 -41.30
C LEU F 392 8.41 23.28 -40.41
N GLU F 393 9.55 22.68 -40.18
CA GLU F 393 9.83 21.62 -39.30
C GLU F 393 9.59 22.12 -37.94
N ASP F 394 9.89 23.36 -37.73
CA ASP F 394 9.73 23.99 -36.49
C ASP F 394 8.32 24.35 -36.30
N TRP F 395 7.41 23.91 -37.12
CA TRP F 395 6.08 24.30 -36.91
C TRP F 395 5.25 23.18 -36.99
N ASN F 396 5.30 22.66 -38.15
CA ASN F 396 4.66 21.51 -38.56
C ASN F 396 5.86 20.62 -38.52
N PHE F 397 5.81 19.34 -38.74
CA PHE F 397 4.72 18.54 -39.14
C PHE F 397 4.52 17.52 -38.08
N GLY F 398 3.49 17.72 -37.24
CA GLY F 398 3.22 16.89 -36.08
C GLY F 398 2.57 15.62 -36.41
N VAL F 399 2.26 15.44 -37.70
CA VAL F 399 1.77 14.20 -38.25
C VAL F 399 2.87 13.23 -38.04
N THR F 400 2.64 11.92 -37.87
CA THR F 400 3.77 11.00 -37.66
C THR F 400 4.82 11.23 -38.72
N PRO F 401 6.03 11.46 -38.36
CA PRO F 401 6.55 11.33 -37.04
C PRO F 401 7.03 12.66 -36.47
N PRO F 402 6.56 13.07 -35.35
CA PRO F 402 7.24 14.11 -34.62
C PRO F 402 7.74 13.46 -33.34
N PRO F 403 8.12 12.20 -33.25
CA PRO F 403 8.38 11.50 -32.00
C PRO F 403 9.37 12.07 -31.05
N THR F 404 9.38 11.55 -29.80
CA THR F 404 10.17 12.15 -28.74
C THR F 404 10.69 11.23 -27.66
N ALA F 405 11.47 11.84 -26.76
CA ALA F 405 12.12 11.30 -25.60
C ALA F 405 11.16 11.16 -24.44
N SER F 406 11.54 11.61 -23.21
CA SER F 406 10.77 11.54 -21.96
C SER F 406 11.64 11.26 -20.75
N LEU F 407 10.98 11.21 -19.57
CA LEU F 407 11.51 10.74 -18.32
C LEU F 407 12.79 11.37 -17.98
N VAL F 408 12.84 12.66 -17.76
CA VAL F 408 14.11 13.30 -17.58
C VAL F 408 13.94 14.33 -16.53
N ASP F 409 15.09 14.76 -15.98
CA ASP F 409 15.38 15.78 -15.01
C ASP F 409 15.79 15.22 -13.69
N THR F 410 16.90 15.78 -13.22
CA THR F 410 17.72 15.10 -12.28
C THR F 410 18.44 15.92 -11.27
N TYR F 411 17.93 17.07 -10.89
CA TYR F 411 18.47 17.86 -9.81
C TYR F 411 19.97 18.03 -9.77
N ARG F 412 20.57 17.98 -8.60
CA ARG F 412 21.95 18.38 -8.34
C ARG F 412 23.11 17.83 -9.09
N PHE F 413 22.85 17.01 -10.11
CA PHE F 413 23.80 16.27 -10.90
C PHE F 413 25.10 17.01 -11.13
N VAL F 414 26.17 16.68 -10.44
CA VAL F 414 26.32 15.70 -9.43
C VAL F 414 26.76 16.55 -8.36
N GLN F 415 26.26 16.41 -7.15
CA GLN F 415 26.90 17.25 -6.18
C GLN F 415 28.28 16.78 -5.91
N SER F 416 28.24 15.51 -5.70
CA SER F 416 29.33 14.66 -5.58
C SER F 416 28.56 13.40 -5.67
N ALA F 417 29.21 12.36 -6.17
CA ALA F 417 28.77 11.02 -6.44
C ALA F 417 27.46 10.74 -7.13
N ALA F 418 26.71 11.73 -7.58
CA ALA F 418 25.72 11.41 -8.57
C ALA F 418 26.53 11.19 -9.80
N VAL F 419 25.94 10.71 -10.85
CA VAL F 419 26.68 10.58 -12.06
C VAL F 419 27.14 11.93 -12.49
N THR F 420 28.37 12.04 -12.96
CA THR F 420 28.88 13.34 -13.28
C THR F 420 28.20 13.87 -14.42
N CYS F 421 28.08 12.98 -15.37
CA CYS F 421 27.40 13.27 -16.55
C CYS F 421 28.16 14.25 -17.32
N GLN F 422 28.56 13.74 -18.44
CA GLN F 422 28.79 14.57 -19.56
C GLN F 422 27.40 14.34 -20.09
N LYS F 423 26.53 15.29 -19.79
CA LYS F 423 25.12 15.25 -20.04
C LYS F 423 25.10 15.86 -21.39
N ASP F 424 25.04 17.20 -21.47
CA ASP F 424 25.43 17.93 -22.65
C ASP F 424 24.85 17.48 -24.02
N THR F 425 23.51 17.55 -24.17
CA THR F 425 22.68 16.93 -25.21
C THR F 425 22.23 17.61 -26.52
N ALA F 426 22.42 18.91 -26.76
CA ALA F 426 21.89 19.59 -27.94
C ALA F 426 22.35 19.15 -29.35
N PRO F 427 21.57 19.37 -30.39
CA PRO F 427 22.02 19.08 -31.73
C PRO F 427 21.94 20.39 -32.49
N PRO F 428 22.14 20.32 -33.76
CA PRO F 428 21.88 21.41 -34.69
C PRO F 428 20.47 21.97 -34.62
N VAL F 429 20.09 23.06 -35.28
CA VAL F 429 20.80 23.87 -36.24
C VAL F 429 20.79 25.28 -35.81
N LYS F 430 21.50 26.12 -36.59
CA LYS F 430 21.65 27.54 -36.51
C LYS F 430 22.68 27.84 -35.51
N GLN F 431 22.60 27.22 -34.33
CA GLN F 431 23.64 27.29 -33.35
C GLN F 431 24.89 26.70 -33.85
N ASP F 432 24.66 25.85 -34.78
CA ASP F 432 25.55 25.24 -35.61
C ASP F 432 25.17 26.07 -36.78
N PRO F 433 25.86 27.09 -37.10
CA PRO F 433 27.19 27.42 -36.61
C PRO F 433 27.27 28.47 -35.61
N TYR F 434 26.21 29.18 -35.42
CA TYR F 434 26.25 30.44 -34.78
C TYR F 434 26.89 30.49 -33.49
N ASP F 435 26.91 29.39 -32.84
CA ASP F 435 27.44 29.31 -31.55
C ASP F 435 28.87 29.06 -31.61
N LYS F 436 29.45 29.17 -32.76
CA LYS F 436 30.85 29.12 -32.81
C LYS F 436 31.30 30.52 -32.84
N LEU F 437 30.33 31.42 -32.72
CA LEU F 437 30.51 32.76 -33.08
C LEU F 437 30.04 33.72 -32.04
N LYS F 438 30.76 34.79 -31.89
CA LYS F 438 30.57 35.85 -30.95
C LYS F 438 29.36 36.62 -31.24
N PHE F 439 28.59 36.89 -30.22
CA PHE F 439 27.53 37.84 -30.33
C PHE F 439 27.39 38.46 -29.08
N TRP F 440 26.76 39.62 -29.15
CA TRP F 440 26.09 40.04 -28.00
C TRP F 440 24.75 39.43 -28.20
N PRO F 441 24.46 38.45 -27.43
CA PRO F 441 23.33 37.62 -27.57
C PRO F 441 22.14 38.36 -27.11
N VAL F 442 21.09 38.39 -27.84
CA VAL F 442 19.99 39.20 -27.55
C VAL F 442 18.63 38.64 -27.49
N ASP F 443 18.07 38.33 -26.34
CA ASP F 443 16.65 38.09 -26.30
C ASP F 443 16.10 39.45 -26.31
N LEU F 444 15.34 39.76 -27.32
CA LEU F 444 14.62 40.99 -27.24
C LEU F 444 13.19 40.73 -26.96
N LYS F 445 12.84 39.48 -27.18
CA LYS F 445 11.58 38.88 -27.16
C LYS F 445 10.60 39.38 -26.16
N GLU F 446 11.01 39.92 -25.02
CA GLU F 446 10.05 40.30 -24.05
C GLU F 446 10.22 41.70 -23.62
N ARG F 447 11.02 42.49 -24.31
CA ARG F 447 11.10 43.92 -24.09
C ARG F 447 10.46 44.57 -25.29
N PHE F 448 9.72 43.66 -25.88
CA PHE F 448 8.71 43.67 -26.82
C PHE F 448 7.55 44.27 -26.11
N SER F 449 7.03 45.39 -26.57
CA SER F 449 5.90 46.07 -26.03
C SER F 449 4.88 46.24 -27.06
N ALA F 450 3.59 46.01 -26.79
CA ALA F 450 2.64 46.04 -27.86
C ALA F 450 2.47 47.41 -28.39
N ASP F 451 2.31 48.32 -27.44
CA ASP F 451 2.12 49.72 -27.56
C ASP F 451 3.41 50.34 -28.04
N LEU F 452 3.28 51.47 -28.67
CA LEU F 452 4.33 52.07 -29.43
C LEU F 452 4.58 53.45 -28.96
N ASP F 453 3.62 53.83 -28.19
CA ASP F 453 3.34 55.14 -27.82
C ASP F 453 4.19 55.52 -26.69
N GLN F 454 4.88 54.53 -26.25
CA GLN F 454 5.72 54.63 -25.15
C GLN F 454 7.02 54.40 -25.78
N PHE F 455 7.06 54.39 -27.08
CA PHE F 455 8.21 53.97 -27.72
C PHE F 455 8.49 55.13 -28.41
N PRO F 456 9.57 55.74 -28.14
CA PRO F 456 9.83 57.00 -28.76
C PRO F 456 9.69 56.96 -30.23
N LEU F 457 10.37 56.03 -30.82
CA LEU F 457 10.27 55.79 -32.21
C LEU F 457 8.98 55.35 -32.53
N GLY F 458 8.38 54.57 -31.66
CA GLY F 458 7.12 54.01 -31.93
C GLY F 458 6.24 55.11 -32.19
N ARG F 459 6.35 56.12 -31.41
CA ARG F 459 5.66 57.28 -31.70
C ARG F 459 6.03 57.88 -32.93
N LYS F 460 7.26 57.97 -33.25
CA LYS F 460 7.60 58.52 -34.50
C LYS F 460 7.01 57.82 -35.61
N PHE F 461 6.96 56.56 -35.42
CA PHE F 461 6.44 55.74 -36.34
C PHE F 461 4.98 55.97 -36.40
N LEU F 462 4.33 56.11 -35.29
CA LEU F 462 2.94 56.25 -35.26
C LEU F 462 2.52 57.41 -36.00
N LEU F 463 3.27 58.40 -35.76
CA LEU F 463 3.16 59.62 -36.40
C LEU F 463 3.43 59.52 -37.79
N GLN F 464 4.39 58.72 -38.13
CA GLN F 464 4.68 58.52 -39.49
C GLN F 464 3.50 57.94 -40.17
N LEU F 465 2.67 57.19 -39.48
CA LEU F 465 1.53 56.67 -40.13
C LEU F 465 0.54 57.63 -40.71
#